data_8ZXC
#
_entry.id   8ZXC
#
loop_
_entity.id
_entity.type
_entity.pdbx_description
1 polymer 'ASH1L bromodomain and PHD domain'
2 polymer 'Histone H3.3C'
3 non-polymer 'ZINC ION'
#
loop_
_entity_poly.entity_id
_entity_poly.type
_entity_poly.pdbx_seq_one_letter_code
_entity_poly.pdbx_strand_id
1 'polypeptide(L)'
;SMNIEVARAARLAQIFKEICDGIISYRDSSQQTLAAPLLNLPPKKKNADYYEKISDPLDLSTIEKQILIGYYKTVEAFDA
DMLKVFRNAEKYYGRKSPIGRDVCRLRKAYYSARHEASAQIDEIVGETASEADSSETSVSEKESGHEKDDDVIRCICGLY
KDEGLMIQCDKCMVWQHCDCMGVNTDVEHYLCEQCDPRPVDREVP
;
A
2 'polypeptide(L)' ART(MLY)QTARKSTG B
#
# COMPACT_ATOMS: atom_id res chain seq x y z
N SER A 1 20.04 27.57 3.11
CA SER A 1 19.10 27.83 2.00
C SER A 1 17.80 27.06 2.21
N MET A 2 16.70 27.61 1.70
CA MET A 2 15.40 26.97 1.80
C MET A 2 15.20 26.00 0.65
N ASN A 3 14.67 24.82 0.96
CA ASN A 3 14.37 23.83 -0.07
C ASN A 3 13.03 23.18 0.24
N ILE A 4 12.12 23.24 -0.71
CA ILE A 4 10.85 22.55 -0.61
C ILE A 4 11.08 21.04 -0.52
N GLU A 5 12.07 20.56 -1.25
CA GLU A 5 12.43 19.17 -1.27
C GLU A 5 12.75 18.61 0.11
N VAL A 6 13.49 19.36 0.92
CA VAL A 6 13.86 18.91 2.25
C VAL A 6 12.68 19.07 3.21
N ALA A 7 11.80 20.03 2.90
CA ALA A 7 10.59 20.22 3.69
C ALA A 7 9.64 19.07 3.44
N ARG A 8 9.47 18.71 2.18
CA ARG A 8 8.65 17.57 1.79
C ARG A 8 9.19 16.27 2.38
N ALA A 9 10.50 16.08 2.29
CA ALA A 9 11.14 14.87 2.79
C ALA A 9 10.89 14.70 4.30
N ALA A 10 11.13 15.77 5.05
CA ALA A 10 10.95 15.73 6.49
C ALA A 10 9.47 15.69 6.87
N ARG A 11 8.65 16.30 6.03
CA ARG A 11 7.19 16.32 6.26
C ARG A 11 6.66 14.89 6.25
N LEU A 12 6.84 14.22 5.12
CA LEU A 12 6.38 12.86 4.96
C LEU A 12 7.08 11.93 5.95
N ALA A 13 8.32 12.25 6.32
CA ALA A 13 9.08 11.41 7.25
C ALA A 13 8.36 11.22 8.57
N GLN A 14 7.98 12.32 9.22
CA GLN A 14 7.29 12.25 10.50
C GLN A 14 5.89 11.67 10.31
N ILE A 15 5.37 11.83 9.11
CA ILE A 15 4.05 11.33 8.78
C ILE A 15 4.06 9.84 8.46
N PHE A 16 5.08 9.38 7.74
CA PHE A 16 5.26 7.95 7.54
C PHE A 16 5.35 7.29 8.90
N LYS A 17 6.07 7.96 9.79
CA LYS A 17 6.21 7.56 11.19
C LYS A 17 4.86 7.23 11.80
N GLU A 18 3.88 8.12 11.62
CA GLU A 18 2.52 7.86 12.06
C GLU A 18 2.01 6.50 11.53
N ILE A 19 2.05 6.34 10.22
CA ILE A 19 1.50 5.14 9.59
C ILE A 19 2.27 3.88 9.96
N CYS A 20 3.59 3.91 9.83
CA CYS A 20 4.40 2.73 10.12
C CYS A 20 4.30 2.39 11.60
N ASP A 21 3.96 3.38 12.41
CA ASP A 21 3.81 3.17 13.85
C ASP A 21 2.60 2.30 14.10
N GLY A 22 1.54 2.58 13.35
CA GLY A 22 0.32 1.82 13.45
C GLY A 22 0.50 0.39 12.97
N ILE A 23 1.41 0.18 12.04
CA ILE A 23 1.68 -1.16 11.50
C ILE A 23 2.64 -1.95 12.41
N ILE A 24 3.77 -1.34 12.77
CA ILE A 24 4.77 -2.00 13.60
C ILE A 24 4.14 -2.54 14.87
N SER A 25 3.42 -1.67 15.56
CA SER A 25 2.76 -2.05 16.79
C SER A 25 1.27 -2.24 16.54
N TYR A 26 0.92 -2.80 15.38
CA TYR A 26 -0.46 -3.17 15.10
C TYR A 26 -0.81 -4.41 15.91
N ARG A 27 -1.86 -4.31 16.70
CA ARG A 27 -2.23 -5.40 17.59
C ARG A 27 -3.68 -5.81 17.39
N ASP A 28 -3.92 -7.12 17.48
CA ASP A 28 -5.29 -7.65 17.49
C ASP A 28 -5.88 -7.49 18.90
N SER A 29 -7.10 -7.95 19.14
CA SER A 29 -7.73 -7.79 20.43
C SER A 29 -6.94 -8.50 21.53
N SER A 30 -6.28 -9.60 21.17
CA SER A 30 -5.46 -10.33 22.13
C SER A 30 -4.06 -9.71 22.25
N GLN A 31 -3.94 -8.49 21.72
CA GLN A 31 -2.72 -7.68 21.82
C GLN A 31 -1.52 -8.41 21.22
N GLN A 32 -1.64 -8.85 19.96
CA GLN A 32 -0.53 -9.48 19.28
C GLN A 32 -0.03 -8.57 18.18
N THR A 33 1.27 -8.39 18.11
CA THR A 33 1.87 -7.62 17.05
C THR A 33 2.13 -8.51 15.84
N LEU A 34 1.24 -8.39 14.85
CA LEU A 34 1.24 -9.27 13.70
C LEU A 34 2.50 -9.08 12.84
N ALA A 35 3.06 -7.89 12.87
CA ALA A 35 4.20 -7.55 12.02
C ALA A 35 5.53 -8.01 12.64
N ALA A 36 5.43 -8.79 13.71
CA ALA A 36 6.61 -9.30 14.41
C ALA A 36 7.55 -10.11 13.49
N PRO A 37 7.03 -11.06 12.67
CA PRO A 37 7.87 -11.86 11.77
C PRO A 37 8.57 -11.02 10.69
N LEU A 38 8.16 -9.77 10.55
CA LEU A 38 8.69 -8.92 9.50
C LEU A 38 9.56 -7.79 10.08
N LEU A 39 9.33 -7.46 11.34
CA LEU A 39 9.98 -6.30 11.93
C LEU A 39 11.36 -6.66 12.49
N ASN A 40 11.63 -7.94 12.57
CA ASN A 40 12.92 -8.41 13.06
C ASN A 40 13.56 -9.39 12.09
N LEU A 41 14.75 -9.05 11.62
CA LEU A 41 15.56 -10.01 10.85
C LEU A 41 15.86 -11.24 11.71
N PRO A 42 15.88 -12.41 11.09
CA PRO A 42 16.08 -13.68 11.77
C PRO A 42 17.57 -13.95 12.03
N PRO A 43 17.89 -14.91 12.92
CA PRO A 43 19.27 -15.32 13.16
C PRO A 43 19.98 -15.71 11.87
N LYS A 44 20.95 -14.89 11.49
CA LYS A 44 21.66 -15.03 10.22
C LYS A 44 22.39 -16.35 10.10
N LYS A 45 22.89 -16.84 11.23
CA LYS A 45 23.77 -18.01 11.25
C LYS A 45 23.12 -19.24 10.65
N LYS A 46 21.84 -19.44 10.91
CA LYS A 46 21.15 -20.65 10.47
C LYS A 46 20.27 -20.39 9.26
N ASN A 47 20.62 -19.36 8.50
CA ASN A 47 19.84 -19.01 7.31
C ASN A 47 20.76 -18.51 6.20
N ALA A 48 21.49 -19.43 5.59
CA ALA A 48 22.31 -19.08 4.44
C ALA A 48 21.48 -19.22 3.17
N ASP A 49 20.73 -20.31 3.10
CA ASP A 49 19.80 -20.58 2.01
C ASP A 49 18.78 -19.45 1.89
N TYR A 50 18.13 -19.16 3.02
CA TYR A 50 17.13 -18.10 3.11
C TYR A 50 17.64 -16.80 2.50
N TYR A 51 18.85 -16.39 2.90
CA TYR A 51 19.41 -15.10 2.50
C TYR A 51 20.11 -15.21 1.16
N GLU A 52 20.26 -16.42 0.65
CA GLU A 52 20.87 -16.64 -0.65
C GLU A 52 19.92 -16.16 -1.74
N LYS A 53 18.71 -16.71 -1.73
CA LYS A 53 17.69 -16.30 -2.68
C LYS A 53 17.11 -14.94 -2.28
N ILE A 54 16.76 -14.82 -1.01
CA ILE A 54 16.26 -13.57 -0.46
C ILE A 54 17.44 -12.77 0.09
N SER A 55 18.20 -12.15 -0.80
CA SER A 55 19.39 -11.39 -0.41
C SER A 55 19.00 -10.02 0.13
N ASP A 56 17.70 -9.77 0.20
CA ASP A 56 17.17 -8.52 0.73
C ASP A 56 15.87 -8.79 1.49
N PRO A 57 15.95 -9.53 2.63
CA PRO A 57 14.77 -9.88 3.41
C PRO A 57 14.12 -8.66 4.06
N LEU A 58 14.95 -7.71 4.49
CA LEU A 58 14.49 -6.45 5.07
C LEU A 58 13.97 -6.60 6.49
N ASP A 59 13.82 -5.47 7.16
CA ASP A 59 13.49 -5.43 8.58
C ASP A 59 12.71 -4.16 8.90
N LEU A 60 11.47 -4.33 9.35
CA LEU A 60 10.58 -3.18 9.61
C LEU A 60 11.11 -2.25 10.70
N SER A 61 11.67 -2.80 11.76
CA SER A 61 12.18 -1.98 12.85
C SER A 61 13.32 -1.10 12.34
N THR A 62 14.06 -1.62 11.36
CA THR A 62 15.13 -0.87 10.73
C THR A 62 14.57 0.16 9.74
N ILE A 63 13.54 -0.24 8.98
CA ILE A 63 12.86 0.67 8.06
C ILE A 63 12.34 1.90 8.81
N GLU A 64 11.70 1.62 9.94
CA GLU A 64 11.25 2.66 10.89
C GLU A 64 12.37 3.68 11.17
N LYS A 65 13.49 3.19 11.66
CA LYS A 65 14.63 4.04 11.97
C LYS A 65 15.13 4.78 10.72
N GLN A 66 15.01 4.15 9.56
CA GLN A 66 15.44 4.75 8.30
C GLN A 66 14.46 5.83 7.84
N ILE A 67 13.24 5.76 8.36
CA ILE A 67 12.25 6.77 8.06
C ILE A 67 12.61 8.08 8.72
N LEU A 68 12.93 8.01 10.02
CA LEU A 68 13.25 9.21 10.78
C LEU A 68 14.54 9.89 10.29
N ILE A 69 15.45 9.10 9.74
CA ILE A 69 16.71 9.66 9.23
C ILE A 69 16.51 10.33 7.87
N GLY A 70 15.30 10.20 7.34
CA GLY A 70 14.94 10.85 6.09
C GLY A 70 15.67 10.25 4.90
N TYR A 71 15.84 8.93 4.90
CA TYR A 71 16.55 8.25 3.83
C TYR A 71 15.64 8.05 2.62
N TYR A 72 14.38 7.80 2.89
CA TYR A 72 13.42 7.53 1.82
C TYR A 72 12.95 8.82 1.17
N LYS A 73 12.80 9.86 1.99
CA LYS A 73 12.38 11.20 1.52
C LYS A 73 10.94 11.22 1.03
N THR A 74 10.65 10.47 -0.02
CA THR A 74 9.31 10.44 -0.59
C THR A 74 8.65 9.08 -0.35
N VAL A 75 7.39 8.96 -0.74
CA VAL A 75 6.64 7.74 -0.48
C VAL A 75 7.06 6.61 -1.41
N GLU A 76 7.56 6.99 -2.59
CA GLU A 76 8.03 6.02 -3.59
C GLU A 76 8.83 4.89 -2.95
N ALA A 77 9.95 5.25 -2.33
CA ALA A 77 10.83 4.28 -1.70
C ALA A 77 10.18 3.70 -0.45
N PHE A 78 9.44 4.54 0.27
CA PHE A 78 8.75 4.10 1.48
C PHE A 78 7.79 2.94 1.19
N ASP A 79 6.87 3.14 0.25
CA ASP A 79 5.89 2.12 -0.09
C ASP A 79 6.58 0.85 -0.58
N ALA A 80 7.70 1.03 -1.28
CA ALA A 80 8.48 -0.10 -1.76
C ALA A 80 8.89 -1.00 -0.60
N ASP A 81 9.53 -0.42 0.42
CA ASP A 81 10.03 -1.18 1.57
C ASP A 81 8.94 -1.99 2.25
N MET A 82 7.78 -1.36 2.47
CA MET A 82 6.65 -2.04 3.11
C MET A 82 6.16 -3.23 2.28
N LEU A 83 5.87 -2.99 1.01
CA LEU A 83 5.36 -4.05 0.14
C LEU A 83 6.40 -5.14 -0.07
N LYS A 84 7.64 -4.81 0.20
CA LYS A 84 8.75 -5.77 0.08
C LYS A 84 8.72 -6.81 1.20
N VAL A 85 8.59 -6.37 2.44
CA VAL A 85 8.60 -7.30 3.57
C VAL A 85 7.39 -8.23 3.53
N PHE A 86 6.23 -7.70 3.14
CA PHE A 86 5.03 -8.53 3.00
C PHE A 86 5.22 -9.59 1.91
N ARG A 87 5.78 -9.20 0.77
CA ARG A 87 5.83 -10.11 -0.38
C ARG A 87 6.85 -11.24 -0.19
N ASN A 88 8.00 -10.95 0.43
CA ASN A 88 8.99 -12.00 0.65
C ASN A 88 8.55 -12.89 1.81
N ALA A 89 7.71 -12.35 2.69
CA ALA A 89 7.07 -13.12 3.73
C ALA A 89 6.23 -14.24 3.10
N GLU A 90 5.29 -13.83 2.25
CA GLU A 90 4.41 -14.77 1.60
C GLU A 90 5.19 -15.72 0.71
N LYS A 91 6.35 -15.28 0.23
CA LYS A 91 7.10 -16.05 -0.73
C LYS A 91 7.74 -17.31 -0.11
N TYR A 92 8.66 -17.13 0.82
CA TYR A 92 9.47 -18.27 1.25
C TYR A 92 8.95 -18.96 2.51
N TYR A 93 8.10 -18.30 3.30
CA TYR A 93 7.58 -18.93 4.52
C TYR A 93 6.80 -20.21 4.23
N GLY A 94 6.06 -20.26 3.11
CA GLY A 94 5.25 -21.43 2.82
C GLY A 94 4.93 -21.54 1.33
N ARG A 95 3.73 -22.02 1.01
CA ARG A 95 3.32 -22.16 -0.38
C ARG A 95 3.20 -20.80 -1.04
N LYS A 96 2.18 -20.02 -0.67
CA LYS A 96 2.18 -18.61 -1.01
C LYS A 96 1.64 -17.77 0.15
N SER A 97 0.68 -18.30 0.89
CA SER A 97 0.23 -17.64 2.09
C SER A 97 0.60 -18.48 3.31
N PRO A 98 1.73 -18.20 3.93
CA PRO A 98 2.11 -18.79 5.19
C PRO A 98 1.59 -17.99 6.37
N ILE A 99 2.22 -16.85 6.54
CA ILE A 99 1.79 -15.83 7.48
C ILE A 99 0.91 -14.82 6.74
N GLY A 100 0.75 -15.08 5.44
CA GLY A 100 -0.02 -14.22 4.54
C GLY A 100 -1.22 -13.51 5.18
N ARG A 101 -2.18 -14.27 5.71
CA ARG A 101 -3.41 -13.66 6.25
C ARG A 101 -3.12 -12.68 7.38
N ASP A 102 -1.98 -12.89 8.01
CA ASP A 102 -1.59 -12.08 9.20
C ASP A 102 -0.98 -10.77 8.73
N VAL A 103 -0.02 -10.89 7.81
CA VAL A 103 0.69 -9.73 7.31
C VAL A 103 -0.13 -9.00 6.24
N CYS A 104 -1.06 -9.72 5.60
CA CYS A 104 -1.94 -9.08 4.62
C CYS A 104 -2.94 -8.20 5.37
N ARG A 105 -3.32 -8.64 6.56
CA ARG A 105 -4.16 -7.81 7.43
C ARG A 105 -3.44 -6.50 7.75
N LEU A 106 -2.15 -6.60 8.09
CA LEU A 106 -1.31 -5.42 8.28
C LEU A 106 -1.31 -4.58 7.02
N ARG A 107 -1.10 -5.25 5.90
CA ARG A 107 -1.05 -4.62 4.59
C ARG A 107 -2.36 -3.88 4.28
N LYS A 108 -3.47 -4.46 4.70
CA LYS A 108 -4.77 -3.81 4.52
C LYS A 108 -4.86 -2.54 5.35
N ALA A 109 -4.43 -2.62 6.62
CA ALA A 109 -4.43 -1.46 7.49
C ALA A 109 -3.36 -0.48 7.04
N TYR A 110 -2.38 -0.99 6.32
CA TYR A 110 -1.33 -0.17 5.74
C TYR A 110 -1.89 0.70 4.63
N TYR A 111 -2.63 0.09 3.70
CA TYR A 111 -3.25 0.84 2.62
C TYR A 111 -4.33 1.77 3.15
N SER A 112 -4.99 1.35 4.21
CA SER A 112 -5.97 2.20 4.86
C SER A 112 -5.30 3.48 5.35
N ALA A 113 -4.23 3.34 6.13
CA ALA A 113 -3.49 4.49 6.61
C ALA A 113 -2.83 5.24 5.46
N ARG A 114 -2.37 4.51 4.45
CA ARG A 114 -1.86 5.11 3.22
C ARG A 114 -2.91 6.06 2.63
N HIS A 115 -4.11 5.53 2.48
CA HIS A 115 -5.25 6.29 2.00
C HIS A 115 -5.51 7.49 2.91
N GLU A 116 -5.42 7.26 4.21
CA GLU A 116 -5.53 8.32 5.21
C GLU A 116 -4.50 9.41 5.00
N ALA A 117 -3.22 9.03 5.00
CA ALA A 117 -2.14 10.00 4.91
C ALA A 117 -2.08 10.65 3.54
N SER A 118 -2.80 10.11 2.56
CA SER A 118 -2.84 10.68 1.22
C SER A 118 -3.23 12.16 1.26
N ALA A 119 -3.99 12.54 2.30
CA ALA A 119 -4.39 13.93 2.50
C ALA A 119 -3.19 14.86 2.52
N GLN A 120 -2.33 14.68 3.51
CA GLN A 120 -1.15 15.52 3.66
C GLN A 120 -0.22 15.40 2.44
N ILE A 121 -0.05 14.20 1.91
CA ILE A 121 0.81 14.00 0.74
C ILE A 121 0.34 14.89 -0.40
N ASP A 122 -0.97 15.00 -0.53
CA ASP A 122 -1.58 15.85 -1.55
C ASP A 122 -1.16 17.30 -1.36
N GLU A 123 -1.13 17.77 -0.12
CA GLU A 123 -0.81 19.17 0.16
C GLU A 123 0.69 19.43 -0.01
N ILE A 124 1.48 18.40 0.21
CA ILE A 124 2.94 18.54 0.20
C ILE A 124 3.52 18.14 -1.15
N VAL A 125 3.43 16.85 -1.47
CA VAL A 125 3.99 16.34 -2.72
C VAL A 125 3.14 16.81 -3.90
N GLY A 126 1.84 16.65 -3.75
CA GLY A 126 0.93 17.02 -4.81
C GLY A 126 0.34 15.79 -5.49
N GLU A 127 0.45 15.75 -6.80
CA GLU A 127 -0.07 14.64 -7.57
C GLU A 127 1.04 13.99 -8.39
N THR A 128 2.27 14.42 -8.14
CA THR A 128 3.41 13.84 -8.81
C THR A 128 3.72 12.46 -8.22
N ALA A 129 3.16 12.21 -7.04
CA ALA A 129 3.31 10.92 -6.37
C ALA A 129 2.03 10.12 -6.55
N SER A 130 1.11 10.70 -7.34
CA SER A 130 -0.21 10.12 -7.62
C SER A 130 -0.97 9.76 -6.34
N GLU A 131 -2.04 8.98 -6.47
CA GLU A 131 -2.83 8.59 -5.31
C GLU A 131 -2.31 7.29 -4.72
N ALA A 132 -2.00 6.33 -5.60
CA ALA A 132 -1.54 5.01 -5.18
C ALA A 132 -2.58 4.35 -4.30
N ASP A 133 -3.81 4.31 -4.78
CA ASP A 133 -4.92 3.68 -4.07
C ASP A 133 -5.58 2.67 -5.00
N SER A 134 -4.75 1.91 -5.71
CA SER A 134 -5.25 0.99 -6.72
C SER A 134 -5.23 -0.45 -6.21
N SER A 135 -5.26 -0.60 -4.88
CA SER A 135 -5.28 -1.92 -4.25
C SER A 135 -4.01 -2.71 -4.55
N GLU A 136 -4.12 -4.04 -4.46
CA GLU A 136 -3.04 -4.95 -4.81
C GLU A 136 -1.90 -4.96 -3.80
N THR A 137 -0.91 -5.80 -4.08
CA THR A 137 0.27 -5.95 -3.23
C THR A 137 1.50 -6.11 -4.09
N SER A 138 1.29 -6.45 -5.35
CA SER A 138 2.36 -6.74 -6.27
C SER A 138 2.81 -5.46 -6.96
N VAL A 139 2.02 -5.03 -7.92
CA VAL A 139 2.21 -3.73 -8.56
C VAL A 139 1.10 -2.79 -8.08
N SER A 140 1.19 -1.53 -8.43
CA SER A 140 0.18 -0.55 -8.04
C SER A 140 -0.66 -0.19 -9.25
N GLU A 141 0.01 0.21 -10.33
CA GLU A 141 -0.65 0.49 -11.58
C GLU A 141 -1.13 -0.81 -12.21
N LYS A 142 -0.38 -1.88 -11.91
CA LYS A 142 -0.66 -3.24 -12.38
C LYS A 142 -0.53 -3.34 -13.89
N GLU A 143 -1.53 -2.85 -14.59
CA GLU A 143 -1.56 -2.91 -16.04
C GLU A 143 -0.51 -1.99 -16.66
N SER A 144 -0.68 -0.69 -16.43
CA SER A 144 0.23 0.33 -16.97
C SER A 144 0.53 0.08 -18.45
N GLY A 145 -0.52 0.00 -19.25
CA GLY A 145 -0.37 -0.27 -20.66
C GLY A 145 -1.65 -0.75 -21.29
N HIS A 146 -1.51 -1.73 -22.18
CA HIS A 146 -2.64 -2.29 -22.87
C HIS A 146 -2.75 -3.79 -22.62
N GLU A 147 -1.67 -4.51 -22.90
CA GLU A 147 -1.66 -5.94 -22.72
C GLU A 147 -0.45 -6.38 -21.92
N LYS A 148 -0.60 -7.48 -21.22
CA LYS A 148 0.43 -8.02 -20.35
C LYS A 148 -0.04 -9.34 -19.75
N ASP A 149 -0.12 -10.34 -20.60
CA ASP A 149 -0.59 -11.66 -20.19
C ASP A 149 0.59 -12.50 -19.70
N ASP A 150 0.35 -13.75 -19.36
CA ASP A 150 1.42 -14.64 -18.91
C ASP A 150 2.12 -15.23 -20.14
N ASP A 151 1.33 -15.40 -21.19
CA ASP A 151 1.79 -16.08 -22.40
C ASP A 151 2.42 -15.11 -23.41
N VAL A 152 2.57 -13.84 -23.04
CA VAL A 152 3.03 -12.83 -23.97
C VAL A 152 4.56 -12.80 -24.09
N ILE A 153 5.02 -12.75 -25.33
CA ILE A 153 6.43 -12.64 -25.64
C ILE A 153 6.87 -11.19 -25.58
N ARG A 154 8.03 -10.94 -24.96
CA ARG A 154 8.60 -9.61 -24.97
C ARG A 154 10.12 -9.68 -24.94
N CYS A 155 10.74 -9.96 -26.08
CA CYS A 155 12.19 -9.92 -26.17
C CYS A 155 12.61 -8.82 -27.13
N ILE A 156 13.87 -8.42 -27.01
CA ILE A 156 14.45 -7.39 -27.88
C ILE A 156 14.47 -7.87 -29.33
N CYS A 157 14.34 -9.18 -29.48
CA CYS A 157 14.19 -9.80 -30.80
C CYS A 157 13.09 -9.15 -31.63
N GLY A 158 11.91 -9.01 -31.02
CA GLY A 158 10.79 -8.42 -31.72
C GLY A 158 9.96 -9.45 -32.47
N LEU A 159 10.34 -10.73 -32.35
CA LEU A 159 9.63 -11.79 -33.06
C LEU A 159 8.25 -11.99 -32.46
N TYR A 160 8.20 -11.90 -31.12
CA TYR A 160 6.98 -12.21 -30.36
C TYR A 160 6.63 -13.69 -30.52
N LYS A 161 7.66 -14.53 -30.62
CA LYS A 161 7.41 -15.97 -30.75
C LYS A 161 8.17 -16.76 -29.69
N ASP A 162 7.51 -17.80 -29.20
CA ASP A 162 8.02 -18.67 -28.16
C ASP A 162 8.98 -19.71 -28.74
N GLU A 163 10.16 -19.27 -29.11
CA GLU A 163 11.19 -20.14 -29.64
C GLU A 163 12.42 -20.15 -28.75
N GLY A 164 13.15 -21.26 -28.81
CA GLY A 164 14.35 -21.41 -28.01
C GLY A 164 14.08 -21.51 -26.53
N LEU A 165 15.04 -21.09 -25.72
CA LEU A 165 14.88 -21.05 -24.27
C LEU A 165 14.60 -19.62 -23.84
N MET A 166 13.71 -19.46 -22.86
CA MET A 166 13.33 -18.12 -22.40
C MET A 166 12.80 -18.17 -20.97
N ILE A 167 12.96 -17.07 -20.24
CA ILE A 167 12.51 -17.01 -18.86
C ILE A 167 11.37 -15.98 -18.72
N GLN A 168 10.84 -15.86 -17.51
CA GLN A 168 9.63 -15.08 -17.25
C GLN A 168 9.93 -13.90 -16.31
N CYS A 169 9.60 -12.66 -16.73
CA CYS A 169 9.76 -11.49 -15.84
C CYS A 169 8.83 -11.65 -14.64
N ASP A 170 9.40 -11.59 -13.43
CA ASP A 170 8.63 -11.76 -12.20
C ASP A 170 7.52 -10.72 -12.09
N LYS A 171 7.72 -9.57 -12.71
CA LYS A 171 6.73 -8.49 -12.62
C LYS A 171 5.82 -8.44 -13.85
N CYS A 172 6.39 -8.56 -15.06
CA CYS A 172 5.59 -8.48 -16.27
C CYS A 172 4.91 -9.80 -16.56
N MET A 173 5.53 -10.86 -16.04
CA MET A 173 5.18 -12.22 -16.37
C MET A 173 5.23 -12.42 -17.90
N VAL A 174 6.20 -11.72 -18.52
CA VAL A 174 6.45 -11.80 -19.96
C VAL A 174 7.65 -12.70 -20.25
N TRP A 175 7.75 -13.18 -21.49
CA TRP A 175 8.76 -14.16 -21.86
C TRP A 175 9.93 -13.49 -22.59
N GLN A 176 11.14 -13.72 -22.09
CA GLN A 176 12.34 -13.19 -22.73
C GLN A 176 13.35 -14.33 -22.94
N HIS A 177 13.87 -14.45 -24.16
CA HIS A 177 14.77 -15.56 -24.50
C HIS A 177 16.08 -15.45 -23.73
N CYS A 178 16.53 -16.59 -23.25
CA CYS A 178 17.67 -16.68 -22.34
C CYS A 178 18.99 -16.29 -23.00
N ASP A 179 19.17 -16.69 -24.26
CA ASP A 179 20.42 -16.44 -24.97
C ASP A 179 20.57 -14.96 -25.28
N CYS A 180 19.46 -14.28 -25.49
CA CYS A 180 19.48 -12.88 -25.88
C CYS A 180 19.81 -11.99 -24.69
N MET A 181 19.17 -12.25 -23.56
CA MET A 181 19.32 -11.41 -22.40
C MET A 181 20.58 -11.75 -21.62
N GLY A 182 21.16 -12.91 -21.91
CA GLY A 182 22.37 -13.32 -21.25
C GLY A 182 22.09 -14.07 -19.96
N VAL A 183 21.04 -14.87 -19.99
CA VAL A 183 20.57 -15.60 -18.82
C VAL A 183 21.18 -17.00 -18.81
N ASN A 184 20.91 -17.77 -17.76
CA ASN A 184 21.41 -19.13 -17.64
C ASN A 184 20.25 -20.07 -17.32
N THR A 185 19.04 -19.59 -17.58
CA THR A 185 17.79 -20.26 -17.20
C THR A 185 17.79 -20.70 -15.73
N ASP A 186 18.62 -20.06 -14.91
CA ASP A 186 18.73 -20.44 -13.51
C ASP A 186 18.00 -19.44 -12.62
N VAL A 187 17.70 -18.27 -13.20
CA VAL A 187 17.04 -17.19 -12.47
C VAL A 187 15.72 -17.64 -11.83
N GLU A 188 15.58 -17.31 -10.56
CA GLU A 188 14.36 -17.61 -9.83
C GLU A 188 13.45 -16.39 -9.82
N HIS A 189 14.05 -15.21 -9.92
CA HIS A 189 13.33 -13.96 -9.86
C HIS A 189 13.90 -12.98 -10.87
N TYR A 190 13.86 -13.38 -12.12
CA TYR A 190 14.38 -12.56 -13.21
C TYR A 190 13.48 -11.39 -13.48
N LEU A 191 14.07 -10.25 -13.77
CA LEU A 191 13.33 -9.09 -14.17
C LEU A 191 13.83 -8.55 -15.49
N CYS A 192 12.91 -7.97 -16.23
CA CYS A 192 13.14 -7.60 -17.62
C CYS A 192 13.92 -6.28 -17.71
N GLU A 193 14.35 -5.96 -18.92
CA GLU A 193 15.16 -4.77 -19.21
C GLU A 193 14.33 -3.48 -19.09
N GLN A 194 13.30 -3.54 -18.27
CA GLN A 194 12.38 -2.44 -18.09
C GLN A 194 12.09 -2.22 -16.61
N CYS A 195 11.45 -3.22 -16.01
CA CYS A 195 11.14 -3.22 -14.58
C CYS A 195 12.39 -2.87 -13.77
N ASP A 196 13.40 -3.68 -13.96
CA ASP A 196 14.65 -3.54 -13.24
C ASP A 196 15.76 -4.11 -14.10
N PRO A 197 16.35 -3.30 -14.98
CA PRO A 197 17.42 -3.75 -15.86
C PRO A 197 18.68 -4.06 -15.07
N ARG A 198 19.10 -5.33 -15.12
CA ARG A 198 20.27 -5.74 -14.36
C ARG A 198 21.55 -5.49 -15.16
N PRO A 199 22.44 -4.64 -14.63
CA PRO A 199 23.68 -4.31 -15.31
C PRO A 199 24.77 -5.34 -15.02
N VAL A 200 25.27 -5.97 -16.07
CA VAL A 200 26.33 -6.94 -15.93
C VAL A 200 27.65 -6.34 -16.40
N ASP A 201 28.47 -5.91 -15.45
CA ASP A 201 29.73 -5.28 -15.70
C ASP A 201 30.80 -6.30 -16.08
N ARG A 202 30.69 -6.84 -17.29
CA ARG A 202 31.62 -7.85 -17.76
C ARG A 202 32.85 -7.22 -18.40
N GLU A 203 33.88 -7.01 -17.58
CA GLU A 203 35.19 -6.51 -18.00
C GLU A 203 35.09 -5.44 -19.10
N VAL A 204 34.40 -4.36 -18.77
CA VAL A 204 34.23 -3.25 -19.71
C VAL A 204 35.24 -2.15 -19.42
N PRO A 205 36.17 -1.91 -20.36
CA PRO A 205 37.19 -0.86 -20.21
C PRO A 205 36.59 0.53 -20.11
N ALA B 1 11.48 -18.45 -11.60
CA ALA B 1 11.01 -17.93 -12.91
C ALA B 1 10.86 -19.07 -13.90
N ARG B 2 9.70 -19.13 -14.54
CA ARG B 2 9.42 -20.18 -15.51
C ARG B 2 10.33 -20.05 -16.71
N THR B 3 10.65 -21.18 -17.32
CA THR B 3 11.55 -21.23 -18.45
C THR B 3 10.95 -22.05 -19.59
N GLN B 5 11.13 -23.87 -23.22
CA GLN B 5 12.11 -24.55 -24.03
C GLN B 5 11.44 -25.06 -25.29
N THR B 6 11.21 -24.13 -26.21
CA THR B 6 10.40 -24.34 -27.42
C THR B 6 8.94 -24.59 -27.05
N ALA B 7 8.07 -23.78 -27.66
CA ALA B 7 6.64 -23.72 -27.32
C ALA B 7 5.99 -25.09 -27.27
N ARG B 8 6.40 -25.98 -28.16
CA ARG B 8 5.89 -27.34 -28.14
C ARG B 8 6.85 -28.24 -27.35
N LYS B 9 6.29 -29.00 -26.42
CA LYS B 9 7.08 -29.87 -25.57
C LYS B 9 6.42 -31.24 -25.47
N SER B 10 5.91 -31.70 -26.61
CA SER B 10 5.23 -32.99 -26.69
C SER B 10 6.19 -34.11 -26.31
N THR B 11 5.80 -34.90 -25.32
CA THR B 11 6.64 -35.97 -24.82
C THR B 11 6.22 -37.32 -25.39
N GLY B 12 4.98 -37.40 -25.84
CA GLY B 12 4.48 -38.62 -26.43
C GLY B 12 2.97 -38.64 -26.49
N SER A 1 13.89 30.71 1.70
CA SER A 1 14.41 30.47 3.07
C SER A 1 14.26 29.00 3.44
N MET A 2 13.14 28.41 3.07
CA MET A 2 12.90 27.01 3.29
C MET A 2 13.08 26.23 2.00
N ASN A 3 13.79 25.12 2.07
CA ASN A 3 13.96 24.27 0.90
C ASN A 3 12.78 23.32 0.82
N ILE A 4 11.98 23.50 -0.22
CA ILE A 4 10.78 22.69 -0.42
C ILE A 4 11.12 21.20 -0.47
N GLU A 5 12.27 20.88 -1.03
CA GLU A 5 12.68 19.50 -1.15
C GLU A 5 12.96 18.90 0.23
N VAL A 6 13.67 19.64 1.08
CA VAL A 6 14.00 19.15 2.41
C VAL A 6 12.78 19.22 3.31
N ALA A 7 11.87 20.16 3.01
CA ALA A 7 10.64 20.28 3.77
C ALA A 7 9.72 19.12 3.45
N ARG A 8 9.75 18.68 2.20
CA ARG A 8 8.96 17.54 1.78
C ARG A 8 9.47 16.27 2.47
N ALA A 9 10.77 16.05 2.37
CA ALA A 9 11.40 14.89 2.99
C ALA A 9 11.16 14.88 4.50
N ALA A 10 11.20 16.06 5.10
CA ALA A 10 10.97 16.20 6.53
C ALA A 10 9.51 15.92 6.87
N ARG A 11 8.61 16.52 6.10
CA ARG A 11 7.17 16.40 6.35
C ARG A 11 6.75 14.94 6.34
N LEU A 12 6.97 14.28 5.20
CA LEU A 12 6.56 12.89 5.03
C LEU A 12 7.30 11.97 5.99
N ALA A 13 8.54 12.31 6.35
CA ALA A 13 9.32 11.45 7.24
C ALA A 13 8.62 11.24 8.58
N GLN A 14 8.24 12.34 9.23
CA GLN A 14 7.56 12.26 10.52
C GLN A 14 6.21 11.58 10.35
N ILE A 15 5.62 11.79 9.18
CA ILE A 15 4.32 11.22 8.86
C ILE A 15 4.40 9.73 8.55
N PHE A 16 5.40 9.33 7.77
CA PHE A 16 5.61 7.92 7.50
C PHE A 16 5.78 7.19 8.81
N LYS A 17 6.48 7.84 9.73
CA LYS A 17 6.69 7.31 11.06
C LYS A 17 5.34 7.05 11.73
N GLU A 18 4.42 7.99 11.59
CA GLU A 18 3.07 7.84 12.13
C GLU A 18 2.40 6.60 11.53
N ILE A 19 2.39 6.53 10.20
CA ILE A 19 1.79 5.42 9.47
C ILE A 19 2.45 4.08 9.84
N CYS A 20 3.76 4.00 9.67
CA CYS A 20 4.48 2.75 9.86
C CYS A 20 4.45 2.32 11.32
N ASP A 21 4.45 3.27 12.24
CA ASP A 21 4.44 2.94 13.67
C ASP A 21 3.16 2.17 13.99
N GLY A 22 2.06 2.60 13.39
CA GLY A 22 0.79 1.92 13.57
C GLY A 22 0.74 0.58 12.86
N ILE A 23 1.61 0.40 11.86
CA ILE A 23 1.69 -0.87 11.14
C ILE A 23 2.66 -1.85 11.83
N ILE A 24 3.83 -1.36 12.26
CA ILE A 24 4.85 -2.22 12.84
C ILE A 24 4.34 -2.87 14.11
N SER A 25 3.78 -2.07 14.97
CA SER A 25 3.17 -2.58 16.19
C SER A 25 1.64 -2.58 16.08
N TYR A 26 1.17 -2.88 14.86
CA TYR A 26 -0.26 -3.09 14.63
C TYR A 26 -0.74 -4.25 15.49
N ARG A 27 -1.87 -4.06 16.15
CA ARG A 27 -2.35 -5.03 17.10
C ARG A 27 -3.76 -5.51 16.75
N ASP A 28 -4.05 -6.75 17.12
CA ASP A 28 -5.38 -7.31 16.95
C ASP A 28 -6.19 -7.04 18.22
N SER A 29 -7.45 -7.45 18.25
CA SER A 29 -8.30 -7.25 19.43
C SER A 29 -7.69 -7.90 20.68
N SER A 30 -6.83 -8.89 20.47
CA SER A 30 -6.15 -9.58 21.57
C SER A 30 -4.83 -8.91 21.92
N GLN A 31 -4.72 -7.61 21.59
CA GLN A 31 -3.53 -6.78 21.85
C GLN A 31 -2.24 -7.46 21.38
N GLN A 32 -2.35 -8.28 20.34
CA GLN A 32 -1.18 -8.98 19.79
C GLN A 32 -0.51 -8.19 18.68
N THR A 33 0.81 -8.23 18.69
CA THR A 33 1.61 -7.58 17.66
C THR A 33 1.88 -8.55 16.52
N LEU A 34 1.19 -8.34 15.40
CA LEU A 34 1.22 -9.30 14.31
C LEU A 34 2.52 -9.25 13.51
N ALA A 35 3.01 -8.05 13.20
CA ALA A 35 4.20 -7.87 12.33
C ALA A 35 5.49 -8.34 13.02
N ALA A 36 5.37 -9.17 14.05
CA ALA A 36 6.52 -9.63 14.82
C ALA A 36 7.55 -10.43 13.99
N PRO A 37 7.13 -11.34 13.07
CA PRO A 37 8.09 -12.10 12.26
C PRO A 37 8.63 -11.28 11.09
N LEU A 38 8.16 -10.04 10.99
CA LEU A 38 8.54 -9.17 9.88
C LEU A 38 9.31 -7.95 10.39
N LEU A 39 8.98 -7.52 11.60
CA LEU A 39 9.60 -6.33 12.19
C LEU A 39 11.00 -6.65 12.69
N ASN A 40 11.29 -7.95 12.76
CA ASN A 40 12.62 -8.43 13.15
C ASN A 40 13.24 -9.24 12.03
N LEU A 41 14.30 -8.70 11.46
CA LEU A 41 15.04 -9.33 10.39
C LEU A 41 15.65 -10.65 10.85
N PRO A 42 15.37 -11.74 10.10
CA PRO A 42 15.86 -13.09 10.41
C PRO A 42 17.39 -13.18 10.48
N PRO A 43 17.90 -14.19 11.22
CA PRO A 43 19.33 -14.51 11.26
C PRO A 43 19.91 -14.86 9.88
N LYS A 44 21.14 -14.42 9.66
CA LYS A 44 21.78 -14.47 8.34
C LYS A 44 22.29 -15.86 7.97
N LYS A 45 23.01 -16.51 8.89
CA LYS A 45 23.67 -17.79 8.59
C LYS A 45 22.68 -18.89 8.20
N LYS A 46 21.57 -18.98 8.93
CA LYS A 46 20.61 -20.06 8.69
C LYS A 46 19.55 -19.65 7.67
N ASN A 47 19.88 -18.67 6.82
CA ASN A 47 18.98 -18.25 5.75
C ASN A 47 19.75 -17.85 4.50
N ALA A 48 20.66 -18.71 4.06
CA ALA A 48 21.46 -18.42 2.89
C ALA A 48 20.60 -18.40 1.62
N ASP A 49 19.74 -19.40 1.48
CA ASP A 49 18.87 -19.50 0.30
C ASP A 49 17.79 -18.43 0.37
N TYR A 50 17.34 -18.15 1.60
CA TYR A 50 16.42 -17.04 1.88
C TYR A 50 16.97 -15.74 1.27
N TYR A 51 18.22 -15.41 1.63
CA TYR A 51 18.87 -14.18 1.17
C TYR A 51 19.31 -14.27 -0.28
N GLU A 52 19.31 -15.49 -0.83
CA GLU A 52 19.71 -15.67 -2.22
C GLU A 52 18.59 -15.19 -3.13
N LYS A 53 17.41 -15.79 -3.00
CA LYS A 53 16.28 -15.43 -3.84
C LYS A 53 15.73 -14.05 -3.47
N ILE A 54 15.65 -13.77 -2.17
CA ILE A 54 15.21 -12.47 -1.69
C ILE A 54 16.45 -11.65 -1.30
N SER A 55 16.96 -10.86 -2.23
CA SER A 55 18.23 -10.16 -2.04
C SER A 55 18.10 -8.93 -1.16
N ASP A 56 16.87 -8.53 -0.86
CA ASP A 56 16.63 -7.37 -0.02
C ASP A 56 15.52 -7.68 0.98
N PRO A 57 15.82 -8.45 2.06
CA PRO A 57 14.82 -8.87 3.05
C PRO A 57 14.18 -7.68 3.76
N LEU A 58 15.02 -6.89 4.44
CA LEU A 58 14.58 -5.65 5.09
C LEU A 58 13.80 -5.89 6.39
N ASP A 59 14.18 -5.15 7.41
CA ASP A 59 13.58 -5.25 8.75
C ASP A 59 12.65 -4.07 8.98
N LEU A 60 11.39 -4.36 9.31
CA LEU A 60 10.36 -3.33 9.49
C LEU A 60 10.72 -2.32 10.57
N SER A 61 11.28 -2.78 11.68
CA SER A 61 11.65 -1.88 12.76
C SER A 61 12.81 -0.98 12.32
N THR A 62 13.69 -1.54 11.50
CA THR A 62 14.80 -0.77 10.93
C THR A 62 14.27 0.30 9.98
N ILE A 63 13.21 -0.03 9.23
CA ILE A 63 12.58 0.93 8.33
C ILE A 63 12.10 2.15 9.09
N GLU A 64 11.42 1.91 10.21
CA GLU A 64 10.98 2.99 11.10
C GLU A 64 12.14 3.95 11.39
N LYS A 65 13.22 3.40 11.91
CA LYS A 65 14.41 4.18 12.20
C LYS A 65 14.99 4.83 10.94
N GLN A 66 14.91 4.14 9.80
CA GLN A 66 15.41 4.68 8.53
C GLN A 66 14.50 5.79 8.01
N ILE A 67 13.27 5.79 8.48
CA ILE A 67 12.32 6.83 8.12
C ILE A 67 12.68 8.14 8.83
N LEU A 68 12.98 8.06 10.13
CA LEU A 68 13.35 9.24 10.90
C LEU A 68 14.67 9.85 10.45
N ILE A 69 15.53 9.05 9.86
CA ILE A 69 16.82 9.56 9.38
C ILE A 69 16.65 10.25 8.02
N GLY A 70 15.44 10.15 7.47
CA GLY A 70 15.11 10.80 6.21
C GLY A 70 15.79 10.15 5.02
N TYR A 71 15.79 8.82 5.00
CA TYR A 71 16.45 8.08 3.93
C TYR A 71 15.55 7.96 2.69
N TYR A 72 14.25 7.82 2.92
CA TYR A 72 13.32 7.58 1.82
C TYR A 72 12.91 8.89 1.16
N LYS A 73 12.74 9.93 1.98
CA LYS A 73 12.34 11.26 1.50
C LYS A 73 10.90 11.29 0.98
N THR A 74 10.64 10.51 -0.06
CA THR A 74 9.35 10.50 -0.71
C THR A 74 8.72 9.10 -0.64
N VAL A 75 7.47 8.99 -1.08
CA VAL A 75 6.66 7.79 -0.86
C VAL A 75 7.05 6.65 -1.79
N GLU A 76 7.49 6.98 -2.99
CA GLU A 76 7.89 5.98 -3.99
C GLU A 76 8.65 4.80 -3.36
N ALA A 77 9.80 5.09 -2.77
CA ALA A 77 10.62 4.06 -2.14
C ALA A 77 9.89 3.45 -0.94
N PHE A 78 9.19 4.30 -0.20
CA PHE A 78 8.40 3.87 0.96
C PHE A 78 7.40 2.77 0.57
N ASP A 79 6.61 3.03 -0.48
CA ASP A 79 5.64 2.04 -0.98
C ASP A 79 6.31 0.70 -1.23
N ALA A 80 7.37 0.73 -2.02
CA ALA A 80 8.06 -0.49 -2.43
C ALA A 80 8.59 -1.26 -1.23
N ASP A 81 9.13 -0.55 -0.24
CA ASP A 81 9.79 -1.17 0.90
C ASP A 81 8.81 -1.92 1.80
N MET A 82 7.68 -1.31 2.14
CA MET A 82 6.70 -1.95 3.02
C MET A 82 6.07 -3.17 2.37
N LEU A 83 5.67 -3.04 1.13
CA LEU A 83 5.06 -4.16 0.42
C LEU A 83 6.10 -5.27 0.23
N LYS A 84 7.37 -4.88 0.24
CA LYS A 84 8.48 -5.81 0.05
C LYS A 84 8.66 -6.74 1.25
N VAL A 85 8.62 -6.19 2.46
CA VAL A 85 8.78 -7.01 3.66
C VAL A 85 7.62 -8.01 3.79
N PHE A 86 6.41 -7.54 3.49
CA PHE A 86 5.24 -8.42 3.53
C PHE A 86 5.28 -9.44 2.40
N ARG A 87 5.72 -9.01 1.22
CA ARG A 87 5.68 -9.87 0.05
C ARG A 87 6.70 -11.00 0.16
N ASN A 88 7.91 -10.69 0.65
CA ASN A 88 8.93 -11.73 0.80
C ASN A 88 8.54 -12.66 1.93
N ALA A 89 7.80 -12.11 2.90
CA ALA A 89 7.23 -12.92 3.97
C ALA A 89 6.40 -14.06 3.39
N GLU A 90 5.23 -13.71 2.84
CA GLU A 90 4.30 -14.71 2.35
C GLU A 90 4.84 -15.45 1.12
N LYS A 91 5.92 -14.94 0.55
CA LYS A 91 6.51 -15.58 -0.62
C LYS A 91 7.30 -16.81 -0.21
N TYR A 92 8.35 -16.61 0.58
CA TYR A 92 9.27 -17.69 0.89
C TYR A 92 8.91 -18.40 2.20
N TYR A 93 8.57 -17.63 3.24
CA TYR A 93 8.20 -18.23 4.53
C TYR A 93 7.09 -19.28 4.34
N GLY A 94 6.09 -18.96 3.52
CA GLY A 94 4.99 -19.87 3.31
C GLY A 94 3.72 -19.12 2.99
N ARG A 95 2.70 -19.84 2.53
CA ARG A 95 1.45 -19.21 2.15
C ARG A 95 0.65 -18.74 3.37
N LYS A 96 0.17 -19.70 4.16
CA LYS A 96 -0.74 -19.36 5.24
C LYS A 96 -0.38 -20.06 6.56
N SER A 97 0.88 -19.91 6.97
CA SER A 97 1.28 -20.32 8.31
C SER A 97 0.93 -19.18 9.30
N PRO A 98 1.14 -19.36 10.61
CA PRO A 98 0.86 -18.35 11.64
C PRO A 98 1.09 -16.88 11.21
N ILE A 99 2.21 -16.60 10.57
CA ILE A 99 2.55 -15.21 10.22
C ILE A 99 1.75 -14.70 9.01
N GLY A 100 1.41 -15.61 8.09
CA GLY A 100 0.68 -15.27 6.88
C GLY A 100 -0.47 -14.28 7.06
N ARG A 101 -1.45 -14.62 7.90
CA ARG A 101 -2.61 -13.77 8.12
C ARG A 101 -2.20 -12.40 8.67
N ASP A 102 -1.07 -12.37 9.35
CA ASP A 102 -0.63 -11.14 10.03
C ASP A 102 -0.23 -10.12 8.98
N VAL A 103 0.58 -10.54 8.02
CA VAL A 103 1.14 -9.63 7.05
C VAL A 103 0.07 -9.16 6.06
N CYS A 104 -0.93 -10.00 5.79
CA CYS A 104 -1.99 -9.62 4.86
C CYS A 104 -2.90 -8.58 5.52
N ARG A 105 -2.97 -8.61 6.84
CA ARG A 105 -3.72 -7.60 7.59
C ARG A 105 -2.96 -6.29 7.58
N LEU A 106 -1.66 -6.37 7.80
CA LEU A 106 -0.80 -5.19 7.77
C LEU A 106 -0.87 -4.55 6.40
N ARG A 107 -0.70 -5.37 5.38
CA ARG A 107 -0.75 -4.94 3.99
C ARG A 107 -2.08 -4.20 3.73
N LYS A 108 -3.14 -4.71 4.33
CA LYS A 108 -4.49 -4.14 4.15
C LYS A 108 -4.60 -2.83 4.91
N ALA A 109 -4.10 -2.84 6.14
CA ALA A 109 -4.23 -1.73 7.05
C ALA A 109 -3.28 -0.60 6.66
N TYR A 110 -2.26 -0.97 5.90
CA TYR A 110 -1.30 -0.03 5.38
C TYR A 110 -1.92 0.78 4.24
N TYR A 111 -2.59 0.11 3.30
CA TYR A 111 -3.28 0.84 2.24
C TYR A 111 -4.40 1.68 2.84
N SER A 112 -5.04 1.14 3.87
CA SER A 112 -6.05 1.88 4.61
C SER A 112 -5.47 3.18 5.16
N ALA A 113 -4.39 3.05 5.94
CA ALA A 113 -3.71 4.22 6.51
C ALA A 113 -3.17 5.15 5.42
N ARG A 114 -2.73 4.57 4.31
CA ARG A 114 -2.25 5.36 3.18
C ARG A 114 -3.37 6.23 2.63
N HIS A 115 -4.56 5.64 2.49
CA HIS A 115 -5.73 6.38 2.03
C HIS A 115 -6.11 7.45 3.05
N GLU A 116 -5.80 7.19 4.30
CA GLU A 116 -6.08 8.13 5.38
C GLU A 116 -5.06 9.29 5.39
N ALA A 117 -3.77 8.96 5.26
CA ALA A 117 -2.70 9.95 5.27
C ALA A 117 -2.55 10.63 3.90
N SER A 118 -3.31 10.17 2.93
CA SER A 118 -3.25 10.71 1.57
C SER A 118 -3.44 12.23 1.57
N ALA A 119 -4.18 12.73 2.56
CA ALA A 119 -4.44 14.15 2.71
C ALA A 119 -3.14 14.95 2.72
N GLN A 120 -2.29 14.69 3.71
CA GLN A 120 -1.04 15.42 3.80
C GLN A 120 -0.15 15.19 2.59
N ILE A 121 -0.02 13.94 2.14
CA ILE A 121 0.85 13.64 1.01
C ILE A 121 0.46 14.49 -0.20
N ASP A 122 -0.84 14.64 -0.41
CA ASP A 122 -1.35 15.44 -1.52
C ASP A 122 -0.97 16.91 -1.37
N GLU A 123 -1.07 17.43 -0.16
CA GLU A 123 -0.79 18.84 0.10
C GLU A 123 0.70 19.12 -0.03
N ILE A 124 1.51 18.10 0.24
CA ILE A 124 2.95 18.25 0.23
C ILE A 124 3.55 17.80 -1.09
N VAL A 125 3.41 16.51 -1.40
CA VAL A 125 3.97 15.96 -2.64
C VAL A 125 3.13 16.36 -3.84
N GLY A 126 1.85 16.07 -3.76
CA GLY A 126 0.97 16.31 -4.87
C GLY A 126 0.98 15.15 -5.81
N GLU A 127 1.35 15.41 -7.06
CA GLU A 127 1.46 14.36 -8.04
C GLU A 127 2.78 14.50 -8.80
N THR A 128 3.71 15.25 -8.21
CA THR A 128 5.01 15.49 -8.83
C THR A 128 5.93 14.30 -8.63
N ALA A 129 5.47 13.36 -7.81
CA ALA A 129 6.23 12.16 -7.52
C ALA A 129 5.86 11.05 -8.50
N SER A 130 4.65 10.55 -8.36
CA SER A 130 4.12 9.49 -9.20
C SER A 130 2.60 9.55 -9.18
N GLU A 131 1.96 8.55 -9.76
CA GLU A 131 0.50 8.48 -9.77
C GLU A 131 -0.07 8.63 -8.36
N ALA A 132 0.54 7.92 -7.43
CA ALA A 132 0.16 7.94 -6.03
C ALA A 132 -1.19 7.26 -5.84
N ASP A 133 -1.51 6.42 -6.79
CA ASP A 133 -2.75 5.64 -6.76
C ASP A 133 -2.41 4.17 -6.80
N SER A 134 -1.21 3.85 -6.34
CA SER A 134 -0.74 2.48 -6.29
C SER A 134 -1.18 1.83 -4.98
N SER A 135 -2.16 2.46 -4.35
CA SER A 135 -2.71 1.99 -3.10
C SER A 135 -3.77 0.90 -3.37
N GLU A 136 -4.37 0.42 -2.29
CA GLU A 136 -5.31 -0.71 -2.32
C GLU A 136 -4.62 -1.99 -2.79
N THR A 137 -5.28 -3.11 -2.52
CA THR A 137 -4.78 -4.41 -2.92
C THR A 137 -5.84 -5.09 -3.77
N SER A 138 -7.07 -4.60 -3.60
CA SER A 138 -8.21 -5.03 -4.38
C SER A 138 -9.36 -4.10 -4.06
N VAL A 139 -10.41 -4.63 -3.43
CA VAL A 139 -11.44 -3.78 -2.85
C VAL A 139 -12.01 -4.39 -1.59
N SER A 140 -12.48 -3.49 -0.72
CA SER A 140 -12.79 -3.78 0.67
C SER A 140 -12.45 -2.54 1.46
N GLU A 141 -11.39 -1.93 0.98
CA GLU A 141 -10.61 -0.95 1.70
C GLU A 141 -11.23 0.44 1.73
N LYS A 142 -11.88 0.86 0.65
CA LYS A 142 -12.31 2.26 0.57
C LYS A 142 -13.69 2.48 -0.03
N GLU A 143 -14.12 1.59 -0.92
CA GLU A 143 -15.31 1.81 -1.76
C GLU A 143 -16.43 2.55 -1.05
N SER A 144 -17.05 1.90 -0.08
CA SER A 144 -18.02 2.53 0.76
C SER A 144 -17.78 2.06 2.19
N GLY A 145 -16.53 2.18 2.61
CA GLY A 145 -16.13 1.64 3.89
C GLY A 145 -16.55 2.49 5.06
N HIS A 146 -15.86 2.29 6.16
CA HIS A 146 -16.16 2.97 7.40
C HIS A 146 -14.91 3.46 8.09
N GLU A 147 -13.88 2.61 8.06
CA GLU A 147 -12.61 2.85 8.71
C GLU A 147 -12.82 3.15 10.21
N LYS A 148 -12.88 4.43 10.60
CA LYS A 148 -13.19 4.81 11.99
C LYS A 148 -12.32 4.02 12.96
N ASP A 149 -11.03 4.22 12.84
CA ASP A 149 -10.06 3.49 13.63
C ASP A 149 -9.79 4.23 14.94
N ASP A 150 -8.71 3.89 15.62
CA ASP A 150 -8.42 4.44 16.95
C ASP A 150 -7.44 5.60 16.86
N ASP A 151 -6.49 5.48 15.95
CA ASP A 151 -5.43 6.48 15.81
C ASP A 151 -5.79 7.57 14.80
N VAL A 152 -7.06 7.94 14.75
CA VAL A 152 -7.54 8.90 13.77
C VAL A 152 -7.53 10.33 14.29
N ILE A 153 -6.75 11.18 13.64
CA ILE A 153 -6.66 12.58 13.98
C ILE A 153 -7.83 13.38 13.41
N ARG A 154 -8.38 14.27 14.24
CA ARG A 154 -9.35 15.24 13.76
C ARG A 154 -9.43 16.42 14.73
N CYS A 155 -8.48 17.34 14.63
CA CYS A 155 -8.53 18.56 15.42
C CYS A 155 -8.91 19.73 14.54
N ILE A 156 -9.29 20.85 15.16
CA ILE A 156 -9.57 22.06 14.43
C ILE A 156 -8.28 22.62 13.81
N CYS A 157 -7.16 21.99 14.18
CA CYS A 157 -5.86 22.27 13.56
C CYS A 157 -5.91 22.02 12.05
N GLY A 158 -6.68 21.02 11.64
CA GLY A 158 -6.70 20.60 10.25
C GLY A 158 -5.38 19.98 9.82
N LEU A 159 -4.74 19.29 10.74
CA LEU A 159 -3.41 18.75 10.51
C LEU A 159 -3.42 17.28 10.13
N TYR A 160 -4.24 16.52 10.83
CA TYR A 160 -4.20 15.07 10.79
C TYR A 160 -2.81 14.56 11.15
N LYS A 161 -2.22 15.08 12.24
CA LYS A 161 -0.97 14.51 12.74
C LYS A 161 -0.96 14.46 14.27
N ASP A 162 -0.41 13.36 14.78
CA ASP A 162 -0.34 13.08 16.20
C ASP A 162 0.88 13.74 16.84
N GLU A 163 0.68 14.98 17.23
CA GLU A 163 1.64 15.69 18.07
C GLU A 163 0.92 16.43 19.19
N GLY A 164 1.60 16.60 20.32
CA GLY A 164 1.04 17.36 21.43
C GLY A 164 0.16 16.53 22.35
N LEU A 165 -0.71 17.22 23.08
CA LEU A 165 -1.66 16.55 23.97
C LEU A 165 -3.03 16.51 23.33
N MET A 166 -3.77 15.43 23.52
CA MET A 166 -5.08 15.30 22.89
C MET A 166 -5.93 14.24 23.58
N ILE A 167 -7.23 14.47 23.59
CA ILE A 167 -8.17 13.52 24.15
C ILE A 167 -8.98 12.88 23.02
N GLN A 168 -9.79 11.89 23.34
CA GLN A 168 -10.47 11.10 22.32
C GLN A 168 -11.98 11.33 22.37
N CYS A 169 -12.60 11.59 21.20
CA CYS A 169 -14.05 11.70 21.12
C CYS A 169 -14.66 10.31 21.38
N ASP A 170 -15.49 10.21 22.43
CA ASP A 170 -16.03 8.93 22.86
C ASP A 170 -16.77 8.21 21.74
N LYS A 171 -17.24 8.95 20.75
CA LYS A 171 -17.93 8.34 19.63
C LYS A 171 -17.04 8.22 18.40
N CYS A 172 -16.33 9.29 18.06
CA CYS A 172 -15.46 9.27 16.88
C CYS A 172 -14.28 8.35 17.07
N MET A 173 -13.77 8.30 18.30
CA MET A 173 -12.45 7.76 18.57
C MET A 173 -11.36 8.55 17.85
N VAL A 174 -11.67 9.81 17.55
CA VAL A 174 -10.69 10.75 17.02
C VAL A 174 -9.93 11.38 18.18
N TRP A 175 -8.86 12.10 17.88
CA TRP A 175 -8.14 12.82 18.93
C TRP A 175 -8.11 14.29 18.61
N GLN A 176 -8.40 15.08 19.62
CA GLN A 176 -8.38 16.53 19.50
C GLN A 176 -7.50 17.08 20.60
N HIS A 177 -6.61 18.00 20.24
CA HIS A 177 -5.63 18.49 21.19
C HIS A 177 -6.27 19.26 22.31
N CYS A 178 -5.82 18.94 23.52
CA CYS A 178 -6.36 19.50 24.75
C CYS A 178 -6.28 21.03 24.78
N ASP A 179 -5.14 21.58 24.37
CA ASP A 179 -4.95 23.03 24.36
C ASP A 179 -5.90 23.71 23.38
N CYS A 180 -6.05 23.11 22.21
CA CYS A 180 -6.87 23.70 21.14
C CYS A 180 -8.35 23.75 21.53
N MET A 181 -8.77 22.79 22.34
CA MET A 181 -10.18 22.68 22.69
C MET A 181 -10.46 23.23 24.09
N GLY A 182 -9.41 23.38 24.88
CA GLY A 182 -9.55 23.85 26.24
C GLY A 182 -10.02 22.76 27.18
N VAL A 183 -9.42 21.58 27.05
CA VAL A 183 -9.82 20.41 27.82
C VAL A 183 -9.01 20.32 29.10
N ASN A 184 -9.42 19.46 30.03
CA ASN A 184 -8.75 19.34 31.32
C ASN A 184 -7.96 18.04 31.40
N THR A 185 -7.87 17.33 30.28
CA THR A 185 -7.19 16.02 30.20
C THR A 185 -7.66 15.03 31.27
N ASP A 186 -8.82 15.27 31.85
CA ASP A 186 -9.34 14.41 32.91
C ASP A 186 -10.81 14.10 32.65
N VAL A 187 -11.30 14.55 31.49
CA VAL A 187 -12.70 14.40 31.13
C VAL A 187 -13.13 12.93 31.13
N GLU A 188 -14.11 12.62 31.98
CA GLU A 188 -14.63 11.27 32.08
C GLU A 188 -15.43 10.94 30.81
N HIS A 189 -16.03 11.96 30.22
CA HIS A 189 -16.76 11.80 28.99
C HIS A 189 -16.62 13.05 28.13
N TYR A 190 -16.06 12.88 26.96
CA TYR A 190 -15.83 14.00 26.07
C TYR A 190 -16.28 13.69 24.66
N LEU A 191 -16.87 14.67 24.01
CA LEU A 191 -17.27 14.56 22.63
C LEU A 191 -16.79 15.75 21.83
N CYS A 192 -16.56 15.53 20.55
CA CYS A 192 -15.94 16.53 19.70
C CYS A 192 -17.00 17.53 19.26
N GLU A 193 -16.53 18.64 18.71
CA GLU A 193 -17.35 19.82 18.44
C GLU A 193 -18.42 19.55 17.39
N GLN A 194 -18.27 18.46 16.66
CA GLN A 194 -19.24 18.11 15.61
C GLN A 194 -20.31 17.16 16.14
N CYS A 195 -19.90 16.15 16.89
CA CYS A 195 -20.83 15.14 17.43
C CYS A 195 -21.89 15.78 18.31
N ASP A 196 -21.44 16.29 19.42
CA ASP A 196 -22.31 16.82 20.44
C ASP A 196 -21.73 18.11 20.99
N PRO A 197 -21.89 19.21 20.23
CA PRO A 197 -21.32 20.52 20.55
C PRO A 197 -21.70 20.99 21.95
N ARG A 198 -20.71 21.47 22.67
CA ARG A 198 -20.89 21.94 24.03
C ARG A 198 -20.26 23.31 24.20
N PRO A 199 -21.06 24.32 24.53
CA PRO A 199 -20.56 25.67 24.78
C PRO A 199 -19.64 25.70 25.99
N VAL A 200 -18.39 26.11 25.79
CA VAL A 200 -17.44 26.18 26.87
C VAL A 200 -17.81 27.31 27.81
N ASP A 201 -18.26 26.93 28.99
CA ASP A 201 -18.73 27.89 29.99
C ASP A 201 -17.60 28.17 30.98
N ARG A 202 -16.57 27.35 30.89
CA ARG A 202 -15.43 27.44 31.80
C ARG A 202 -14.41 28.46 31.30
N GLU A 203 -14.03 29.37 32.18
CA GLU A 203 -13.02 30.37 31.90
C GLU A 203 -13.36 31.20 30.66
N VAL A 204 -14.38 32.04 30.80
CA VAL A 204 -14.72 32.99 29.76
C VAL A 204 -14.47 34.42 30.26
N PRO A 205 -13.21 34.89 30.17
CA PRO A 205 -12.80 36.18 30.70
C PRO A 205 -13.14 37.32 29.74
N ALA B 1 -12.86 9.61 29.08
CA ALA B 1 -12.26 9.81 27.75
C ALA B 1 -10.75 9.59 27.83
N ARG B 2 -10.19 8.97 26.80
CA ARG B 2 -8.76 8.67 26.77
C ARG B 2 -7.96 9.89 26.34
N THR B 3 -6.87 10.16 27.05
CA THR B 3 -5.99 11.27 26.70
C THR B 3 -4.58 10.76 26.39
N GLN B 5 -0.48 11.77 25.43
CA GLN B 5 0.49 12.80 25.74
C GLN B 5 1.71 12.69 24.83
N THR B 6 2.14 13.83 24.30
CA THR B 6 3.29 13.93 23.43
C THR B 6 3.00 13.40 22.03
N ALA B 7 3.01 12.08 21.86
CA ALA B 7 2.82 11.46 20.55
C ALA B 7 3.06 9.96 20.63
N ARG B 8 2.80 9.28 19.52
CA ARG B 8 3.17 7.88 19.36
C ARG B 8 4.67 7.78 19.06
N LYS B 9 5.49 8.27 19.99
CA LYS B 9 6.92 8.23 19.84
C LYS B 9 7.50 7.23 20.84
N SER B 10 7.40 7.55 22.11
CA SER B 10 7.84 6.68 23.17
C SER B 10 7.03 6.94 24.44
N THR B 11 5.71 6.86 24.29
CA THR B 11 4.80 7.08 25.40
C THR B 11 3.52 6.29 25.22
N GLY B 12 2.84 6.53 24.10
CA GLY B 12 1.58 5.85 23.86
C GLY B 12 1.79 4.41 23.44
N SER A 1 14.85 31.04 1.73
CA SER A 1 13.64 31.23 2.55
C SER A 1 12.96 29.88 2.82
N MET A 2 12.60 29.18 1.76
CA MET A 2 11.97 27.88 1.89
C MET A 2 12.37 26.98 0.72
N ASN A 3 12.78 25.76 1.02
CA ASN A 3 13.16 24.82 -0.01
C ASN A 3 12.22 23.62 0.03
N ILE A 4 11.29 23.61 -0.92
CA ILE A 4 10.19 22.65 -0.91
C ILE A 4 10.67 21.20 -0.88
N GLU A 5 11.80 20.94 -1.52
CA GLU A 5 12.35 19.60 -1.60
C GLU A 5 12.72 19.08 -0.22
N VAL A 6 13.32 19.93 0.60
CA VAL A 6 13.75 19.53 1.93
C VAL A 6 12.57 19.52 2.89
N ALA A 7 11.58 20.34 2.57
CA ALA A 7 10.35 20.40 3.35
C ALA A 7 9.53 19.15 3.10
N ARG A 8 9.50 18.70 1.86
CA ARG A 8 8.75 17.52 1.48
C ARG A 8 9.30 16.28 2.16
N ALA A 9 10.63 16.10 2.08
CA ALA A 9 11.28 14.94 2.64
C ALA A 9 11.03 14.84 4.14
N ALA A 10 11.20 15.96 4.84
CA ALA A 10 11.01 16.00 6.28
C ALA A 10 9.54 15.84 6.65
N ARG A 11 8.66 16.25 5.74
CA ARG A 11 7.22 16.21 5.99
C ARG A 11 6.77 14.77 6.09
N LEU A 12 6.92 14.07 4.97
CA LEU A 12 6.51 12.69 4.86
C LEU A 12 7.30 11.82 5.84
N ALA A 13 8.55 12.18 6.11
CA ALA A 13 9.39 11.38 7.00
C ALA A 13 8.76 11.23 8.38
N GLN A 14 8.44 12.35 9.02
CA GLN A 14 7.84 12.31 10.35
C GLN A 14 6.48 11.60 10.28
N ILE A 15 5.82 11.76 9.15
CA ILE A 15 4.51 11.20 8.91
C ILE A 15 4.56 9.70 8.64
N PHE A 16 5.54 9.26 7.85
CA PHE A 16 5.72 7.84 7.59
C PHE A 16 5.86 7.10 8.89
N LYS A 17 6.55 7.74 9.83
CA LYS A 17 6.72 7.19 11.16
C LYS A 17 5.38 7.00 11.85
N GLU A 18 4.55 8.03 11.81
CA GLU A 18 3.20 7.97 12.39
C GLU A 18 2.48 6.71 11.86
N ILE A 19 2.49 6.57 10.54
CA ILE A 19 1.86 5.42 9.89
C ILE A 19 2.50 4.12 10.35
N CYS A 20 3.82 4.03 10.20
CA CYS A 20 4.54 2.80 10.51
C CYS A 20 4.45 2.43 11.98
N ASP A 21 4.46 3.42 12.86
CA ASP A 21 4.35 3.17 14.28
C ASP A 21 3.06 2.43 14.58
N GLY A 22 2.00 2.82 13.87
CA GLY A 22 0.72 2.16 14.03
C GLY A 22 0.67 0.80 13.33
N ILE A 23 1.54 0.60 12.34
CA ILE A 23 1.58 -0.66 11.60
C ILE A 23 2.45 -1.69 12.32
N ILE A 24 3.63 -1.26 12.77
CA ILE A 24 4.55 -2.16 13.48
C ILE A 24 3.88 -2.68 14.74
N SER A 25 3.17 -1.80 15.43
CA SER A 25 2.43 -2.20 16.63
C SER A 25 0.96 -2.44 16.31
N TYR A 26 0.64 -2.79 15.06
CA TYR A 26 -0.73 -3.13 14.72
C TYR A 26 -1.14 -4.42 15.41
N ARG A 27 -2.23 -4.35 16.16
CA ARG A 27 -2.67 -5.49 16.93
C ARG A 27 -4.08 -5.92 16.55
N ASP A 28 -4.35 -7.21 16.64
CA ASP A 28 -5.67 -7.75 16.38
C ASP A 28 -6.43 -7.94 17.71
N SER A 29 -7.47 -8.76 17.69
CA SER A 29 -8.38 -8.94 18.82
C SER A 29 -7.66 -9.31 20.12
N SER A 30 -6.76 -10.29 20.05
CA SER A 30 -6.07 -10.78 21.24
C SER A 30 -4.76 -10.02 21.46
N GLN A 31 -4.79 -8.72 21.16
CA GLN A 31 -3.64 -7.81 21.33
C GLN A 31 -2.35 -8.43 20.75
N GLN A 32 -2.44 -8.95 19.52
CA GLN A 32 -1.27 -9.60 18.90
C GLN A 32 -0.66 -8.66 17.87
N THR A 33 0.66 -8.54 17.87
CA THR A 33 1.34 -7.76 16.86
C THR A 33 1.65 -8.64 15.65
N LEU A 34 0.90 -8.42 14.58
CA LEU A 34 0.99 -9.26 13.38
C LEU A 34 2.29 -9.02 12.62
N ALA A 35 2.94 -7.90 12.91
CA ALA A 35 4.13 -7.50 12.17
C ALA A 35 5.41 -7.91 12.89
N ALA A 36 5.24 -8.60 14.00
CA ALA A 36 6.37 -9.07 14.82
C ALA A 36 7.38 -9.88 14.00
N PRO A 37 6.94 -10.92 13.25
CA PRO A 37 7.85 -11.74 12.44
C PRO A 37 8.56 -10.94 11.34
N LEU A 38 7.98 -9.79 10.98
CA LEU A 38 8.55 -8.97 9.92
C LEU A 38 9.32 -7.78 10.51
N LEU A 39 9.21 -7.59 11.82
CA LEU A 39 9.80 -6.41 12.46
C LEU A 39 11.24 -6.68 12.91
N ASN A 40 11.56 -7.96 13.12
CA ASN A 40 12.91 -8.35 13.54
C ASN A 40 13.51 -9.34 12.54
N LEU A 41 14.56 -8.92 11.83
CA LEU A 41 15.32 -9.87 11.02
C LEU A 41 15.96 -10.92 11.92
N PRO A 42 15.73 -12.20 11.64
CA PRO A 42 16.27 -13.29 12.44
C PRO A 42 17.80 -13.31 12.44
N PRO A 43 18.41 -13.68 13.57
CA PRO A 43 19.87 -13.60 13.78
C PRO A 43 20.67 -14.33 12.70
N LYS A 44 21.73 -13.68 12.24
CA LYS A 44 22.46 -14.08 11.04
C LYS A 44 22.78 -15.57 11.03
N LYS A 45 23.64 -15.96 11.97
CA LYS A 45 24.31 -17.27 11.94
C LYS A 45 23.35 -18.45 11.93
N LYS A 46 22.05 -18.21 12.06
CA LYS A 46 21.08 -19.28 12.16
C LYS A 46 20.32 -19.45 10.82
N ASN A 47 20.63 -18.60 9.84
CA ASN A 47 19.88 -18.59 8.60
C ASN A 47 20.75 -18.13 7.43
N ALA A 48 21.37 -19.09 6.77
CA ALA A 48 22.20 -18.82 5.60
C ALA A 48 21.37 -18.85 4.32
N ASP A 49 20.57 -19.90 4.17
CA ASP A 49 19.75 -20.11 2.96
C ASP A 49 18.72 -19.00 2.80
N TYR A 50 18.19 -18.54 3.94
CA TYR A 50 17.21 -17.45 3.97
C TYR A 50 17.69 -16.26 3.14
N TYR A 51 18.87 -15.75 3.47
CA TYR A 51 19.39 -14.57 2.79
C TYR A 51 20.24 -14.94 1.59
N GLU A 52 20.40 -16.24 1.37
CA GLU A 52 21.13 -16.71 0.20
C GLU A 52 20.31 -16.35 -1.03
N LYS A 53 19.01 -16.58 -0.96
CA LYS A 53 18.13 -16.21 -2.04
C LYS A 53 17.66 -14.76 -1.91
N ILE A 54 17.23 -14.36 -0.70
CA ILE A 54 16.75 -13.00 -0.48
C ILE A 54 17.91 -12.06 -0.13
N SER A 55 18.34 -11.27 -1.10
CA SER A 55 19.44 -10.34 -0.91
C SER A 55 18.97 -9.02 -0.31
N ASP A 56 17.66 -8.83 -0.27
CA ASP A 56 17.06 -7.61 0.28
C ASP A 56 15.92 -8.00 1.22
N PRO A 57 16.23 -8.59 2.41
CA PRO A 57 15.20 -9.00 3.36
C PRO A 57 14.55 -7.80 4.05
N LEU A 58 15.33 -7.15 4.92
CA LEU A 58 14.87 -5.98 5.67
C LEU A 58 13.80 -6.36 6.69
N ASP A 59 13.63 -5.52 7.70
CA ASP A 59 12.54 -5.67 8.65
C ASP A 59 11.90 -4.32 8.93
N LEU A 60 10.69 -4.34 9.47
CA LEU A 60 9.96 -3.11 9.73
C LEU A 60 10.69 -2.20 10.70
N SER A 61 11.30 -2.76 11.73
CA SER A 61 11.99 -1.97 12.74
C SER A 61 13.12 -1.14 12.12
N THR A 62 13.81 -1.72 11.15
CA THR A 62 14.86 -1.00 10.44
C THR A 62 14.27 0.10 9.54
N ILE A 63 13.19 -0.24 8.84
CA ILE A 63 12.52 0.70 7.95
C ILE A 63 12.02 1.91 8.74
N GLU A 64 11.43 1.64 9.89
CA GLU A 64 11.03 2.69 10.85
C GLU A 64 12.19 3.66 11.11
N LYS A 65 13.34 3.11 11.47
CA LYS A 65 14.52 3.91 11.76
C LYS A 65 15.01 4.66 10.50
N GLN A 66 15.03 3.97 9.35
CA GLN A 66 15.50 4.59 8.12
C GLN A 66 14.55 5.67 7.64
N ILE A 67 13.33 5.65 8.14
CA ILE A 67 12.37 6.70 7.88
C ILE A 67 12.76 7.97 8.61
N LEU A 68 12.99 7.87 9.91
CA LEU A 68 13.28 9.02 10.73
C LEU A 68 14.64 9.64 10.38
N ILE A 69 15.53 8.86 9.79
CA ILE A 69 16.83 9.38 9.35
C ILE A 69 16.71 10.07 7.99
N GLY A 70 15.53 9.97 7.40
CA GLY A 70 15.26 10.64 6.13
C GLY A 70 15.94 9.98 4.94
N TYR A 71 15.99 8.65 4.93
CA TYR A 71 16.62 7.93 3.83
C TYR A 71 15.64 7.79 2.66
N TYR A 72 14.40 7.46 2.98
CA TYR A 72 13.39 7.22 1.96
C TYR A 72 12.93 8.52 1.31
N LYS A 73 12.85 9.58 2.12
CA LYS A 73 12.52 10.93 1.64
C LYS A 73 11.08 11.03 1.18
N THR A 74 10.77 10.45 0.04
CA THR A 74 9.42 10.46 -0.51
C THR A 74 8.76 9.10 -0.31
N VAL A 75 7.53 8.94 -0.76
CA VAL A 75 6.82 7.69 -0.53
C VAL A 75 7.32 6.59 -1.44
N GLU A 76 7.84 7.00 -2.60
CA GLU A 76 8.33 6.07 -3.63
C GLU A 76 9.05 4.86 -3.03
N ALA A 77 10.22 5.11 -2.45
CA ALA A 77 11.01 4.04 -1.86
C ALA A 77 10.33 3.48 -0.62
N PHE A 78 9.75 4.38 0.17
CA PHE A 78 9.06 3.99 1.40
C PHE A 78 8.01 2.90 1.14
N ASP A 79 7.12 3.18 0.19
CA ASP A 79 6.03 2.28 -0.13
C ASP A 79 6.56 0.94 -0.61
N ALA A 80 7.58 1.00 -1.46
CA ALA A 80 8.20 -0.21 -1.99
C ALA A 80 8.80 -1.06 -0.88
N ASP A 81 9.34 -0.41 0.15
CA ASP A 81 10.02 -1.10 1.26
C ASP A 81 9.05 -1.81 2.19
N MET A 82 7.96 -1.15 2.57
CA MET A 82 6.99 -1.78 3.45
C MET A 82 6.30 -2.94 2.75
N LEU A 83 5.93 -2.72 1.51
CA LEU A 83 5.30 -3.77 0.72
C LEU A 83 6.33 -4.83 0.36
N LYS A 84 7.61 -4.48 0.49
CA LYS A 84 8.72 -5.42 0.26
C LYS A 84 8.74 -6.51 1.31
N VAL A 85 8.71 -6.13 2.58
CA VAL A 85 8.71 -7.12 3.67
C VAL A 85 7.46 -7.98 3.61
N PHE A 86 6.32 -7.38 3.29
CA PHE A 86 5.11 -8.15 3.02
C PHE A 86 5.28 -9.05 1.79
N ARG A 87 6.16 -8.65 0.87
CA ARG A 87 6.33 -9.37 -0.41
C ARG A 87 7.25 -10.57 -0.26
N ASN A 88 8.43 -10.37 0.32
CA ASN A 88 9.35 -11.48 0.54
C ASN A 88 8.79 -12.39 1.63
N ALA A 89 7.81 -11.85 2.35
CA ALA A 89 7.01 -12.64 3.28
C ALA A 89 6.26 -13.73 2.54
N GLU A 90 5.29 -13.31 1.73
CA GLU A 90 4.50 -14.22 0.90
C GLU A 90 5.42 -15.12 0.07
N LYS A 91 6.52 -14.52 -0.38
CA LYS A 91 7.49 -15.24 -1.19
C LYS A 91 8.15 -16.36 -0.40
N TYR A 92 8.83 -16.03 0.69
CA TYR A 92 9.60 -17.02 1.41
C TYR A 92 8.83 -17.67 2.55
N TYR A 93 8.43 -16.90 3.57
CA TYR A 93 7.84 -17.51 4.78
C TYR A 93 6.60 -18.34 4.44
N GLY A 94 5.87 -17.94 3.39
CA GLY A 94 4.79 -18.77 2.90
C GLY A 94 3.43 -18.11 3.02
N ARG A 95 2.81 -17.80 1.88
CA ARG A 95 1.47 -17.23 1.86
C ARG A 95 0.45 -18.22 2.46
N LYS A 96 0.85 -19.49 2.55
CA LYS A 96 0.00 -20.54 3.07
C LYS A 96 0.43 -20.96 4.47
N SER A 97 1.26 -20.14 5.11
CA SER A 97 1.75 -20.44 6.44
C SER A 97 0.93 -19.68 7.47
N PRO A 98 1.07 -20.01 8.78
CA PRO A 98 0.32 -19.31 9.85
C PRO A 98 0.38 -17.79 9.72
N ILE A 99 1.55 -17.28 9.35
CA ILE A 99 1.76 -15.84 9.25
C ILE A 99 0.97 -15.22 8.11
N GLY A 100 0.55 -16.05 7.16
CA GLY A 100 -0.30 -15.58 6.07
C GLY A 100 -1.34 -14.56 6.50
N ARG A 101 -2.16 -14.93 7.50
CA ARG A 101 -3.21 -14.04 8.00
C ARG A 101 -2.64 -12.80 8.67
N ASP A 102 -1.47 -12.90 9.30
CA ASP A 102 -0.90 -11.75 10.01
C ASP A 102 -0.62 -10.60 9.07
N VAL A 103 0.25 -10.82 8.10
CA VAL A 103 0.74 -9.72 7.28
C VAL A 103 -0.27 -9.33 6.20
N CYS A 104 -1.22 -10.22 5.87
CA CYS A 104 -2.27 -9.86 4.92
C CYS A 104 -3.20 -8.84 5.54
N ARG A 105 -3.41 -8.94 6.86
CA ARG A 105 -4.16 -7.93 7.58
C ARG A 105 -3.38 -6.62 7.60
N LEU A 106 -2.08 -6.71 7.81
CA LEU A 106 -1.20 -5.54 7.78
C LEU A 106 -1.25 -4.89 6.41
N ARG A 107 -1.19 -5.72 5.37
CA ARG A 107 -1.27 -5.27 3.99
C ARG A 107 -2.47 -4.35 3.80
N LYS A 108 -3.63 -4.79 4.29
CA LYS A 108 -4.87 -4.03 4.10
C LYS A 108 -4.85 -2.77 4.95
N ALA A 109 -4.37 -2.91 6.16
CA ALA A 109 -4.41 -1.86 7.14
C ALA A 109 -3.41 -0.76 6.81
N TYR A 110 -2.41 -1.11 6.03
CA TYR A 110 -1.42 -0.16 5.56
C TYR A 110 -1.94 0.61 4.36
N TYR A 111 -2.68 -0.05 3.48
CA TYR A 111 -3.33 0.65 2.38
C TYR A 111 -4.42 1.56 2.94
N SER A 112 -5.01 1.13 4.04
CA SER A 112 -5.92 1.97 4.82
C SER A 112 -5.17 3.18 5.36
N ALA A 113 -4.03 2.93 5.98
CA ALA A 113 -3.14 3.97 6.50
C ALA A 113 -2.75 4.95 5.39
N ARG A 114 -2.42 4.41 4.23
CA ARG A 114 -2.08 5.19 3.05
C ARG A 114 -3.22 6.15 2.70
N HIS A 115 -4.45 5.66 2.77
CA HIS A 115 -5.62 6.48 2.46
C HIS A 115 -5.79 7.56 3.52
N GLU A 116 -5.49 7.22 4.77
CA GLU A 116 -5.58 8.18 5.86
C GLU A 116 -4.57 9.31 5.68
N ALA A 117 -3.34 8.95 5.35
CA ALA A 117 -2.26 9.92 5.25
C ALA A 117 -2.22 10.60 3.88
N SER A 118 -3.06 10.15 2.95
CA SER A 118 -3.11 10.73 1.62
C SER A 118 -3.38 12.23 1.68
N ALA A 119 -4.08 12.65 2.74
CA ALA A 119 -4.36 14.06 2.97
C ALA A 119 -3.09 14.91 2.94
N GLN A 120 -2.19 14.65 3.88
CA GLN A 120 -0.94 15.42 3.95
C GLN A 120 -0.10 15.27 2.70
N ILE A 121 -0.07 14.07 2.11
CA ILE A 121 0.73 13.85 0.92
C ILE A 121 0.20 14.72 -0.22
N ASP A 122 -1.11 14.80 -0.33
CA ASP A 122 -1.76 15.57 -1.40
C ASP A 122 -1.41 17.06 -1.33
N GLU A 123 -1.42 17.60 -0.12
CA GLU A 123 -1.08 19.03 0.08
C GLU A 123 0.38 19.29 -0.24
N ILE A 124 1.22 18.31 0.01
CA ILE A 124 2.67 18.47 -0.11
C ILE A 124 3.17 17.91 -1.44
N VAL A 125 3.20 16.59 -1.57
CA VAL A 125 3.69 15.93 -2.77
C VAL A 125 2.84 16.32 -3.98
N GLY A 126 1.54 16.43 -3.75
CA GLY A 126 0.63 16.76 -4.81
C GLY A 126 -0.13 15.55 -5.27
N GLU A 127 -0.14 15.32 -6.57
CA GLU A 127 -0.80 14.16 -7.12
C GLU A 127 0.15 13.42 -8.07
N THR A 128 1.43 13.70 -7.91
CA THR A 128 2.46 13.05 -8.70
C THR A 128 2.72 11.65 -8.15
N ALA A 129 2.23 11.41 -6.94
CA ALA A 129 2.40 10.13 -6.28
C ALA A 129 1.18 9.26 -6.53
N SER A 130 0.00 9.85 -6.33
CA SER A 130 -1.30 9.21 -6.55
C SER A 130 -1.47 7.93 -5.73
N GLU A 131 -2.58 7.23 -5.92
CA GLU A 131 -2.83 6.00 -5.18
C GLU A 131 -1.84 4.90 -5.54
N ALA A 132 -1.58 4.78 -6.83
CA ALA A 132 -0.61 3.81 -7.36
C ALA A 132 -1.08 2.39 -7.09
N ASP A 133 -2.38 2.19 -7.12
CA ASP A 133 -2.97 0.89 -6.80
C ASP A 133 -3.64 0.30 -8.04
N SER A 134 -3.23 0.78 -9.20
CA SER A 134 -3.78 0.30 -10.47
C SER A 134 -3.49 -1.18 -10.65
N SER A 135 -2.44 -1.64 -9.97
CA SER A 135 -1.99 -3.02 -10.06
C SER A 135 -0.88 -3.25 -9.05
N GLU A 136 -0.37 -4.48 -8.99
CA GLU A 136 0.72 -4.84 -8.08
C GLU A 136 0.33 -4.61 -6.60
N THR A 137 1.25 -4.93 -5.70
CA THR A 137 1.00 -4.74 -4.27
C THR A 137 2.30 -4.47 -3.54
N SER A 138 3.37 -4.30 -4.31
CA SER A 138 4.64 -3.87 -3.77
C SER A 138 5.18 -2.68 -4.56
N VAL A 139 5.51 -2.92 -5.82
CA VAL A 139 5.93 -1.85 -6.72
C VAL A 139 5.57 -2.25 -8.14
N SER A 140 5.65 -1.31 -9.09
CA SER A 140 5.36 -1.63 -10.48
C SER A 140 6.41 -2.63 -10.98
N GLU A 141 7.67 -2.31 -10.73
CA GLU A 141 8.78 -3.19 -11.03
C GLU A 141 8.67 -4.50 -10.26
N LYS A 142 8.05 -4.39 -9.08
CA LYS A 142 7.93 -5.50 -8.11
C LYS A 142 9.29 -5.86 -7.55
N GLU A 143 10.10 -6.47 -8.40
CA GLU A 143 11.45 -6.84 -8.04
C GLU A 143 12.45 -5.99 -8.83
N SER A 144 12.66 -6.35 -10.10
CA SER A 144 13.50 -5.56 -11.00
C SER A 144 14.86 -5.25 -10.37
N GLY A 145 15.65 -6.29 -10.15
CA GLY A 145 16.94 -6.11 -9.55
C GLY A 145 17.05 -6.83 -8.22
N HIS A 146 18.10 -7.60 -8.07
CA HIS A 146 18.31 -8.40 -6.88
C HIS A 146 19.01 -7.59 -5.80
N GLU A 147 20.08 -6.92 -6.20
CA GLU A 147 20.92 -6.18 -5.28
C GLU A 147 21.75 -5.13 -6.01
N LYS A 148 22.58 -4.44 -5.24
CA LYS A 148 23.64 -3.59 -5.79
C LYS A 148 23.07 -2.34 -6.46
N ASP A 149 22.55 -1.45 -5.64
CA ASP A 149 22.15 -0.13 -6.08
C ASP A 149 23.25 0.83 -5.65
N ASP A 150 22.97 2.11 -5.52
CA ASP A 150 23.94 3.04 -5.00
C ASP A 150 23.62 3.34 -3.55
N ASP A 151 24.58 3.92 -2.86
CA ASP A 151 24.47 4.27 -1.43
C ASP A 151 23.68 3.21 -0.65
N VAL A 152 24.01 1.94 -0.90
CA VAL A 152 23.22 0.85 -0.37
C VAL A 152 24.08 -0.14 0.40
N ILE A 153 23.43 -1.00 1.15
CA ILE A 153 24.10 -1.92 2.03
C ILE A 153 24.40 -3.25 1.35
N ARG A 154 25.54 -3.82 1.67
CA ARG A 154 25.88 -5.20 1.26
C ARG A 154 27.08 -5.71 2.04
N CYS A 155 26.84 -6.08 3.26
CA CYS A 155 27.84 -6.76 4.07
C CYS A 155 27.55 -8.24 4.06
N ILE A 156 28.49 -9.06 4.55
CA ILE A 156 28.25 -10.49 4.64
C ILE A 156 27.22 -10.77 5.74
N CYS A 157 26.85 -9.73 6.47
CA CYS A 157 25.80 -9.79 7.48
C CYS A 157 24.47 -10.23 6.88
N GLY A 158 24.06 -9.53 5.82
CA GLY A 158 22.77 -9.81 5.20
C GLY A 158 21.65 -8.94 5.74
N LEU A 159 21.95 -8.13 6.77
CA LEU A 159 20.93 -7.27 7.40
C LEU A 159 20.43 -6.23 6.41
N TYR A 160 21.35 -5.70 5.61
CA TYR A 160 21.05 -4.66 4.63
C TYR A 160 20.69 -3.35 5.35
N LYS A 161 21.23 -3.17 6.55
CA LYS A 161 20.96 -1.97 7.32
C LYS A 161 22.24 -1.23 7.69
N ASP A 162 22.15 0.08 7.72
CA ASP A 162 23.23 0.97 8.03
C ASP A 162 23.35 1.21 9.53
N GLU A 163 23.93 0.25 10.22
CA GLU A 163 24.28 0.43 11.62
C GLU A 163 25.72 0.08 11.87
N GLY A 164 26.30 0.73 12.86
CA GLY A 164 27.72 0.59 13.14
C GLY A 164 28.56 1.41 12.18
N LEU A 165 29.87 1.25 12.25
CA LEU A 165 30.77 1.93 11.32
C LEU A 165 30.91 1.10 10.06
N MET A 166 30.93 1.76 8.91
CA MET A 166 30.96 1.04 7.64
C MET A 166 31.56 1.91 6.54
N ILE A 167 32.30 1.29 5.63
CA ILE A 167 32.95 2.03 4.54
C ILE A 167 32.27 1.74 3.21
N GLN A 168 32.75 2.40 2.16
CA GLN A 168 32.13 2.34 0.84
C GLN A 168 33.01 1.58 -0.17
N CYS A 169 32.41 0.63 -0.89
CA CYS A 169 33.10 -0.03 -2.00
C CYS A 169 33.38 0.99 -3.08
N ASP A 170 34.65 1.12 -3.45
CA ASP A 170 35.10 2.10 -4.43
C ASP A 170 34.36 1.94 -5.76
N LYS A 171 33.83 0.74 -6.00
CA LYS A 171 33.15 0.45 -7.24
C LYS A 171 31.62 0.44 -7.07
N CYS A 172 31.13 -0.21 -6.02
CA CYS A 172 29.68 -0.32 -5.80
C CYS A 172 29.08 0.97 -5.27
N MET A 173 29.89 1.70 -4.50
CA MET A 173 29.40 2.83 -3.71
C MET A 173 28.46 2.33 -2.60
N VAL A 174 28.65 1.07 -2.23
CA VAL A 174 27.85 0.43 -1.19
C VAL A 174 28.52 0.58 0.16
N TRP A 175 27.85 0.09 1.20
CA TRP A 175 28.34 0.20 2.56
C TRP A 175 28.57 -1.17 3.18
N GLN A 176 29.77 -1.35 3.75
CA GLN A 176 30.12 -2.58 4.46
C GLN A 176 30.70 -2.25 5.83
N HIS A 177 30.25 -2.98 6.85
CA HIS A 177 30.63 -2.68 8.23
C HIS A 177 32.11 -2.95 8.46
N CYS A 178 32.78 -1.95 9.04
CA CYS A 178 34.23 -1.99 9.23
C CYS A 178 34.67 -3.09 10.19
N ASP A 179 33.95 -3.22 11.30
CA ASP A 179 34.28 -4.23 12.31
C ASP A 179 34.08 -5.64 11.76
N CYS A 180 33.27 -5.73 10.71
CA CYS A 180 33.02 -7.00 10.05
C CYS A 180 34.17 -7.40 9.16
N MET A 181 34.42 -6.60 8.14
CA MET A 181 35.43 -6.91 7.14
C MET A 181 36.85 -6.74 7.70
N GLY A 182 36.96 -6.24 8.93
CA GLY A 182 38.26 -6.02 9.53
C GLY A 182 38.94 -4.79 8.96
N VAL A 183 38.15 -3.76 8.68
CA VAL A 183 38.65 -2.56 8.05
C VAL A 183 39.24 -1.62 9.11
N ASN A 184 40.08 -0.71 8.69
CA ASN A 184 40.84 0.15 9.60
C ASN A 184 40.15 1.51 9.78
N THR A 185 38.98 1.64 9.17
CA THR A 185 38.19 2.88 9.20
C THR A 185 38.99 4.10 8.73
N ASP A 186 40.04 3.85 7.97
CA ASP A 186 40.89 4.90 7.43
C ASP A 186 41.51 4.43 6.12
N VAL A 187 40.77 3.62 5.39
CA VAL A 187 41.24 3.07 4.15
C VAL A 187 41.04 4.05 3.00
N GLU A 188 41.96 4.01 2.06
CA GLU A 188 41.93 4.90 0.90
C GLU A 188 41.07 4.29 -0.20
N HIS A 189 41.20 2.99 -0.41
CA HIS A 189 40.44 2.31 -1.44
C HIS A 189 40.11 0.88 -1.00
N TYR A 190 38.86 0.63 -0.67
CA TYR A 190 38.42 -0.68 -0.24
C TYR A 190 37.36 -1.23 -1.20
N LEU A 191 37.36 -2.53 -1.40
CA LEU A 191 36.45 -3.17 -2.33
C LEU A 191 35.81 -4.42 -1.74
N CYS A 192 34.78 -4.92 -2.40
CA CYS A 192 34.03 -6.10 -1.94
C CYS A 192 34.87 -7.36 -1.93
N GLU A 193 34.31 -8.39 -1.30
CA GLU A 193 34.87 -9.72 -1.25
C GLU A 193 34.43 -10.46 -2.50
N GLN A 194 34.32 -9.69 -3.57
CA GLN A 194 33.72 -10.12 -4.81
C GLN A 194 34.25 -9.27 -5.95
N CYS A 195 33.96 -7.96 -5.87
CA CYS A 195 34.53 -6.98 -6.80
C CYS A 195 36.04 -7.19 -6.96
N ASP A 196 36.73 -7.22 -5.85
CA ASP A 196 38.15 -7.50 -5.83
C ASP A 196 38.55 -8.07 -4.47
N PRO A 197 38.33 -9.38 -4.27
CA PRO A 197 38.63 -10.04 -3.01
C PRO A 197 40.13 -10.19 -2.80
N ARG A 198 40.58 -9.97 -1.58
CA ARG A 198 41.98 -10.11 -1.25
C ARG A 198 42.24 -11.47 -0.61
N PRO A 199 43.20 -12.25 -1.14
CA PRO A 199 43.59 -13.49 -0.51
C PRO A 199 44.56 -13.23 0.64
N VAL A 200 44.18 -13.60 1.84
CA VAL A 200 45.02 -13.38 3.00
C VAL A 200 46.00 -14.54 3.17
N ASP A 201 47.25 -14.28 2.86
CA ASP A 201 48.29 -15.31 2.89
C ASP A 201 48.68 -15.67 4.33
N ARG A 202 47.89 -16.54 4.94
CA ARG A 202 48.15 -17.01 6.27
C ARG A 202 48.26 -18.53 6.29
N GLU A 203 48.97 -19.06 7.31
CA GLU A 203 49.09 -20.51 7.54
C GLU A 203 49.36 -21.29 6.26
N VAL A 204 50.38 -20.88 5.51
CA VAL A 204 50.72 -21.54 4.26
C VAL A 204 51.84 -22.54 4.46
N PRO A 205 51.57 -23.83 4.20
CA PRO A 205 52.58 -24.90 4.29
C PRO A 205 53.65 -24.78 3.20
N ALA B 1 38.20 6.22 1.44
CA ALA B 1 36.89 5.54 1.47
C ALA B 1 36.00 6.11 2.55
N ARG B 2 34.82 6.58 2.17
CA ARG B 2 33.91 7.20 3.11
C ARG B 2 33.46 6.19 4.15
N THR B 3 33.42 6.62 5.40
CA THR B 3 33.04 5.75 6.51
C THR B 3 31.85 6.33 7.26
N GLN B 5 28.94 6.10 10.38
CA GLN B 5 28.92 5.71 11.78
C GLN B 5 27.50 5.68 12.31
N THR B 6 26.96 4.47 12.45
CA THR B 6 25.62 4.24 12.98
C THR B 6 24.57 5.10 12.28
N ALA B 7 24.43 4.86 10.98
CA ALA B 7 23.45 5.57 10.16
C ALA B 7 23.67 7.08 10.21
N ARG B 8 22.62 7.85 9.98
CA ARG B 8 22.69 9.30 10.10
C ARG B 8 22.44 9.71 11.56
N LYS B 9 22.47 8.74 12.45
CA LYS B 9 22.21 8.99 13.86
C LYS B 9 23.45 8.64 14.69
N SER B 10 24.57 9.25 14.35
CA SER B 10 25.82 9.00 15.04
C SER B 10 25.77 9.54 16.48
N THR B 11 24.81 10.42 16.73
CA THR B 11 24.60 10.96 18.07
C THR B 11 23.98 9.91 19.00
N GLY B 12 23.38 8.89 18.41
CA GLY B 12 22.76 7.83 19.18
C GLY B 12 21.27 7.76 18.97
N SER A 1 16.61 31.05 2.68
CA SER A 1 16.91 29.83 1.92
C SER A 1 15.99 28.68 2.34
N MET A 2 15.42 27.99 1.37
CA MET A 2 14.52 26.89 1.64
C MET A 2 14.44 25.97 0.44
N ASN A 3 14.51 24.67 0.68
CA ASN A 3 14.40 23.69 -0.39
C ASN A 3 13.14 22.85 -0.19
N ILE A 4 12.15 23.13 -1.03
CA ILE A 4 10.84 22.51 -0.91
C ILE A 4 10.88 20.99 -0.84
N GLU A 5 11.74 20.38 -1.65
CA GLU A 5 11.81 18.93 -1.72
C GLU A 5 12.22 18.34 -0.37
N VAL A 6 13.09 19.02 0.36
CA VAL A 6 13.57 18.51 1.63
C VAL A 6 12.57 18.85 2.74
N ALA A 7 11.84 19.95 2.56
CA ALA A 7 10.78 20.31 3.49
C ALA A 7 9.64 19.30 3.37
N ARG A 8 9.43 18.83 2.16
CA ARG A 8 8.46 17.78 1.89
C ARG A 8 8.99 16.45 2.42
N ALA A 9 10.28 16.19 2.20
CA ALA A 9 10.91 14.96 2.66
C ALA A 9 10.78 14.82 4.18
N ALA A 10 11.18 15.87 4.89
CA ALA A 10 11.11 15.87 6.34
C ALA A 10 9.67 15.72 6.83
N ARG A 11 8.74 16.35 6.10
CA ARG A 11 7.34 16.30 6.47
C ARG A 11 6.79 14.88 6.34
N LEU A 12 6.99 14.26 5.18
CA LEU A 12 6.54 12.90 4.97
C LEU A 12 7.27 11.95 5.91
N ALA A 13 8.54 12.22 6.20
CA ALA A 13 9.35 11.33 7.03
C ALA A 13 8.70 11.12 8.41
N GLN A 14 8.33 12.22 9.06
CA GLN A 14 7.69 12.12 10.37
C GLN A 14 6.29 11.53 10.24
N ILE A 15 5.68 11.77 9.11
CA ILE A 15 4.34 11.28 8.82
C ILE A 15 4.34 9.80 8.50
N PHE A 16 5.33 9.34 7.73
CA PHE A 16 5.48 7.92 7.48
C PHE A 16 5.65 7.19 8.80
N LYS A 17 6.32 7.86 9.73
CA LYS A 17 6.51 7.35 11.07
C LYS A 17 5.16 7.10 11.75
N GLU A 18 4.24 8.05 11.57
CA GLU A 18 2.87 7.89 12.07
C GLU A 18 2.25 6.61 11.51
N ILE A 19 2.31 6.49 10.19
CA ILE A 19 1.74 5.34 9.49
C ILE A 19 2.39 4.02 9.94
N CYS A 20 3.72 3.96 9.84
CA CYS A 20 4.44 2.73 10.15
C CYS A 20 4.33 2.39 11.64
N ASP A 21 4.20 3.41 12.48
CA ASP A 21 4.02 3.18 13.91
C ASP A 21 2.77 2.35 14.15
N GLY A 22 1.72 2.68 13.40
CA GLY A 22 0.46 1.96 13.52
C GLY A 22 0.48 0.61 12.83
N ILE A 23 1.46 0.40 11.94
CA ILE A 23 1.62 -0.89 11.28
C ILE A 23 2.54 -1.82 12.09
N ILE A 24 3.67 -1.27 12.54
CA ILE A 24 4.66 -2.03 13.30
C ILE A 24 4.03 -2.60 14.56
N SER A 25 3.45 -1.71 15.33
CA SER A 25 2.83 -2.10 16.57
C SER A 25 1.32 -2.24 16.37
N TYR A 26 0.93 -2.64 15.15
CA TYR A 26 -0.47 -2.93 14.87
C TYR A 26 -0.90 -4.10 15.71
N ARG A 27 -1.92 -3.88 16.53
CA ARG A 27 -2.36 -4.90 17.46
C ARG A 27 -3.86 -5.16 17.30
N ASP A 28 -4.21 -6.44 17.33
CA ASP A 28 -5.62 -6.84 17.33
C ASP A 28 -6.20 -6.64 18.74
N SER A 29 -7.48 -6.92 18.95
CA SER A 29 -8.06 -6.81 20.28
C SER A 29 -7.32 -7.73 21.25
N SER A 30 -6.75 -8.80 20.70
CA SER A 30 -5.96 -9.75 21.48
C SER A 30 -4.56 -9.20 21.79
N GLN A 31 -4.30 -7.99 21.30
CA GLN A 31 -3.01 -7.30 21.51
C GLN A 31 -1.87 -8.00 20.79
N GLN A 32 -2.22 -8.86 19.83
CA GLN A 32 -1.23 -9.54 19.01
C GLN A 32 -0.58 -8.58 18.03
N THR A 33 0.73 -8.71 17.90
CA THR A 33 1.47 -7.91 16.94
C THR A 33 1.80 -8.73 15.71
N LEU A 34 1.00 -8.54 14.67
CA LEU A 34 1.05 -9.37 13.48
C LEU A 34 2.36 -9.18 12.71
N ALA A 35 2.99 -8.04 12.92
CA ALA A 35 4.21 -7.70 12.18
C ALA A 35 5.45 -8.28 12.85
N ALA A 36 5.24 -9.04 13.92
CA ALA A 36 6.32 -9.67 14.69
C ALA A 36 7.39 -10.35 13.80
N PRO A 37 7.00 -11.16 12.79
CA PRO A 37 7.96 -11.87 11.94
C PRO A 37 8.62 -10.99 10.88
N LEU A 38 8.23 -9.72 10.81
CA LEU A 38 8.71 -8.83 9.75
C LEU A 38 9.66 -7.77 10.30
N LEU A 39 9.33 -7.25 11.47
CA LEU A 39 10.09 -6.14 12.05
C LEU A 39 11.35 -6.61 12.76
N ASN A 40 11.51 -7.91 12.84
CA ASN A 40 12.69 -8.49 13.47
C ASN A 40 13.35 -9.52 12.54
N LEU A 41 14.62 -9.29 12.21
CA LEU A 41 15.42 -10.27 11.49
C LEU A 41 15.59 -11.54 12.34
N PRO A 42 15.77 -12.68 11.67
CA PRO A 42 16.03 -13.97 12.31
C PRO A 42 17.53 -14.19 12.50
N PRO A 43 17.92 -15.03 13.47
CA PRO A 43 19.33 -15.34 13.71
C PRO A 43 20.08 -15.72 12.43
N LYS A 44 21.21 -15.03 12.24
CA LYS A 44 22.06 -15.12 11.02
C LYS A 44 22.16 -16.55 10.51
N LYS A 45 22.78 -17.38 11.33
CA LYS A 45 23.46 -18.56 10.86
C LYS A 45 22.52 -19.57 10.20
N LYS A 46 21.51 -20.01 10.94
CA LYS A 46 20.67 -21.13 10.53
C LYS A 46 19.58 -20.71 9.54
N ASN A 47 19.87 -19.69 8.75
CA ASN A 47 18.95 -19.22 7.73
C ASN A 47 19.73 -18.83 6.49
N ALA A 48 20.61 -19.74 6.06
CA ALA A 48 21.48 -19.49 4.92
C ALA A 48 20.69 -19.50 3.63
N ASP A 49 19.81 -20.50 3.47
CA ASP A 49 18.95 -20.60 2.30
C ASP A 49 18.02 -19.40 2.22
N TYR A 50 17.57 -18.95 3.38
CA TYR A 50 16.72 -17.77 3.51
C TYR A 50 17.36 -16.58 2.79
N TYR A 51 18.62 -16.29 3.11
CA TYR A 51 19.30 -15.12 2.55
C TYR A 51 20.00 -15.47 1.24
N GLU A 52 19.92 -16.73 0.86
CA GLU A 52 20.51 -17.18 -0.39
C GLU A 52 19.67 -16.64 -1.55
N LYS A 53 18.38 -16.89 -1.50
CA LYS A 53 17.48 -16.36 -2.51
C LYS A 53 17.09 -14.92 -2.19
N ILE A 54 16.67 -14.67 -0.95
CA ILE A 54 16.33 -13.32 -0.52
C ILE A 54 17.60 -12.61 -0.04
N SER A 55 18.31 -11.97 -0.97
CA SER A 55 19.58 -11.32 -0.65
C SER A 55 19.35 -9.87 -0.23
N ASP A 56 18.16 -9.60 0.29
CA ASP A 56 17.78 -8.28 0.79
C ASP A 56 16.49 -8.43 1.60
N PRO A 57 16.53 -9.22 2.69
CA PRO A 57 15.33 -9.56 3.46
C PRO A 57 14.72 -8.35 4.15
N LEU A 58 15.60 -7.53 4.74
CA LEU A 58 15.19 -6.31 5.41
C LEU A 58 14.51 -6.58 6.74
N ASP A 59 14.28 -5.51 7.49
CA ASP A 59 13.73 -5.58 8.83
C ASP A 59 12.84 -4.38 9.06
N LEU A 60 11.57 -4.63 9.31
CA LEU A 60 10.55 -3.57 9.38
C LEU A 60 10.87 -2.56 10.50
N SER A 61 11.44 -3.03 11.60
CA SER A 61 11.80 -2.14 12.69
C SER A 61 12.98 -1.25 12.27
N THR A 62 13.85 -1.80 11.43
CA THR A 62 14.95 -1.03 10.87
C THR A 62 14.41 0.03 9.91
N ILE A 63 13.40 -0.34 9.13
CA ILE A 63 12.77 0.57 8.17
C ILE A 63 12.19 1.79 8.90
N GLU A 64 11.63 1.54 10.08
CA GLU A 64 11.14 2.60 10.97
C GLU A 64 12.24 3.60 11.30
N LYS A 65 13.33 3.09 11.84
CA LYS A 65 14.50 3.93 12.12
C LYS A 65 15.01 4.61 10.85
N GLN A 66 14.97 3.90 9.73
CA GLN A 66 15.40 4.46 8.44
C GLN A 66 14.38 5.47 7.91
N ILE A 67 13.20 5.45 8.50
CA ILE A 67 12.15 6.38 8.16
C ILE A 67 12.41 7.75 8.80
N LEU A 68 12.84 7.75 10.05
CA LEU A 68 13.14 8.99 10.76
C LEU A 68 14.42 9.64 10.28
N ILE A 69 15.29 8.87 9.64
CA ILE A 69 16.54 9.42 9.12
C ILE A 69 16.32 10.07 7.75
N GLY A 70 15.10 9.92 7.23
CA GLY A 70 14.72 10.61 6.01
C GLY A 70 15.49 10.14 4.78
N TYR A 71 15.94 8.89 4.79
CA TYR A 71 16.69 8.34 3.68
C TYR A 71 15.79 8.12 2.46
N TYR A 72 14.51 7.92 2.73
CA TYR A 72 13.56 7.61 1.67
C TYR A 72 13.10 8.84 0.91
N LYS A 73 13.20 10.00 1.57
CA LYS A 73 12.76 11.27 1.00
C LYS A 73 11.24 11.35 0.87
N THR A 74 10.66 10.54 -0.01
CA THR A 74 9.23 10.63 -0.25
C THR A 74 8.55 9.25 -0.21
N VAL A 75 7.31 9.20 -0.67
CA VAL A 75 6.46 8.02 -0.54
C VAL A 75 6.90 6.84 -1.39
N GLU A 76 7.28 7.13 -2.63
CA GLU A 76 7.60 6.07 -3.60
C GLU A 76 8.56 5.03 -3.01
N ALA A 77 9.67 5.48 -2.43
CA ALA A 77 10.64 4.59 -1.81
C ALA A 77 10.05 3.87 -0.59
N PHE A 78 9.45 4.65 0.31
CA PHE A 78 8.78 4.11 1.51
C PHE A 78 7.81 2.98 1.15
N ASP A 79 6.97 3.21 0.16
CA ASP A 79 6.00 2.23 -0.28
C ASP A 79 6.67 0.95 -0.77
N ALA A 80 7.84 1.11 -1.38
CA ALA A 80 8.58 -0.02 -1.91
C ALA A 80 9.08 -0.97 -0.81
N ASP A 81 9.50 -0.40 0.32
CA ASP A 81 10.08 -1.22 1.38
C ASP A 81 9.01 -1.95 2.21
N MET A 82 7.93 -1.25 2.55
CA MET A 82 6.82 -1.87 3.26
C MET A 82 6.28 -3.07 2.49
N LEU A 83 5.99 -2.86 1.21
CA LEU A 83 5.48 -3.93 0.36
C LEU A 83 6.48 -5.07 0.26
N LYS A 84 7.75 -4.70 0.24
CA LYS A 84 8.83 -5.67 0.07
C LYS A 84 8.86 -6.69 1.20
N VAL A 85 8.85 -6.22 2.44
CA VAL A 85 8.88 -7.14 3.58
C VAL A 85 7.65 -8.04 3.61
N PHE A 86 6.48 -7.48 3.30
CA PHE A 86 5.25 -8.26 3.22
C PHE A 86 5.33 -9.32 2.11
N ARG A 87 5.81 -8.94 0.93
CA ARG A 87 5.83 -9.85 -0.20
C ARG A 87 6.89 -10.94 0.00
N ASN A 88 8.02 -10.60 0.60
CA ASN A 88 9.04 -11.60 0.92
C ASN A 88 8.50 -12.58 1.94
N ALA A 89 7.68 -12.06 2.86
CA ALA A 89 7.03 -12.88 3.87
C ALA A 89 6.19 -13.99 3.23
N GLU A 90 5.20 -13.59 2.45
CA GLU A 90 4.29 -14.56 1.84
C GLU A 90 5.00 -15.37 0.75
N LYS A 91 6.14 -14.88 0.29
CA LYS A 91 6.86 -15.53 -0.78
C LYS A 91 7.63 -16.73 -0.25
N TYR A 92 8.39 -16.55 0.82
CA TYR A 92 9.21 -17.62 1.35
C TYR A 92 8.44 -18.46 2.36
N TYR A 93 7.80 -17.81 3.34
CA TYR A 93 6.97 -18.53 4.31
C TYR A 93 5.85 -19.28 3.60
N GLY A 94 5.07 -18.55 2.81
CA GLY A 94 3.98 -19.16 2.07
C GLY A 94 2.77 -18.27 2.02
N ARG A 95 1.89 -18.52 1.06
CA ARG A 95 0.68 -17.72 0.90
C ARG A 95 -0.28 -17.98 2.05
N LYS A 96 -0.46 -19.26 2.37
CA LYS A 96 -1.32 -19.66 3.47
C LYS A 96 -0.47 -20.15 4.64
N SER A 97 0.56 -19.37 4.95
CA SER A 97 1.51 -19.73 5.99
C SER A 97 0.99 -19.30 7.35
N PRO A 98 1.65 -19.71 8.45
CA PRO A 98 1.26 -19.30 9.81
C PRO A 98 1.18 -17.77 9.93
N ILE A 99 2.03 -17.05 9.20
CA ILE A 99 2.06 -15.60 9.27
C ILE A 99 1.16 -14.96 8.23
N GLY A 100 0.60 -15.79 7.34
CA GLY A 100 -0.22 -15.32 6.23
C GLY A 100 -1.22 -14.22 6.58
N ARG A 101 -2.21 -14.53 7.41
CA ARG A 101 -3.27 -13.57 7.73
C ARG A 101 -2.75 -12.39 8.53
N ASP A 102 -1.63 -12.61 9.21
CA ASP A 102 -1.03 -11.57 10.03
C ASP A 102 -0.54 -10.42 9.17
N VAL A 103 0.36 -10.70 8.25
CA VAL A 103 1.01 -9.65 7.48
C VAL A 103 0.09 -9.10 6.39
N CYS A 104 -0.90 -9.88 5.97
CA CYS A 104 -1.84 -9.41 4.96
C CYS A 104 -2.81 -8.41 5.58
N ARG A 105 -3.12 -8.60 6.86
CA ARG A 105 -3.95 -7.65 7.57
C ARG A 105 -3.22 -6.33 7.72
N LEU A 106 -1.94 -6.41 8.07
CA LEU A 106 -1.07 -5.23 8.15
C LEU A 106 -1.05 -4.53 6.82
N ARG A 107 -0.92 -5.32 5.76
CA ARG A 107 -0.88 -4.80 4.40
C ARG A 107 -2.17 -4.05 4.05
N LYS A 108 -3.29 -4.58 4.51
CA LYS A 108 -4.59 -3.95 4.23
C LYS A 108 -4.68 -2.65 5.00
N ALA A 109 -4.21 -2.71 6.24
CA ALA A 109 -4.27 -1.58 7.13
C ALA A 109 -3.23 -0.53 6.73
N TYR A 110 -2.23 -0.99 5.99
CA TYR A 110 -1.23 -0.09 5.43
C TYR A 110 -1.84 0.75 4.32
N TYR A 111 -2.56 0.10 3.41
CA TYR A 111 -3.23 0.81 2.33
C TYR A 111 -4.34 1.69 2.90
N SER A 112 -4.95 1.22 3.98
CA SER A 112 -5.96 2.00 4.67
C SER A 112 -5.34 3.29 5.20
N ALA A 113 -4.27 3.15 5.99
CA ALA A 113 -3.53 4.30 6.51
C ALA A 113 -2.92 5.13 5.37
N ARG A 114 -2.51 4.46 4.30
CA ARG A 114 -2.00 5.12 3.10
C ARG A 114 -3.05 6.09 2.57
N HIS A 115 -4.29 5.61 2.46
CA HIS A 115 -5.40 6.45 2.00
C HIS A 115 -5.72 7.52 3.04
N GLU A 116 -5.53 7.20 4.31
CA GLU A 116 -5.75 8.17 5.39
C GLU A 116 -4.74 9.31 5.31
N ALA A 117 -3.47 8.94 5.16
CA ALA A 117 -2.40 9.93 5.12
C ALA A 117 -2.30 10.59 3.74
N SER A 118 -3.06 10.08 2.78
CA SER A 118 -3.09 10.65 1.43
C SER A 118 -3.46 12.13 1.47
N ALA A 119 -4.14 12.55 2.53
CA ALA A 119 -4.51 13.94 2.72
C ALA A 119 -3.28 14.84 2.76
N GLN A 120 -2.43 14.66 3.77
CA GLN A 120 -1.24 15.48 3.91
C GLN A 120 -0.31 15.33 2.70
N ILE A 121 -0.15 14.11 2.20
CA ILE A 121 0.72 13.87 1.05
C ILE A 121 0.28 14.72 -0.13
N ASP A 122 -1.04 14.82 -0.30
CA ASP A 122 -1.62 15.59 -1.39
C ASP A 122 -1.20 17.06 -1.30
N GLU A 123 -1.23 17.63 -0.10
CA GLU A 123 -0.91 19.04 0.07
C GLU A 123 0.59 19.28 -0.02
N ILE A 124 1.37 18.27 0.33
CA ILE A 124 2.82 18.41 0.42
C ILE A 124 3.49 17.96 -0.88
N VAL A 125 3.33 16.69 -1.23
CA VAL A 125 3.94 16.18 -2.46
C VAL A 125 3.24 16.75 -3.68
N GLY A 126 1.93 16.98 -3.54
CA GLY A 126 1.15 17.58 -4.60
C GLY A 126 0.76 16.57 -5.65
N GLU A 127 0.94 15.29 -5.31
CA GLU A 127 0.72 14.20 -6.24
C GLU A 127 1.45 14.47 -7.56
N THR A 128 2.67 14.97 -7.43
CA THR A 128 3.50 15.29 -8.60
C THR A 128 4.20 14.02 -9.09
N ALA A 129 4.18 13.00 -8.25
CA ALA A 129 4.82 11.73 -8.59
C ALA A 129 3.80 10.77 -9.17
N SER A 130 2.92 10.28 -8.31
CA SER A 130 1.81 9.43 -8.73
C SER A 130 0.68 9.56 -7.72
N GLU A 131 -0.46 8.94 -7.98
CA GLU A 131 -1.59 9.03 -7.06
C GLU A 131 -1.25 8.45 -5.69
N ALA A 132 -0.48 7.37 -5.71
CA ALA A 132 0.09 6.77 -4.51
C ALA A 132 -0.98 6.15 -3.63
N ASP A 133 -2.12 5.92 -4.23
CA ASP A 133 -3.25 5.29 -3.57
C ASP A 133 -4.10 4.58 -4.61
N SER A 134 -3.52 3.59 -5.24
CA SER A 134 -4.20 2.84 -6.28
C SER A 134 -4.87 1.60 -5.71
N SER A 135 -4.70 1.40 -4.40
CA SER A 135 -5.27 0.26 -3.69
C SER A 135 -4.66 -1.05 -4.20
N GLU A 136 -5.30 -2.17 -3.85
CA GLU A 136 -4.86 -3.49 -4.28
C GLU A 136 -3.48 -3.86 -3.74
N THR A 137 -3.01 -5.04 -4.09
CA THR A 137 -1.74 -5.53 -3.61
C THR A 137 -0.99 -6.26 -4.72
N SER A 138 -1.66 -6.48 -5.83
CA SER A 138 -1.06 -7.21 -6.94
C SER A 138 -1.71 -6.83 -8.25
N VAL A 139 -3.04 -6.87 -8.27
CA VAL A 139 -3.80 -6.70 -9.49
C VAL A 139 -4.18 -5.23 -9.67
N SER A 140 -4.88 -4.92 -10.74
CA SER A 140 -5.28 -3.54 -11.01
C SER A 140 -6.75 -3.46 -11.38
N GLU A 141 -7.16 -4.27 -12.36
CA GLU A 141 -8.55 -4.35 -12.77
C GLU A 141 -9.39 -5.01 -11.69
N LYS A 142 -8.87 -6.13 -11.17
CA LYS A 142 -9.48 -6.89 -10.07
C LYS A 142 -11.01 -6.87 -10.05
N GLU A 143 -11.57 -6.60 -8.88
CA GLU A 143 -13.00 -6.63 -8.63
C GLU A 143 -13.52 -8.05 -8.64
N SER A 144 -14.80 -8.18 -8.40
CA SER A 144 -15.46 -9.46 -8.32
C SER A 144 -16.96 -9.26 -8.50
N GLY A 145 -17.33 -8.77 -9.68
CA GLY A 145 -18.71 -8.48 -9.96
C GLY A 145 -19.51 -9.71 -10.30
N HIS A 146 -20.55 -9.52 -11.08
CA HIS A 146 -21.46 -10.59 -11.41
C HIS A 146 -21.34 -11.00 -12.88
N GLU A 147 -21.43 -10.03 -13.76
CA GLU A 147 -21.43 -10.31 -15.19
C GLU A 147 -20.46 -9.40 -15.93
N LYS A 148 -20.38 -9.60 -17.23
CA LYS A 148 -19.53 -8.81 -18.09
C LYS A 148 -20.23 -7.50 -18.40
N ASP A 149 -19.62 -6.39 -18.02
CA ASP A 149 -20.30 -5.11 -18.08
C ASP A 149 -19.63 -4.19 -19.08
N ASP A 150 -18.77 -4.76 -19.88
CA ASP A 150 -18.14 -4.06 -20.99
C ASP A 150 -18.07 -4.99 -22.19
N ASP A 151 -17.66 -4.45 -23.34
CA ASP A 151 -17.63 -5.21 -24.60
C ASP A 151 -18.91 -6.05 -24.73
N VAL A 152 -20.05 -5.39 -24.52
CA VAL A 152 -21.31 -6.09 -24.41
C VAL A 152 -22.20 -5.84 -25.61
N ILE A 153 -22.82 -6.92 -26.09
CA ILE A 153 -23.82 -6.82 -27.12
C ILE A 153 -25.03 -6.11 -26.58
N ARG A 154 -25.54 -5.13 -27.29
CA ARG A 154 -26.74 -4.46 -26.85
C ARG A 154 -27.52 -3.91 -28.04
N CYS A 155 -28.26 -4.78 -28.69
CA CYS A 155 -29.16 -4.35 -29.73
C CYS A 155 -30.59 -4.46 -29.22
N ILE A 156 -31.53 -3.88 -29.95
CA ILE A 156 -32.94 -4.01 -29.61
C ILE A 156 -33.43 -5.42 -29.94
N CYS A 157 -32.53 -6.21 -30.52
CA CYS A 157 -32.75 -7.63 -30.75
C CYS A 157 -32.91 -8.38 -29.44
N GLY A 158 -31.95 -8.20 -28.54
CA GLY A 158 -31.98 -8.87 -27.26
C GLY A 158 -31.25 -10.20 -27.26
N LEU A 159 -30.81 -10.66 -28.43
CA LEU A 159 -30.14 -11.96 -28.54
C LEU A 159 -28.76 -11.96 -27.89
N TYR A 160 -28.13 -10.78 -27.82
CA TYR A 160 -26.81 -10.62 -27.21
C TYR A 160 -25.76 -11.45 -27.97
N LYS A 161 -25.75 -11.34 -29.29
CA LYS A 161 -24.77 -12.07 -30.10
C LYS A 161 -24.19 -11.19 -31.18
N ASP A 162 -22.91 -11.40 -31.40
CA ASP A 162 -22.15 -10.72 -32.41
C ASP A 162 -22.32 -11.38 -33.76
N GLU A 163 -23.51 -11.20 -34.32
CA GLU A 163 -23.80 -11.72 -35.63
C GLU A 163 -24.22 -10.60 -36.58
N GLY A 164 -23.97 -10.79 -37.86
CA GLY A 164 -24.24 -9.75 -38.84
C GLY A 164 -23.24 -8.62 -38.77
N LEU A 165 -23.57 -7.49 -39.38
CA LEU A 165 -22.73 -6.31 -39.28
C LEU A 165 -23.10 -5.52 -38.06
N MET A 166 -22.10 -5.05 -37.31
CA MET A 166 -22.36 -4.30 -36.08
C MET A 166 -21.24 -3.33 -35.78
N ILE A 167 -21.59 -2.23 -35.13
CA ILE A 167 -20.61 -1.21 -34.74
C ILE A 167 -20.55 -1.08 -33.22
N GLN A 168 -19.60 -0.30 -32.73
CA GLN A 168 -19.40 -0.16 -31.29
C GLN A 168 -19.76 1.24 -30.82
N CYS A 169 -20.50 1.33 -29.72
CA CYS A 169 -20.85 2.60 -29.10
C CYS A 169 -19.62 3.21 -28.44
N ASP A 170 -19.32 4.45 -28.80
CA ASP A 170 -18.12 5.14 -28.35
C ASP A 170 -18.06 5.27 -26.84
N LYS A 171 -19.22 5.35 -26.18
CA LYS A 171 -19.23 5.63 -24.75
C LYS A 171 -19.31 4.37 -23.88
N CYS A 172 -20.26 3.48 -24.13
CA CYS A 172 -20.42 2.31 -23.27
C CYS A 172 -19.76 1.08 -23.88
N MET A 173 -19.24 1.24 -25.10
CA MET A 173 -18.52 0.17 -25.80
C MET A 173 -19.39 -1.05 -26.05
N VAL A 174 -20.68 -0.82 -26.30
CA VAL A 174 -21.57 -1.91 -26.66
C VAL A 174 -21.54 -2.16 -28.16
N TRP A 175 -22.18 -3.24 -28.58
CA TRP A 175 -22.22 -3.61 -29.97
C TRP A 175 -23.65 -3.61 -30.47
N GLN A 176 -23.91 -2.86 -31.52
CA GLN A 176 -25.24 -2.80 -32.10
C GLN A 176 -25.19 -3.16 -33.57
N HIS A 177 -26.12 -4.00 -33.99
CA HIS A 177 -26.17 -4.45 -35.38
C HIS A 177 -26.49 -3.26 -36.29
N CYS A 178 -25.69 -3.14 -37.34
CA CYS A 178 -25.72 -1.98 -38.23
C CYS A 178 -27.01 -1.92 -39.04
N ASP A 179 -27.42 -3.06 -39.58
CA ASP A 179 -28.64 -3.13 -40.38
C ASP A 179 -29.89 -3.05 -39.50
N CYS A 180 -29.67 -3.11 -38.19
CA CYS A 180 -30.76 -2.98 -37.22
C CYS A 180 -31.03 -1.52 -36.90
N MET A 181 -30.02 -0.86 -36.36
CA MET A 181 -30.17 0.50 -35.87
C MET A 181 -30.26 1.51 -37.01
N GLY A 182 -29.86 1.10 -38.21
CA GLY A 182 -29.88 2.00 -39.34
C GLY A 182 -28.56 2.71 -39.51
N VAL A 183 -27.48 1.95 -39.36
CA VAL A 183 -26.14 2.50 -39.49
C VAL A 183 -25.64 2.23 -40.90
N ASN A 184 -24.50 2.80 -41.28
CA ASN A 184 -23.99 2.63 -42.64
C ASN A 184 -22.55 2.12 -42.62
N THR A 185 -22.14 1.60 -41.47
CA THR A 185 -20.76 1.11 -41.22
C THR A 185 -19.67 2.12 -41.63
N ASP A 186 -20.04 3.40 -41.76
CA ASP A 186 -19.09 4.43 -42.15
C ASP A 186 -19.10 5.56 -41.13
N VAL A 187 -19.56 5.22 -39.93
CA VAL A 187 -19.67 6.18 -38.85
C VAL A 187 -18.34 6.31 -38.10
N GLU A 188 -17.85 7.54 -37.98
CA GLU A 188 -16.67 7.80 -37.18
C GLU A 188 -17.06 7.87 -35.72
N HIS A 189 -18.27 8.33 -35.46
CA HIS A 189 -18.76 8.49 -34.10
C HIS A 189 -20.22 8.05 -34.01
N TYR A 190 -20.45 6.90 -33.39
CA TYR A 190 -21.80 6.41 -33.20
C TYR A 190 -22.04 6.09 -31.74
N LEU A 191 -23.26 6.38 -31.28
CA LEU A 191 -23.66 6.10 -29.93
C LEU A 191 -24.97 5.33 -29.93
N CYS A 192 -25.17 4.51 -28.89
CA CYS A 192 -26.31 3.63 -28.81
C CYS A 192 -27.54 4.40 -28.33
N GLU A 193 -28.69 3.75 -28.42
CA GLU A 193 -29.99 4.39 -28.19
C GLU A 193 -30.20 4.72 -26.72
N GLN A 194 -29.24 4.33 -25.90
CA GLN A 194 -29.27 4.65 -24.48
C GLN A 194 -28.44 5.90 -24.21
N CYS A 195 -27.14 5.76 -24.39
CA CYS A 195 -26.17 6.86 -24.17
C CYS A 195 -26.67 8.17 -24.77
N ASP A 196 -26.94 8.15 -26.05
CA ASP A 196 -27.40 9.32 -26.76
C ASP A 196 -28.34 8.89 -27.89
N PRO A 197 -29.63 8.74 -27.59
CA PRO A 197 -30.63 8.33 -28.56
C PRO A 197 -30.91 9.41 -29.58
N ARG A 198 -31.14 9.01 -30.82
CA ARG A 198 -31.48 9.95 -31.87
C ARG A 198 -32.95 9.80 -32.26
N PRO A 199 -33.76 10.84 -32.03
CA PRO A 199 -35.18 10.82 -32.38
C PRO A 199 -35.38 10.82 -33.90
N VAL A 200 -36.01 9.77 -34.39
CA VAL A 200 -36.26 9.63 -35.81
C VAL A 200 -37.70 10.00 -36.12
N ASP A 201 -37.87 11.09 -36.85
CA ASP A 201 -39.19 11.61 -37.15
C ASP A 201 -39.86 10.79 -38.25
N ARG A 202 -40.50 9.70 -37.86
CA ARG A 202 -41.23 8.88 -38.80
C ARG A 202 -42.73 8.95 -38.53
N GLU A 203 -43.36 10.02 -38.98
CA GLU A 203 -44.80 10.22 -38.85
C GLU A 203 -45.30 9.98 -37.44
N VAL A 204 -44.98 10.90 -36.54
CA VAL A 204 -45.37 10.80 -35.14
C VAL A 204 -46.42 11.85 -34.80
N PRO A 205 -47.68 11.43 -34.66
CA PRO A 205 -48.78 12.33 -34.30
C PRO A 205 -48.74 12.75 -32.83
N ALA B 1 -15.56 4.58 -35.51
CA ALA B 1 -16.30 3.57 -34.73
C ALA B 1 -15.92 2.17 -35.18
N ARG B 2 -15.64 1.30 -34.22
CA ARG B 2 -15.22 -0.07 -34.52
C ARG B 2 -16.34 -0.84 -35.21
N THR B 3 -16.07 -1.27 -36.43
CA THR B 3 -17.02 -2.05 -37.19
C THR B 3 -16.57 -3.50 -37.26
N GLN B 5 -17.80 -7.59 -38.82
CA GLN B 5 -18.70 -8.50 -39.52
C GLN B 5 -18.71 -9.83 -38.79
N THR B 6 -19.83 -10.14 -38.17
CA THR B 6 -20.00 -11.34 -37.35
C THR B 6 -18.85 -11.51 -36.36
N ALA B 7 -18.48 -12.74 -36.06
CA ALA B 7 -17.37 -13.00 -35.16
C ALA B 7 -16.49 -14.11 -35.70
N ARG B 8 -17.09 -15.24 -36.01
CA ARG B 8 -16.38 -16.36 -36.57
C ARG B 8 -17.05 -16.85 -37.83
N LYS B 9 -16.32 -16.82 -38.94
CA LYS B 9 -16.84 -17.25 -40.22
C LYS B 9 -16.65 -18.75 -40.39
N SER B 10 -15.51 -19.25 -39.95
CA SER B 10 -15.21 -20.66 -40.04
C SER B 10 -14.78 -21.19 -38.67
N THR B 11 -15.30 -22.35 -38.30
CA THR B 11 -15.00 -22.92 -36.99
C THR B 11 -13.69 -23.71 -37.05
N GLY B 12 -13.07 -23.74 -38.22
CA GLY B 12 -11.82 -24.42 -38.40
C GLY B 12 -11.23 -24.15 -39.75
N SER A 1 14.38 31.80 3.08
CA SER A 1 15.43 30.78 3.03
C SER A 1 14.86 29.43 3.44
N MET A 2 14.27 28.72 2.49
CA MET A 2 13.64 27.44 2.77
C MET A 2 13.54 26.64 1.48
N ASN A 3 13.85 25.35 1.55
CA ASN A 3 13.78 24.49 0.38
C ASN A 3 12.63 23.50 0.52
N ILE A 4 11.55 23.76 -0.21
CA ILE A 4 10.33 22.97 -0.10
C ILE A 4 10.58 21.48 -0.38
N GLU A 5 11.54 21.18 -1.24
CA GLU A 5 11.86 19.81 -1.57
C GLU A 5 12.35 19.04 -0.32
N VAL A 6 13.20 19.68 0.48
CA VAL A 6 13.72 19.02 1.68
C VAL A 6 12.65 19.06 2.78
N ALA A 7 11.84 20.11 2.75
CA ALA A 7 10.74 20.25 3.68
C ALA A 7 9.73 19.14 3.47
N ARG A 8 9.44 18.85 2.20
CA ARG A 8 8.56 17.75 1.83
C ARG A 8 9.14 16.41 2.25
N ALA A 9 10.42 16.20 1.95
CA ALA A 9 11.10 14.95 2.27
C ALA A 9 11.07 14.71 3.77
N ALA A 10 11.41 15.73 4.54
CA ALA A 10 11.37 15.65 5.98
C ALA A 10 9.94 15.51 6.47
N ARG A 11 9.04 16.24 5.83
CA ARG A 11 7.62 16.23 6.21
C ARG A 11 7.09 14.80 6.21
N LEU A 12 7.21 14.14 5.07
CA LEU A 12 6.77 12.77 4.93
C LEU A 12 7.52 11.87 5.90
N ALA A 13 8.76 12.23 6.24
CA ALA A 13 9.57 11.44 7.16
C ALA A 13 8.87 11.19 8.50
N GLN A 14 8.51 12.27 9.21
CA GLN A 14 7.84 12.15 10.51
C GLN A 14 6.47 11.55 10.33
N ILE A 15 5.91 11.76 9.16
CA ILE A 15 4.60 11.26 8.85
C ILE A 15 4.62 9.77 8.52
N PHE A 16 5.65 9.34 7.79
CA PHE A 16 5.84 7.92 7.54
C PHE A 16 6.01 7.21 8.88
N LYS A 17 6.66 7.90 9.80
CA LYS A 17 6.85 7.42 11.16
C LYS A 17 5.50 7.16 11.82
N GLU A 18 4.57 8.08 11.62
CA GLU A 18 3.21 7.94 12.13
C GLU A 18 2.56 6.69 11.52
N ILE A 19 2.66 6.59 10.20
CA ILE A 19 2.06 5.48 9.46
C ILE A 19 2.67 4.14 9.86
N CYS A 20 3.99 4.03 9.76
CA CYS A 20 4.68 2.77 10.01
C CYS A 20 4.51 2.33 11.46
N ASP A 21 4.47 3.30 12.38
CA ASP A 21 4.28 2.98 13.79
C ASP A 21 2.94 2.28 13.98
N GLY A 22 1.93 2.77 13.29
CA GLY A 22 0.63 2.13 13.31
C GLY A 22 0.69 0.73 12.75
N ILE A 23 1.40 0.57 11.64
CA ILE A 23 1.56 -0.74 10.98
C ILE A 23 2.21 -1.74 11.93
N ILE A 24 3.29 -1.32 12.57
CA ILE A 24 3.98 -2.15 13.54
C ILE A 24 3.07 -2.52 14.70
N SER A 25 2.40 -1.52 15.24
CA SER A 25 1.64 -1.72 16.46
C SER A 25 0.12 -1.58 16.28
N TYR A 26 -0.42 -2.08 15.17
CA TYR A 26 -1.86 -2.35 15.16
C TYR A 26 -2.06 -3.85 15.26
N ARG A 27 -3.26 -4.26 15.60
CA ARG A 27 -3.48 -5.60 16.10
C ARG A 27 -4.74 -6.24 15.55
N ASP A 28 -4.79 -7.55 15.63
CA ASP A 28 -5.97 -8.32 15.27
C ASP A 28 -6.91 -8.38 16.47
N SER A 29 -8.06 -9.02 16.34
CA SER A 29 -9.03 -9.07 17.43
C SER A 29 -8.48 -9.86 18.62
N SER A 30 -7.53 -10.73 18.34
CA SER A 30 -6.93 -11.57 19.37
C SER A 30 -5.80 -10.83 20.10
N GLN A 31 -5.61 -9.55 19.76
CA GLN A 31 -4.62 -8.70 20.43
C GLN A 31 -3.22 -9.14 20.08
N GLN A 32 -3.07 -9.60 18.85
CA GLN A 32 -1.82 -10.05 18.34
C GLN A 32 -1.28 -9.04 17.34
N THR A 33 -0.04 -8.62 17.51
CA THR A 33 0.63 -7.79 16.53
C THR A 33 1.17 -8.66 15.41
N LEU A 34 0.72 -8.37 14.20
CA LEU A 34 0.92 -9.27 13.07
C LEU A 34 2.21 -8.96 12.33
N ALA A 35 2.82 -7.82 12.65
CA ALA A 35 4.03 -7.39 11.96
C ALA A 35 5.26 -7.93 12.68
N ALA A 36 5.02 -8.65 13.75
CA ALA A 36 6.08 -9.25 14.57
C ALA A 36 7.07 -10.09 13.74
N PRO A 37 6.59 -11.04 12.90
CA PRO A 37 7.49 -11.87 12.09
C PRO A 37 8.32 -11.08 11.07
N LEU A 38 7.99 -9.80 10.91
CA LEU A 38 8.64 -8.98 9.89
C LEU A 38 9.44 -7.82 10.50
N LEU A 39 9.14 -7.46 11.74
CA LEU A 39 9.71 -6.25 12.33
C LEU A 39 11.08 -6.50 12.94
N ASN A 40 11.40 -7.76 13.18
CA ASN A 40 12.69 -8.11 13.77
C ASN A 40 13.42 -9.14 12.93
N LEU A 41 14.57 -8.73 12.39
CA LEU A 41 15.46 -9.62 11.68
C LEU A 41 15.86 -10.80 12.58
N PRO A 42 15.43 -12.01 12.22
CA PRO A 42 15.64 -13.20 13.05
C PRO A 42 17.06 -13.76 12.92
N PRO A 43 17.72 -13.97 14.08
CA PRO A 43 19.11 -14.49 14.14
C PRO A 43 19.34 -15.76 13.30
N LYS A 44 20.51 -15.78 12.67
CA LYS A 44 20.88 -16.83 11.72
C LYS A 44 20.91 -18.22 12.36
N LYS A 45 21.43 -18.31 13.57
CA LYS A 45 21.60 -19.60 14.25
C LYS A 45 20.26 -20.29 14.48
N LYS A 46 19.25 -19.52 14.83
CA LYS A 46 17.95 -20.09 15.17
C LYS A 46 17.02 -20.10 13.97
N ASN A 47 17.45 -19.44 12.89
CA ASN A 47 16.63 -19.31 11.70
C ASN A 47 17.51 -19.24 10.46
N ALA A 48 17.90 -20.39 9.97
CA ALA A 48 18.73 -20.44 8.78
C ALA A 48 17.86 -20.33 7.53
N ASP A 49 16.94 -21.28 7.38
CA ASP A 49 16.11 -21.44 6.18
C ASP A 49 15.54 -20.13 5.64
N TYR A 50 14.93 -19.33 6.51
CA TYR A 50 14.27 -18.07 6.14
C TYR A 50 15.09 -17.27 5.14
N TYR A 51 16.18 -16.68 5.59
CA TYR A 51 16.97 -15.82 4.72
C TYR A 51 18.17 -16.56 4.14
N GLU A 52 18.22 -17.86 4.40
CA GLU A 52 19.17 -18.73 3.70
C GLU A 52 18.85 -18.67 2.21
N LYS A 53 17.58 -18.87 1.89
CA LYS A 53 17.15 -18.75 0.50
C LYS A 53 16.85 -17.30 0.15
N ILE A 54 16.16 -16.57 1.03
CA ILE A 54 15.88 -15.16 0.81
C ILE A 54 17.12 -14.32 1.15
N SER A 55 17.90 -14.01 0.14
CA SER A 55 19.16 -13.29 0.32
C SER A 55 18.94 -11.79 0.50
N ASP A 56 17.67 -11.36 0.48
CA ASP A 56 17.34 -9.95 0.63
C ASP A 56 16.17 -9.77 1.61
N PRO A 57 16.36 -10.05 2.91
CA PRO A 57 15.32 -9.83 3.91
C PRO A 57 15.19 -8.36 4.28
N LEU A 58 14.33 -8.06 5.24
CA LEU A 58 14.12 -6.69 5.69
C LEU A 58 13.54 -6.68 7.09
N ASP A 59 13.76 -5.57 7.78
CA ASP A 59 13.37 -5.43 9.17
C ASP A 59 12.55 -4.16 9.34
N LEU A 60 11.27 -4.32 9.68
CA LEU A 60 10.33 -3.20 9.79
C LEU A 60 10.78 -2.18 10.83
N SER A 61 11.32 -2.64 11.94
CA SER A 61 11.77 -1.75 12.99
C SER A 61 12.96 -0.92 12.51
N THR A 62 13.79 -1.51 11.66
CA THR A 62 14.88 -0.78 11.02
C THR A 62 14.32 0.21 10.01
N ILE A 63 13.29 -0.22 9.28
CA ILE A 63 12.59 0.63 8.32
C ILE A 63 12.06 1.90 9.00
N GLU A 64 11.51 1.71 10.19
CA GLU A 64 11.04 2.81 11.04
C GLU A 64 12.17 3.81 11.32
N LYS A 65 13.26 3.32 11.88
CA LYS A 65 14.44 4.14 12.11
C LYS A 65 14.95 4.79 10.82
N GLN A 66 14.89 4.06 9.70
CA GLN A 66 15.32 4.59 8.41
C GLN A 66 14.34 5.66 7.92
N ILE A 67 13.14 5.62 8.51
CA ILE A 67 12.10 6.59 8.21
C ILE A 67 12.43 7.94 8.85
N LEU A 68 12.93 7.91 10.09
CA LEU A 68 13.30 9.11 10.80
C LEU A 68 14.48 9.82 10.17
N ILE A 69 15.40 9.05 9.60
CA ILE A 69 16.61 9.61 9.00
C ILE A 69 16.31 10.29 7.66
N GLY A 70 15.06 10.16 7.22
CA GLY A 70 14.61 10.82 6.00
C GLY A 70 15.34 10.35 4.75
N TYR A 71 15.74 9.09 4.75
CA TYR A 71 16.48 8.51 3.63
C TYR A 71 15.54 8.27 2.45
N TYR A 72 14.27 8.07 2.74
CA TYR A 72 13.30 7.72 1.72
C TYR A 72 12.92 8.90 0.85
N LYS A 73 12.83 10.08 1.49
CA LYS A 73 12.50 11.34 0.80
C LYS A 73 11.04 11.38 0.34
N THR A 74 10.65 10.43 -0.50
CA THR A 74 9.30 10.39 -1.05
C THR A 74 8.63 9.05 -0.74
N VAL A 75 7.37 8.91 -1.13
CA VAL A 75 6.59 7.73 -0.78
C VAL A 75 6.88 6.57 -1.71
N GLU A 76 7.30 6.89 -2.93
CA GLU A 76 7.67 5.87 -3.91
C GLU A 76 8.56 4.80 -3.30
N ALA A 77 9.70 5.24 -2.75
CA ALA A 77 10.64 4.32 -2.12
C ALA A 77 10.03 3.67 -0.89
N PHE A 78 9.34 4.48 -0.09
CA PHE A 78 8.67 4.00 1.12
C PHE A 78 7.71 2.84 0.83
N ASP A 79 6.77 3.07 -0.08
CA ASP A 79 5.76 2.06 -0.42
C ASP A 79 6.41 0.79 -0.93
N ALA A 80 7.52 0.95 -1.63
CA ALA A 80 8.26 -0.17 -2.19
C ALA A 80 8.83 -1.07 -1.09
N ASP A 81 9.37 -0.47 -0.03
CA ASP A 81 10.11 -1.25 0.96
C ASP A 81 9.18 -1.99 1.93
N MET A 82 8.05 -1.37 2.27
CA MET A 82 7.08 -2.03 3.14
C MET A 82 6.49 -3.24 2.45
N LEU A 83 6.13 -3.09 1.18
CA LEU A 83 5.62 -4.21 0.40
C LEU A 83 6.65 -5.33 0.33
N LYS A 84 7.91 -4.94 0.26
CA LYS A 84 9.02 -5.90 0.23
C LYS A 84 8.96 -6.87 1.41
N VAL A 85 8.76 -6.34 2.62
CA VAL A 85 8.75 -7.19 3.82
C VAL A 85 7.59 -8.18 3.71
N PHE A 86 6.41 -7.68 3.38
CA PHE A 86 5.23 -8.51 3.23
C PHE A 86 5.43 -9.53 2.12
N ARG A 87 6.02 -9.09 1.01
CA ARG A 87 6.24 -9.94 -0.16
C ARG A 87 7.04 -11.18 0.19
N ASN A 88 8.18 -11.01 0.85
CA ASN A 88 9.04 -12.14 1.18
C ASN A 88 8.36 -13.07 2.18
N ALA A 89 7.54 -12.49 3.05
CA ALA A 89 6.79 -13.27 4.02
C ALA A 89 5.85 -14.26 3.33
N GLU A 90 4.97 -13.75 2.49
CA GLU A 90 4.02 -14.59 1.76
C GLU A 90 4.69 -15.34 0.62
N LYS A 91 5.91 -14.94 0.27
CA LYS A 91 6.68 -15.64 -0.75
C LYS A 91 7.20 -16.96 -0.19
N TYR A 92 7.66 -16.93 1.05
CA TYR A 92 8.20 -18.13 1.68
C TYR A 92 7.09 -18.90 2.38
N TYR A 93 6.49 -18.28 3.38
CA TYR A 93 5.41 -18.89 4.14
C TYR A 93 4.21 -19.20 3.23
N GLY A 94 3.67 -18.16 2.60
CA GLY A 94 2.54 -18.33 1.71
C GLY A 94 1.44 -17.34 2.03
N ARG A 95 0.45 -17.24 1.15
CA ARG A 95 -0.64 -16.30 1.37
C ARG A 95 -1.69 -16.92 2.30
N LYS A 96 -1.71 -18.24 2.38
CA LYS A 96 -2.64 -18.95 3.26
C LYS A 96 -1.88 -19.64 4.39
N SER A 97 -0.80 -19.01 4.82
CA SER A 97 0.09 -19.61 5.79
C SER A 97 -0.21 -19.08 7.20
N PRO A 98 0.41 -19.65 8.25
CA PRO A 98 0.25 -19.18 9.63
C PRO A 98 0.41 -17.66 9.73
N ILE A 99 1.50 -17.12 9.17
CA ILE A 99 1.72 -15.68 9.23
C ILE A 99 1.07 -14.99 8.04
N GLY A 100 0.75 -15.77 7.01
CA GLY A 100 0.07 -15.26 5.82
C GLY A 100 -1.08 -14.32 6.13
N ARG A 101 -2.11 -14.82 6.82
CA ARG A 101 -3.27 -14.01 7.19
C ARG A 101 -2.85 -12.77 7.99
N ASP A 102 -1.77 -12.87 8.75
CA ASP A 102 -1.33 -11.76 9.56
C ASP A 102 -0.78 -10.64 8.69
N VAL A 103 0.24 -10.95 7.90
CA VAL A 103 0.92 -9.93 7.13
C VAL A 103 0.04 -9.45 5.96
N CYS A 104 -0.91 -10.28 5.53
CA CYS A 104 -1.81 -9.88 4.46
C CYS A 104 -2.80 -8.85 4.96
N ARG A 105 -3.18 -8.97 6.24
CA ARG A 105 -4.04 -7.97 6.86
C ARG A 105 -3.28 -6.65 7.03
N LEU A 106 -2.00 -6.75 7.42
CA LEU A 106 -1.15 -5.56 7.52
C LEU A 106 -1.10 -4.88 6.16
N ARG A 107 -0.90 -5.69 5.14
CA ARG A 107 -0.87 -5.23 3.76
C ARG A 107 -2.13 -4.41 3.45
N LYS A 108 -3.29 -4.91 3.90
CA LYS A 108 -4.55 -4.21 3.72
C LYS A 108 -4.61 -2.94 4.57
N ALA A 109 -4.28 -3.05 5.86
CA ALA A 109 -4.41 -1.93 6.77
C ALA A 109 -3.33 -0.88 6.49
N TYR A 110 -2.33 -1.25 5.74
CA TYR A 110 -1.28 -0.34 5.32
C TYR A 110 -1.74 0.55 4.17
N TYR A 111 -2.35 -0.02 3.14
CA TYR A 111 -2.86 0.80 2.03
C TYR A 111 -3.89 1.78 2.54
N SER A 112 -4.67 1.36 3.53
CA SER A 112 -5.63 2.26 4.10
C SER A 112 -4.95 3.26 5.01
N ALA A 113 -3.91 2.81 5.72
CA ALA A 113 -3.10 3.69 6.54
C ALA A 113 -2.56 4.84 5.70
N ARG A 114 -2.06 4.51 4.51
CA ARG A 114 -1.59 5.52 3.58
C ARG A 114 -2.74 6.39 3.07
N HIS A 115 -3.89 5.78 2.78
CA HIS A 115 -5.01 6.58 2.28
C HIS A 115 -5.70 7.36 3.39
N GLU A 116 -5.36 7.07 4.64
CA GLU A 116 -5.72 7.95 5.76
C GLU A 116 -4.82 9.19 5.75
N ALA A 117 -3.52 8.96 5.62
CA ALA A 117 -2.53 10.04 5.63
C ALA A 117 -2.45 10.74 4.27
N SER A 118 -3.24 10.29 3.33
CA SER A 118 -3.29 10.88 1.99
C SER A 118 -3.50 12.39 2.06
N ALA A 119 -4.19 12.84 3.10
CA ALA A 119 -4.46 14.25 3.31
C ALA A 119 -3.19 15.08 3.30
N GLN A 120 -2.27 14.81 4.22
CA GLN A 120 -1.03 15.58 4.28
C GLN A 120 -0.20 15.39 3.01
N ILE A 121 -0.07 14.16 2.52
CA ILE A 121 0.75 13.91 1.33
C ILE A 121 0.25 14.78 0.17
N ASP A 122 -1.06 14.92 0.10
CA ASP A 122 -1.70 15.78 -0.90
C ASP A 122 -1.24 17.22 -0.79
N GLU A 123 -1.19 17.73 0.43
CA GLU A 123 -0.85 19.13 0.65
C GLU A 123 0.65 19.37 0.45
N ILE A 124 1.43 18.32 0.68
CA ILE A 124 2.88 18.43 0.61
C ILE A 124 3.43 18.00 -0.74
N VAL A 125 3.20 16.75 -1.11
CA VAL A 125 3.72 16.22 -2.37
C VAL A 125 2.89 16.73 -3.55
N GLY A 126 1.60 16.89 -3.32
CA GLY A 126 0.70 17.26 -4.39
C GLY A 126 0.10 16.04 -5.03
N GLU A 127 0.37 14.88 -4.42
CA GLU A 127 -0.04 13.59 -4.94
C GLU A 127 0.46 13.40 -6.37
N THR A 128 1.67 13.90 -6.65
CA THR A 128 2.28 13.73 -7.96
C THR A 128 2.72 12.29 -8.12
N ALA A 129 2.84 11.60 -7.00
CA ALA A 129 3.19 10.19 -6.99
C ALA A 129 1.94 9.33 -6.95
N SER A 130 0.80 9.96 -7.26
CA SER A 130 -0.53 9.34 -7.21
C SER A 130 -0.80 8.72 -5.83
N GLU A 131 -1.94 8.04 -5.70
CA GLU A 131 -2.31 7.42 -4.44
C GLU A 131 -1.77 6.00 -4.36
N ALA A 132 -2.17 5.15 -5.30
CA ALA A 132 -1.74 3.75 -5.30
C ALA A 132 -2.16 3.04 -4.01
N ASP A 133 -3.39 3.30 -3.59
CA ASP A 133 -3.93 2.67 -2.38
C ASP A 133 -5.02 1.68 -2.76
N SER A 134 -5.30 1.64 -4.04
CA SER A 134 -6.34 0.78 -4.57
C SER A 134 -5.71 -0.42 -5.24
N SER A 135 -4.42 -0.59 -5.00
CA SER A 135 -3.68 -1.69 -5.62
C SER A 135 -3.08 -2.60 -4.55
N GLU A 136 -2.31 -3.59 -5.02
CA GLU A 136 -1.71 -4.56 -4.14
C GLU A 136 -0.83 -5.54 -4.92
N THR A 137 -0.22 -6.51 -4.24
CA THR A 137 0.76 -7.39 -4.86
C THR A 137 0.68 -8.80 -4.28
N SER A 138 -0.17 -8.96 -3.27
CA SER A 138 -0.21 -10.21 -2.51
C SER A 138 -1.14 -11.22 -3.15
N VAL A 139 -2.35 -10.79 -3.47
CA VAL A 139 -3.39 -11.70 -3.92
C VAL A 139 -3.70 -11.52 -5.40
N SER A 140 -3.69 -10.26 -5.84
CA SER A 140 -3.99 -9.88 -7.23
C SER A 140 -5.50 -9.88 -7.44
N GLU A 141 -6.11 -11.00 -7.10
CA GLU A 141 -7.54 -11.12 -7.00
C GLU A 141 -8.08 -10.17 -5.95
N LYS A 142 -7.27 -9.96 -4.90
CA LYS A 142 -7.56 -9.02 -3.80
C LYS A 142 -8.70 -9.52 -2.93
N GLU A 143 -9.90 -9.45 -3.48
CA GLU A 143 -11.11 -9.76 -2.73
C GLU A 143 -11.36 -11.26 -2.62
N SER A 144 -11.59 -11.91 -3.75
CA SER A 144 -11.95 -13.32 -3.78
C SER A 144 -13.24 -13.55 -3.00
N GLY A 145 -14.32 -13.01 -3.55
CA GLY A 145 -15.62 -13.09 -2.90
C GLY A 145 -15.93 -11.88 -2.06
N HIS A 146 -16.93 -11.12 -2.47
CA HIS A 146 -17.36 -9.95 -1.72
C HIS A 146 -18.85 -10.04 -1.45
N GLU A 147 -19.63 -10.04 -2.53
CA GLU A 147 -21.09 -10.08 -2.49
C GLU A 147 -21.67 -9.18 -1.38
N LYS A 148 -22.03 -9.77 -0.22
CA LYS A 148 -22.70 -9.05 0.86
C LYS A 148 -24.09 -8.59 0.43
N ASP A 149 -24.91 -8.25 1.42
CA ASP A 149 -26.25 -7.78 1.16
C ASP A 149 -26.53 -6.55 2.01
N ASP A 150 -25.46 -5.87 2.37
CA ASP A 150 -25.53 -4.68 3.20
C ASP A 150 -25.74 -3.44 2.33
N ASP A 151 -24.70 -3.08 1.60
CA ASP A 151 -24.72 -1.93 0.70
C ASP A 151 -23.63 -2.15 -0.35
N VAL A 152 -23.93 -3.04 -1.29
CA VAL A 152 -22.95 -3.52 -2.24
C VAL A 152 -22.30 -2.41 -3.07
N ILE A 153 -21.06 -2.12 -2.72
CA ILE A 153 -20.25 -1.16 -3.44
C ILE A 153 -19.55 -1.85 -4.60
N ARG A 154 -19.53 -1.22 -5.75
CA ARG A 154 -18.81 -1.77 -6.88
C ARG A 154 -18.34 -0.65 -7.81
N CYS A 155 -17.26 0.01 -7.45
CA CYS A 155 -16.67 1.00 -8.32
C CYS A 155 -15.29 0.54 -8.74
N ILE A 156 -14.77 1.16 -9.81
CA ILE A 156 -13.43 0.86 -10.30
C ILE A 156 -12.37 1.31 -9.28
N CYS A 157 -12.83 1.92 -8.20
CA CYS A 157 -11.98 2.32 -7.09
C CYS A 157 -11.42 1.10 -6.36
N GLY A 158 -12.30 0.17 -6.04
CA GLY A 158 -11.88 -1.03 -5.33
C GLY A 158 -11.96 -0.89 -3.82
N LEU A 159 -12.30 0.30 -3.34
CA LEU A 159 -12.36 0.56 -1.89
C LEU A 159 -13.48 -0.25 -1.25
N TYR A 160 -14.57 -0.43 -2.01
CA TYR A 160 -15.79 -1.05 -1.49
C TYR A 160 -16.33 -0.24 -0.32
N LYS A 161 -16.12 1.07 -0.35
CA LYS A 161 -16.60 1.92 0.73
C LYS A 161 -17.59 2.97 0.19
N ASP A 162 -18.66 3.13 0.94
CA ASP A 162 -19.70 4.11 0.65
C ASP A 162 -19.31 5.49 1.16
N GLU A 163 -18.48 6.16 0.37
CA GLU A 163 -18.16 7.55 0.61
C GLU A 163 -18.26 8.35 -0.69
N GLY A 164 -18.59 9.63 -0.57
CA GLY A 164 -18.70 10.49 -1.73
C GLY A 164 -20.08 10.42 -2.36
N LEU A 165 -20.16 10.78 -3.63
CA LEU A 165 -21.42 10.69 -4.38
C LEU A 165 -21.39 9.46 -5.27
N MET A 166 -22.49 8.72 -5.31
CA MET A 166 -22.57 7.51 -6.10
C MET A 166 -24.02 7.19 -6.47
N ILE A 167 -24.21 6.57 -7.62
CA ILE A 167 -25.56 6.23 -8.07
C ILE A 167 -25.75 4.71 -8.04
N GLN A 168 -26.98 4.26 -8.30
CA GLN A 168 -27.34 2.85 -8.17
C GLN A 168 -27.62 2.20 -9.52
N CYS A 169 -27.00 1.03 -9.75
CA CYS A 169 -27.26 0.22 -10.93
C CYS A 169 -28.64 -0.41 -10.84
N ASP A 170 -29.44 -0.18 -11.87
CA ASP A 170 -30.84 -0.59 -11.88
C ASP A 170 -31.02 -2.08 -11.68
N LYS A 171 -30.07 -2.86 -12.17
CA LYS A 171 -30.25 -4.32 -12.16
C LYS A 171 -29.53 -4.98 -10.98
N CYS A 172 -28.20 -4.85 -10.90
CA CYS A 172 -27.46 -5.54 -9.84
C CYS A 172 -27.50 -4.75 -8.53
N MET A 173 -28.04 -3.52 -8.60
CA MET A 173 -28.26 -2.68 -7.42
C MET A 173 -26.96 -2.29 -6.71
N VAL A 174 -25.86 -2.22 -7.46
CA VAL A 174 -24.60 -1.79 -6.86
C VAL A 174 -24.48 -0.28 -6.85
N TRP A 175 -23.41 0.19 -6.22
CA TRP A 175 -23.16 1.60 -6.06
C TRP A 175 -21.85 2.00 -6.72
N GLN A 176 -21.93 2.95 -7.63
CA GLN A 176 -20.75 3.45 -8.31
C GLN A 176 -20.64 4.95 -8.15
N HIS A 177 -19.47 5.42 -7.71
CA HIS A 177 -19.28 6.84 -7.40
C HIS A 177 -19.42 7.69 -8.65
N CYS A 178 -20.11 8.81 -8.48
CA CYS A 178 -20.46 9.70 -9.58
C CYS A 178 -19.23 10.37 -10.19
N ASP A 179 -18.25 10.67 -9.37
CA ASP A 179 -17.05 11.39 -9.83
C ASP A 179 -16.16 10.49 -10.67
N CYS A 180 -16.19 9.19 -10.38
CA CYS A 180 -15.35 8.23 -11.09
C CYS A 180 -15.96 7.85 -12.43
N MET A 181 -17.28 7.68 -12.46
CA MET A 181 -17.95 7.25 -13.69
C MET A 181 -18.29 8.46 -14.58
N GLY A 182 -18.28 9.64 -13.98
CA GLY A 182 -18.63 10.84 -14.71
C GLY A 182 -20.12 10.99 -14.85
N VAL A 183 -20.83 10.83 -13.74
CA VAL A 183 -22.28 10.85 -13.74
C VAL A 183 -22.78 12.27 -13.43
N ASN A 184 -24.08 12.48 -13.58
CA ASN A 184 -24.68 13.80 -13.37
C ASN A 184 -25.63 13.77 -12.19
N THR A 185 -25.66 12.63 -11.52
CA THR A 185 -26.58 12.33 -10.41
C THR A 185 -28.03 12.65 -10.77
N ASP A 186 -28.37 12.53 -12.05
CA ASP A 186 -29.73 12.82 -12.52
C ASP A 186 -30.26 11.68 -13.38
N VAL A 187 -29.44 10.64 -13.54
CA VAL A 187 -29.80 9.49 -14.35
C VAL A 187 -31.08 8.83 -13.88
N GLU A 188 -32.04 8.72 -14.79
CA GLU A 188 -33.28 8.01 -14.51
C GLU A 188 -33.07 6.51 -14.68
N HIS A 189 -32.08 6.15 -15.49
CA HIS A 189 -31.68 4.76 -15.65
C HIS A 189 -30.17 4.68 -15.85
N TYR A 190 -29.50 4.00 -14.93
CA TYR A 190 -28.05 3.85 -14.97
C TYR A 190 -27.65 2.40 -14.75
N LEU A 191 -26.56 1.98 -15.39
CA LEU A 191 -26.04 0.63 -15.23
C LEU A 191 -24.50 0.63 -15.22
N CYS A 192 -23.93 -0.49 -14.77
CA CYS A 192 -22.47 -0.63 -14.64
C CYS A 192 -21.76 -0.61 -15.97
N GLU A 193 -20.44 -0.46 -15.89
CA GLU A 193 -19.54 -0.54 -17.03
C GLU A 193 -19.29 -2.01 -17.41
N GLN A 194 -20.24 -2.85 -17.07
CA GLN A 194 -20.14 -4.29 -17.27
C GLN A 194 -21.51 -4.86 -17.54
N CYS A 195 -22.40 -4.68 -16.56
CA CYS A 195 -23.81 -5.05 -16.70
C CYS A 195 -24.34 -4.67 -18.07
N ASP A 196 -24.29 -3.39 -18.38
CA ASP A 196 -24.72 -2.88 -19.67
C ASP A 196 -23.97 -1.60 -20.01
N PRO A 197 -22.72 -1.73 -20.48
CA PRO A 197 -21.88 -0.58 -20.81
C PRO A 197 -22.38 0.15 -22.04
N ARG A 198 -22.03 1.42 -22.13
CA ARG A 198 -22.36 2.22 -23.31
C ARG A 198 -21.55 1.75 -24.51
N PRO A 199 -22.21 1.24 -25.56
CA PRO A 199 -21.53 0.76 -26.76
C PRO A 199 -20.83 1.90 -27.50
N VAL A 200 -19.52 1.78 -27.60
CA VAL A 200 -18.72 2.71 -28.39
C VAL A 200 -17.87 1.94 -29.38
N ASP A 201 -18.25 2.00 -30.65
CA ASP A 201 -17.54 1.26 -31.68
C ASP A 201 -16.57 2.17 -32.42
N ARG A 202 -15.30 1.81 -32.37
CA ARG A 202 -14.25 2.56 -33.02
C ARG A 202 -13.98 1.99 -34.40
N GLU A 203 -13.31 2.77 -35.25
CA GLU A 203 -12.90 2.29 -36.57
C GLU A 203 -11.73 1.34 -36.43
N VAL A 204 -11.96 0.25 -35.72
CA VAL A 204 -10.94 -0.76 -35.47
C VAL A 204 -10.98 -1.81 -36.55
N PRO A 205 -9.89 -1.96 -37.32
CA PRO A 205 -9.79 -2.96 -38.40
C PRO A 205 -10.09 -4.37 -37.91
N ALA B 1 -32.51 6.46 -11.05
CA ALA B 1 -31.42 5.86 -10.25
C ALA B 1 -31.13 6.72 -9.04
N ARG B 2 -31.28 6.13 -7.85
CA ARG B 2 -31.05 6.83 -6.60
C ARG B 2 -29.57 7.17 -6.45
N THR B 3 -29.29 8.30 -5.84
CA THR B 3 -27.93 8.73 -5.61
C THR B 3 -27.61 8.78 -4.13
N GLN B 5 -25.11 10.12 -1.52
CA GLN B 5 -24.12 11.20 -1.52
C GLN B 5 -23.87 11.76 -0.13
N THR B 6 -22.69 11.46 0.40
CA THR B 6 -22.23 12.04 1.66
C THR B 6 -20.84 11.53 2.01
N ALA B 7 -20.08 12.35 2.74
CA ALA B 7 -18.78 11.96 3.23
C ALA B 7 -18.54 12.57 4.60
N ARG B 8 -18.64 13.90 4.68
CA ARG B 8 -18.48 14.63 5.94
C ARG B 8 -17.17 14.25 6.61
N LYS B 9 -16.07 14.56 5.94
CA LYS B 9 -14.75 14.23 6.45
C LYS B 9 -13.73 15.27 6.03
N SER B 10 -12.74 15.50 6.88
CA SER B 10 -11.71 16.49 6.61
C SER B 10 -10.54 16.34 7.58
N THR B 11 -9.34 16.20 7.02
CA THR B 11 -8.12 16.15 7.82
C THR B 11 -7.14 17.21 7.33
N GLY B 12 -7.19 18.37 7.94
CA GLY B 12 -6.31 19.46 7.54
C GLY B 12 -7.06 20.77 7.47
N SER A 1 13.07 31.72 1.47
CA SER A 1 14.30 30.94 1.21
C SER A 1 14.18 29.54 1.79
N MET A 2 13.45 28.68 1.09
CA MET A 2 13.26 27.30 1.54
C MET A 2 13.32 26.36 0.36
N ASN A 3 14.04 25.26 0.52
CA ASN A 3 14.10 24.25 -0.52
C ASN A 3 12.94 23.27 -0.32
N ILE A 4 11.98 23.33 -1.22
CA ILE A 4 10.73 22.62 -1.06
C ILE A 4 10.93 21.10 -0.97
N GLU A 5 11.92 20.59 -1.69
CA GLU A 5 12.20 19.17 -1.71
C GLU A 5 12.60 18.67 -0.32
N VAL A 6 13.35 19.48 0.44
CA VAL A 6 13.83 19.06 1.75
C VAL A 6 12.73 19.25 2.80
N ALA A 7 11.82 20.19 2.53
CA ALA A 7 10.69 20.42 3.41
C ALA A 7 9.70 19.28 3.27
N ARG A 8 9.45 18.87 2.03
CA ARG A 8 8.59 17.75 1.74
C ARG A 8 9.15 16.45 2.29
N ALA A 9 10.45 16.23 2.08
CA ALA A 9 11.12 15.02 2.56
C ALA A 9 10.97 14.88 4.07
N ALA A 10 11.17 15.99 4.78
CA ALA A 10 11.04 16.00 6.23
C ALA A 10 9.59 15.78 6.64
N ARG A 11 8.66 16.34 5.88
CA ARG A 11 7.23 16.28 6.22
C ARG A 11 6.81 14.82 6.26
N LEU A 12 6.95 14.17 5.11
CA LEU A 12 6.58 12.78 4.96
C LEU A 12 7.36 11.92 5.94
N ALA A 13 8.56 12.38 6.33
CA ALA A 13 9.41 11.65 7.26
C ALA A 13 8.68 11.35 8.58
N GLN A 14 8.24 12.39 9.29
CA GLN A 14 7.52 12.19 10.56
C GLN A 14 6.22 11.45 10.31
N ILE A 15 5.71 11.61 9.12
CA ILE A 15 4.44 11.03 8.76
C ILE A 15 4.53 9.55 8.45
N PHE A 16 5.55 9.16 7.71
CA PHE A 16 5.77 7.75 7.44
C PHE A 16 5.93 7.02 8.77
N LYS A 17 6.55 7.71 9.71
CA LYS A 17 6.70 7.20 11.06
C LYS A 17 5.33 6.89 11.65
N GLU A 18 4.41 7.84 11.53
CA GLU A 18 3.06 7.68 12.03
C GLU A 18 2.39 6.44 11.40
N ILE A 19 2.52 6.33 10.08
CA ILE A 19 1.94 5.22 9.34
C ILE A 19 2.54 3.87 9.75
N CYS A 20 3.87 3.78 9.67
CA CYS A 20 4.56 2.52 9.95
C CYS A 20 4.42 2.14 11.42
N ASP A 21 4.36 3.14 12.29
CA ASP A 21 4.17 2.89 13.73
C ASP A 21 2.88 2.13 13.97
N GLY A 22 1.83 2.58 13.30
CA GLY A 22 0.52 1.93 13.42
C GLY A 22 0.52 0.53 12.85
N ILE A 23 1.40 0.28 11.88
CA ILE A 23 1.52 -1.06 11.29
C ILE A 23 2.40 -1.98 12.16
N ILE A 24 3.54 -1.46 12.61
CA ILE A 24 4.45 -2.23 13.45
C ILE A 24 3.74 -2.73 14.70
N SER A 25 3.14 -1.79 15.39
CA SER A 25 2.43 -2.11 16.62
C SER A 25 0.95 -2.32 16.34
N TYR A 26 0.64 -2.79 15.13
CA TYR A 26 -0.73 -3.17 14.80
C TYR A 26 -1.09 -4.42 15.58
N ARG A 27 -2.23 -4.38 16.24
CA ARG A 27 -2.62 -5.45 17.15
C ARG A 27 -4.05 -5.90 16.91
N ASP A 28 -4.36 -7.07 17.43
CA ASP A 28 -5.74 -7.54 17.53
C ASP A 28 -6.20 -7.38 18.98
N SER A 29 -7.36 -7.91 19.32
CA SER A 29 -7.91 -7.76 20.67
C SER A 29 -6.98 -8.37 21.72
N SER A 30 -6.20 -9.38 21.32
CA SER A 30 -5.30 -10.07 22.21
C SER A 30 -3.94 -9.37 22.31
N GLN A 31 -3.92 -8.08 21.95
CA GLN A 31 -2.71 -7.24 21.90
C GLN A 31 -1.58 -7.91 21.11
N GLN A 32 -1.94 -8.83 20.23
CA GLN A 32 -0.96 -9.51 19.39
C GLN A 32 -0.43 -8.57 18.32
N THR A 33 0.89 -8.53 18.21
CA THR A 33 1.55 -7.78 17.17
C THR A 33 1.89 -8.70 16.02
N LEU A 34 1.05 -8.67 15.00
CA LEU A 34 1.16 -9.60 13.88
C LEU A 34 2.49 -9.44 13.16
N ALA A 35 2.94 -8.20 13.01
CA ALA A 35 4.14 -7.89 12.23
C ALA A 35 5.43 -8.29 12.95
N ALA A 36 5.30 -9.16 13.94
CA ALA A 36 6.44 -9.63 14.73
C ALA A 36 7.51 -10.34 13.89
N PRO A 37 7.14 -11.20 12.91
CA PRO A 37 8.13 -11.85 12.05
C PRO A 37 8.66 -10.91 10.97
N LEU A 38 8.09 -9.71 10.91
CA LEU A 38 8.46 -8.76 9.87
C LEU A 38 9.35 -7.64 10.42
N LEU A 39 9.10 -7.23 11.66
CA LEU A 39 9.79 -6.07 12.21
C LEU A 39 11.19 -6.43 12.70
N ASN A 40 11.42 -7.70 13.00
CA ASN A 40 12.74 -8.16 13.41
C ASN A 40 13.26 -9.23 12.44
N LEU A 41 14.43 -9.00 11.86
CA LEU A 41 15.10 -10.03 11.08
C LEU A 41 15.35 -11.26 11.96
N PRO A 42 14.95 -12.43 11.45
CA PRO A 42 15.04 -13.69 12.20
C PRO A 42 16.49 -14.12 12.45
N PRO A 43 16.73 -14.77 13.61
CA PRO A 43 18.07 -15.21 14.03
C PRO A 43 18.77 -16.03 12.94
N LYS A 44 19.90 -15.49 12.46
CA LYS A 44 20.53 -15.91 11.21
C LYS A 44 20.89 -17.41 11.16
N LYS A 45 20.91 -18.07 12.31
CA LYS A 45 21.31 -19.48 12.35
C LYS A 45 20.16 -20.36 11.84
N LYS A 46 18.94 -19.82 11.80
CA LYS A 46 17.78 -20.60 11.35
C LYS A 46 17.18 -20.03 10.06
N ASN A 47 18.04 -19.60 9.15
CA ASN A 47 17.58 -19.07 7.87
C ASN A 47 18.68 -19.10 6.82
N ALA A 48 19.09 -20.30 6.44
CA ALA A 48 20.14 -20.43 5.44
C ALA A 48 19.55 -20.43 4.02
N ASP A 49 18.71 -21.42 3.73
CA ASP A 49 18.24 -21.63 2.36
C ASP A 49 17.33 -20.50 1.89
N TYR A 50 16.32 -20.14 2.68
CA TYR A 50 15.42 -19.10 2.22
C TYR A 50 16.07 -17.71 2.19
N TYR A 51 17.16 -17.51 2.94
CA TYR A 51 17.94 -16.28 2.85
C TYR A 51 18.78 -16.27 1.58
N GLU A 52 19.08 -17.45 1.06
CA GLU A 52 19.86 -17.57 -0.17
C GLU A 52 19.04 -17.07 -1.36
N LYS A 53 17.79 -17.52 -1.46
CA LYS A 53 16.93 -17.12 -2.57
C LYS A 53 16.35 -15.72 -2.38
N ILE A 54 15.89 -15.39 -1.17
CA ILE A 54 15.29 -14.07 -0.91
C ILE A 54 16.34 -12.98 -1.10
N SER A 55 16.22 -12.25 -2.19
CA SER A 55 17.22 -11.28 -2.58
C SER A 55 17.12 -9.99 -1.76
N ASP A 56 15.98 -9.79 -1.10
CA ASP A 56 15.77 -8.60 -0.29
C ASP A 56 14.94 -8.91 0.95
N PRO A 57 15.53 -9.52 1.98
CA PRO A 57 14.85 -9.71 3.25
C PRO A 57 14.87 -8.39 4.03
N LEU A 58 13.80 -8.07 4.73
CA LEU A 58 13.67 -6.75 5.32
C LEU A 58 13.27 -6.80 6.79
N ASP A 59 13.43 -5.65 7.44
CA ASP A 59 13.20 -5.50 8.86
C ASP A 59 12.43 -4.20 9.10
N LEU A 60 11.14 -4.32 9.42
CA LEU A 60 10.26 -3.15 9.58
C LEU A 60 10.76 -2.18 10.64
N SER A 61 11.26 -2.71 11.75
CA SER A 61 11.70 -1.86 12.85
C SER A 61 12.90 -1.02 12.42
N THR A 62 13.75 -1.58 11.56
CA THR A 62 14.89 -0.87 11.01
C THR A 62 14.42 0.16 9.98
N ILE A 63 13.42 -0.22 9.17
CA ILE A 63 12.84 0.69 8.17
C ILE A 63 12.30 1.95 8.86
N GLU A 64 11.57 1.74 9.95
CA GLU A 64 11.09 2.84 10.80
C GLU A 64 12.21 3.82 11.12
N LYS A 65 13.30 3.30 11.66
CA LYS A 65 14.48 4.12 11.95
C LYS A 65 14.97 4.87 10.71
N GLN A 66 15.00 4.18 9.56
CA GLN A 66 15.50 4.78 8.32
C GLN A 66 14.51 5.83 7.80
N ILE A 67 13.28 5.75 8.27
CA ILE A 67 12.27 6.75 7.98
C ILE A 67 12.58 8.06 8.70
N LEU A 68 12.93 7.96 9.98
CA LEU A 68 13.26 9.14 10.78
C LEU A 68 14.48 9.87 10.23
N ILE A 69 15.42 9.11 9.69
CA ILE A 69 16.65 9.68 9.15
C ILE A 69 16.44 10.23 7.75
N GLY A 70 15.23 10.03 7.23
CA GLY A 70 14.85 10.58 5.94
C GLY A 70 15.61 9.97 4.78
N TYR A 71 15.83 8.67 4.82
CA TYR A 71 16.58 7.99 3.78
C TYR A 71 15.70 7.75 2.55
N TYR A 72 14.40 7.62 2.78
CA TYR A 72 13.48 7.31 1.70
C TYR A 72 12.98 8.59 1.02
N LYS A 73 13.01 9.69 1.77
CA LYS A 73 12.60 11.02 1.28
C LYS A 73 11.09 11.06 0.97
N THR A 74 10.69 10.49 -0.15
CA THR A 74 9.30 10.50 -0.55
C THR A 74 8.66 9.12 -0.37
N VAL A 75 7.40 9.00 -0.76
CA VAL A 75 6.64 7.77 -0.49
C VAL A 75 7.07 6.64 -1.43
N GLU A 76 7.52 7.02 -2.62
CA GLU A 76 8.01 6.06 -3.63
C GLU A 76 8.84 4.95 -3.00
N ALA A 77 9.99 5.32 -2.44
CA ALA A 77 10.89 4.35 -1.84
C ALA A 77 10.26 3.70 -0.61
N PHE A 78 9.52 4.50 0.16
CA PHE A 78 8.83 4.00 1.35
C PHE A 78 7.89 2.84 1.01
N ASP A 79 7.00 3.06 0.05
CA ASP A 79 6.00 2.06 -0.32
C ASP A 79 6.66 0.76 -0.77
N ALA A 80 7.76 0.91 -1.51
CA ALA A 80 8.52 -0.22 -1.99
C ALA A 80 9.06 -1.06 -0.83
N ASP A 81 9.55 -0.38 0.21
CA ASP A 81 10.17 -1.06 1.36
C ASP A 81 9.15 -1.77 2.24
N MET A 82 8.08 -1.08 2.59
CA MET A 82 7.05 -1.64 3.45
C MET A 82 6.45 -2.91 2.80
N LEU A 83 6.00 -2.77 1.57
CA LEU A 83 5.38 -3.88 0.87
C LEU A 83 6.43 -4.95 0.56
N LYS A 84 7.69 -4.54 0.51
CA LYS A 84 8.80 -5.46 0.24
C LYS A 84 8.88 -6.54 1.32
N VAL A 85 8.74 -6.12 2.58
CA VAL A 85 8.77 -7.07 3.69
C VAL A 85 7.60 -8.03 3.58
N PHE A 86 6.42 -7.48 3.31
CA PHE A 86 5.23 -8.28 3.10
C PHE A 86 5.38 -9.21 1.90
N ARG A 87 6.09 -8.74 0.87
CA ARG A 87 6.29 -9.51 -0.36
C ARG A 87 7.01 -10.83 -0.09
N ASN A 88 8.20 -10.76 0.50
CA ASN A 88 8.96 -11.97 0.77
C ASN A 88 8.25 -12.81 1.82
N ALA A 89 7.45 -12.16 2.65
CA ALA A 89 6.64 -12.84 3.65
C ALA A 89 5.63 -13.75 2.99
N GLU A 90 4.67 -13.17 2.28
CA GLU A 90 3.58 -13.94 1.69
C GLU A 90 4.07 -14.86 0.58
N LYS A 91 5.23 -14.57 0.01
CA LYS A 91 5.72 -15.37 -1.11
C LYS A 91 6.30 -16.71 -0.64
N TYR A 92 7.30 -16.70 0.24
CA TYR A 92 7.94 -17.95 0.62
C TYR A 92 7.38 -18.50 1.93
N TYR A 93 7.06 -17.63 2.88
CA TYR A 93 6.36 -18.08 4.08
C TYR A 93 4.98 -18.65 3.71
N GLY A 94 4.20 -17.86 2.96
CA GLY A 94 2.86 -18.26 2.49
C GLY A 94 2.68 -19.75 2.18
N ARG A 95 3.71 -20.42 1.64
CA ARG A 95 3.64 -21.85 1.38
C ARG A 95 3.03 -22.63 2.56
N LYS A 96 3.68 -22.63 3.72
CA LYS A 96 3.18 -23.38 4.88
C LYS A 96 3.32 -22.62 6.20
N SER A 97 3.40 -21.29 6.12
CA SER A 97 3.66 -20.48 7.30
C SER A 97 2.38 -19.81 7.79
N PRO A 98 2.24 -19.65 9.11
CA PRO A 98 1.10 -18.99 9.72
C PRO A 98 1.17 -17.47 9.63
N ILE A 99 2.28 -16.93 9.16
CA ILE A 99 2.42 -15.48 9.10
C ILE A 99 1.62 -14.89 7.93
N GLY A 100 1.27 -15.75 6.96
CA GLY A 100 0.44 -15.33 5.84
C GLY A 100 -0.71 -14.39 6.23
N ARG A 101 -1.57 -14.84 7.14
CA ARG A 101 -2.69 -14.04 7.62
C ARG A 101 -2.24 -12.71 8.25
N ASP A 102 -1.05 -12.70 8.84
CA ASP A 102 -0.62 -11.51 9.60
C ASP A 102 -0.26 -10.39 8.65
N VAL A 103 0.62 -10.69 7.71
CA VAL A 103 1.17 -9.66 6.84
C VAL A 103 0.11 -9.15 5.87
N CYS A 104 -0.86 -10.00 5.54
CA CYS A 104 -1.91 -9.59 4.62
C CYS A 104 -2.97 -8.75 5.34
N ARG A 105 -3.09 -8.92 6.65
CA ARG A 105 -3.95 -8.05 7.42
C ARG A 105 -3.30 -6.68 7.52
N LEU A 106 -2.00 -6.69 7.82
CA LEU A 106 -1.19 -5.48 7.83
C LEU A 106 -1.27 -4.79 6.48
N ARG A 107 -1.16 -5.62 5.44
CA ARG A 107 -1.26 -5.18 4.05
C ARG A 107 -2.47 -4.27 3.85
N LYS A 108 -3.62 -4.72 4.32
CA LYS A 108 -4.86 -3.96 4.13
C LYS A 108 -4.81 -2.68 4.94
N ALA A 109 -4.36 -2.80 6.18
CA ALA A 109 -4.40 -1.70 7.13
C ALA A 109 -3.36 -0.64 6.80
N TYR A 110 -2.32 -1.04 6.08
CA TYR A 110 -1.32 -0.11 5.60
C TYR A 110 -1.89 0.75 4.48
N TYR A 111 -2.59 0.12 3.53
CA TYR A 111 -3.22 0.87 2.46
C TYR A 111 -4.32 1.77 3.01
N SER A 112 -4.95 1.33 4.10
CA SER A 112 -5.93 2.15 4.78
C SER A 112 -5.29 3.43 5.29
N ALA A 113 -4.23 3.30 6.09
CA ALA A 113 -3.48 4.45 6.59
C ALA A 113 -2.87 5.26 5.44
N ARG A 114 -2.51 4.57 4.37
CA ARG A 114 -2.04 5.22 3.15
C ARG A 114 -3.10 6.19 2.63
N HIS A 115 -4.33 5.71 2.54
CA HIS A 115 -5.46 6.54 2.12
C HIS A 115 -5.71 7.66 3.13
N GLU A 116 -5.56 7.33 4.41
CA GLU A 116 -5.75 8.32 5.46
C GLU A 116 -4.71 9.42 5.36
N ALA A 117 -3.45 9.02 5.26
CA ALA A 117 -2.34 9.95 5.19
C ALA A 117 -2.27 10.65 3.84
N SER A 118 -3.07 10.19 2.89
CA SER A 118 -3.13 10.81 1.57
C SER A 118 -3.52 12.29 1.67
N ALA A 119 -4.03 12.70 2.83
CA ALA A 119 -4.35 14.10 3.08
C ALA A 119 -3.09 14.95 3.07
N GLN A 120 -2.22 14.73 4.05
CA GLN A 120 -1.00 15.53 4.17
C GLN A 120 -0.14 15.43 2.91
N ILE A 121 -0.04 14.24 2.34
CA ILE A 121 0.79 14.05 1.16
C ILE A 121 0.28 14.94 0.02
N ASP A 122 -1.04 15.00 -0.10
CA ASP A 122 -1.68 15.77 -1.16
C ASP A 122 -1.35 17.25 -1.07
N GLU A 123 -1.39 17.81 0.15
CA GLU A 123 -1.14 19.24 0.33
C GLU A 123 0.34 19.57 0.23
N ILE A 124 1.18 18.60 0.56
CA ILE A 124 2.63 18.81 0.61
C ILE A 124 3.31 18.40 -0.69
N VAL A 125 3.06 17.18 -1.14
CA VAL A 125 3.65 16.70 -2.38
C VAL A 125 2.98 17.35 -3.58
N GLY A 126 1.72 17.73 -3.40
CA GLY A 126 1.02 18.56 -4.37
C GLY A 126 0.81 17.89 -5.71
N GLU A 127 0.71 16.57 -5.69
CA GLU A 127 0.53 15.76 -6.90
C GLU A 127 1.68 15.97 -7.89
N THR A 128 2.84 16.39 -7.39
CA THR A 128 4.00 16.59 -8.25
C THR A 128 4.58 15.24 -8.65
N ALA A 129 4.13 14.21 -7.94
CA ALA A 129 4.54 12.85 -8.21
C ALA A 129 3.36 12.02 -8.69
N SER A 130 2.40 12.69 -9.33
CA SER A 130 1.18 12.05 -9.80
C SER A 130 0.40 11.45 -8.63
N GLU A 131 -0.48 10.50 -8.93
CA GLU A 131 -1.25 9.81 -7.91
C GLU A 131 -0.35 9.12 -6.89
N ALA A 132 0.71 8.48 -7.38
CA ALA A 132 1.59 7.69 -6.53
C ALA A 132 0.81 6.58 -5.84
N ASP A 133 -0.06 5.94 -6.62
CA ASP A 133 -0.88 4.84 -6.13
C ASP A 133 -0.98 3.77 -7.21
N SER A 134 0.11 3.06 -7.38
CA SER A 134 0.17 1.94 -8.31
C SER A 134 0.81 0.75 -7.62
N SER A 135 0.39 0.55 -6.38
CA SER A 135 0.92 -0.52 -5.55
C SER A 135 0.13 -1.82 -5.73
N GLU A 136 0.12 -2.61 -4.67
CA GLU A 136 -0.60 -3.89 -4.61
C GLU A 136 0.11 -4.99 -5.39
N THR A 137 -0.24 -6.22 -5.05
CA THR A 137 0.31 -7.40 -5.68
C THR A 137 -0.75 -8.50 -5.73
N SER A 138 -1.80 -8.31 -4.94
CA SER A 138 -2.83 -9.34 -4.77
C SER A 138 -3.90 -9.22 -5.84
N VAL A 139 -4.29 -7.99 -6.12
CA VAL A 139 -5.31 -7.71 -7.11
C VAL A 139 -4.82 -8.06 -8.51
N SER A 140 -5.67 -7.90 -9.51
CA SER A 140 -5.30 -8.25 -10.87
C SER A 140 -4.43 -7.17 -11.49
N GLU A 141 -4.96 -5.95 -11.59
CA GLU A 141 -4.28 -4.86 -12.24
C GLU A 141 -3.10 -4.37 -11.40
N LYS A 142 -3.37 -4.16 -10.11
CA LYS A 142 -2.38 -3.62 -9.16
C LYS A 142 -1.98 -2.20 -9.57
N GLU A 143 -1.07 -2.12 -10.52
CA GLU A 143 -0.60 -0.85 -11.05
C GLU A 143 -1.23 -0.55 -12.40
N SER A 144 -1.05 -1.49 -13.31
CA SER A 144 -1.57 -1.40 -14.66
C SER A 144 -3.09 -1.42 -14.70
N GLY A 145 -3.69 -0.42 -14.09
CA GLY A 145 -5.11 -0.22 -14.17
C GLY A 145 -5.56 0.05 -15.59
N HIS A 146 -6.64 -0.59 -15.97
CA HIS A 146 -7.15 -0.50 -17.33
C HIS A 146 -7.80 0.85 -17.54
N GLU A 147 -8.62 1.24 -16.58
CA GLU A 147 -9.33 2.51 -16.66
C GLU A 147 -9.28 3.22 -15.31
N LYS A 148 -10.00 4.35 -15.22
CA LYS A 148 -10.04 5.17 -14.01
C LYS A 148 -8.66 5.76 -13.73
N ASP A 149 -8.25 6.65 -14.61
CA ASP A 149 -6.97 7.35 -14.48
C ASP A 149 -7.19 8.83 -14.77
N ASP A 150 -6.34 9.68 -14.24
CA ASP A 150 -6.50 11.13 -14.36
C ASP A 150 -5.97 11.64 -15.70
N ASP A 151 -4.90 11.02 -16.18
CA ASP A 151 -4.23 11.47 -17.40
C ASP A 151 -4.82 10.84 -18.66
N VAL A 152 -6.09 10.44 -18.60
CA VAL A 152 -6.74 9.83 -19.75
C VAL A 152 -7.39 10.88 -20.66
N ILE A 153 -6.83 11.01 -21.85
CA ILE A 153 -7.39 11.88 -22.87
C ILE A 153 -8.58 11.21 -23.53
N ARG A 154 -9.66 11.95 -23.73
CA ARG A 154 -10.79 11.42 -24.46
C ARG A 154 -11.53 12.54 -25.18
N CYS A 155 -10.99 12.98 -26.30
CA CYS A 155 -11.70 13.94 -27.11
C CYS A 155 -12.22 13.27 -28.37
N ILE A 156 -13.10 13.96 -29.08
CA ILE A 156 -13.61 13.45 -30.34
C ILE A 156 -12.49 13.47 -31.39
N CYS A 157 -11.44 14.23 -31.08
CA CYS A 157 -10.19 14.19 -31.84
C CYS A 157 -9.68 12.76 -32.00
N GLY A 158 -9.52 12.08 -30.88
CA GLY A 158 -9.02 10.72 -30.89
C GLY A 158 -7.50 10.64 -30.77
N LEU A 159 -6.85 11.79 -30.64
CA LEU A 159 -5.38 11.83 -30.60
C LEU A 159 -4.85 11.17 -29.33
N TYR A 160 -5.65 11.28 -28.26
CA TYR A 160 -5.27 10.80 -26.94
C TYR A 160 -4.07 11.57 -26.39
N LYS A 161 -3.94 12.84 -26.76
CA LYS A 161 -2.83 13.65 -26.27
C LYS A 161 -3.32 15.00 -25.74
N ASP A 162 -2.65 15.48 -24.71
CA ASP A 162 -3.01 16.71 -24.01
C ASP A 162 -2.27 17.90 -24.60
N GLU A 163 -2.80 18.40 -25.70
CA GLU A 163 -2.30 19.62 -26.29
C GLU A 163 -3.44 20.62 -26.43
N GLY A 164 -3.11 21.89 -26.27
CA GLY A 164 -4.12 22.93 -26.28
C GLY A 164 -4.79 23.07 -24.93
N LEU A 165 -5.98 23.65 -24.93
CA LEU A 165 -6.75 23.81 -23.70
C LEU A 165 -7.85 22.74 -23.64
N MET A 166 -8.11 22.22 -22.46
CA MET A 166 -9.07 21.15 -22.27
C MET A 166 -9.55 21.06 -20.84
N ILE A 167 -10.71 20.45 -20.61
CA ILE A 167 -11.25 20.30 -19.27
C ILE A 167 -11.50 18.82 -18.96
N GLN A 168 -11.86 18.51 -17.71
CA GLN A 168 -12.00 17.12 -17.26
C GLN A 168 -13.48 16.77 -17.01
N CYS A 169 -13.94 15.66 -17.61
CA CYS A 169 -15.30 15.15 -17.33
C CYS A 169 -15.39 14.77 -15.87
N ASP A 170 -16.35 15.37 -15.15
CA ASP A 170 -16.50 15.14 -13.72
C ASP A 170 -16.63 13.67 -13.37
N LYS A 171 -17.17 12.89 -14.29
CA LYS A 171 -17.36 11.46 -14.01
C LYS A 171 -16.27 10.60 -14.64
N CYS A 172 -15.90 10.89 -15.89
CA CYS A 172 -14.85 10.13 -16.56
C CYS A 172 -13.49 10.45 -15.98
N MET A 173 -13.38 11.68 -15.50
CA MET A 173 -12.11 12.28 -15.09
C MET A 173 -11.13 12.28 -16.28
N VAL A 174 -11.72 12.28 -17.48
CA VAL A 174 -10.98 12.33 -18.75
C VAL A 174 -10.73 13.77 -19.18
N TRP A 175 -9.96 13.95 -20.23
CA TRP A 175 -9.65 15.27 -20.74
C TRP A 175 -10.22 15.49 -22.13
N GLN A 176 -10.99 16.56 -22.27
CA GLN A 176 -11.57 16.93 -23.55
C GLN A 176 -11.23 18.37 -23.89
N HIS A 177 -10.71 18.59 -25.11
CA HIS A 177 -10.24 19.92 -25.50
C HIS A 177 -11.38 20.92 -25.50
N CYS A 178 -11.11 22.06 -24.88
CA CYS A 178 -12.11 23.10 -24.66
C CYS A 178 -12.60 23.69 -25.97
N ASP A 179 -11.69 23.84 -26.93
CA ASP A 179 -12.02 24.43 -28.22
C ASP A 179 -12.89 23.49 -29.04
N CYS A 180 -12.72 22.19 -28.87
CA CYS A 180 -13.47 21.21 -29.64
C CYS A 180 -14.88 21.06 -29.12
N MET A 181 -15.02 20.90 -27.81
CA MET A 181 -16.31 20.60 -27.22
C MET A 181 -17.17 21.85 -27.11
N GLY A 182 -16.55 23.02 -27.23
CA GLY A 182 -17.29 24.26 -27.15
C GLY A 182 -17.37 24.79 -25.74
N VAL A 183 -16.28 24.62 -25.01
CA VAL A 183 -16.20 25.05 -23.63
C VAL A 183 -15.57 26.44 -23.58
N ASN A 184 -15.64 27.10 -22.44
CA ASN A 184 -15.04 28.43 -22.30
C ASN A 184 -14.08 28.43 -21.10
N THR A 185 -13.63 27.23 -20.74
CA THR A 185 -12.81 26.99 -19.55
C THR A 185 -13.38 27.65 -18.29
N ASP A 186 -14.68 27.96 -18.31
CA ASP A 186 -15.33 28.60 -17.18
C ASP A 186 -16.29 27.65 -16.48
N VAL A 187 -16.47 26.47 -17.06
CA VAL A 187 -17.37 25.47 -16.49
C VAL A 187 -16.98 25.11 -15.06
N GLU A 188 -17.96 25.17 -14.18
CA GLU A 188 -17.75 24.74 -12.80
C GLU A 188 -18.09 23.27 -12.69
N HIS A 189 -18.96 22.81 -13.57
CA HIS A 189 -19.33 21.42 -13.64
C HIS A 189 -19.52 21.00 -15.08
N TYR A 190 -18.66 20.13 -15.56
CA TYR A 190 -18.68 19.71 -16.95
C TYR A 190 -18.75 18.19 -17.07
N LEU A 191 -19.53 17.73 -18.04
CA LEU A 191 -19.61 16.33 -18.36
C LEU A 191 -19.47 16.13 -19.85
N CYS A 192 -18.99 14.95 -20.23
CA CYS A 192 -18.60 14.70 -21.60
C CYS A 192 -19.81 14.30 -22.44
N GLU A 193 -19.59 14.27 -23.75
CA GLU A 193 -20.65 14.08 -24.74
C GLU A 193 -21.26 12.68 -24.70
N GLN A 194 -20.83 11.86 -23.75
CA GLN A 194 -21.36 10.51 -23.61
C GLN A 194 -22.08 10.33 -22.27
N CYS A 195 -21.44 10.78 -21.19
CA CYS A 195 -22.03 10.67 -19.85
C CYS A 195 -23.38 11.36 -19.79
N ASP A 196 -23.34 12.65 -19.97
CA ASP A 196 -24.50 13.50 -19.82
C ASP A 196 -24.37 14.67 -20.79
N PRO A 197 -24.69 14.42 -22.07
CA PRO A 197 -24.56 15.43 -23.13
C PRO A 197 -25.26 16.74 -22.75
N ARG A 198 -24.58 17.85 -22.98
CA ARG A 198 -25.11 19.16 -22.63
C ARG A 198 -26.41 19.43 -23.38
N PRO A 199 -27.50 19.71 -22.65
CA PRO A 199 -28.79 19.93 -23.30
C PRO A 199 -28.87 21.29 -23.97
N VAL A 200 -29.04 21.29 -25.28
CA VAL A 200 -29.25 22.51 -26.03
C VAL A 200 -30.72 22.68 -26.33
N ASP A 201 -31.31 23.72 -25.78
CA ASP A 201 -32.74 23.98 -25.92
C ASP A 201 -33.02 24.64 -27.26
N ARG A 202 -31.97 25.23 -27.83
CA ARG A 202 -32.09 25.90 -29.11
C ARG A 202 -31.78 24.93 -30.26
N GLU A 203 -32.57 25.03 -31.32
CA GLU A 203 -32.40 24.20 -32.50
C GLU A 203 -32.51 22.72 -32.14
N VAL A 204 -33.72 22.28 -31.85
CA VAL A 204 -33.97 20.89 -31.51
C VAL A 204 -34.60 20.19 -32.72
N PRO A 205 -34.07 19.01 -33.10
CA PRO A 205 -34.62 18.21 -34.20
C PRO A 205 -36.10 17.95 -34.06
N ALA B 1 -14.79 22.42 -12.41
CA ALA B 1 -14.20 21.47 -13.37
C ALA B 1 -12.74 21.80 -13.61
N ARG B 2 -11.90 20.77 -13.62
CA ARG B 2 -10.47 20.94 -13.87
C ARG B 2 -10.25 21.26 -15.34
N THR B 3 -9.38 22.21 -15.61
CA THR B 3 -9.00 22.52 -16.98
C THR B 3 -7.49 22.58 -17.12
N GLN B 5 -4.12 23.48 -19.56
CA GLN B 5 -3.68 24.30 -20.67
C GLN B 5 -2.26 23.90 -21.08
N THR B 6 -2.18 23.07 -22.10
CA THR B 6 -0.91 22.66 -22.69
C THR B 6 -0.08 21.82 -21.70
N ALA B 7 -0.32 20.52 -21.66
CA ALA B 7 0.54 19.62 -20.90
C ALA B 7 1.83 19.38 -21.66
N ARG B 8 1.85 19.80 -22.91
CA ARG B 8 3.04 19.69 -23.75
C ARG B 8 4.20 20.47 -23.14
N LYS B 9 5.06 19.76 -22.45
CA LYS B 9 6.19 20.35 -21.77
C LYS B 9 7.31 19.32 -21.64
N SER B 10 7.43 18.47 -22.65
CA SER B 10 8.48 17.47 -22.69
C SER B 10 9.75 18.11 -23.23
N THR B 11 10.26 19.08 -22.49
CA THR B 11 11.44 19.82 -22.86
C THR B 11 12.15 20.32 -21.61
N GLY B 12 13.37 20.81 -21.76
CA GLY B 12 14.12 21.27 -20.62
C GLY B 12 14.70 20.12 -19.83
N SER A 1 12.72 31.48 -0.39
CA SER A 1 13.88 31.28 0.51
C SER A 1 13.89 29.85 1.05
N MET A 2 12.78 29.44 1.64
CA MET A 2 12.65 28.08 2.17
C MET A 2 12.48 27.09 1.03
N ASN A 3 13.17 25.97 1.10
CA ASN A 3 13.06 24.95 0.07
C ASN A 3 11.88 24.02 0.36
N ILE A 4 10.91 24.03 -0.53
CA ILE A 4 9.70 23.24 -0.37
C ILE A 4 10.00 21.75 -0.35
N GLU A 5 10.97 21.33 -1.13
CA GLU A 5 11.29 19.93 -1.26
C GLU A 5 11.80 19.35 0.05
N VAL A 6 12.60 20.13 0.79
CA VAL A 6 13.10 19.67 2.08
C VAL A 6 11.99 19.75 3.13
N ALA A 7 11.09 20.71 2.97
CA ALA A 7 9.96 20.85 3.86
C ALA A 7 9.01 19.68 3.66
N ARG A 8 8.90 19.25 2.42
CA ARG A 8 8.06 18.12 2.06
C ARG A 8 8.71 16.80 2.48
N ALA A 9 10.02 16.71 2.31
CA ALA A 9 10.76 15.51 2.71
C ALA A 9 10.72 15.32 4.22
N ALA A 10 10.86 16.42 4.94
CA ALA A 10 10.80 16.38 6.40
C ALA A 10 9.38 16.08 6.86
N ARG A 11 8.39 16.54 6.09
CA ARG A 11 7.00 16.31 6.43
C ARG A 11 6.68 14.84 6.36
N LEU A 12 6.82 14.27 5.17
CA LEU A 12 6.50 12.87 4.95
C LEU A 12 7.26 11.98 5.93
N ALA A 13 8.50 12.34 6.26
CA ALA A 13 9.30 11.51 7.17
C ALA A 13 8.63 11.36 8.53
N GLN A 14 8.22 12.48 9.12
CA GLN A 14 7.55 12.45 10.42
C GLN A 14 6.15 11.84 10.28
N ILE A 15 5.56 12.02 9.12
CA ILE A 15 4.25 11.51 8.83
C ILE A 15 4.28 10.01 8.57
N PHE A 16 5.29 9.54 7.85
CA PHE A 16 5.49 8.12 7.69
C PHE A 16 5.61 7.50 9.05
N LYS A 17 6.34 8.17 9.94
CA LYS A 17 6.49 7.73 11.31
C LYS A 17 5.14 7.47 11.97
N GLU A 18 4.18 8.35 11.71
CA GLU A 18 2.82 8.17 12.20
C GLU A 18 2.25 6.84 11.70
N ILE A 19 2.36 6.66 10.38
CA ILE A 19 1.79 5.49 9.72
C ILE A 19 2.51 4.21 10.10
N CYS A 20 3.83 4.20 9.96
CA CYS A 20 4.63 3.01 10.18
C CYS A 20 4.54 2.54 11.64
N ASP A 21 4.51 3.50 12.57
CA ASP A 21 4.30 3.16 13.99
C ASP A 21 3.01 2.37 14.15
N GLY A 22 1.96 2.85 13.48
CA GLY A 22 0.68 2.17 13.54
C GLY A 22 0.71 0.80 12.90
N ILE A 23 1.64 0.59 11.98
CA ILE A 23 1.76 -0.68 11.27
C ILE A 23 2.65 -1.69 12.02
N ILE A 24 3.79 -1.23 12.55
CA ILE A 24 4.70 -2.12 13.25
C ILE A 24 4.04 -2.70 14.48
N SER A 25 3.43 -1.84 15.26
CA SER A 25 2.70 -2.29 16.43
C SER A 25 1.20 -2.33 16.16
N TYR A 26 0.83 -2.67 14.93
CA TYR A 26 -0.57 -2.91 14.59
C TYR A 26 -1.09 -4.08 15.42
N ARG A 27 -2.20 -3.87 16.10
CA ARG A 27 -2.71 -4.86 17.03
C ARG A 27 -4.16 -5.23 16.72
N ASP A 28 -4.49 -6.49 16.95
CA ASP A 28 -5.86 -6.96 16.86
C ASP A 28 -6.54 -6.83 18.23
N SER A 29 -7.81 -7.20 18.34
CA SER A 29 -8.52 -7.14 19.61
C SER A 29 -7.76 -7.92 20.70
N SER A 30 -7.10 -9.00 20.29
CA SER A 30 -6.33 -9.84 21.21
C SER A 30 -4.97 -9.22 21.56
N GLN A 31 -4.77 -7.97 21.14
CA GLN A 31 -3.52 -7.23 21.40
C GLN A 31 -2.32 -7.93 20.78
N GLN A 32 -2.56 -8.61 19.67
CA GLN A 32 -1.50 -9.31 18.95
C GLN A 32 -0.84 -8.38 17.95
N THR A 33 0.48 -8.45 17.91
CA THR A 33 1.26 -7.64 16.99
C THR A 33 1.62 -8.45 15.75
N LEU A 34 1.10 -8.02 14.61
CA LEU A 34 1.10 -8.83 13.41
C LEU A 34 2.35 -8.61 12.55
N ALA A 35 3.19 -7.66 12.93
CA ALA A 35 4.39 -7.36 12.16
C ALA A 35 5.63 -7.95 12.80
N ALA A 36 5.40 -8.83 13.77
CA ALA A 36 6.47 -9.46 14.52
C ALA A 36 7.43 -10.29 13.64
N PRO A 37 6.94 -11.11 12.69
CA PRO A 37 7.84 -11.92 11.86
C PRO A 37 8.65 -11.08 10.87
N LEU A 38 8.31 -9.81 10.77
CA LEU A 38 8.94 -8.94 9.78
C LEU A 38 9.80 -7.87 10.43
N LEU A 39 9.51 -7.54 11.69
CA LEU A 39 10.21 -6.43 12.34
C LEU A 39 11.58 -6.86 12.84
N ASN A 40 11.81 -8.16 12.89
CA ASN A 40 13.11 -8.69 13.30
C ASN A 40 13.67 -9.61 12.22
N LEU A 41 14.87 -9.30 11.77
CA LEU A 41 15.51 -10.01 10.69
C LEU A 41 16.38 -11.17 11.22
N PRO A 42 16.20 -12.36 10.64
CA PRO A 42 17.00 -13.56 10.93
C PRO A 42 18.51 -13.29 10.92
N PRO A 43 19.21 -13.63 12.02
CA PRO A 43 20.67 -13.50 12.10
C PRO A 43 21.38 -14.20 10.95
N LYS A 44 22.20 -13.44 10.24
CA LYS A 44 22.88 -13.91 9.04
C LYS A 44 23.77 -15.12 9.30
N LYS A 45 24.16 -15.30 10.56
CA LYS A 45 25.08 -16.37 10.95
C LYS A 45 24.62 -17.75 10.49
N LYS A 46 23.32 -17.94 10.36
CA LYS A 46 22.76 -19.23 10.02
C LYS A 46 21.74 -19.09 8.86
N ASN A 47 21.83 -17.98 8.13
CA ASN A 47 20.83 -17.69 7.12
C ASN A 47 21.45 -17.31 5.79
N ALA A 48 21.93 -18.32 5.08
CA ALA A 48 22.46 -18.13 3.74
C ALA A 48 21.34 -18.30 2.71
N ASP A 49 20.53 -19.35 2.86
CA ASP A 49 19.47 -19.67 1.90
C ASP A 49 18.34 -18.64 1.98
N TYR A 50 18.09 -18.14 3.19
CA TYR A 50 17.16 -17.03 3.40
C TYR A 50 17.53 -15.85 2.49
N TYR A 51 18.79 -15.44 2.59
CA TYR A 51 19.31 -14.28 1.87
C TYR A 51 19.63 -14.60 0.42
N GLU A 52 19.57 -15.90 0.07
CA GLU A 52 19.85 -16.32 -1.29
C GLU A 52 18.65 -16.04 -2.18
N LYS A 53 17.51 -16.62 -1.83
CA LYS A 53 16.30 -16.44 -2.62
C LYS A 53 15.83 -15.00 -2.53
N ILE A 54 15.84 -14.43 -1.33
CA ILE A 54 15.44 -13.05 -1.13
C ILE A 54 16.68 -12.16 -1.01
N SER A 55 16.92 -11.35 -2.03
CA SER A 55 18.11 -10.50 -2.08
C SER A 55 18.00 -9.29 -1.15
N ASP A 56 16.80 -9.04 -0.63
CA ASP A 56 16.59 -7.95 0.30
C ASP A 56 15.47 -8.32 1.29
N PRO A 57 15.79 -9.17 2.29
CA PRO A 57 14.82 -9.63 3.31
C PRO A 57 14.02 -8.49 3.93
N LEU A 58 14.72 -7.44 4.35
CA LEU A 58 14.11 -6.24 4.94
C LEU A 58 13.54 -6.47 6.35
N ASP A 59 13.98 -5.61 7.25
CA ASP A 59 13.59 -5.67 8.65
C ASP A 59 12.79 -4.40 9.00
N LEU A 60 11.57 -4.59 9.48
CA LEU A 60 10.66 -3.48 9.75
C LEU A 60 11.16 -2.54 10.84
N SER A 61 11.76 -3.08 11.89
CA SER A 61 12.27 -2.25 12.98
C SER A 61 13.40 -1.36 12.45
N THR A 62 14.16 -1.89 11.50
CA THR A 62 15.20 -1.14 10.83
C THR A 62 14.59 -0.12 9.86
N ILE A 63 13.53 -0.54 9.16
CA ILE A 63 12.77 0.34 8.27
C ILE A 63 12.31 1.58 9.02
N GLU A 64 11.73 1.36 10.19
CA GLU A 64 11.30 2.43 11.09
C GLU A 64 12.42 3.44 11.32
N LYS A 65 13.57 2.93 11.77
CA LYS A 65 14.72 3.78 12.03
C LYS A 65 15.18 4.50 10.75
N GLN A 66 15.08 3.83 9.61
CA GLN A 66 15.51 4.43 8.35
C GLN A 66 14.52 5.51 7.90
N ILE A 67 13.29 5.39 8.33
CA ILE A 67 12.27 6.40 8.06
C ILE A 67 12.60 7.70 8.76
N LEU A 68 12.94 7.61 10.05
CA LEU A 68 13.25 8.78 10.84
C LEU A 68 14.54 9.46 10.40
N ILE A 69 15.51 8.68 9.94
CA ILE A 69 16.78 9.24 9.47
C ILE A 69 16.61 9.92 8.10
N GLY A 70 15.43 9.77 7.52
CA GLY A 70 15.11 10.39 6.25
C GLY A 70 15.84 9.76 5.08
N TYR A 71 15.92 8.43 5.07
CA TYR A 71 16.59 7.72 3.98
C TYR A 71 15.67 7.58 2.78
N TYR A 72 14.38 7.39 3.04
CA TYR A 72 13.41 7.18 1.97
C TYR A 72 12.96 8.50 1.36
N LYS A 73 12.91 9.54 2.20
CA LYS A 73 12.54 10.89 1.78
C LYS A 73 11.06 10.97 1.37
N THR A 74 10.72 10.37 0.25
CA THR A 74 9.36 10.43 -0.27
C THR A 74 8.67 9.06 -0.16
N VAL A 75 7.51 8.93 -0.78
CA VAL A 75 6.70 7.74 -0.61
C VAL A 75 7.08 6.65 -1.61
N GLU A 76 7.64 7.05 -2.75
CA GLU A 76 8.07 6.11 -3.79
C GLU A 76 8.75 4.87 -3.20
N ALA A 77 9.91 5.10 -2.59
CA ALA A 77 10.68 4.02 -1.98
C ALA A 77 9.95 3.44 -0.78
N PHE A 78 9.35 4.32 0.02
CA PHE A 78 8.59 3.91 1.20
C PHE A 78 7.53 2.87 0.85
N ASP A 79 6.72 3.14 -0.16
CA ASP A 79 5.66 2.23 -0.59
C ASP A 79 6.24 0.89 -1.03
N ALA A 80 7.32 0.97 -1.80
CA ALA A 80 7.98 -0.23 -2.29
C ALA A 80 8.48 -1.09 -1.14
N ASP A 81 9.17 -0.46 -0.19
CA ASP A 81 9.73 -1.14 0.97
C ASP A 81 8.67 -1.89 1.77
N MET A 82 7.58 -1.21 2.11
CA MET A 82 6.50 -1.81 2.89
C MET A 82 6.00 -3.10 2.24
N LEU A 83 5.61 -2.99 0.97
CA LEU A 83 5.11 -4.14 0.23
C LEU A 83 6.17 -5.24 0.15
N LYS A 84 7.40 -4.83 -0.02
CA LYS A 84 8.54 -5.74 -0.11
C LYS A 84 8.58 -6.70 1.09
N VAL A 85 8.51 -6.16 2.30
CA VAL A 85 8.60 -6.99 3.51
C VAL A 85 7.46 -7.98 3.55
N PHE A 86 6.24 -7.50 3.29
CA PHE A 86 5.07 -8.35 3.30
C PHE A 86 5.17 -9.41 2.21
N ARG A 87 5.66 -9.01 1.04
CA ARG A 87 5.85 -9.94 -0.06
C ARG A 87 6.86 -11.01 0.32
N ASN A 88 8.02 -10.59 0.82
CA ASN A 88 9.06 -11.54 1.23
C ASN A 88 8.52 -12.55 2.23
N ALA A 89 7.63 -12.08 3.10
CA ALA A 89 7.00 -12.93 4.11
C ALA A 89 6.27 -14.10 3.46
N GLU A 90 5.17 -13.79 2.77
CA GLU A 90 4.33 -14.84 2.20
C GLU A 90 4.99 -15.52 1.00
N LYS A 91 5.92 -14.83 0.35
CA LYS A 91 6.67 -15.41 -0.74
C LYS A 91 7.62 -16.48 -0.23
N TYR A 92 8.38 -16.13 0.81
CA TYR A 92 9.29 -17.07 1.43
C TYR A 92 8.51 -18.24 2.00
N TYR A 93 7.67 -17.93 2.98
CA TYR A 93 6.97 -18.95 3.73
C TYR A 93 6.17 -19.87 2.79
N GLY A 94 5.24 -19.31 2.01
CA GLY A 94 4.45 -20.10 1.06
C GLY A 94 3.45 -21.02 1.77
N ARG A 95 3.99 -21.74 2.74
CA ARG A 95 3.23 -22.53 3.70
C ARG A 95 2.46 -21.62 4.64
N LYS A 96 2.58 -20.30 4.39
CA LYS A 96 2.51 -19.21 5.37
C LYS A 96 1.39 -19.31 6.42
N SER A 97 1.51 -20.35 7.24
CA SER A 97 0.84 -20.45 8.53
C SER A 97 0.89 -19.08 9.27
N PRO A 98 0.23 -18.94 10.45
CA PRO A 98 -0.14 -17.68 11.11
C PRO A 98 0.51 -16.36 10.63
N ILE A 99 1.83 -16.32 10.38
CA ILE A 99 2.46 -15.09 9.85
C ILE A 99 1.66 -14.55 8.66
N GLY A 100 1.20 -15.46 7.80
CA GLY A 100 0.39 -15.09 6.64
C GLY A 100 -0.73 -14.11 6.96
N ARG A 101 -1.69 -14.52 7.80
CA ARG A 101 -2.82 -13.66 8.19
C ARG A 101 -2.32 -12.32 8.71
N ASP A 102 -1.33 -12.38 9.59
CA ASP A 102 -0.82 -11.20 10.26
C ASP A 102 -0.34 -10.16 9.25
N VAL A 103 0.59 -10.56 8.40
CA VAL A 103 1.24 -9.59 7.52
C VAL A 103 0.32 -9.13 6.40
N CYS A 104 -0.65 -9.96 6.00
CA CYS A 104 -1.60 -9.56 4.98
C CYS A 104 -2.57 -8.54 5.54
N ARG A 105 -2.74 -8.56 6.87
CA ARG A 105 -3.59 -7.58 7.53
C ARG A 105 -2.87 -6.23 7.58
N LEU A 106 -1.57 -6.28 7.86
CA LEU A 106 -0.75 -5.08 7.85
C LEU A 106 -0.80 -4.44 6.48
N ARG A 107 -0.72 -5.28 5.47
CA ARG A 107 -0.80 -4.84 4.09
C ARG A 107 -2.11 -4.12 3.83
N LYS A 108 -3.20 -4.65 4.38
CA LYS A 108 -4.52 -4.06 4.20
C LYS A 108 -4.59 -2.74 4.95
N ALA A 109 -4.10 -2.75 6.16
CA ALA A 109 -4.20 -1.63 7.06
C ALA A 109 -3.23 -0.53 6.65
N TYR A 110 -2.22 -0.92 5.89
CA TYR A 110 -1.27 0.01 5.31
C TYR A 110 -1.91 0.79 4.16
N TYR A 111 -2.69 0.10 3.33
CA TYR A 111 -3.41 0.79 2.27
C TYR A 111 -4.46 1.71 2.87
N SER A 112 -5.13 1.25 3.92
CA SER A 112 -6.04 2.09 4.66
C SER A 112 -5.28 3.30 5.22
N ALA A 113 -4.12 3.05 5.79
CA ALA A 113 -3.26 4.09 6.33
C ALA A 113 -2.85 5.09 5.25
N ARG A 114 -2.50 4.57 4.07
CA ARG A 114 -2.16 5.40 2.92
C ARG A 114 -3.35 6.24 2.48
N HIS A 115 -4.54 5.66 2.57
CA HIS A 115 -5.77 6.36 2.21
C HIS A 115 -6.10 7.43 3.26
N GLU A 116 -5.68 7.18 4.49
CA GLU A 116 -5.84 8.16 5.56
C GLU A 116 -4.86 9.32 5.38
N ALA A 117 -3.59 8.98 5.23
CA ALA A 117 -2.53 9.98 5.15
C ALA A 117 -2.45 10.63 3.77
N SER A 118 -3.24 10.14 2.81
CA SER A 118 -3.21 10.67 1.45
C SER A 118 -3.46 12.17 1.45
N ALA A 119 -4.23 12.64 2.43
CA ALA A 119 -4.52 14.06 2.59
C ALA A 119 -3.24 14.89 2.57
N GLN A 120 -2.41 14.71 3.58
CA GLN A 120 -1.19 15.49 3.69
C GLN A 120 -0.27 15.27 2.49
N ILE A 121 -0.09 14.02 2.08
CA ILE A 121 0.80 13.73 0.96
C ILE A 121 0.37 14.53 -0.27
N ASP A 122 -0.94 14.62 -0.47
CA ASP A 122 -1.49 15.34 -1.62
C ASP A 122 -1.08 16.80 -1.61
N GLU A 123 -1.18 17.46 -0.46
CA GLU A 123 -0.90 18.89 -0.40
C GLU A 123 0.59 19.18 -0.26
N ILE A 124 1.35 18.16 0.09
CA ILE A 124 2.78 18.30 0.34
C ILE A 124 3.59 17.87 -0.88
N VAL A 125 3.33 16.65 -1.33
CA VAL A 125 3.98 16.12 -2.52
C VAL A 125 3.40 16.77 -3.77
N GLY A 126 2.07 16.83 -3.81
CA GLY A 126 1.37 17.59 -4.83
C GLY A 126 1.32 16.87 -6.16
N GLU A 127 1.91 15.68 -6.20
CA GLU A 127 2.02 14.88 -7.41
C GLU A 127 2.85 15.58 -8.48
N THR A 128 3.42 16.72 -8.12
CA THR A 128 4.31 17.45 -8.98
C THR A 128 5.74 16.98 -8.72
N ALA A 129 5.89 16.25 -7.63
CA ALA A 129 7.17 15.66 -7.27
C ALA A 129 7.31 14.30 -7.92
N SER A 130 6.37 13.43 -7.62
CA SER A 130 6.31 12.12 -8.23
C SER A 130 4.85 11.72 -8.42
N GLU A 131 4.61 10.62 -9.11
CA GLU A 131 3.23 10.19 -9.35
C GLU A 131 2.65 9.47 -8.15
N ALA A 132 3.42 8.54 -7.56
CA ALA A 132 2.93 7.76 -6.44
C ALA A 132 1.65 7.03 -6.82
N ASP A 133 1.69 6.36 -7.97
CA ASP A 133 0.52 5.70 -8.51
C ASP A 133 0.85 4.24 -8.83
N SER A 134 1.89 3.73 -8.18
CA SER A 134 2.30 2.35 -8.35
C SER A 134 1.78 1.51 -7.19
N SER A 135 0.78 2.04 -6.51
CA SER A 135 0.25 1.42 -5.31
C SER A 135 -0.76 0.34 -5.67
N GLU A 136 -1.26 -0.34 -4.64
CA GLU A 136 -2.17 -1.47 -4.78
C GLU A 136 -1.53 -2.62 -5.56
N THR A 137 -2.16 -3.78 -5.48
CA THR A 137 -1.67 -4.96 -6.17
C THR A 137 -2.84 -5.86 -6.58
N SER A 138 -3.99 -5.62 -5.98
CA SER A 138 -5.15 -6.48 -6.17
C SER A 138 -6.14 -5.85 -7.14
N VAL A 139 -6.74 -4.73 -6.74
CA VAL A 139 -7.75 -4.07 -7.55
C VAL A 139 -7.33 -2.64 -7.86
N SER A 140 -8.05 -2.03 -8.80
CA SER A 140 -7.82 -0.64 -9.15
C SER A 140 -8.97 0.21 -8.60
N GLU A 141 -10.18 -0.24 -8.86
CA GLU A 141 -11.37 0.40 -8.32
C GLU A 141 -11.39 0.31 -6.80
N LYS A 142 -11.02 -0.87 -6.29
CA LYS A 142 -10.92 -1.15 -4.85
C LYS A 142 -12.27 -1.01 -4.16
N GLU A 143 -12.65 0.22 -3.88
CA GLU A 143 -13.87 0.52 -3.17
C GLU A 143 -14.90 1.16 -4.11
N SER A 144 -14.60 2.37 -4.57
CA SER A 144 -15.44 3.09 -5.51
C SER A 144 -16.87 3.23 -4.98
N GLY A 145 -17.03 3.98 -3.90
CA GLY A 145 -18.34 4.21 -3.34
C GLY A 145 -18.68 3.23 -2.25
N HIS A 146 -19.09 3.76 -1.11
CA HIS A 146 -19.50 2.95 0.01
C HIS A 146 -20.98 2.63 -0.10
N GLU A 147 -21.70 3.54 -0.73
CA GLU A 147 -23.11 3.35 -1.00
C GLU A 147 -23.27 2.33 -2.12
N LYS A 148 -22.74 2.69 -3.29
CA LYS A 148 -22.77 1.84 -4.48
C LYS A 148 -24.18 1.32 -4.73
N ASP A 149 -25.08 2.24 -4.99
CA ASP A 149 -26.46 1.92 -5.26
C ASP A 149 -26.96 2.82 -6.39
N ASP A 150 -26.01 3.28 -7.19
CA ASP A 150 -26.28 4.21 -8.29
C ASP A 150 -26.85 3.48 -9.49
N ASP A 151 -26.06 2.54 -10.01
CA ASP A 151 -26.46 1.73 -11.15
C ASP A 151 -25.74 0.39 -11.08
N VAL A 152 -26.17 -0.44 -10.13
CA VAL A 152 -25.51 -1.68 -9.84
C VAL A 152 -25.60 -2.73 -10.96
N ILE A 153 -24.45 -3.08 -11.49
CA ILE A 153 -24.34 -4.13 -12.49
C ILE A 153 -24.33 -5.51 -11.83
N ARG A 154 -25.07 -6.44 -12.38
CA ARG A 154 -25.02 -7.82 -11.91
C ARG A 154 -25.14 -8.77 -13.10
N CYS A 155 -24.04 -8.99 -13.78
CA CYS A 155 -24.04 -9.91 -14.91
C CYS A 155 -22.95 -10.96 -14.76
N ILE A 156 -23.17 -12.10 -15.41
CA ILE A 156 -22.33 -13.29 -15.26
C ILE A 156 -20.94 -13.14 -15.90
N CYS A 157 -20.78 -12.14 -16.76
CA CYS A 157 -19.49 -11.94 -17.43
C CYS A 157 -18.44 -11.38 -16.47
N GLY A 158 -18.89 -10.61 -15.49
CA GLY A 158 -18.00 -10.19 -14.41
C GLY A 158 -17.25 -8.90 -14.68
N LEU A 159 -17.76 -8.05 -15.56
CA LEU A 159 -17.12 -6.76 -15.82
C LEU A 159 -17.59 -5.72 -14.81
N TYR A 160 -18.88 -5.83 -14.45
CA TYR A 160 -19.53 -4.82 -13.62
C TYR A 160 -19.48 -3.45 -14.31
N LYS A 161 -19.78 -3.42 -15.60
CA LYS A 161 -19.79 -2.16 -16.31
C LYS A 161 -20.92 -2.13 -17.35
N ASP A 162 -21.51 -0.96 -17.49
CA ASP A 162 -22.58 -0.71 -18.45
C ASP A 162 -22.03 -0.64 -19.87
N GLU A 163 -22.02 -1.79 -20.51
CA GLU A 163 -21.71 -1.89 -21.93
C GLU A 163 -22.84 -2.53 -22.72
N GLY A 164 -22.84 -2.26 -24.02
CA GLY A 164 -23.83 -2.82 -24.93
C GLY A 164 -25.27 -2.62 -24.48
N LEU A 165 -26.07 -3.66 -24.66
CA LEU A 165 -27.46 -3.64 -24.25
C LEU A 165 -27.62 -4.42 -22.96
N MET A 166 -28.52 -3.98 -22.09
CA MET A 166 -28.75 -4.67 -20.84
C MET A 166 -30.13 -4.37 -20.28
N ILE A 167 -30.66 -5.28 -19.50
CA ILE A 167 -31.95 -5.08 -18.88
C ILE A 167 -31.82 -4.98 -17.36
N GLN A 168 -32.94 -4.71 -16.70
CA GLN A 168 -32.99 -4.54 -15.25
C GLN A 168 -33.80 -5.65 -14.59
N CYS A 169 -33.37 -6.10 -13.42
CA CYS A 169 -34.16 -7.05 -12.64
C CYS A 169 -35.30 -6.32 -11.94
N ASP A 170 -36.52 -6.79 -12.17
CA ASP A 170 -37.70 -6.19 -11.55
C ASP A 170 -37.60 -6.19 -10.03
N LYS A 171 -36.83 -7.12 -9.47
CA LYS A 171 -36.73 -7.24 -8.02
C LYS A 171 -35.46 -6.57 -7.49
N CYS A 172 -34.33 -6.77 -8.17
CA CYS A 172 -33.05 -6.19 -7.73
C CYS A 172 -32.92 -4.74 -8.13
N MET A 173 -33.48 -4.43 -9.29
CA MET A 173 -33.16 -3.21 -10.02
C MET A 173 -31.68 -3.22 -10.44
N VAL A 174 -31.11 -4.41 -10.57
CA VAL A 174 -29.73 -4.56 -11.06
C VAL A 174 -29.72 -4.58 -12.57
N TRP A 175 -28.53 -4.53 -13.15
CA TRP A 175 -28.39 -4.50 -14.59
C TRP A 175 -27.69 -5.73 -15.11
N GLN A 176 -28.31 -6.37 -16.08
CA GLN A 176 -27.78 -7.58 -16.69
C GLN A 176 -27.75 -7.41 -18.20
N HIS A 177 -26.59 -7.64 -18.82
CA HIS A 177 -26.45 -7.38 -20.26
C HIS A 177 -27.31 -8.33 -21.07
N CYS A 178 -28.07 -7.74 -21.98
CA CYS A 178 -28.95 -8.48 -22.87
C CYS A 178 -28.13 -9.38 -23.79
N ASP A 179 -26.94 -8.94 -24.15
CA ASP A 179 -26.04 -9.70 -25.00
C ASP A 179 -25.62 -11.00 -24.32
N CYS A 180 -25.20 -10.89 -23.05
CA CYS A 180 -24.70 -12.06 -22.32
C CYS A 180 -25.85 -13.02 -21.94
N MET A 181 -27.02 -12.46 -21.66
CA MET A 181 -28.14 -13.29 -21.21
C MET A 181 -28.95 -13.79 -22.41
N GLY A 182 -28.62 -13.30 -23.60
CA GLY A 182 -29.31 -13.72 -24.80
C GLY A 182 -30.73 -13.23 -24.86
N VAL A 183 -30.95 -12.00 -24.42
CA VAL A 183 -32.28 -11.41 -24.36
C VAL A 183 -32.59 -10.76 -25.71
N ASN A 184 -33.79 -10.22 -25.84
CA ASN A 184 -34.23 -9.64 -27.11
C ASN A 184 -34.64 -8.19 -26.91
N THR A 185 -34.40 -7.67 -25.70
CA THR A 185 -34.75 -6.31 -25.31
C THR A 185 -36.23 -5.99 -25.52
N ASP A 186 -37.06 -7.02 -25.57
CA ASP A 186 -38.50 -6.84 -25.76
C ASP A 186 -39.28 -7.37 -24.55
N VAL A 187 -38.60 -8.16 -23.72
CA VAL A 187 -39.21 -8.76 -22.52
C VAL A 187 -40.02 -7.75 -21.72
N GLU A 188 -41.27 -8.12 -21.43
CA GLU A 188 -42.20 -7.24 -20.74
C GLU A 188 -41.94 -7.26 -19.25
N HIS A 189 -41.39 -8.38 -18.77
CA HIS A 189 -41.05 -8.56 -17.37
C HIS A 189 -39.89 -9.53 -17.25
N TYR A 190 -38.77 -9.07 -16.71
CA TYR A 190 -37.57 -9.90 -16.64
C TYR A 190 -36.98 -9.93 -15.24
N LEU A 191 -36.40 -11.08 -14.89
CA LEU A 191 -35.76 -11.26 -13.59
C LEU A 191 -34.42 -11.97 -13.75
N CYS A 192 -33.65 -12.03 -12.66
CA CYS A 192 -32.32 -12.64 -12.68
C CYS A 192 -32.39 -14.13 -12.99
N GLU A 193 -31.21 -14.67 -13.31
CA GLU A 193 -31.01 -16.11 -13.45
C GLU A 193 -31.02 -16.75 -12.06
N GLN A 194 -30.97 -15.91 -11.05
CA GLN A 194 -30.99 -16.34 -9.67
C GLN A 194 -32.35 -16.07 -9.02
N CYS A 195 -32.87 -14.84 -9.21
CA CYS A 195 -34.11 -14.43 -8.58
C CYS A 195 -35.27 -15.33 -8.95
N ASP A 196 -35.46 -15.53 -10.24
CA ASP A 196 -36.52 -16.38 -10.74
C ASP A 196 -36.07 -17.02 -12.04
N PRO A 197 -35.32 -18.12 -11.94
CA PRO A 197 -34.77 -18.81 -13.10
C PRO A 197 -35.81 -19.69 -13.79
N ARG A 198 -35.53 -20.01 -15.04
CA ARG A 198 -36.37 -20.94 -15.78
C ARG A 198 -35.62 -22.24 -16.07
N PRO A 199 -35.91 -23.28 -15.29
CA PRO A 199 -35.29 -24.59 -15.48
C PRO A 199 -35.99 -25.39 -16.58
N VAL A 200 -35.23 -25.78 -17.59
CA VAL A 200 -35.79 -26.52 -18.71
C VAL A 200 -35.05 -27.84 -18.90
N ASP A 201 -35.61 -28.91 -18.34
CA ASP A 201 -35.07 -30.24 -18.53
C ASP A 201 -35.91 -30.96 -19.58
N ARG A 202 -35.28 -31.34 -20.68
CA ARG A 202 -36.00 -31.90 -21.82
C ARG A 202 -36.40 -33.35 -21.58
N GLU A 203 -37.48 -33.76 -22.25
CA GLU A 203 -37.96 -35.15 -22.28
C GLU A 203 -37.96 -35.80 -20.89
N VAL A 204 -38.96 -35.46 -20.11
CA VAL A 204 -39.13 -36.00 -18.77
C VAL A 204 -40.47 -36.72 -18.63
N PRO A 205 -40.46 -38.05 -18.60
CA PRO A 205 -41.68 -38.85 -18.43
C PRO A 205 -42.20 -38.80 -17.00
N ALA B 1 -40.41 -3.38 -20.06
CA ALA B 1 -39.93 -3.75 -18.71
C ALA B 1 -38.75 -2.90 -18.25
N ARG B 2 -37.60 -3.08 -18.90
CA ARG B 2 -36.33 -2.72 -18.29
C ARG B 2 -35.23 -2.45 -19.33
N THR B 3 -35.30 -1.34 -20.05
CA THR B 3 -34.34 -1.10 -21.12
C THR B 3 -33.17 -0.22 -20.71
N GLN B 5 -29.23 0.72 -22.69
CA GLN B 5 -28.29 0.48 -23.78
C GLN B 5 -27.27 1.60 -23.87
N THR B 6 -26.05 1.34 -23.45
CA THR B 6 -24.99 2.34 -23.50
C THR B 6 -23.66 1.69 -23.85
N ALA B 7 -23.16 1.97 -25.05
CA ALA B 7 -21.85 1.50 -25.44
C ALA B 7 -20.94 2.66 -25.80
N ARG B 8 -21.53 3.85 -25.92
CA ARG B 8 -20.79 5.05 -26.26
C ARG B 8 -21.59 6.29 -25.89
N LYS B 9 -22.87 6.28 -26.25
CA LYS B 9 -23.76 7.39 -25.97
C LYS B 9 -24.55 7.10 -24.69
N SER B 10 -24.20 7.80 -23.61
CA SER B 10 -24.82 7.59 -22.32
C SER B 10 -26.33 7.85 -22.38
N THR B 11 -27.09 6.99 -21.72
CA THR B 11 -28.54 7.10 -21.74
C THR B 11 -29.08 7.48 -20.37
N GLY B 12 -28.61 8.60 -19.87
CA GLY B 12 -29.04 9.08 -18.57
C GLY B 12 -28.08 10.11 -18.01
N SER A 1 12.89 31.51 0.66
CA SER A 1 14.00 31.41 1.62
C SER A 1 13.97 30.05 2.34
N MET A 2 13.57 29.02 1.61
CA MET A 2 13.48 27.67 2.16
C MET A 2 13.30 26.67 1.02
N ASN A 3 14.00 25.55 1.12
CA ASN A 3 13.92 24.54 0.07
C ASN A 3 12.75 23.61 0.32
N ILE A 4 11.70 23.79 -0.48
CA ILE A 4 10.49 23.00 -0.36
C ILE A 4 10.78 21.51 -0.49
N GLU A 5 11.75 21.17 -1.32
CA GLU A 5 12.07 19.79 -1.59
C GLU A 5 12.55 19.07 -0.33
N VAL A 6 13.38 19.76 0.47
CA VAL A 6 13.89 19.16 1.70
C VAL A 6 12.80 19.16 2.77
N ALA A 7 11.88 20.11 2.67
CA ALA A 7 10.77 20.20 3.60
C ALA A 7 9.78 19.08 3.34
N ARG A 8 9.61 18.73 2.08
CA ARG A 8 8.75 17.62 1.68
C ARG A 8 9.28 16.31 2.26
N ALA A 9 10.56 16.03 2.01
CA ALA A 9 11.18 14.79 2.47
C ALA A 9 11.11 14.70 4.00
N ALA A 10 11.31 15.82 4.66
CA ALA A 10 11.23 15.88 6.10
C ALA A 10 9.79 15.65 6.57
N ARG A 11 8.86 16.38 5.97
CA ARG A 11 7.44 16.29 6.36
C ARG A 11 6.99 14.83 6.34
N LEU A 12 7.18 14.18 5.18
CA LEU A 12 6.79 12.79 5.02
C LEU A 12 7.53 11.92 6.03
N ALA A 13 8.75 12.29 6.39
CA ALA A 13 9.57 11.51 7.33
C ALA A 13 8.84 11.28 8.67
N GLN A 14 8.44 12.37 9.33
CA GLN A 14 7.75 12.26 10.62
C GLN A 14 6.42 11.57 10.43
N ILE A 15 5.89 11.72 9.25
CA ILE A 15 4.59 11.17 8.93
C ILE A 15 4.67 9.68 8.61
N PHE A 16 5.71 9.27 7.89
CA PHE A 16 5.96 7.86 7.66
C PHE A 16 6.08 7.16 9.00
N LYS A 17 6.66 7.87 9.96
CA LYS A 17 6.78 7.38 11.32
C LYS A 17 5.39 7.04 11.86
N GLU A 18 4.48 8.01 11.80
CA GLU A 18 3.09 7.80 12.22
C GLU A 18 2.51 6.56 11.58
N ILE A 19 2.68 6.46 10.26
CA ILE A 19 2.14 5.35 9.48
C ILE A 19 2.77 4.03 9.91
N CYS A 20 4.10 3.95 9.90
CA CYS A 20 4.80 2.71 10.23
C CYS A 20 4.55 2.31 11.68
N ASP A 21 4.41 3.29 12.58
CA ASP A 21 4.13 3.02 13.99
C ASP A 21 2.81 2.29 14.13
N GLY A 22 1.86 2.64 13.27
CA GLY A 22 0.59 1.94 13.25
C GLY A 22 0.77 0.51 12.81
N ILE A 23 1.49 0.34 11.72
CA ILE A 23 1.75 -0.98 11.14
C ILE A 23 2.43 -1.90 12.15
N ILE A 24 3.44 -1.37 12.83
CA ILE A 24 4.16 -2.12 13.84
C ILE A 24 3.24 -2.50 14.98
N SER A 25 2.50 -1.53 15.48
CA SER A 25 1.73 -1.76 16.70
C SER A 25 0.21 -1.75 16.50
N TYR A 26 -0.32 -2.24 15.38
CA TYR A 26 -1.75 -2.56 15.39
C TYR A 26 -1.92 -4.03 15.64
N ARG A 27 -3.14 -4.41 15.99
CA ARG A 27 -3.35 -5.63 16.76
C ARG A 27 -4.68 -6.28 16.43
N ASP A 28 -4.75 -7.59 16.67
CA ASP A 28 -5.99 -8.33 16.54
C ASP A 28 -6.74 -8.29 17.88
N SER A 29 -7.87 -8.99 17.97
CA SER A 29 -8.74 -8.92 19.15
C SER A 29 -7.98 -9.26 20.44
N SER A 30 -7.09 -10.24 20.39
CA SER A 30 -6.35 -10.67 21.57
C SER A 30 -5.10 -9.82 21.78
N GLN A 31 -5.08 -8.64 21.14
CA GLN A 31 -3.98 -7.69 21.25
C GLN A 31 -2.67 -8.31 20.74
N GLN A 32 -2.71 -8.90 19.57
CA GLN A 32 -1.52 -9.51 19.00
C GLN A 32 -0.92 -8.59 17.95
N THR A 33 0.38 -8.38 18.03
CA THR A 33 1.08 -7.64 17.01
C THR A 33 1.54 -8.60 15.91
N LEU A 34 0.89 -8.52 14.77
CA LEU A 34 1.08 -9.46 13.68
C LEU A 34 2.43 -9.26 13.02
N ALA A 35 2.86 -8.01 12.96
CA ALA A 35 4.04 -7.61 12.19
C ALA A 35 5.34 -8.02 12.90
N ALA A 36 5.21 -8.76 13.99
CA ALA A 36 6.35 -9.22 14.79
C ALA A 36 7.47 -9.87 13.94
N PRO A 37 7.14 -10.79 13.01
CA PRO A 37 8.15 -11.43 12.16
C PRO A 37 8.73 -10.50 11.10
N LEU A 38 7.97 -9.50 10.71
CA LEU A 38 8.33 -8.67 9.56
C LEU A 38 9.31 -7.55 9.94
N LEU A 39 9.26 -7.11 11.19
CA LEU A 39 10.11 -6.00 11.60
C LEU A 39 11.40 -6.47 12.25
N ASN A 40 11.49 -7.76 12.52
CA ASN A 40 12.68 -8.35 13.11
C ASN A 40 13.46 -9.15 12.07
N LEU A 41 14.58 -8.62 11.61
CA LEU A 41 15.45 -9.38 10.71
C LEU A 41 16.10 -10.53 11.46
N PRO A 42 15.93 -11.76 10.95
CA PRO A 42 16.51 -12.97 11.51
C PRO A 42 18.03 -12.89 11.61
N PRO A 43 18.61 -13.28 12.77
CA PRO A 43 20.04 -13.35 12.96
C PRO A 43 20.76 -13.99 11.78
N LYS A 44 21.72 -13.26 11.25
CA LYS A 44 22.35 -13.56 9.96
C LYS A 44 23.06 -14.93 9.95
N LYS A 45 23.78 -15.24 11.01
CA LYS A 45 24.61 -16.45 11.05
C LYS A 45 23.78 -17.71 10.83
N LYS A 46 22.72 -17.88 11.62
CA LYS A 46 21.92 -19.10 11.54
C LYS A 46 20.79 -18.96 10.53
N ASN A 47 20.97 -18.07 9.56
CA ASN A 47 19.96 -17.86 8.53
C ASN A 47 20.58 -17.72 7.16
N ALA A 48 21.49 -18.62 6.83
CA ALA A 48 22.11 -18.63 5.51
C ALA A 48 21.06 -19.00 4.47
N ASP A 49 20.21 -19.96 4.84
CA ASP A 49 19.06 -20.35 4.01
C ASP A 49 18.14 -19.17 3.73
N TYR A 50 17.70 -18.49 4.79
CA TYR A 50 16.87 -17.28 4.67
C TYR A 50 17.46 -16.30 3.66
N TYR A 51 18.75 -16.01 3.84
CA TYR A 51 19.43 -14.99 3.05
C TYR A 51 19.91 -15.57 1.72
N GLU A 52 19.72 -16.87 1.54
CA GLU A 52 20.08 -17.54 0.30
C GLU A 52 19.04 -17.24 -0.77
N LYS A 53 17.80 -17.65 -0.52
CA LYS A 53 16.72 -17.44 -1.48
C LYS A 53 16.36 -15.95 -1.54
N ILE A 54 16.20 -15.34 -0.38
CA ILE A 54 15.87 -13.93 -0.27
C ILE A 54 17.15 -13.11 -0.36
N SER A 55 17.47 -12.68 -1.58
CA SER A 55 18.69 -11.95 -1.84
C SER A 55 18.58 -10.50 -1.34
N ASP A 56 17.35 -10.06 -1.05
CA ASP A 56 17.12 -8.70 -0.59
C ASP A 56 16.04 -8.68 0.49
N PRO A 57 16.39 -9.07 1.74
CA PRO A 57 15.46 -9.03 2.85
C PRO A 57 15.36 -7.63 3.47
N LEU A 58 14.40 -7.46 4.37
CA LEU A 58 14.15 -6.18 5.01
C LEU A 58 13.24 -6.36 6.21
N ASP A 59 13.38 -5.49 7.20
CA ASP A 59 12.54 -5.53 8.38
C ASP A 59 12.03 -4.14 8.73
N LEU A 60 10.75 -4.12 9.12
CA LEU A 60 10.03 -2.88 9.40
C LEU A 60 10.67 -2.04 10.50
N SER A 61 11.29 -2.69 11.48
CA SER A 61 11.89 -1.95 12.59
C SER A 61 13.07 -1.10 12.09
N THR A 62 13.80 -1.60 11.10
CA THR A 62 14.86 -0.81 10.50
C THR A 62 14.27 0.29 9.63
N ILE A 63 13.17 -0.04 8.95
CA ILE A 63 12.43 0.91 8.14
C ILE A 63 11.99 2.12 8.98
N GLU A 64 11.46 1.84 10.16
CA GLU A 64 11.08 2.86 11.13
C GLU A 64 12.25 3.81 11.43
N LYS A 65 13.37 3.24 11.84
CA LYS A 65 14.59 4.01 12.09
C LYS A 65 15.05 4.77 10.84
N GLN A 66 14.97 4.15 9.66
CA GLN A 66 15.37 4.81 8.42
C GLN A 66 14.36 5.88 8.04
N ILE A 67 13.19 5.79 8.65
CA ILE A 67 12.13 6.76 8.47
C ILE A 67 12.48 8.07 9.17
N LEU A 68 12.96 7.99 10.41
CA LEU A 68 13.34 9.17 11.17
C LEU A 68 14.55 9.88 10.57
N ILE A 69 15.38 9.13 9.85
CA ILE A 69 16.57 9.71 9.23
C ILE A 69 16.24 10.32 7.86
N GLY A 70 15.02 10.08 7.40
CA GLY A 70 14.55 10.66 6.15
C GLY A 70 15.29 10.14 4.93
N TYR A 71 15.59 8.85 4.92
CA TYR A 71 16.37 8.24 3.85
C TYR A 71 15.47 7.92 2.64
N TYR A 72 14.17 7.94 2.85
CA TYR A 72 13.24 7.51 1.81
C TYR A 72 12.89 8.62 0.84
N LYS A 73 13.08 9.86 1.26
CA LYS A 73 12.74 11.04 0.45
C LYS A 73 11.23 11.18 0.28
N THR A 74 10.65 10.31 -0.53
CA THR A 74 9.24 10.35 -0.83
C THR A 74 8.56 9.02 -0.53
N VAL A 75 7.26 8.93 -0.75
CA VAL A 75 6.52 7.72 -0.41
C VAL A 75 6.83 6.58 -1.37
N GLU A 76 7.16 6.93 -2.61
CA GLU A 76 7.55 5.95 -3.63
C GLU A 76 8.47 4.86 -3.04
N ALA A 77 9.59 5.29 -2.46
CA ALA A 77 10.54 4.35 -1.89
C ALA A 77 9.97 3.68 -0.65
N PHE A 78 9.27 4.46 0.17
CA PHE A 78 8.64 3.95 1.38
C PHE A 78 7.65 2.82 1.08
N ASP A 79 6.72 3.07 0.15
CA ASP A 79 5.69 2.10 -0.19
C ASP A 79 6.31 0.82 -0.74
N ALA A 80 7.38 0.97 -1.50
CA ALA A 80 8.11 -0.17 -2.04
C ALA A 80 8.62 -1.07 -0.92
N ASP A 81 9.20 -0.45 0.09
CA ASP A 81 9.77 -1.18 1.24
C ASP A 81 8.70 -1.95 2.01
N MET A 82 7.54 -1.32 2.18
CA MET A 82 6.45 -1.92 2.96
C MET A 82 5.90 -3.16 2.28
N LEU A 83 5.52 -3.03 1.02
CA LEU A 83 4.95 -4.15 0.27
C LEU A 83 6.01 -5.23 0.08
N LYS A 84 7.27 -4.82 0.17
CA LYS A 84 8.40 -5.71 -0.01
C LYS A 84 8.54 -6.69 1.16
N VAL A 85 8.42 -6.20 2.37
CA VAL A 85 8.53 -7.07 3.54
C VAL A 85 7.36 -8.04 3.61
N PHE A 86 6.16 -7.57 3.31
CA PHE A 86 4.99 -8.44 3.21
C PHE A 86 5.20 -9.51 2.14
N ARG A 87 5.80 -9.14 1.01
CA ARG A 87 5.91 -10.05 -0.10
C ARG A 87 7.02 -11.08 0.12
N ASN A 88 8.07 -10.71 0.85
CA ASN A 88 9.11 -11.68 1.19
C ASN A 88 8.62 -12.61 2.29
N ALA A 89 7.66 -12.11 3.07
CA ALA A 89 7.01 -12.92 4.10
C ALA A 89 6.26 -14.09 3.48
N GLU A 90 5.34 -13.78 2.57
CA GLU A 90 4.53 -14.80 1.92
C GLU A 90 5.36 -15.62 0.94
N LYS A 91 6.48 -15.07 0.47
CA LYS A 91 7.29 -15.77 -0.52
C LYS A 91 8.32 -16.68 0.14
N TYR A 92 8.65 -16.39 1.40
CA TYR A 92 9.45 -17.32 2.18
C TYR A 92 8.52 -18.33 2.85
N TYR A 93 7.85 -17.85 3.90
CA TYR A 93 6.99 -18.68 4.72
C TYR A 93 5.91 -19.37 3.88
N GLY A 94 5.23 -18.61 3.05
CA GLY A 94 4.21 -19.18 2.19
C GLY A 94 2.97 -18.32 2.14
N ARG A 95 2.21 -18.43 1.06
CA ARG A 95 0.99 -17.64 0.92
C ARG A 95 -0.15 -18.30 1.69
N LYS A 96 0.09 -19.51 2.16
CA LYS A 96 -0.89 -20.22 2.97
C LYS A 96 -0.22 -20.67 4.28
N SER A 97 0.69 -19.84 4.77
CA SER A 97 1.49 -20.14 5.93
C SER A 97 0.86 -19.54 7.19
N PRO A 98 1.36 -19.88 8.38
CA PRO A 98 0.90 -19.28 9.64
C PRO A 98 0.85 -17.76 9.58
N ILE A 99 1.95 -17.13 9.18
CA ILE A 99 2.02 -15.67 9.17
C ILE A 99 1.27 -15.09 7.96
N GLY A 100 0.97 -15.95 6.99
CA GLY A 100 0.18 -15.54 5.83
C GLY A 100 -0.98 -14.61 6.17
N ARG A 101 -1.83 -15.01 7.14
CA ARG A 101 -2.96 -14.20 7.57
C ARG A 101 -2.53 -12.85 8.15
N ASP A 102 -1.33 -12.79 8.70
CA ASP A 102 -0.90 -11.59 9.42
C ASP A 102 -0.48 -10.53 8.42
N VAL A 103 0.41 -10.89 7.49
CA VAL A 103 1.01 -9.90 6.61
C VAL A 103 0.00 -9.43 5.57
N CYS A 104 -0.99 -10.27 5.25
CA CYS A 104 -2.03 -9.88 4.32
C CYS A 104 -2.98 -8.89 4.98
N ARG A 105 -3.24 -9.10 6.27
CA ARG A 105 -4.04 -8.16 7.04
C ARG A 105 -3.32 -6.82 7.17
N LEU A 106 -2.02 -6.88 7.47
CA LEU A 106 -1.20 -5.67 7.57
C LEU A 106 -1.28 -4.90 6.26
N ARG A 107 -1.14 -5.64 5.18
CA ARG A 107 -1.22 -5.10 3.83
C ARG A 107 -2.49 -4.27 3.65
N LYS A 108 -3.61 -4.80 4.14
CA LYS A 108 -4.88 -4.12 4.00
C LYS A 108 -4.96 -2.88 4.88
N ALA A 109 -4.53 -3.01 6.14
CA ALA A 109 -4.58 -1.88 7.06
C ALA A 109 -3.58 -0.80 6.67
N TYR A 110 -2.55 -1.21 5.93
CA TYR A 110 -1.52 -0.28 5.47
C TYR A 110 -1.99 0.53 4.27
N TYR A 111 -2.68 -0.11 3.33
CA TYR A 111 -3.23 0.63 2.20
C TYR A 111 -4.25 1.64 2.69
N SER A 112 -5.03 1.23 3.69
CA SER A 112 -5.97 2.13 4.33
C SER A 112 -5.21 3.25 5.02
N ALA A 113 -4.12 2.89 5.70
CA ALA A 113 -3.26 3.85 6.38
C ALA A 113 -2.69 4.88 5.41
N ARG A 114 -2.20 4.40 4.27
CA ARG A 114 -1.66 5.28 3.24
C ARG A 114 -2.72 6.24 2.73
N HIS A 115 -3.95 5.76 2.61
CA HIS A 115 -5.04 6.61 2.17
C HIS A 115 -5.45 7.58 3.27
N GLU A 116 -5.31 7.15 4.52
CA GLU A 116 -5.56 8.02 5.66
C GLU A 116 -4.60 9.18 5.66
N ALA A 117 -3.32 8.87 5.52
CA ALA A 117 -2.27 9.88 5.53
C ALA A 117 -2.14 10.56 4.18
N SER A 118 -2.86 10.07 3.18
CA SER A 118 -2.79 10.63 1.83
C SER A 118 -3.06 12.14 1.84
N ALA A 119 -3.84 12.58 2.82
CA ALA A 119 -4.14 14.00 2.98
C ALA A 119 -2.88 14.84 2.95
N GLN A 120 -1.99 14.61 3.92
CA GLN A 120 -0.74 15.35 3.99
C GLN A 120 0.13 15.10 2.76
N ILE A 121 0.19 13.86 2.27
CA ILE A 121 1.03 13.56 1.11
C ILE A 121 0.59 14.46 -0.05
N ASP A 122 -0.72 14.60 -0.20
CA ASP A 122 -1.30 15.40 -1.26
C ASP A 122 -0.89 16.87 -1.18
N GLU A 123 -0.98 17.45 0.03
CA GLU A 123 -0.71 18.88 0.20
C GLU A 123 0.79 19.17 0.20
N ILE A 124 1.58 18.17 0.54
CA ILE A 124 3.03 18.34 0.62
C ILE A 124 3.70 17.94 -0.69
N VAL A 125 3.48 16.71 -1.12
CA VAL A 125 4.10 16.20 -2.35
C VAL A 125 3.48 16.85 -3.58
N GLY A 126 2.19 17.18 -3.47
CA GLY A 126 1.49 17.82 -4.57
C GLY A 126 0.97 16.81 -5.56
N GLU A 127 0.83 15.57 -5.12
CA GLU A 127 0.36 14.47 -5.95
C GLU A 127 1.28 14.21 -7.14
N THR A 128 2.50 14.73 -7.08
CA THR A 128 3.46 14.52 -8.15
C THR A 128 3.94 13.07 -8.11
N ALA A 129 3.62 12.39 -7.01
CA ALA A 129 3.94 10.99 -6.84
C ALA A 129 2.99 10.11 -7.64
N SER A 130 1.91 10.72 -8.13
CA SER A 130 0.90 10.03 -8.92
C SER A 130 0.20 8.94 -8.11
N GLU A 131 -0.39 7.98 -8.80
CA GLU A 131 -1.08 6.87 -8.16
C GLU A 131 -0.17 6.10 -7.21
N ALA A 132 1.11 6.03 -7.58
CA ALA A 132 2.12 5.31 -6.81
C ALA A 132 1.83 3.82 -6.82
N ASP A 133 1.40 3.32 -7.96
CA ASP A 133 1.09 1.91 -8.14
C ASP A 133 2.00 1.31 -9.20
N SER A 134 3.28 1.65 -9.14
CA SER A 134 4.26 1.15 -10.10
C SER A 134 4.90 -0.14 -9.58
N SER A 135 4.25 -0.73 -8.59
CA SER A 135 4.69 -1.98 -8.02
C SER A 135 3.45 -2.75 -7.62
N GLU A 136 3.63 -3.97 -7.19
CA GLU A 136 2.52 -4.83 -6.95
C GLU A 136 2.81 -5.79 -5.81
N THR A 137 1.77 -6.40 -5.30
CA THR A 137 1.88 -7.32 -4.18
C THR A 137 0.79 -8.38 -4.23
N SER A 138 -0.14 -8.24 -5.17
CA SER A 138 -1.27 -9.15 -5.28
C SER A 138 -1.55 -9.50 -6.75
N VAL A 139 -2.43 -8.73 -7.39
CA VAL A 139 -2.81 -8.96 -8.80
C VAL A 139 -3.09 -10.45 -9.04
N SER A 140 -2.71 -10.96 -10.21
CA SER A 140 -2.80 -12.38 -10.49
C SER A 140 -1.40 -12.95 -10.71
N GLU A 141 -0.77 -12.58 -11.81
CA GLU A 141 0.54 -13.07 -12.16
C GLU A 141 1.65 -12.17 -11.61
N LYS A 142 1.33 -10.87 -11.51
CA LYS A 142 2.24 -9.84 -10.97
C LYS A 142 3.45 -9.64 -11.86
N GLU A 143 4.39 -10.57 -11.75
CA GLU A 143 5.67 -10.47 -12.43
C GLU A 143 5.69 -11.34 -13.69
N SER A 144 5.54 -12.64 -13.49
CA SER A 144 5.47 -13.59 -14.58
C SER A 144 4.11 -13.50 -15.27
N GLY A 145 3.77 -12.30 -15.69
CA GLY A 145 2.49 -12.06 -16.32
C GLY A 145 2.48 -12.44 -17.77
N HIS A 146 1.66 -13.42 -18.10
CA HIS A 146 1.44 -13.82 -19.46
C HIS A 146 0.23 -13.05 -20.02
N GLU A 147 -0.79 -12.97 -19.20
CA GLU A 147 -2.01 -12.25 -19.54
C GLU A 147 -1.93 -10.80 -19.07
N LYS A 148 -1.47 -10.59 -17.84
CA LYS A 148 -1.26 -9.25 -17.29
C LYS A 148 -2.58 -8.53 -17.14
N ASP A 149 -3.52 -9.26 -16.55
CA ASP A 149 -4.89 -8.82 -16.33
C ASP A 149 -5.46 -8.05 -17.54
N ASP A 150 -5.04 -8.44 -18.73
CA ASP A 150 -5.43 -7.74 -19.95
C ASP A 150 -6.43 -8.58 -20.75
N ASP A 151 -6.05 -9.82 -21.02
CA ASP A 151 -6.89 -10.73 -21.79
C ASP A 151 -7.74 -11.55 -20.82
N VAL A 152 -8.34 -10.82 -19.89
CA VAL A 152 -9.06 -11.40 -18.77
C VAL A 152 -10.40 -12.02 -19.15
N ILE A 153 -10.56 -13.27 -18.77
CA ILE A 153 -11.83 -13.95 -18.84
C ILE A 153 -12.65 -13.71 -17.57
N ARG A 154 -13.93 -13.44 -17.72
CA ARG A 154 -14.82 -13.40 -16.56
C ARG A 154 -16.24 -13.83 -16.93
N CYS A 155 -16.43 -15.13 -17.00
CA CYS A 155 -17.74 -15.68 -17.20
C CYS A 155 -18.18 -16.40 -15.93
N ILE A 156 -19.48 -16.64 -15.81
CA ILE A 156 -20.04 -17.38 -14.68
C ILE A 156 -19.58 -18.83 -14.71
N CYS A 157 -18.89 -19.20 -15.79
CA CYS A 157 -18.25 -20.50 -15.90
C CYS A 157 -17.26 -20.73 -14.77
N GLY A 158 -16.39 -19.76 -14.55
CA GLY A 158 -15.37 -19.87 -13.52
C GLY A 158 -14.06 -20.39 -14.07
N LEU A 159 -14.10 -20.95 -15.28
CA LEU A 159 -12.91 -21.56 -15.89
C LEU A 159 -11.80 -20.53 -16.06
N TYR A 160 -12.20 -19.32 -16.47
CA TYR A 160 -11.26 -18.24 -16.75
C TYR A 160 -10.41 -18.61 -17.97
N LYS A 161 -11.02 -19.32 -18.93
CA LYS A 161 -10.29 -19.71 -20.12
C LYS A 161 -11.08 -19.37 -21.40
N ASP A 162 -10.34 -18.94 -22.40
CA ASP A 162 -10.85 -18.57 -23.72
C ASP A 162 -11.37 -19.79 -24.48
N GLU A 163 -12.60 -20.16 -24.19
CA GLU A 163 -13.35 -21.09 -25.02
C GLU A 163 -14.64 -20.44 -25.51
N GLY A 164 -15.33 -21.15 -26.38
CA GLY A 164 -16.60 -20.70 -26.91
C GLY A 164 -16.54 -19.38 -27.66
N LEU A 165 -17.69 -18.73 -27.75
CA LEU A 165 -17.78 -17.37 -28.27
C LEU A 165 -17.95 -16.43 -27.09
N MET A 166 -17.45 -15.22 -27.20
CA MET A 166 -17.56 -14.27 -26.11
C MET A 166 -17.54 -12.84 -26.64
N ILE A 167 -18.25 -11.96 -25.95
CA ILE A 167 -18.25 -10.54 -26.31
C ILE A 167 -17.40 -9.75 -25.31
N GLN A 168 -17.34 -8.44 -25.53
CA GLN A 168 -16.38 -7.59 -24.82
C GLN A 168 -17.13 -6.50 -24.02
N CYS A 169 -16.98 -6.50 -22.69
CA CYS A 169 -17.57 -5.46 -21.83
C CYS A 169 -17.20 -4.08 -22.37
N ASP A 170 -18.20 -3.25 -22.58
CA ASP A 170 -18.00 -1.91 -23.13
C ASP A 170 -17.04 -1.11 -22.25
N LYS A 171 -16.99 -1.44 -20.97
CA LYS A 171 -16.12 -0.74 -20.05
C LYS A 171 -14.87 -1.56 -19.67
N CYS A 172 -15.05 -2.82 -19.27
CA CYS A 172 -13.91 -3.67 -18.89
C CYS A 172 -13.03 -3.94 -20.07
N MET A 173 -13.66 -4.01 -21.23
CA MET A 173 -13.08 -4.62 -22.41
C MET A 173 -12.64 -6.05 -22.03
N VAL A 174 -13.47 -6.65 -21.17
CA VAL A 174 -13.28 -8.02 -20.66
C VAL A 174 -14.07 -9.03 -21.48
N TRP A 175 -13.73 -10.30 -21.33
CA TRP A 175 -14.33 -11.35 -22.14
C TRP A 175 -15.39 -12.11 -21.35
N GLN A 176 -16.61 -12.16 -21.89
CA GLN A 176 -17.68 -12.95 -21.30
C GLN A 176 -18.36 -13.79 -22.38
N HIS A 177 -18.53 -15.09 -22.14
CA HIS A 177 -19.05 -16.00 -23.16
C HIS A 177 -20.45 -15.62 -23.59
N CYS A 178 -20.66 -15.68 -24.90
CA CYS A 178 -21.92 -15.28 -25.53
C CYS A 178 -23.03 -16.30 -25.28
N ASP A 179 -22.76 -17.57 -25.54
CA ASP A 179 -23.77 -18.62 -25.40
C ASP A 179 -24.16 -18.80 -23.93
N CYS A 180 -23.28 -18.35 -23.05
CA CYS A 180 -23.51 -18.42 -21.62
C CYS A 180 -24.45 -17.31 -21.16
N MET A 181 -24.04 -16.08 -21.42
CA MET A 181 -24.80 -14.90 -20.99
C MET A 181 -26.11 -14.76 -21.78
N GLY A 182 -26.23 -15.50 -22.86
CA GLY A 182 -27.44 -15.46 -23.67
C GLY A 182 -27.38 -14.34 -24.68
N VAL A 183 -26.20 -14.12 -25.22
CA VAL A 183 -25.97 -13.06 -26.19
C VAL A 183 -26.15 -13.61 -27.61
N ASN A 184 -26.16 -12.73 -28.59
CA ASN A 184 -26.41 -13.13 -29.98
C ASN A 184 -25.21 -12.75 -30.86
N THR A 185 -24.09 -12.44 -30.21
CA THR A 185 -22.88 -11.95 -30.86
C THR A 185 -23.15 -10.78 -31.82
N ASP A 186 -24.22 -10.01 -31.56
CA ASP A 186 -24.51 -8.85 -32.39
C ASP A 186 -24.96 -7.66 -31.54
N VAL A 187 -24.54 -7.64 -30.29
CA VAL A 187 -24.88 -6.55 -29.37
C VAL A 187 -24.04 -5.31 -29.66
N GLU A 188 -24.54 -4.17 -29.23
CA GLU A 188 -23.87 -2.91 -29.46
C GLU A 188 -23.07 -2.48 -28.23
N HIS A 189 -23.67 -2.60 -27.06
CA HIS A 189 -23.04 -2.17 -25.82
C HIS A 189 -23.33 -3.14 -24.69
N TYR A 190 -22.54 -4.20 -24.63
CA TYR A 190 -22.72 -5.22 -23.60
C TYR A 190 -21.88 -4.88 -22.37
N LEU A 191 -22.41 -5.20 -21.20
CA LEU A 191 -21.69 -5.00 -19.96
C LEU A 191 -21.81 -6.22 -19.05
N CYS A 192 -20.96 -6.28 -18.03
CA CYS A 192 -20.92 -7.42 -17.12
C CYS A 192 -22.21 -7.54 -16.31
N GLU A 193 -22.38 -8.72 -15.71
CA GLU A 193 -23.45 -8.96 -14.75
C GLU A 193 -23.03 -8.42 -13.38
N GLN A 194 -22.26 -7.35 -13.44
CA GLN A 194 -21.64 -6.74 -12.28
C GLN A 194 -21.54 -5.25 -12.50
N CYS A 195 -20.82 -4.89 -13.56
CA CYS A 195 -20.72 -3.51 -14.02
C CYS A 195 -22.09 -2.85 -14.10
N ASP A 196 -22.94 -3.40 -14.93
CA ASP A 196 -24.28 -2.88 -15.12
C ASP A 196 -25.24 -4.03 -15.38
N PRO A 197 -25.55 -4.80 -14.33
CA PRO A 197 -26.42 -5.97 -14.44
C PRO A 197 -27.88 -5.55 -14.48
N ARG A 198 -28.69 -6.30 -15.22
CA ARG A 198 -30.12 -6.05 -15.27
C ARG A 198 -30.77 -6.38 -13.93
N PRO A 199 -31.33 -5.38 -13.25
CA PRO A 199 -32.04 -5.59 -11.99
C PRO A 199 -33.40 -6.23 -12.23
N VAL A 200 -33.60 -7.41 -11.68
CA VAL A 200 -34.86 -8.10 -11.83
C VAL A 200 -35.93 -7.43 -10.96
N ASP A 201 -36.76 -6.64 -11.61
CA ASP A 201 -37.79 -5.85 -10.92
C ASP A 201 -38.96 -6.74 -10.52
N ARG A 202 -39.08 -7.87 -11.18
CA ARG A 202 -40.15 -8.82 -10.89
C ARG A 202 -39.97 -9.45 -9.52
N GLU A 203 -41.08 -9.67 -8.82
CA GLU A 203 -41.08 -10.21 -7.47
C GLU A 203 -40.27 -9.33 -6.53
N VAL A 204 -40.57 -8.03 -6.57
CA VAL A 204 -39.94 -7.06 -5.68
C VAL A 204 -41.01 -6.14 -5.10
N PRO A 205 -41.25 -6.22 -3.78
CA PRO A 205 -42.34 -5.53 -3.12
C PRO A 205 -42.03 -4.06 -2.87
N ALA B 1 -20.26 -4.51 -30.30
CA ALA B 1 -19.45 -5.27 -29.32
C ALA B 1 -18.28 -5.96 -30.01
N ARG B 2 -17.14 -6.00 -29.35
CA ARG B 2 -16.02 -6.78 -29.84
C ARG B 2 -16.28 -8.24 -29.49
N THR B 3 -16.33 -9.09 -30.50
CA THR B 3 -16.70 -10.47 -30.29
C THR B 3 -15.57 -11.42 -30.68
N GLN B 5 -14.88 -15.23 -31.70
CA GLN B 5 -15.44 -16.49 -32.15
C GLN B 5 -14.32 -17.48 -32.36
N THR B 6 -14.18 -18.44 -31.45
CA THR B 6 -13.09 -19.39 -31.54
C THR B 6 -13.48 -20.76 -31.01
N ALA B 7 -14.27 -20.77 -29.94
CA ALA B 7 -14.61 -21.99 -29.22
C ALA B 7 -13.34 -22.67 -28.72
N ARG B 8 -12.86 -23.66 -29.43
CA ARG B 8 -11.61 -24.32 -29.07
C ARG B 8 -10.78 -24.58 -30.32
N LYS B 9 -11.05 -23.79 -31.36
CA LYS B 9 -10.26 -23.83 -32.58
C LYS B 9 -8.85 -23.34 -32.28
N SER B 10 -8.78 -22.23 -31.54
CA SER B 10 -7.50 -21.67 -31.15
C SER B 10 -6.98 -22.35 -29.89
N THR B 11 -6.91 -23.68 -29.92
CA THR B 11 -6.42 -24.45 -28.80
C THR B 11 -4.90 -24.34 -28.71
N GLY B 12 -4.40 -24.12 -27.51
CA GLY B 12 -2.97 -23.98 -27.32
C GLY B 12 -2.61 -23.87 -25.86
N SER A 1 16.21 30.43 -1.46
CA SER A 1 16.05 30.43 0.01
C SER A 1 14.99 29.40 0.42
N MET A 2 15.36 28.50 1.33
CA MET A 2 14.49 27.39 1.77
C MET A 2 14.33 26.35 0.68
N ASN A 3 14.41 25.10 1.06
CA ASN A 3 14.17 24.01 0.13
C ASN A 3 12.87 23.32 0.48
N ILE A 4 11.90 23.41 -0.40
CA ILE A 4 10.63 22.74 -0.21
C ILE A 4 10.86 21.24 -0.10
N GLU A 5 11.81 20.75 -0.87
CA GLU A 5 12.19 19.34 -0.87
C GLU A 5 12.51 18.81 0.53
N VAL A 6 13.33 19.52 1.28
CA VAL A 6 13.72 19.07 2.60
C VAL A 6 12.59 19.29 3.59
N ALA A 7 11.69 20.22 3.27
CA ALA A 7 10.50 20.44 4.07
C ALA A 7 9.52 19.29 3.86
N ARG A 8 9.49 18.80 2.63
CA ARG A 8 8.65 17.65 2.28
C ARG A 8 9.21 16.40 2.91
N ALA A 9 10.53 16.30 2.86
CA ALA A 9 11.24 15.18 3.46
C ALA A 9 10.97 15.12 4.95
N ALA A 10 10.96 16.29 5.59
CA ALA A 10 10.64 16.39 6.99
C ALA A 10 9.19 16.02 7.24
N ARG A 11 8.31 16.54 6.39
CA ARG A 11 6.89 16.32 6.53
C ARG A 11 6.52 14.85 6.41
N LEU A 12 6.81 14.26 5.25
CA LEU A 12 6.44 12.87 5.01
C LEU A 12 7.10 11.94 6.01
N ALA A 13 8.34 12.24 6.42
CA ALA A 13 9.06 11.34 7.32
C ALA A 13 8.33 11.17 8.65
N GLN A 14 8.00 12.29 9.29
CA GLN A 14 7.31 12.24 10.58
C GLN A 14 5.90 11.66 10.40
N ILE A 15 5.39 11.78 9.18
CA ILE A 15 4.09 11.27 8.84
C ILE A 15 4.12 9.78 8.52
N PHE A 16 5.14 9.34 7.79
CA PHE A 16 5.34 7.91 7.57
C PHE A 16 5.50 7.24 8.93
N LYS A 17 6.23 7.92 9.79
CA LYS A 17 6.42 7.50 11.17
C LYS A 17 5.08 7.18 11.82
N GLU A 18 4.13 8.10 11.66
CA GLU A 18 2.77 7.91 12.15
C GLU A 18 2.18 6.60 11.65
N ILE A 19 2.20 6.42 10.33
CA ILE A 19 1.62 5.22 9.71
C ILE A 19 2.36 3.97 10.18
N CYS A 20 3.68 3.97 10.03
CA CYS A 20 4.49 2.81 10.37
C CYS A 20 4.32 2.43 11.83
N ASP A 21 4.22 3.42 12.71
CA ASP A 21 3.97 3.15 14.12
C ASP A 21 2.74 2.27 14.29
N GLY A 22 1.68 2.65 13.59
CA GLY A 22 0.42 1.91 13.68
C GLY A 22 0.50 0.54 13.06
N ILE A 23 1.44 0.33 12.14
CA ILE A 23 1.58 -0.95 11.45
C ILE A 23 2.60 -1.85 12.14
N ILE A 24 3.78 -1.31 12.44
CA ILE A 24 4.85 -2.08 13.08
C ILE A 24 4.36 -2.71 14.37
N SER A 25 3.68 -1.91 15.18
CA SER A 25 3.11 -2.42 16.41
C SER A 25 1.59 -2.58 16.28
N TYR A 26 1.14 -2.92 15.07
CA TYR A 26 -0.27 -3.21 14.85
C TYR A 26 -0.67 -4.44 15.64
N ARG A 27 -1.71 -4.30 16.43
CA ARG A 27 -2.19 -5.40 17.25
C ARG A 27 -3.69 -5.56 17.10
N ASP A 28 -4.13 -6.82 17.15
CA ASP A 28 -5.55 -7.12 17.08
C ASP A 28 -6.17 -6.86 18.46
N SER A 29 -7.45 -7.16 18.64
CA SER A 29 -8.10 -6.93 19.92
C SER A 29 -7.42 -7.74 21.02
N SER A 30 -6.79 -8.84 20.63
CA SER A 30 -6.08 -9.70 21.55
C SER A 30 -4.67 -9.15 21.85
N GLN A 31 -4.39 -7.95 21.34
CA GLN A 31 -3.13 -7.26 21.63
C GLN A 31 -1.93 -8.01 21.04
N GLN A 32 -2.17 -8.78 19.99
CA GLN A 32 -1.08 -9.50 19.34
C GLN A 32 -0.47 -8.64 18.24
N THR A 33 0.84 -8.47 18.30
CA THR A 33 1.58 -7.71 17.30
C THR A 33 1.96 -8.60 16.13
N LEU A 34 1.20 -8.47 15.06
CA LEU A 34 1.33 -9.36 13.91
C LEU A 34 2.66 -9.19 13.19
N ALA A 35 3.13 -7.95 13.09
CA ALA A 35 4.30 -7.65 12.27
C ALA A 35 5.61 -8.07 12.94
N ALA A 36 5.51 -8.94 13.93
CA ALA A 36 6.69 -9.43 14.65
C ALA A 36 7.68 -10.17 13.72
N PRO A 37 7.22 -11.07 12.83
CA PRO A 37 8.13 -11.77 11.90
C PRO A 37 8.65 -10.83 10.81
N LEU A 38 8.09 -9.63 10.73
CA LEU A 38 8.46 -8.69 9.69
C LEU A 38 9.40 -7.62 10.23
N LEU A 39 9.15 -7.16 11.45
CA LEU A 39 9.92 -6.07 12.03
C LEU A 39 11.27 -6.56 12.54
N ASN A 40 11.42 -7.87 12.60
CA ASN A 40 12.68 -8.49 13.00
C ASN A 40 13.17 -9.46 11.94
N LEU A 41 14.41 -9.28 11.48
CA LEU A 41 15.04 -10.26 10.59
C LEU A 41 15.08 -11.64 11.25
N PRO A 42 15.01 -12.72 10.45
CA PRO A 42 15.00 -14.09 10.95
C PRO A 42 16.41 -14.63 11.13
N PRO A 43 16.68 -15.35 12.24
CA PRO A 43 17.98 -15.97 12.49
C PRO A 43 18.52 -16.72 11.29
N LYS A 44 19.69 -16.31 10.85
CA LYS A 44 20.31 -16.81 9.62
C LYS A 44 20.76 -18.26 9.79
N LYS A 45 20.94 -18.68 11.04
CA LYS A 45 21.36 -20.05 11.31
C LYS A 45 20.19 -21.02 11.12
N LYS A 46 18.97 -20.52 11.27
CA LYS A 46 17.78 -21.35 11.05
C LYS A 46 17.16 -21.07 9.68
N ASN A 47 17.70 -20.08 8.99
CA ASN A 47 17.14 -19.65 7.72
C ASN A 47 18.24 -19.32 6.73
N ALA A 48 18.91 -20.36 6.23
CA ALA A 48 19.98 -20.19 5.27
C ALA A 48 19.41 -20.11 3.85
N ASP A 49 18.47 -21.00 3.55
CA ASP A 49 17.87 -21.03 2.23
C ASP A 49 17.04 -19.76 1.98
N TYR A 50 16.70 -19.06 3.08
CA TYR A 50 16.09 -17.72 3.00
C TYR A 50 16.89 -16.81 2.07
N TYR A 51 18.13 -16.49 2.46
CA TYR A 51 18.96 -15.60 1.66
C TYR A 51 19.35 -16.23 0.34
N GLU A 52 19.25 -17.54 0.27
CA GLU A 52 19.53 -18.25 -0.96
C GLU A 52 18.46 -17.90 -2.00
N LYS A 53 17.20 -17.96 -1.59
CA LYS A 53 16.09 -17.69 -2.50
C LYS A 53 15.77 -16.19 -2.55
N ILE A 54 15.84 -15.54 -1.41
CA ILE A 54 15.51 -14.12 -1.29
C ILE A 54 16.78 -13.29 -1.27
N SER A 55 16.94 -12.43 -2.28
CA SER A 55 18.13 -11.60 -2.38
C SER A 55 17.88 -10.19 -1.86
N ASP A 56 16.63 -9.88 -1.54
CA ASP A 56 16.26 -8.56 -1.02
C ASP A 56 15.33 -8.67 0.19
N PRO A 57 15.82 -9.15 1.35
CA PRO A 57 15.03 -9.17 2.59
C PRO A 57 14.84 -7.76 3.16
N LEU A 58 14.23 -7.69 4.34
CA LEU A 58 13.97 -6.41 4.97
C LEU A 58 13.57 -6.60 6.44
N ASP A 59 13.92 -5.59 7.23
CA ASP A 59 13.56 -5.55 8.64
C ASP A 59 12.75 -4.29 8.90
N LEU A 60 11.48 -4.49 9.24
CA LEU A 60 10.51 -3.40 9.36
C LEU A 60 10.91 -2.38 10.42
N SER A 61 11.46 -2.84 11.54
CA SER A 61 11.87 -1.93 12.61
C SER A 61 13.02 -1.03 12.12
N THR A 62 13.84 -1.58 11.22
CA THR A 62 14.92 -0.83 10.62
C THR A 62 14.37 0.23 9.66
N ILE A 63 13.32 -0.14 8.92
CA ILE A 63 12.68 0.77 7.98
C ILE A 63 12.19 2.03 8.70
N GLU A 64 11.61 1.84 9.88
CA GLU A 64 11.19 2.95 10.74
C GLU A 64 12.36 3.89 11.02
N LYS A 65 13.43 3.34 11.59
CA LYS A 65 14.64 4.09 11.85
C LYS A 65 15.17 4.75 10.57
N GLN A 66 15.06 4.06 9.43
CA GLN A 66 15.53 4.59 8.16
C GLN A 66 14.61 5.72 7.67
N ILE A 67 13.43 5.82 8.25
CA ILE A 67 12.53 6.93 7.96
C ILE A 67 13.03 8.20 8.62
N LEU A 68 13.34 8.12 9.92
CA LEU A 68 13.80 9.27 10.67
C LEU A 68 15.15 9.78 10.18
N ILE A 69 15.91 8.93 9.48
CA ILE A 69 17.19 9.33 8.92
C ILE A 69 17.03 9.93 7.54
N GLY A 70 15.79 9.91 7.05
CA GLY A 70 15.45 10.53 5.77
C GLY A 70 16.07 9.82 4.58
N TYR A 71 15.97 8.50 4.57
CA TYR A 71 16.55 7.72 3.48
C TYR A 71 15.53 7.49 2.38
N TYR A 72 14.25 7.58 2.72
CA TYR A 72 13.19 7.24 1.77
C TYR A 72 12.68 8.47 1.03
N LYS A 73 12.91 9.66 1.60
CA LYS A 73 12.56 10.93 0.96
C LYS A 73 11.04 11.09 0.82
N THR A 74 10.48 10.51 -0.23
CA THR A 74 9.06 10.58 -0.50
C THR A 74 8.40 9.21 -0.32
N VAL A 75 7.18 9.05 -0.80
CA VAL A 75 6.45 7.80 -0.60
C VAL A 75 6.90 6.72 -1.57
N GLU A 76 7.42 7.14 -2.73
CA GLU A 76 7.81 6.19 -3.78
C GLU A 76 8.63 5.01 -3.21
N ALA A 77 9.82 5.31 -2.69
CA ALA A 77 10.67 4.28 -2.13
C ALA A 77 10.06 3.71 -0.85
N PHE A 78 9.41 4.59 -0.08
CA PHE A 78 8.77 4.20 1.16
C PHE A 78 7.76 3.05 0.95
N ASP A 79 6.81 3.26 0.05
CA ASP A 79 5.81 2.25 -0.25
C ASP A 79 6.46 0.96 -0.68
N ALA A 80 7.49 1.08 -1.51
CA ALA A 80 8.22 -0.08 -2.01
C ALA A 80 8.81 -0.90 -0.86
N ASP A 81 9.27 -0.23 0.17
CA ASP A 81 9.93 -0.89 1.29
C ASP A 81 8.96 -1.67 2.17
N MET A 82 7.92 -1.02 2.67
CA MET A 82 6.96 -1.68 3.55
C MET A 82 6.31 -2.86 2.86
N LEU A 83 5.82 -2.63 1.65
CA LEU A 83 5.16 -3.67 0.88
C LEU A 83 6.14 -4.81 0.58
N LYS A 84 7.42 -4.46 0.46
CA LYS A 84 8.48 -5.44 0.18
C LYS A 84 8.54 -6.51 1.26
N VAL A 85 8.54 -6.09 2.52
CA VAL A 85 8.65 -7.03 3.63
C VAL A 85 7.45 -7.97 3.64
N PHE A 86 6.26 -7.38 3.48
CA PHE A 86 5.02 -8.16 3.42
C PHE A 86 5.08 -9.18 2.29
N ARG A 87 5.62 -8.75 1.15
CA ARG A 87 5.73 -9.61 -0.02
C ARG A 87 6.61 -10.81 0.26
N ASN A 88 7.81 -10.57 0.79
CA ASN A 88 8.74 -11.65 1.10
C ASN A 88 8.14 -12.59 2.13
N ALA A 89 7.35 -12.01 3.03
CA ALA A 89 6.67 -12.77 4.06
C ALA A 89 5.73 -13.81 3.45
N GLU A 90 4.75 -13.32 2.67
CA GLU A 90 3.76 -14.21 2.07
C GLU A 90 4.39 -15.11 1.01
N LYS A 91 5.51 -14.66 0.45
CA LYS A 91 6.20 -15.42 -0.58
C LYS A 91 6.89 -16.65 0.01
N TYR A 92 7.79 -16.41 0.95
CA TYR A 92 8.58 -17.49 1.54
C TYR A 92 7.77 -18.24 2.59
N TYR A 93 7.34 -17.54 3.62
CA TYR A 93 6.55 -18.13 4.69
C TYR A 93 5.26 -18.78 4.16
N GLY A 94 4.64 -18.18 3.14
CA GLY A 94 3.40 -18.71 2.54
C GLY A 94 3.30 -20.24 2.49
N ARG A 95 4.39 -20.92 2.11
CA ARG A 95 4.41 -22.39 2.00
C ARG A 95 3.67 -23.08 3.16
N LYS A 96 4.26 -23.07 4.36
CA LYS A 96 3.65 -23.75 5.51
C LYS A 96 3.77 -22.95 6.81
N SER A 97 3.94 -21.64 6.69
CA SER A 97 4.07 -20.78 7.85
C SER A 97 2.76 -20.03 8.09
N PRO A 98 2.37 -19.87 9.36
CA PRO A 98 1.09 -19.25 9.73
C PRO A 98 1.07 -17.73 9.58
N ILE A 99 2.23 -17.13 9.29
CA ILE A 99 2.33 -15.67 9.29
C ILE A 99 1.54 -15.03 8.15
N GLY A 100 1.21 -15.82 7.14
CA GLY A 100 0.36 -15.34 6.04
C GLY A 100 -0.78 -14.43 6.48
N ARG A 101 -1.57 -14.89 7.46
CA ARG A 101 -2.68 -14.11 7.99
C ARG A 101 -2.23 -12.76 8.57
N ASP A 102 -1.02 -12.73 9.14
CA ASP A 102 -0.59 -11.55 9.88
C ASP A 102 -0.25 -10.42 8.92
N VAL A 103 0.57 -10.72 7.93
CA VAL A 103 1.09 -9.68 7.05
C VAL A 103 0.01 -9.20 6.09
N CYS A 104 -0.95 -10.06 5.78
CA CYS A 104 -2.03 -9.68 4.87
C CYS A 104 -3.05 -8.79 5.58
N ARG A 105 -3.16 -8.93 6.90
CA ARG A 105 -4.01 -8.03 7.68
C ARG A 105 -3.31 -6.68 7.78
N LEU A 106 -2.00 -6.72 7.99
CA LEU A 106 -1.17 -5.53 8.01
C LEU A 106 -1.28 -4.80 6.69
N ARG A 107 -1.14 -5.57 5.61
CA ARG A 107 -1.21 -5.06 4.25
C ARG A 107 -2.48 -4.24 4.05
N LYS A 108 -3.61 -4.77 4.49
CA LYS A 108 -4.89 -4.10 4.36
C LYS A 108 -4.95 -2.84 5.23
N ALA A 109 -4.50 -2.96 6.47
CA ALA A 109 -4.53 -1.84 7.40
C ALA A 109 -3.58 -0.74 6.97
N TYR A 110 -2.53 -1.14 6.23
CA TYR A 110 -1.54 -0.20 5.74
C TYR A 110 -2.10 0.62 4.60
N TYR A 111 -2.75 -0.04 3.64
CA TYR A 111 -3.34 0.68 2.52
C TYR A 111 -4.38 1.67 3.01
N SER A 112 -5.02 1.34 4.14
CA SER A 112 -5.92 2.27 4.79
C SER A 112 -5.16 3.52 5.20
N ALA A 113 -4.21 3.36 6.11
CA ALA A 113 -3.43 4.49 6.63
C ALA A 113 -2.69 5.24 5.52
N ARG A 114 -2.22 4.50 4.53
CA ARG A 114 -1.55 5.09 3.38
C ARG A 114 -2.52 6.01 2.63
N HIS A 115 -3.73 5.51 2.40
CA HIS A 115 -4.77 6.28 1.73
C HIS A 115 -5.25 7.42 2.63
N GLU A 116 -5.17 7.19 3.94
CA GLU A 116 -5.51 8.21 4.93
C GLU A 116 -4.51 9.34 4.88
N ALA A 117 -3.23 8.99 4.96
CA ALA A 117 -2.16 9.96 4.96
C ALA A 117 -1.93 10.54 3.56
N SER A 118 -2.57 9.93 2.55
CA SER A 118 -2.46 10.41 1.18
C SER A 118 -2.87 11.88 1.09
N ALA A 119 -3.75 12.31 1.99
CA ALA A 119 -4.19 13.69 2.06
C ALA A 119 -2.99 14.64 2.15
N GLN A 120 -2.22 14.51 3.23
CA GLN A 120 -1.05 15.35 3.41
C GLN A 120 -0.09 15.23 2.23
N ILE A 121 0.13 14.01 1.75
CA ILE A 121 1.06 13.79 0.64
C ILE A 121 0.66 14.63 -0.56
N ASP A 122 -0.64 14.66 -0.83
CA ASP A 122 -1.18 15.36 -1.99
C ASP A 122 -0.97 16.86 -1.93
N GLU A 123 -1.19 17.46 -0.76
CA GLU A 123 -1.07 18.91 -0.61
C GLU A 123 0.39 19.34 -0.53
N ILE A 124 1.23 18.42 -0.09
CA ILE A 124 2.65 18.71 0.11
C ILE A 124 3.46 18.36 -1.13
N VAL A 125 3.44 17.08 -1.48
CA VAL A 125 4.24 16.57 -2.58
C VAL A 125 3.43 16.53 -3.87
N GLY A 126 2.33 15.79 -3.86
CA GLY A 126 1.51 15.66 -5.06
C GLY A 126 2.29 15.04 -6.21
N GLU A 127 3.25 14.19 -5.84
CA GLU A 127 4.23 13.61 -6.76
C GLU A 127 4.63 14.61 -7.87
N THR A 128 4.92 15.84 -7.47
CA THR A 128 5.41 16.86 -8.41
C THR A 128 6.90 16.63 -8.69
N ALA A 129 7.43 15.63 -7.99
CA ALA A 129 8.79 15.10 -8.18
C ALA A 129 9.79 15.85 -7.33
N SER A 130 9.99 15.34 -6.12
CA SER A 130 10.88 16.00 -5.17
C SER A 130 12.34 15.68 -5.45
N GLU A 131 13.22 16.45 -4.83
CA GLU A 131 14.65 16.23 -4.93
C GLU A 131 15.23 15.74 -3.61
N ALA A 132 14.90 16.44 -2.51
CA ALA A 132 15.34 16.02 -1.18
C ALA A 132 16.85 15.74 -1.16
N ASP A 133 17.62 16.61 -1.80
CA ASP A 133 19.05 16.40 -1.92
C ASP A 133 19.82 17.02 -0.77
N SER A 134 19.08 17.49 0.22
CA SER A 134 19.67 17.91 1.46
C SER A 134 19.92 16.68 2.32
N SER A 135 19.20 15.61 1.95
CA SER A 135 19.23 14.34 2.64
C SER A 135 18.69 14.47 4.07
N GLU A 136 18.53 13.33 4.72
CA GLU A 136 18.03 13.28 6.09
C GLU A 136 16.65 13.94 6.23
N THR A 137 16.10 13.88 7.43
CA THR A 137 14.83 14.52 7.71
C THR A 137 14.76 14.98 9.17
N SER A 138 15.62 14.39 10.00
CA SER A 138 15.59 14.68 11.43
C SER A 138 16.98 14.48 12.03
N VAL A 139 17.29 13.24 12.40
CA VAL A 139 18.60 12.89 12.96
C VAL A 139 18.94 13.82 14.13
N SER A 140 20.17 14.32 14.19
CA SER A 140 20.57 15.23 15.26
C SER A 140 21.71 16.14 14.79
N GLU A 141 22.78 15.52 14.30
CA GLU A 141 23.95 16.25 13.83
C GLU A 141 23.60 17.24 12.74
N LYS A 142 22.75 16.82 11.81
CA LYS A 142 22.36 17.67 10.70
C LYS A 142 20.86 17.62 10.47
N GLU A 143 20.39 18.53 9.63
CA GLU A 143 18.99 18.62 9.23
C GLU A 143 18.87 19.47 7.98
N SER A 144 19.57 20.60 8.04
CA SER A 144 19.90 21.42 6.88
C SER A 144 18.77 22.37 6.51
N GLY A 145 18.19 22.98 7.54
CA GLY A 145 17.11 23.93 7.35
C GLY A 145 15.92 23.34 6.62
N HIS A 146 14.88 23.02 7.36
CA HIS A 146 13.73 22.33 6.79
C HIS A 146 12.85 23.31 6.04
N GLU A 147 12.48 24.38 6.70
CA GLU A 147 11.64 25.40 6.11
C GLU A 147 11.75 26.69 6.90
N LYS A 148 10.76 27.56 6.80
CA LYS A 148 10.76 28.79 7.55
C LYS A 148 10.11 28.56 8.91
N ASP A 149 10.87 27.95 9.80
CA ASP A 149 10.41 27.70 11.16
C ASP A 149 10.64 28.96 11.99
N ASP A 150 10.59 28.83 13.31
CA ASP A 150 10.84 29.97 14.19
C ASP A 150 11.98 29.63 15.14
N ASP A 151 12.36 30.62 15.95
CA ASP A 151 13.53 30.48 16.84
C ASP A 151 14.72 29.92 16.05
N VAL A 152 14.89 30.44 14.84
CA VAL A 152 15.83 29.89 13.89
C VAL A 152 17.07 30.74 13.71
N ILE A 153 18.15 30.09 13.32
CA ILE A 153 19.41 30.76 13.03
C ILE A 153 19.42 31.26 11.58
N ARG A 154 20.13 32.36 11.34
CA ARG A 154 20.34 32.84 9.96
C ARG A 154 21.41 33.92 9.92
N CYS A 155 22.65 33.49 10.03
CA CYS A 155 23.77 34.38 9.94
C CYS A 155 24.80 33.88 8.93
N ILE A 156 25.42 34.81 8.17
CA ILE A 156 26.36 34.49 7.10
C ILE A 156 27.56 33.62 7.53
N CYS A 157 27.77 33.38 8.83
CA CYS A 157 28.84 32.46 9.23
C CYS A 157 28.49 31.05 8.77
N GLY A 158 27.18 30.80 8.66
CA GLY A 158 26.70 29.62 7.94
C GLY A 158 26.79 28.33 8.71
N LEU A 159 26.40 28.34 9.97
CA LEU A 159 26.35 27.10 10.76
C LEU A 159 24.90 26.69 11.04
N TYR A 160 24.04 27.70 11.25
CA TYR A 160 22.63 27.47 11.54
C TYR A 160 22.46 26.77 12.90
N LYS A 161 23.36 27.04 13.85
CA LYS A 161 23.25 26.45 15.17
C LYS A 161 23.49 27.50 16.25
N ASP A 162 22.75 27.39 17.34
CA ASP A 162 22.83 28.34 18.45
C ASP A 162 23.99 27.99 19.36
N GLU A 163 25.19 28.35 18.92
CA GLU A 163 26.38 28.24 19.76
C GLU A 163 27.09 29.58 19.86
N GLY A 164 27.86 29.74 20.92
CA GLY A 164 28.51 31.01 21.17
C GLY A 164 27.52 32.09 21.57
N LEU A 165 27.92 33.35 21.40
CA LEU A 165 27.07 34.48 21.75
C LEU A 165 26.37 35.01 20.51
N MET A 166 25.07 35.30 20.64
CA MET A 166 24.29 35.77 19.50
C MET A 166 23.14 36.66 19.94
N ILE A 167 22.68 37.51 19.01
CA ILE A 167 21.55 38.39 19.27
C ILE A 167 20.37 38.01 18.37
N GLN A 168 19.25 38.72 18.54
CA GLN A 168 17.99 38.33 17.90
C GLN A 168 17.46 39.45 16.98
N CYS A 169 16.84 39.07 15.85
CA CYS A 169 16.21 40.04 14.96
C CYS A 169 14.89 40.50 15.55
N ASP A 170 14.75 41.81 15.73
CA ASP A 170 13.54 42.39 16.34
C ASP A 170 12.30 42.04 15.53
N LYS A 171 12.50 41.71 14.26
CA LYS A 171 11.38 41.41 13.40
C LYS A 171 11.22 39.89 13.20
N CYS A 172 12.32 39.19 12.95
CA CYS A 172 12.27 37.74 12.69
C CYS A 172 12.11 36.95 13.96
N MET A 173 12.74 37.44 15.03
CA MET A 173 13.00 36.64 16.23
C MET A 173 13.99 35.51 15.91
N VAL A 174 14.75 35.67 14.82
CA VAL A 174 15.82 34.74 14.44
C VAL A 174 17.08 35.05 15.25
N TRP A 175 18.07 34.18 15.13
CA TRP A 175 19.30 34.32 15.87
C TRP A 175 20.51 34.50 14.96
N GLN A 176 21.37 35.43 15.34
CA GLN A 176 22.61 35.70 14.64
C GLN A 176 23.71 35.94 15.63
N HIS A 177 24.84 35.27 15.46
CA HIS A 177 25.93 35.35 16.44
C HIS A 177 26.63 36.69 16.36
N CYS A 178 27.12 37.13 17.50
CA CYS A 178 27.88 38.37 17.58
C CYS A 178 29.26 38.20 16.92
N ASP A 179 29.70 36.95 16.78
CA ASP A 179 30.95 36.63 16.08
C ASP A 179 30.85 37.00 14.60
N CYS A 180 29.89 36.39 13.91
CA CYS A 180 29.75 36.54 12.48
C CYS A 180 29.41 37.98 12.09
N MET A 181 28.42 38.57 12.75
CA MET A 181 27.99 39.92 12.41
C MET A 181 28.95 40.98 12.96
N GLY A 182 29.74 40.62 13.96
CA GLY A 182 30.64 41.57 14.58
C GLY A 182 29.89 42.62 15.35
N VAL A 183 29.03 42.18 16.26
CA VAL A 183 28.21 43.08 17.04
C VAL A 183 28.92 43.41 18.36
N ASN A 184 28.21 44.04 19.28
CA ASN A 184 28.76 44.40 20.58
C ASN A 184 27.83 43.94 21.69
N THR A 185 26.75 43.28 21.27
CA THR A 185 25.68 42.81 22.15
C THR A 185 25.17 43.91 23.09
N ASP A 186 25.30 45.15 22.64
CA ASP A 186 24.82 46.31 23.38
C ASP A 186 23.58 46.89 22.69
N VAL A 187 23.38 46.44 21.46
CA VAL A 187 22.27 46.90 20.62
C VAL A 187 20.93 46.76 21.33
N GLU A 188 20.24 47.90 21.46
CA GLU A 188 18.90 47.90 22.04
C GLU A 188 17.94 47.20 21.08
N HIS A 189 18.26 47.25 19.80
CA HIS A 189 17.46 46.60 18.77
C HIS A 189 18.36 46.22 17.61
N TYR A 190 18.29 44.97 17.22
CA TYR A 190 19.10 44.47 16.12
C TYR A 190 18.24 43.81 15.05
N LEU A 191 18.67 43.95 13.80
CA LEU A 191 17.95 43.39 12.67
C LEU A 191 18.90 42.69 11.69
N CYS A 192 18.33 41.90 10.78
CA CYS A 192 19.10 41.12 9.82
C CYS A 192 19.87 42.02 8.86
N GLU A 193 20.77 41.39 8.12
CA GLU A 193 21.57 42.05 7.11
C GLU A 193 20.75 42.14 5.83
N GLN A 194 19.45 42.00 6.02
CA GLN A 194 18.50 41.81 4.96
C GLN A 194 17.23 42.59 5.27
N CYS A 195 16.62 42.23 6.40
CA CYS A 195 15.49 42.96 6.93
C CYS A 195 15.74 44.47 6.91
N ASP A 196 16.77 44.88 7.63
CA ASP A 196 17.13 46.28 7.74
C ASP A 196 18.60 46.39 8.12
N PRO A 197 19.50 46.20 7.13
CA PRO A 197 20.94 46.21 7.36
C PRO A 197 21.43 47.54 7.94
N ARG A 198 22.30 47.46 8.94
CA ARG A 198 22.87 48.67 9.53
C ARG A 198 24.36 48.79 9.20
N PRO A 199 24.71 49.63 8.22
CA PRO A 199 26.11 49.82 7.84
C PRO A 199 26.86 50.65 8.88
N VAL A 200 27.88 50.07 9.47
CA VAL A 200 28.69 50.75 10.46
C VAL A 200 30.14 50.75 10.02
N ASP A 201 30.75 51.94 10.02
CA ASP A 201 32.13 52.10 9.58
C ASP A 201 33.09 51.75 10.72
N ARG A 202 32.52 51.46 11.87
CA ARG A 202 33.30 51.14 13.06
C ARG A 202 33.13 49.67 13.41
N GLU A 203 34.26 48.99 13.61
CA GLU A 203 34.30 47.59 14.00
C GLU A 203 33.61 46.70 12.95
N VAL A 204 34.31 46.43 11.87
CA VAL A 204 33.79 45.60 10.79
C VAL A 204 34.54 44.28 10.73
N PRO A 205 33.87 43.15 11.04
CA PRO A 205 34.46 41.82 10.97
C PRO A 205 34.79 41.40 9.53
N ALA B 1 17.81 44.10 22.50
CA ALA B 1 17.92 42.86 21.70
C ALA B 1 18.17 41.67 22.62
N ARG B 2 17.37 40.62 22.50
CA ARG B 2 17.56 39.42 23.29
C ARG B 2 18.73 38.63 22.76
N THR B 3 19.49 38.03 23.67
CA THR B 3 20.69 37.33 23.29
C THR B 3 20.62 35.85 23.66
N GLN B 5 23.37 32.28 24.25
CA GLN B 5 24.74 31.85 24.47
C GLN B 5 24.76 30.34 24.70
N THR B 6 24.98 29.60 23.61
CA THR B 6 25.04 28.14 23.66
C THR B 6 23.70 27.55 24.09
N ALA B 7 22.83 27.31 23.12
CA ALA B 7 21.54 26.69 23.37
C ALA B 7 21.71 25.30 23.96
N ARG B 8 21.22 25.12 25.17
CA ARG B 8 21.26 23.82 25.82
C ARG B 8 20.42 22.84 25.03
N LYS B 9 21.02 21.72 24.63
CA LYS B 9 20.32 20.76 23.80
C LYS B 9 19.17 20.13 24.56
N SER B 10 17.96 20.37 24.07
CA SER B 10 16.75 19.85 24.67
C SER B 10 15.58 20.02 23.70
N THR B 11 14.42 19.50 24.08
CA THR B 11 13.23 19.59 23.24
C THR B 11 13.46 18.84 21.92
N GLY B 12 14.05 17.66 22.02
CA GLY B 12 14.31 16.86 20.84
C GLY B 12 14.95 15.54 21.19
N SER A 1 14.16 30.54 3.60
CA SER A 1 14.35 29.50 2.56
C SER A 1 13.74 28.18 3.00
N MET A 2 12.61 27.84 2.41
CA MET A 2 11.89 26.61 2.75
C MET A 2 12.49 25.41 2.02
N ASN A 3 13.13 25.68 0.88
CA ASN A 3 13.60 24.65 -0.04
C ASN A 3 12.66 23.45 -0.05
N ILE A 4 11.62 23.55 -0.86
CA ILE A 4 10.51 22.60 -0.89
C ILE A 4 10.93 21.15 -0.72
N GLU A 5 12.02 20.76 -1.38
CA GLU A 5 12.46 19.39 -1.34
C GLU A 5 12.81 18.93 0.09
N VAL A 6 13.40 19.84 0.87
CA VAL A 6 13.80 19.49 2.23
C VAL A 6 12.60 19.59 3.16
N ALA A 7 11.63 20.41 2.77
CA ALA A 7 10.39 20.54 3.51
C ALA A 7 9.54 19.29 3.31
N ARG A 8 9.47 18.85 2.06
CA ARG A 8 8.71 17.65 1.70
C ARG A 8 9.26 16.43 2.44
N ALA A 9 10.58 16.29 2.43
CA ALA A 9 11.24 15.16 3.08
C ALA A 9 10.90 15.12 4.56
N ALA A 10 11.00 16.27 5.23
CA ALA A 10 10.69 16.36 6.65
C ALA A 10 9.22 16.06 6.91
N ARG A 11 8.37 16.54 6.01
CA ARG A 11 6.92 16.32 6.13
C ARG A 11 6.61 14.84 6.20
N LEU A 12 6.88 14.16 5.10
CA LEU A 12 6.51 12.76 4.95
C LEU A 12 7.27 11.90 5.94
N ALA A 13 8.51 12.27 6.28
CA ALA A 13 9.33 11.45 7.18
C ALA A 13 8.66 11.27 8.54
N GLN A 14 8.29 12.38 9.18
CA GLN A 14 7.66 12.31 10.51
C GLN A 14 6.27 11.69 10.39
N ILE A 15 5.66 11.89 9.23
CA ILE A 15 4.33 11.38 8.95
C ILE A 15 4.35 9.89 8.66
N PHE A 16 5.35 9.44 7.90
CA PHE A 16 5.52 8.03 7.67
C PHE A 16 5.63 7.33 9.00
N LYS A 17 6.37 7.96 9.91
CA LYS A 17 6.55 7.44 11.26
C LYS A 17 5.21 7.19 11.94
N GLU A 18 4.30 8.15 11.78
CA GLU A 18 2.92 7.97 12.26
C GLU A 18 2.31 6.68 11.70
N ILE A 19 2.42 6.55 10.39
CA ILE A 19 1.85 5.41 9.66
C ILE A 19 2.52 4.09 10.06
N CYS A 20 3.84 4.03 9.88
CA CYS A 20 4.59 2.79 10.11
C CYS A 20 4.50 2.36 11.57
N ASP A 21 4.41 3.32 12.48
CA ASP A 21 4.25 3.00 13.89
C ASP A 21 2.97 2.22 14.11
N GLY A 22 1.91 2.66 13.44
CA GLY A 22 0.64 1.97 13.53
C GLY A 22 0.65 0.61 12.85
N ILE A 23 1.56 0.44 11.89
CA ILE A 23 1.66 -0.81 11.15
C ILE A 23 2.58 -1.81 11.85
N ILE A 24 3.77 -1.36 12.22
CA ILE A 24 4.71 -2.18 12.97
C ILE A 24 4.05 -2.78 14.19
N SER A 25 3.42 -1.92 14.94
CA SER A 25 2.76 -2.32 16.17
C SER A 25 1.27 -2.51 15.95
N TYR A 26 0.88 -2.84 14.71
CA TYR A 26 -0.51 -3.14 14.41
C TYR A 26 -0.97 -4.32 15.27
N ARG A 27 -2.12 -4.18 15.89
CA ARG A 27 -2.57 -5.15 16.86
C ARG A 27 -3.74 -5.96 16.37
N ASP A 28 -3.99 -7.02 17.09
CA ASP A 28 -5.15 -7.87 16.87
C ASP A 28 -6.07 -7.77 18.07
N SER A 29 -7.11 -8.60 18.11
CA SER A 29 -8.13 -8.53 19.14
C SER A 29 -7.53 -8.62 20.55
N SER A 30 -6.61 -9.57 20.75
CA SER A 30 -5.96 -9.73 22.04
C SER A 30 -4.64 -8.98 22.08
N GLN A 31 -4.60 -7.83 21.39
CA GLN A 31 -3.48 -6.90 21.43
C GLN A 31 -2.16 -7.58 21.06
N GLN A 32 -2.14 -8.30 19.95
CA GLN A 32 -0.90 -8.91 19.47
C GLN A 32 -0.29 -8.03 18.40
N THR A 33 1.04 -7.94 18.41
CA THR A 33 1.75 -7.23 17.36
C THR A 33 2.05 -8.18 16.20
N LEU A 34 1.27 -8.05 15.15
CA LEU A 34 1.33 -8.98 14.03
C LEU A 34 2.66 -8.91 13.29
N ALA A 35 3.13 -7.70 13.01
CA ALA A 35 4.29 -7.50 12.15
C ALA A 35 5.61 -7.83 12.85
N ALA A 36 5.55 -8.59 13.93
CA ALA A 36 6.75 -9.00 14.65
C ALA A 36 7.74 -9.79 13.76
N PRO A 37 7.27 -10.81 12.99
CA PRO A 37 8.16 -11.60 12.11
C PRO A 37 8.75 -10.76 10.98
N LEU A 38 8.10 -9.64 10.68
CA LEU A 38 8.59 -8.73 9.66
C LEU A 38 9.41 -7.64 10.31
N LEU A 39 9.28 -7.53 11.61
CA LEU A 39 9.93 -6.48 12.37
C LEU A 39 11.38 -6.83 12.66
N ASN A 40 11.60 -8.05 13.13
CA ASN A 40 12.93 -8.59 13.30
C ASN A 40 13.37 -9.35 12.04
N LEU A 41 14.65 -9.27 11.68
CA LEU A 41 15.18 -10.14 10.64
C LEU A 41 15.58 -11.48 11.26
N PRO A 42 15.21 -12.59 10.62
CA PRO A 42 15.57 -13.94 11.07
C PRO A 42 17.08 -14.14 11.20
N PRO A 43 17.51 -14.95 12.17
CA PRO A 43 18.93 -15.29 12.31
C PRO A 43 19.42 -16.27 11.22
N LYS A 44 20.31 -15.77 10.35
CA LYS A 44 21.06 -16.58 9.39
C LYS A 44 21.48 -17.96 9.92
N LYS A 45 21.70 -18.04 11.22
CA LYS A 45 22.08 -19.30 11.86
C LYS A 45 21.22 -20.47 11.38
N LYS A 46 19.96 -20.19 11.01
CA LYS A 46 19.08 -21.20 10.47
C LYS A 46 18.41 -20.72 9.18
N ASN A 47 19.05 -19.78 8.49
CA ASN A 47 18.48 -19.22 7.26
C ASN A 47 19.57 -18.91 6.24
N ALA A 48 20.06 -19.94 5.57
CA ALA A 48 20.99 -19.75 4.48
C ALA A 48 20.27 -19.64 3.13
N ASP A 49 19.42 -20.62 2.83
CA ASP A 49 18.74 -20.66 1.54
C ASP A 49 17.79 -19.47 1.36
N TYR A 50 17.26 -18.96 2.47
CA TYR A 50 16.58 -17.65 2.49
C TYR A 50 17.46 -16.64 1.76
N TYR A 51 18.64 -16.44 2.30
CA TYR A 51 19.51 -15.36 1.90
C TYR A 51 20.11 -15.63 0.53
N GLU A 52 19.84 -16.81 0.02
CA GLU A 52 20.12 -17.13 -1.38
C GLU A 52 19.00 -16.57 -2.26
N LYS A 53 17.77 -17.04 -2.00
CA LYS A 53 16.63 -16.67 -2.85
C LYS A 53 16.22 -15.21 -2.64
N ILE A 54 16.25 -14.74 -1.41
CA ILE A 54 15.88 -13.38 -1.09
C ILE A 54 17.12 -12.49 -1.02
N SER A 55 17.36 -11.74 -2.09
CA SER A 55 18.53 -10.88 -2.15
C SER A 55 18.30 -9.52 -1.49
N ASP A 56 17.13 -9.35 -0.90
CA ASP A 56 16.80 -8.12 -0.18
C ASP A 56 15.77 -8.40 0.92
N PRO A 57 16.20 -9.07 2.02
CA PRO A 57 15.33 -9.41 3.16
C PRO A 57 14.52 -8.23 3.70
N LEU A 58 15.20 -7.35 4.44
CA LEU A 58 14.56 -6.17 5.04
C LEU A 58 13.64 -6.52 6.21
N ASP A 59 13.69 -5.72 7.26
CA ASP A 59 12.74 -5.83 8.36
C ASP A 59 12.20 -4.45 8.72
N LEU A 60 10.97 -4.44 9.19
CA LEU A 60 10.22 -3.21 9.46
C LEU A 60 10.87 -2.37 10.54
N SER A 61 11.47 -3.00 11.53
CA SER A 61 12.11 -2.26 12.61
C SER A 61 13.26 -1.42 12.07
N THR A 62 14.01 -1.96 11.11
CA THR A 62 15.06 -1.17 10.48
C THR A 62 14.45 -0.07 9.62
N ILE A 63 13.39 -0.41 8.87
CA ILE A 63 12.70 0.55 8.02
C ILE A 63 12.22 1.75 8.84
N GLU A 64 11.61 1.45 9.98
CA GLU A 64 11.20 2.47 10.97
C GLU A 64 12.36 3.42 11.27
N LYS A 65 13.48 2.86 11.67
CA LYS A 65 14.66 3.64 12.01
C LYS A 65 15.22 4.38 10.80
N GLN A 66 15.06 3.82 9.61
CA GLN A 66 15.52 4.46 8.39
C GLN A 66 14.54 5.55 7.95
N ILE A 67 13.33 5.51 8.51
CA ILE A 67 12.35 6.56 8.25
C ILE A 67 12.70 7.82 9.04
N LEU A 68 13.03 7.64 10.32
CA LEU A 68 13.40 8.76 11.18
C LEU A 68 14.66 9.48 10.68
N ILE A 69 15.58 8.72 10.11
CA ILE A 69 16.81 9.30 9.57
C ILE A 69 16.58 9.99 8.22
N GLY A 70 15.37 9.85 7.71
CA GLY A 70 14.99 10.49 6.46
C GLY A 70 15.70 9.87 5.25
N TYR A 71 15.73 8.55 5.21
CA TYR A 71 16.42 7.86 4.12
C TYR A 71 15.48 7.65 2.92
N TYR A 72 14.20 7.47 3.20
CA TYR A 72 13.23 7.18 2.13
C TYR A 72 12.74 8.47 1.47
N LYS A 73 12.57 9.51 2.29
CA LYS A 73 12.18 10.85 1.82
C LYS A 73 10.76 10.87 1.26
N THR A 74 10.59 10.28 0.08
CA THR A 74 9.29 10.28 -0.59
C THR A 74 8.59 8.94 -0.40
N VAL A 75 7.33 8.86 -0.83
CA VAL A 75 6.53 7.67 -0.60
C VAL A 75 6.89 6.56 -1.57
N GLU A 76 7.41 6.94 -2.73
CA GLU A 76 7.82 5.98 -3.77
C GLU A 76 8.59 4.82 -3.15
N ALA A 77 9.72 5.14 -2.51
CA ALA A 77 10.55 4.12 -1.89
C ALA A 77 9.84 3.52 -0.67
N PHE A 78 9.16 4.37 0.08
CA PHE A 78 8.42 3.95 1.26
C PHE A 78 7.43 2.82 0.94
N ASP A 79 6.61 3.04 -0.08
CA ASP A 79 5.64 2.03 -0.49
C ASP A 79 6.34 0.73 -0.83
N ALA A 80 7.41 0.83 -1.61
CA ALA A 80 8.16 -0.34 -2.05
C ALA A 80 8.68 -1.15 -0.86
N ASP A 81 9.25 -0.47 0.13
CA ASP A 81 9.82 -1.13 1.30
C ASP A 81 8.78 -1.88 2.12
N MET A 82 7.64 -1.26 2.35
CA MET A 82 6.56 -1.87 3.12
C MET A 82 6.02 -3.11 2.41
N LEU A 83 5.68 -2.94 1.15
CA LEU A 83 5.14 -4.03 0.36
C LEU A 83 6.18 -5.14 0.20
N LYS A 84 7.44 -4.75 0.24
CA LYS A 84 8.55 -5.68 0.07
C LYS A 84 8.54 -6.73 1.17
N VAL A 85 8.58 -6.27 2.43
CA VAL A 85 8.63 -7.18 3.57
C VAL A 85 7.41 -8.09 3.63
N PHE A 86 6.23 -7.54 3.33
CA PHE A 86 5.02 -8.35 3.26
C PHE A 86 5.15 -9.41 2.17
N ARG A 87 5.79 -9.04 1.07
CA ARG A 87 5.88 -9.91 -0.09
C ARG A 87 6.89 -11.04 0.11
N ASN A 88 8.02 -10.77 0.76
CA ASN A 88 8.96 -11.85 1.05
C ASN A 88 8.46 -12.70 2.20
N ALA A 89 7.59 -12.11 3.01
CA ALA A 89 6.88 -12.87 4.04
C ALA A 89 6.01 -13.93 3.38
N GLU A 90 5.06 -13.46 2.56
CA GLU A 90 4.18 -14.35 1.80
C GLU A 90 4.99 -15.25 0.86
N LYS A 91 6.14 -14.77 0.43
CA LYS A 91 6.99 -15.51 -0.50
C LYS A 91 7.61 -16.72 0.19
N TYR A 92 8.53 -16.47 1.12
CA TYR A 92 9.31 -17.55 1.70
C TYR A 92 8.55 -18.24 2.82
N TYR A 93 8.02 -17.46 3.75
CA TYR A 93 7.29 -18.01 4.88
C TYR A 93 6.09 -18.84 4.41
N GLY A 94 5.28 -18.26 3.52
CA GLY A 94 4.10 -18.95 2.96
C GLY A 94 4.25 -20.46 2.77
N ARG A 95 5.40 -20.91 2.26
CA ARG A 95 5.72 -22.33 2.12
C ARG A 95 5.21 -23.19 3.28
N LYS A 96 5.67 -22.92 4.51
CA LYS A 96 5.27 -23.75 5.66
C LYS A 96 4.96 -22.92 6.91
N SER A 97 5.08 -21.62 6.79
CA SER A 97 4.80 -20.71 7.89
C SER A 97 3.45 -20.02 7.68
N PRO A 98 2.64 -19.94 8.74
CA PRO A 98 1.28 -19.38 8.67
C PRO A 98 1.22 -17.85 8.69
N ILE A 99 2.37 -17.17 8.85
CA ILE A 99 2.37 -15.71 9.05
C ILE A 99 1.67 -14.96 7.91
N GLY A 100 1.52 -15.62 6.76
CA GLY A 100 0.85 -15.02 5.60
C GLY A 100 -0.36 -14.15 5.95
N ARG A 101 -1.33 -14.71 6.67
CA ARG A 101 -2.53 -13.97 7.05
C ARG A 101 -2.20 -12.72 7.86
N ASP A 102 -1.16 -12.80 8.66
CA ASP A 102 -0.77 -11.67 9.52
C ASP A 102 -0.31 -10.51 8.63
N VAL A 103 0.56 -10.82 7.69
CA VAL A 103 1.17 -9.78 6.87
C VAL A 103 0.18 -9.21 5.85
N CYS A 104 -0.82 -10.01 5.46
CA CYS A 104 -1.82 -9.53 4.51
C CYS A 104 -2.80 -8.60 5.22
N ARG A 105 -2.93 -8.79 6.54
CA ARG A 105 -3.72 -7.88 7.37
C ARG A 105 -3.01 -6.53 7.41
N LEU A 106 -1.70 -6.60 7.65
CA LEU A 106 -0.84 -5.43 7.66
C LEU A 106 -0.90 -4.71 6.32
N ARG A 107 -0.79 -5.51 5.26
CA ARG A 107 -0.85 -5.01 3.89
C ARG A 107 -2.10 -4.16 3.67
N LYS A 108 -3.25 -4.67 4.09
CA LYS A 108 -4.51 -3.95 3.92
C LYS A 108 -4.57 -2.72 4.82
N ALA A 109 -4.08 -2.86 6.06
CA ALA A 109 -4.11 -1.76 7.02
C ALA A 109 -3.11 -0.67 6.65
N TYR A 110 -2.08 -1.03 5.92
CA TYR A 110 -1.09 -0.07 5.45
C TYR A 110 -1.65 0.71 4.26
N TYR A 111 -2.31 0.00 3.35
CA TYR A 111 -2.94 0.67 2.21
C TYR A 111 -4.03 1.61 2.67
N SER A 112 -4.70 1.28 3.77
CA SER A 112 -5.73 2.15 4.28
C SER A 112 -5.11 3.32 5.04
N ALA A 113 -4.05 3.06 5.81
CA ALA A 113 -3.30 4.14 6.43
C ALA A 113 -2.75 5.08 5.37
N ARG A 114 -2.43 4.52 4.20
CA ARG A 114 -2.08 5.29 3.03
C ARG A 114 -3.21 6.26 2.66
N HIS A 115 -4.45 5.76 2.63
CA HIS A 115 -5.59 6.62 2.28
C HIS A 115 -5.99 7.51 3.47
N GLU A 116 -5.43 7.23 4.64
CA GLU A 116 -5.58 8.14 5.78
C GLU A 116 -4.63 9.33 5.63
N ALA A 117 -3.34 9.04 5.48
CA ALA A 117 -2.32 10.09 5.42
C ALA A 117 -2.22 10.74 4.05
N SER A 118 -2.95 10.21 3.07
CA SER A 118 -2.93 10.75 1.72
C SER A 118 -3.29 12.24 1.70
N ALA A 119 -4.02 12.68 2.72
CA ALA A 119 -4.37 14.09 2.88
C ALA A 119 -3.12 14.97 2.81
N GLN A 120 -2.23 14.80 3.78
CA GLN A 120 -1.01 15.59 3.84
C GLN A 120 -0.12 15.38 2.62
N ILE A 121 -0.03 14.14 2.13
CA ILE A 121 0.79 13.85 0.96
C ILE A 121 0.29 14.65 -0.24
N ASP A 122 -1.02 14.69 -0.39
CA ASP A 122 -1.64 15.36 -1.53
C ASP A 122 -1.38 16.86 -1.52
N GLU A 123 -1.44 17.47 -0.34
CA GLU A 123 -1.16 18.91 -0.20
C GLU A 123 0.30 19.20 -0.56
N ILE A 124 1.17 18.26 -0.27
CA ILE A 124 2.61 18.49 -0.36
C ILE A 124 3.19 17.94 -1.66
N VAL A 125 3.15 16.62 -1.82
CA VAL A 125 3.78 15.97 -2.96
C VAL A 125 3.12 16.40 -4.27
N GLY A 126 1.82 16.65 -4.20
CA GLY A 126 1.08 17.17 -5.33
C GLY A 126 0.95 16.16 -6.45
N GLU A 127 0.99 14.88 -6.10
CA GLU A 127 0.99 13.78 -7.05
C GLU A 127 2.01 14.03 -8.17
N THR A 128 3.17 14.55 -7.80
CA THR A 128 4.24 14.77 -8.77
C THR A 128 4.86 13.44 -9.17
N ALA A 129 4.63 12.43 -8.34
CA ALA A 129 5.13 11.09 -8.57
C ALA A 129 4.21 10.30 -9.50
N SER A 130 3.72 10.98 -10.54
CA SER A 130 2.79 10.39 -11.50
C SER A 130 1.44 10.10 -10.87
N GLU A 131 1.36 8.99 -10.18
CA GLU A 131 0.14 8.62 -9.51
C GLU A 131 0.32 8.57 -8.00
N ALA A 132 1.42 7.99 -7.56
CA ALA A 132 1.72 7.85 -6.15
C ALA A 132 0.66 7.00 -5.48
N ASP A 133 0.12 6.07 -6.26
CA ASP A 133 -0.89 5.15 -5.78
C ASP A 133 -0.68 3.81 -6.43
N SER A 134 0.37 3.14 -6.00
CA SER A 134 0.72 1.84 -6.50
C SER A 134 0.08 0.79 -5.61
N SER A 135 -1.11 1.15 -5.13
CA SER A 135 -1.93 0.28 -4.32
C SER A 135 -2.33 -0.99 -5.07
N GLU A 136 -2.95 -1.92 -4.35
CA GLU A 136 -3.26 -3.25 -4.86
C GLU A 136 -2.01 -4.00 -5.31
N THR A 137 -2.16 -5.28 -5.55
CA THR A 137 -1.03 -6.12 -5.91
C THR A 137 -1.40 -7.02 -7.08
N SER A 138 -2.68 -7.03 -7.39
CA SER A 138 -3.19 -7.84 -8.48
C SER A 138 -4.39 -7.13 -9.12
N VAL A 139 -5.52 -7.82 -9.19
CA VAL A 139 -6.74 -7.30 -9.82
C VAL A 139 -6.46 -6.94 -11.30
N SER A 140 -7.43 -6.36 -11.98
CA SER A 140 -7.21 -5.88 -13.33
C SER A 140 -7.18 -4.36 -13.33
N GLU A 141 -8.34 -3.75 -13.05
CA GLU A 141 -8.44 -2.30 -12.97
C GLU A 141 -7.75 -1.79 -11.72
N LYS A 142 -7.73 -2.66 -10.70
CA LYS A 142 -7.11 -2.38 -9.39
C LYS A 142 -7.85 -1.26 -8.67
N GLU A 143 -7.61 -0.04 -9.11
CA GLU A 143 -8.29 1.12 -8.53
C GLU A 143 -9.77 1.11 -8.89
N SER A 144 -10.06 1.26 -10.18
CA SER A 144 -11.41 1.17 -10.71
C SER A 144 -12.33 2.15 -9.98
N GLY A 145 -12.08 3.44 -10.17
CA GLY A 145 -12.88 4.45 -9.50
C GLY A 145 -12.81 5.81 -10.17
N HIS A 146 -12.30 6.77 -9.42
CA HIS A 146 -12.25 8.16 -9.86
C HIS A 146 -11.11 8.39 -10.81
N GLU A 147 -9.93 7.89 -10.42
CA GLU A 147 -8.70 8.14 -11.15
C GLU A 147 -8.80 7.65 -12.60
N LYS A 148 -8.69 6.34 -12.80
CA LYS A 148 -8.78 5.74 -14.12
C LYS A 148 -7.81 6.39 -15.11
N ASP A 149 -6.60 5.85 -15.14
CA ASP A 149 -5.53 6.41 -15.97
C ASP A 149 -5.96 6.45 -17.43
N ASP A 150 -5.51 7.47 -18.14
CA ASP A 150 -5.99 7.74 -19.49
C ASP A 150 -5.07 7.13 -20.53
N ASP A 151 -3.79 7.12 -20.24
CA ASP A 151 -2.79 6.59 -21.18
C ASP A 151 -2.60 5.10 -20.95
N VAL A 152 -3.71 4.41 -20.70
CA VAL A 152 -3.69 3.00 -20.42
C VAL A 152 -3.53 2.16 -21.69
N ILE A 153 -2.44 1.41 -21.73
CA ILE A 153 -2.14 0.52 -22.83
C ILE A 153 -2.90 -0.80 -22.67
N ARG A 154 -3.28 -1.41 -23.79
CA ARG A 154 -3.73 -2.79 -23.76
C ARG A 154 -3.67 -3.40 -25.16
N CYS A 155 -2.51 -3.92 -25.49
CA CYS A 155 -2.35 -4.68 -26.71
C CYS A 155 -2.21 -6.15 -26.38
N ILE A 156 -2.37 -6.99 -27.39
CA ILE A 156 -2.17 -8.42 -27.24
C ILE A 156 -0.68 -8.74 -27.04
N CYS A 157 0.15 -7.70 -27.12
CA CYS A 157 1.57 -7.80 -26.80
C CYS A 157 1.79 -8.19 -25.35
N GLY A 158 1.18 -7.42 -24.45
CA GLY A 158 1.32 -7.69 -23.03
C GLY A 158 2.34 -6.79 -22.35
N LEU A 159 3.14 -6.06 -23.14
CA LEU A 159 4.17 -5.18 -22.57
C LEU A 159 3.54 -4.01 -21.82
N TYR A 160 2.40 -3.52 -22.30
CA TYR A 160 1.71 -2.40 -21.67
C TYR A 160 2.60 -1.15 -21.72
N LYS A 161 2.98 -0.77 -22.93
CA LYS A 161 3.77 0.44 -23.11
C LYS A 161 3.57 1.04 -24.50
N ASP A 162 3.69 2.36 -24.54
CA ASP A 162 3.53 3.14 -25.76
C ASP A 162 4.85 3.22 -26.52
N GLU A 163 5.08 2.20 -27.31
CA GLU A 163 6.15 2.23 -28.30
C GLU A 163 5.60 1.93 -29.69
N GLY A 164 6.21 2.54 -30.69
CA GLY A 164 5.79 2.32 -32.06
C GLY A 164 4.56 3.12 -32.44
N LEU A 165 3.73 2.54 -33.30
CA LEU A 165 2.51 3.17 -33.75
C LEU A 165 1.31 2.53 -33.04
N MET A 166 0.39 3.35 -32.54
CA MET A 166 -0.78 2.81 -31.85
C MET A 166 -1.97 3.75 -31.96
N ILE A 167 -3.17 3.17 -31.99
CA ILE A 167 -4.40 3.96 -32.11
C ILE A 167 -5.20 3.92 -30.79
N GLN A 168 -6.34 4.61 -30.79
CA GLN A 168 -7.12 4.83 -29.56
C GLN A 168 -8.55 4.28 -29.70
N CYS A 169 -8.91 3.34 -28.81
CA CYS A 169 -10.25 2.71 -28.79
C CYS A 169 -11.34 3.74 -28.53
N ASP A 170 -12.38 3.70 -29.34
CA ASP A 170 -13.47 4.68 -29.22
C ASP A 170 -14.25 4.51 -27.94
N LYS A 171 -14.28 3.30 -27.38
CA LYS A 171 -15.12 3.08 -26.20
C LYS A 171 -14.33 3.21 -24.90
N CYS A 172 -13.33 2.36 -24.70
CA CYS A 172 -12.59 2.39 -23.44
C CYS A 172 -11.37 3.31 -23.56
N MET A 173 -11.17 3.82 -24.79
CA MET A 173 -10.13 4.75 -25.15
C MET A 173 -8.74 4.32 -24.63
N VAL A 174 -8.44 3.04 -24.82
CA VAL A 174 -7.11 2.49 -24.57
C VAL A 174 -6.26 2.52 -25.82
N TRP A 175 -4.98 2.23 -25.66
CA TRP A 175 -4.01 2.35 -26.73
C TRP A 175 -3.52 0.98 -27.17
N GLN A 176 -3.61 0.70 -28.46
CA GLN A 176 -3.07 -0.54 -29.00
C GLN A 176 -2.29 -0.29 -30.29
N HIS A 177 -1.24 -1.09 -30.48
CA HIS A 177 -0.30 -0.88 -31.58
C HIS A 177 -0.92 -1.23 -32.92
N CYS A 178 -0.68 -0.37 -33.89
CA CYS A 178 -1.22 -0.50 -35.24
C CYS A 178 -0.69 -1.74 -35.96
N ASP A 179 0.58 -2.03 -35.74
CA ASP A 179 1.23 -3.14 -36.44
C ASP A 179 0.71 -4.50 -35.98
N CYS A 180 0.19 -4.56 -34.75
CA CYS A 180 -0.30 -5.82 -34.20
C CYS A 180 -1.75 -6.08 -34.60
N MET A 181 -2.59 -5.06 -34.52
CA MET A 181 -4.01 -5.22 -34.88
C MET A 181 -4.20 -5.21 -36.40
N GLY A 182 -3.15 -4.79 -37.10
CA GLY A 182 -3.22 -4.71 -38.54
C GLY A 182 -3.97 -3.48 -39.00
N VAL A 183 -3.74 -2.38 -38.30
CA VAL A 183 -4.46 -1.15 -38.56
C VAL A 183 -3.77 -0.38 -39.69
N ASN A 184 -4.44 0.65 -40.21
CA ASN A 184 -3.94 1.37 -41.37
C ASN A 184 -3.69 2.84 -41.03
N THR A 185 -3.82 3.14 -39.75
CA THR A 185 -3.65 4.49 -39.19
C THR A 185 -4.50 5.55 -39.90
N ASP A 186 -5.44 5.11 -40.72
CA ASP A 186 -6.41 6.01 -41.35
C ASP A 186 -7.81 5.66 -40.88
N VAL A 187 -7.89 4.56 -40.13
CA VAL A 187 -9.16 4.08 -39.59
C VAL A 187 -9.89 5.21 -38.87
N GLU A 188 -11.14 5.40 -39.21
CA GLU A 188 -11.94 6.45 -38.62
C GLU A 188 -12.34 6.07 -37.20
N HIS A 189 -12.47 4.76 -36.97
CA HIS A 189 -12.89 4.25 -35.70
C HIS A 189 -12.24 2.90 -35.44
N TYR A 190 -11.64 2.76 -34.27
CA TYR A 190 -11.03 1.50 -33.87
C TYR A 190 -11.57 1.05 -32.52
N LEU A 191 -11.71 -0.26 -32.36
CA LEU A 191 -12.08 -0.83 -31.08
C LEU A 191 -11.24 -2.08 -30.76
N CYS A 192 -11.20 -2.42 -29.48
CA CYS A 192 -10.43 -3.56 -28.98
C CYS A 192 -10.95 -4.88 -29.52
N GLU A 193 -10.16 -5.94 -29.34
CA GLU A 193 -10.57 -7.28 -29.67
C GLU A 193 -11.43 -7.83 -28.54
N GLN A 194 -11.48 -7.06 -27.46
CA GLN A 194 -12.29 -7.40 -26.30
C GLN A 194 -13.55 -6.55 -26.25
N CYS A 195 -13.40 -5.24 -26.47
CA CYS A 195 -14.56 -4.33 -26.53
C CYS A 195 -15.53 -4.78 -27.62
N ASP A 196 -15.03 -4.79 -28.85
CA ASP A 196 -15.82 -5.18 -30.01
C ASP A 196 -14.91 -5.77 -31.07
N PRO A 197 -14.60 -7.07 -30.96
CA PRO A 197 -13.71 -7.74 -31.91
C PRO A 197 -14.25 -7.66 -33.34
N ARG A 198 -13.50 -7.02 -34.22
CA ARG A 198 -13.93 -6.86 -35.61
C ARG A 198 -13.90 -8.20 -36.34
N PRO A 199 -15.06 -8.65 -36.83
CA PRO A 199 -15.15 -9.90 -37.59
C PRO A 199 -14.44 -9.79 -38.93
N VAL A 200 -13.45 -10.65 -39.12
CA VAL A 200 -12.72 -10.69 -40.37
C VAL A 200 -13.12 -11.92 -41.16
N ASP A 201 -13.62 -11.69 -42.37
CA ASP A 201 -14.05 -12.77 -43.24
C ASP A 201 -12.83 -13.46 -43.87
N ARG A 202 -11.69 -12.79 -43.82
CA ARG A 202 -10.47 -13.32 -44.43
C ARG A 202 -9.43 -13.68 -43.38
N GLU A 203 -8.64 -14.70 -43.69
CA GLU A 203 -7.59 -15.19 -42.79
C GLU A 203 -8.15 -15.57 -41.43
N VAL A 204 -9.00 -16.58 -41.44
CA VAL A 204 -9.65 -17.05 -40.22
C VAL A 204 -8.99 -18.35 -39.75
N PRO A 205 -8.24 -18.29 -38.64
CA PRO A 205 -7.60 -19.47 -38.05
C PRO A 205 -8.60 -20.34 -37.30
N ALA B 1 -9.94 8.05 -35.34
CA ALA B 1 -9.08 7.29 -34.42
C ALA B 1 -7.78 8.03 -34.17
N ARG B 2 -7.51 8.31 -32.90
CA ARG B 2 -6.28 8.99 -32.50
C ARG B 2 -5.09 8.06 -32.62
N THR B 3 -3.94 8.61 -32.99
CA THR B 3 -2.72 7.82 -33.14
C THR B 3 -1.54 8.52 -32.47
N GLN B 5 2.87 8.32 -31.90
CA GLN B 5 4.08 7.80 -32.52
C GLN B 5 5.18 7.61 -31.47
N THR B 6 5.00 6.61 -30.60
CA THR B 6 5.98 6.25 -29.58
C THR B 6 6.12 7.34 -28.49
N ALA B 7 6.09 6.90 -27.23
CA ALA B 7 6.16 7.79 -26.08
C ALA B 7 7.52 8.45 -25.97
N ARG B 8 8.53 7.83 -26.57
CA ARG B 8 9.89 8.35 -26.51
C ARG B 8 10.01 9.63 -27.35
N LYS B 9 9.66 10.74 -26.74
CA LYS B 9 9.85 12.06 -27.33
C LYS B 9 9.87 13.12 -26.23
N SER B 10 10.08 12.66 -25.00
CA SER B 10 10.14 13.54 -23.85
C SER B 10 11.54 13.54 -23.26
N THR B 11 12.02 14.71 -22.89
CA THR B 11 13.34 14.83 -22.29
C THR B 11 13.24 14.80 -20.76
N GLY B 12 12.11 14.33 -20.26
CA GLY B 12 11.89 14.26 -18.83
C GLY B 12 10.99 13.09 -18.47
N SER A 1 13.99 31.72 0.90
CA SER A 1 14.74 31.16 2.03
C SER A 1 14.12 29.85 2.51
N MET A 2 13.83 28.96 1.57
CA MET A 2 13.23 27.67 1.88
C MET A 2 13.62 26.64 0.83
N ASN A 3 13.96 25.44 1.28
CA ASN A 3 14.30 24.37 0.38
C ASN A 3 13.19 23.32 0.42
N ILE A 4 12.33 23.35 -0.58
CA ILE A 4 11.10 22.56 -0.59
C ILE A 4 11.38 21.06 -0.50
N GLU A 5 12.45 20.61 -1.12
CA GLU A 5 12.79 19.19 -1.14
C GLU A 5 13.05 18.68 0.27
N VAL A 6 13.76 19.46 1.08
CA VAL A 6 14.11 19.04 2.43
C VAL A 6 12.90 19.16 3.34
N ALA A 7 11.99 20.08 3.00
CA ALA A 7 10.77 20.26 3.76
C ALA A 7 9.84 19.09 3.51
N ARG A 8 9.79 18.65 2.25
CA ARG A 8 8.96 17.52 1.85
C ARG A 8 9.45 16.24 2.50
N ALA A 9 10.75 15.96 2.33
CA ALA A 9 11.36 14.76 2.88
C ALA A 9 11.14 14.68 4.38
N ALA A 10 11.30 15.81 5.05
CA ALA A 10 11.11 15.88 6.48
C ALA A 10 9.64 15.67 6.84
N ARG A 11 8.76 16.37 6.14
CA ARG A 11 7.32 16.29 6.42
C ARG A 11 6.83 14.86 6.41
N LEU A 12 7.00 14.19 5.29
CA LEU A 12 6.58 12.81 5.17
C LEU A 12 7.31 11.93 6.17
N ALA A 13 8.53 12.33 6.54
CA ALA A 13 9.33 11.56 7.50
C ALA A 13 8.58 11.30 8.81
N GLN A 14 8.18 12.37 9.52
CA GLN A 14 7.47 12.20 10.79
C GLN A 14 6.14 11.54 10.55
N ILE A 15 5.58 11.79 9.39
CA ILE A 15 4.28 11.29 9.04
C ILE A 15 4.32 9.81 8.69
N PHE A 16 5.33 9.38 7.95
CA PHE A 16 5.52 7.96 7.69
C PHE A 16 5.64 7.24 9.01
N LYS A 17 6.31 7.89 9.96
CA LYS A 17 6.47 7.36 11.30
C LYS A 17 5.10 7.05 11.90
N GLU A 18 4.19 8.02 11.82
CA GLU A 18 2.81 7.84 12.27
C GLU A 18 2.21 6.56 11.67
N ILE A 19 2.30 6.47 10.35
CA ILE A 19 1.72 5.38 9.59
C ILE A 19 2.37 4.03 9.94
N CYS A 20 3.69 3.94 9.77
CA CYS A 20 4.41 2.69 9.99
C CYS A 20 4.29 2.26 11.45
N ASP A 21 4.26 3.22 12.36
CA ASP A 21 4.10 2.94 13.78
C ASP A 21 2.83 2.13 14.02
N GLY A 22 1.74 2.57 13.40
CA GLY A 22 0.47 1.88 13.54
C GLY A 22 0.50 0.48 12.92
N ILE A 23 1.32 0.31 11.89
CA ILE A 23 1.44 -0.98 11.21
C ILE A 23 2.37 -1.93 11.97
N ILE A 24 3.55 -1.44 12.31
CA ILE A 24 4.55 -2.23 13.04
C ILE A 24 3.94 -2.84 14.29
N SER A 25 3.34 -2.00 15.10
CA SER A 25 2.72 -2.46 16.33
C SER A 25 1.21 -2.60 16.15
N TYR A 26 0.79 -2.98 14.94
CA TYR A 26 -0.61 -3.32 14.70
C TYR A 26 -0.95 -4.58 15.47
N ARG A 27 -1.91 -4.48 16.36
CA ARG A 27 -2.21 -5.56 17.28
C ARG A 27 -3.41 -6.37 16.87
N ASP A 28 -3.54 -7.50 17.53
CA ASP A 28 -4.69 -8.36 17.40
C ASP A 28 -5.39 -8.45 18.76
N SER A 29 -6.29 -9.41 18.94
CA SER A 29 -7.05 -9.55 20.18
C SER A 29 -6.13 -9.88 21.36
N SER A 30 -5.25 -10.85 21.16
CA SER A 30 -4.33 -11.30 22.20
C SER A 30 -3.08 -10.41 22.24
N GLN A 31 -3.28 -9.10 22.00
CA GLN A 31 -2.21 -8.09 22.00
C GLN A 31 -0.94 -8.58 21.27
N GLN A 32 -1.11 -9.13 20.07
CA GLN A 32 0.03 -9.60 19.29
C GLN A 32 0.35 -8.60 18.20
N THR A 33 1.61 -8.39 17.94
CA THR A 33 2.03 -7.58 16.81
C THR A 33 2.19 -8.47 15.59
N LEU A 34 1.26 -8.32 14.65
CA LEU A 34 1.25 -9.17 13.46
C LEU A 34 2.47 -8.92 12.59
N ALA A 35 3.12 -7.78 12.82
CA ALA A 35 4.26 -7.38 12.02
C ALA A 35 5.58 -7.76 12.70
N ALA A 36 5.48 -8.43 13.84
CA ALA A 36 6.66 -8.85 14.59
C ALA A 36 7.63 -9.70 13.74
N PRO A 37 7.15 -10.71 12.98
CA PRO A 37 8.03 -11.55 12.16
C PRO A 37 8.73 -10.77 11.07
N LEU A 38 8.14 -9.63 10.70
CA LEU A 38 8.72 -8.76 9.68
C LEU A 38 9.51 -7.64 10.35
N LEU A 39 9.34 -7.51 11.66
CA LEU A 39 9.94 -6.42 12.42
C LEU A 39 11.40 -6.73 12.76
N ASN A 40 11.63 -7.93 13.27
CA ASN A 40 12.97 -8.43 13.52
C ASN A 40 13.57 -9.03 12.23
N LEU A 41 14.88 -8.92 12.05
CA LEU A 41 15.57 -9.69 11.01
C LEU A 41 16.00 -11.03 11.60
N PRO A 42 16.36 -12.02 10.77
CA PRO A 42 16.75 -13.34 11.24
C PRO A 42 18.25 -13.44 11.47
N PRO A 43 18.67 -14.11 12.56
CA PRO A 43 20.08 -14.40 12.82
C PRO A 43 20.74 -14.99 11.58
N LYS A 44 21.86 -14.39 11.16
CA LYS A 44 22.35 -14.65 9.82
C LYS A 44 23.34 -15.79 9.77
N LYS A 45 23.87 -16.19 10.91
CA LYS A 45 24.87 -17.23 10.93
C LYS A 45 24.32 -18.50 10.29
N LYS A 46 23.00 -18.66 10.33
CA LYS A 46 22.35 -19.82 9.75
C LYS A 46 21.35 -19.42 8.66
N ASN A 47 21.51 -18.23 8.09
CA ASN A 47 20.60 -17.76 7.03
C ASN A 47 21.35 -17.05 5.91
N ALA A 48 22.03 -17.82 5.07
CA ALA A 48 22.74 -17.25 3.91
C ALA A 48 21.81 -17.18 2.72
N ASP A 49 20.93 -18.17 2.61
CA ASP A 49 19.96 -18.27 1.53
C ASP A 49 19.02 -17.06 1.47
N TYR A 50 18.83 -16.38 2.59
CA TYR A 50 17.97 -15.20 2.65
C TYR A 50 18.45 -14.12 1.68
N TYR A 51 19.64 -13.57 1.93
CA TYR A 51 20.18 -12.53 1.06
C TYR A 51 20.64 -13.11 -0.27
N GLU A 52 20.72 -14.44 -0.34
CA GLU A 52 21.12 -15.12 -1.57
C GLU A 52 20.10 -14.87 -2.67
N LYS A 53 18.82 -14.97 -2.33
CA LYS A 53 17.76 -14.72 -3.29
C LYS A 53 17.13 -13.35 -3.06
N ILE A 54 16.94 -12.97 -1.80
CA ILE A 54 16.35 -11.68 -1.47
C ILE A 54 17.46 -10.67 -1.16
N SER A 55 17.68 -9.74 -2.07
CA SER A 55 18.73 -8.75 -1.88
C SER A 55 18.37 -7.79 -0.75
N ASP A 56 17.08 -7.63 -0.48
CA ASP A 56 16.63 -6.71 0.54
C ASP A 56 15.48 -7.33 1.33
N PRO A 57 15.78 -8.27 2.26
CA PRO A 57 14.77 -8.86 3.14
C PRO A 57 13.99 -7.78 3.88
N LEU A 58 14.72 -6.87 4.50
CA LEU A 58 14.15 -5.72 5.18
C LEU A 58 13.37 -6.10 6.43
N ASP A 59 13.72 -5.46 7.54
CA ASP A 59 12.94 -5.60 8.75
C ASP A 59 12.37 -4.25 9.15
N LEU A 60 11.07 -4.26 9.44
CA LEU A 60 10.30 -3.04 9.67
C LEU A 60 10.92 -2.14 10.73
N SER A 61 11.54 -2.73 11.75
CA SER A 61 12.16 -1.94 12.81
C SER A 61 13.27 -1.04 12.26
N THR A 62 14.06 -1.58 11.33
CA THR A 62 15.11 -0.80 10.71
C THR A 62 14.51 0.23 9.75
N ILE A 63 13.50 -0.20 9.01
CA ILE A 63 12.81 0.68 8.06
C ILE A 63 12.26 1.91 8.79
N GLU A 64 11.68 1.67 9.96
CA GLU A 64 11.20 2.74 10.84
C GLU A 64 12.30 3.77 11.14
N LYS A 65 13.40 3.29 11.67
CA LYS A 65 14.57 4.13 11.94
C LYS A 65 15.05 4.85 10.67
N GLN A 66 14.99 4.19 9.53
CA GLN A 66 15.42 4.79 8.26
C GLN A 66 14.42 5.86 7.81
N ILE A 67 13.20 5.76 8.30
CA ILE A 67 12.18 6.76 8.03
C ILE A 67 12.50 8.08 8.74
N LEU A 68 12.91 7.97 10.01
CA LEU A 68 13.24 9.15 10.81
C LEU A 68 14.45 9.91 10.27
N ILE A 69 15.38 9.20 9.64
CA ILE A 69 16.56 9.83 9.09
C ILE A 69 16.25 10.54 7.76
N GLY A 70 15.02 10.34 7.29
CA GLY A 70 14.57 10.97 6.06
C GLY A 70 15.31 10.45 4.83
N TYR A 71 15.67 9.18 4.85
CA TYR A 71 16.42 8.58 3.75
C TYR A 71 15.54 8.34 2.53
N TYR A 72 14.27 8.05 2.78
CA TYR A 72 13.35 7.72 1.70
C TYR A 72 12.91 8.97 0.96
N LYS A 73 12.79 10.08 1.72
CA LYS A 73 12.39 11.38 1.17
C LYS A 73 10.92 11.40 0.78
N THR A 74 10.53 10.54 -0.15
CA THR A 74 9.15 10.48 -0.61
C THR A 74 8.53 9.13 -0.33
N VAL A 75 7.30 8.92 -0.81
CA VAL A 75 6.57 7.69 -0.55
C VAL A 75 7.00 6.59 -1.53
N GLU A 76 7.57 7.01 -2.65
CA GLU A 76 8.11 6.08 -3.66
C GLU A 76 8.78 4.86 -3.02
N ALA A 77 9.91 5.08 -2.35
CA ALA A 77 10.66 4.00 -1.74
C ALA A 77 9.89 3.40 -0.57
N PHE A 78 9.18 4.26 0.16
CA PHE A 78 8.37 3.82 1.30
C PHE A 78 7.34 2.76 0.89
N ASP A 79 6.59 3.03 -0.16
CA ASP A 79 5.56 2.12 -0.64
C ASP A 79 6.17 0.79 -1.04
N ALA A 80 7.27 0.88 -1.78
CA ALA A 80 7.98 -0.32 -2.22
C ALA A 80 8.41 -1.17 -1.03
N ASP A 81 9.04 -0.53 -0.06
CA ASP A 81 9.61 -1.21 1.10
C ASP A 81 8.57 -1.97 1.92
N MET A 82 7.41 -1.38 2.12
CA MET A 82 6.35 -2.03 2.90
C MET A 82 5.81 -3.27 2.18
N LEU A 83 5.55 -3.12 0.90
CA LEU A 83 5.08 -4.23 0.09
C LEU A 83 6.15 -5.30 -0.01
N LYS A 84 7.40 -4.87 0.06
CA LYS A 84 8.55 -5.77 -0.01
C LYS A 84 8.55 -6.77 1.14
N VAL A 85 8.50 -6.26 2.36
CA VAL A 85 8.55 -7.12 3.55
C VAL A 85 7.38 -8.11 3.57
N PHE A 86 6.20 -7.65 3.18
CA PHE A 86 5.05 -8.54 3.08
C PHE A 86 5.29 -9.62 2.05
N ARG A 87 5.88 -9.26 0.92
CA ARG A 87 6.19 -10.22 -0.13
C ARG A 87 7.14 -11.29 0.38
N ASN A 88 8.23 -10.86 1.02
CA ASN A 88 9.24 -11.79 1.50
C ASN A 88 8.66 -12.76 2.55
N ALA A 89 7.66 -12.28 3.29
CA ALA A 89 6.95 -13.12 4.24
C ALA A 89 6.33 -14.31 3.53
N GLU A 90 5.30 -14.02 2.73
CA GLU A 90 4.54 -15.04 2.02
C GLU A 90 5.38 -15.74 0.95
N LYS A 91 6.55 -15.20 0.66
CA LYS A 91 7.43 -15.81 -0.31
C LYS A 91 8.37 -16.81 0.34
N TYR A 92 9.34 -16.31 1.12
CA TYR A 92 10.39 -17.17 1.62
C TYR A 92 10.11 -17.70 3.01
N TYR A 93 9.48 -16.88 3.87
CA TYR A 93 9.14 -17.37 5.21
C TYR A 93 8.24 -18.61 5.08
N GLY A 94 7.21 -18.51 4.24
CA GLY A 94 6.37 -19.64 3.95
C GLY A 94 5.47 -19.37 2.78
N ARG A 95 5.39 -20.32 1.85
CA ARG A 95 4.55 -20.17 0.67
C ARG A 95 3.08 -20.24 1.06
N LYS A 96 2.82 -20.96 2.14
CA LYS A 96 1.50 -20.98 2.76
C LYS A 96 1.61 -20.27 4.10
N SER A 97 2.21 -19.09 4.05
CA SER A 97 2.63 -18.34 5.21
C SER A 97 1.53 -18.15 6.26
N PRO A 98 1.71 -18.76 7.44
CA PRO A 98 0.89 -18.48 8.63
C PRO A 98 0.94 -17.00 9.02
N ILE A 99 2.12 -16.38 9.01
CA ILE A 99 2.22 -14.93 9.27
C ILE A 99 1.51 -14.18 8.14
N GLY A 100 1.42 -14.85 6.99
CA GLY A 100 0.74 -14.31 5.82
C GLY A 100 -0.60 -13.64 6.12
N ARG A 101 -1.52 -14.34 6.78
CA ARG A 101 -2.82 -13.77 7.10
C ARG A 101 -2.68 -12.56 8.02
N ASP A 102 -1.64 -12.58 8.84
CA ASP A 102 -1.39 -11.47 9.76
C ASP A 102 -0.81 -10.29 9.00
N VAL A 103 0.09 -10.57 8.06
CA VAL A 103 0.77 -9.52 7.34
C VAL A 103 -0.07 -8.99 6.17
N CYS A 104 -1.03 -9.78 5.70
CA CYS A 104 -1.97 -9.29 4.70
C CYS A 104 -2.96 -8.36 5.37
N ARG A 105 -3.27 -8.65 6.64
CA ARG A 105 -4.03 -7.75 7.49
C ARG A 105 -3.31 -6.41 7.58
N LEU A 106 -2.00 -6.48 7.82
CA LEU A 106 -1.15 -5.29 7.87
C LEU A 106 -1.21 -4.56 6.54
N ARG A 107 -1.03 -5.31 5.47
CA ARG A 107 -1.06 -4.78 4.11
C ARG A 107 -2.38 -4.04 3.85
N LYS A 108 -3.48 -4.59 4.37
CA LYS A 108 -4.79 -4.00 4.15
C LYS A 108 -4.89 -2.71 4.93
N ALA A 109 -4.35 -2.74 6.14
CA ALA A 109 -4.38 -1.60 7.03
C ALA A 109 -3.37 -0.56 6.59
N TYR A 110 -2.38 -1.01 5.81
CA TYR A 110 -1.39 -0.12 5.24
C TYR A 110 -2.02 0.75 4.16
N TYR A 111 -2.77 0.13 3.25
CA TYR A 111 -3.47 0.88 2.22
C TYR A 111 -4.54 1.76 2.84
N SER A 112 -5.10 1.30 3.96
CA SER A 112 -6.07 2.08 4.70
C SER A 112 -5.42 3.37 5.21
N ALA A 113 -4.31 3.21 5.93
CA ALA A 113 -3.57 4.36 6.45
C ALA A 113 -3.02 5.23 5.31
N ARG A 114 -2.67 4.60 4.20
CA ARG A 114 -2.26 5.32 3.00
C ARG A 114 -3.37 6.25 2.53
N HIS A 115 -4.59 5.72 2.47
CA HIS A 115 -5.75 6.48 2.05
C HIS A 115 -6.12 7.52 3.10
N GLU A 116 -5.74 7.27 4.35
CA GLU A 116 -5.94 8.23 5.42
C GLU A 116 -4.95 9.39 5.30
N ALA A 117 -3.67 9.04 5.33
CA ALA A 117 -2.59 10.04 5.35
C ALA A 117 -2.39 10.69 3.99
N SER A 118 -3.10 10.20 2.98
CA SER A 118 -3.00 10.76 1.63
C SER A 118 -3.24 12.26 1.63
N ALA A 119 -4.00 12.73 2.61
CA ALA A 119 -4.31 14.15 2.76
C ALA A 119 -3.04 14.98 2.80
N GLN A 120 -2.20 14.76 3.80
CA GLN A 120 -0.95 15.51 3.91
C GLN A 120 -0.05 15.24 2.72
N ILE A 121 0.13 13.98 2.34
CA ILE A 121 1.01 13.64 1.24
C ILE A 121 0.64 14.42 -0.01
N ASP A 122 -0.66 14.55 -0.24
CA ASP A 122 -1.16 15.25 -1.42
C ASP A 122 -0.79 16.72 -1.41
N GLU A 123 -0.99 17.39 -0.27
CA GLU A 123 -0.78 18.82 -0.20
C GLU A 123 0.70 19.15 -0.09
N ILE A 124 1.49 18.13 0.20
CA ILE A 124 2.94 18.29 0.33
C ILE A 124 3.64 17.83 -0.93
N VAL A 125 3.55 16.54 -1.21
CA VAL A 125 4.22 15.94 -2.36
C VAL A 125 3.71 16.55 -3.66
N GLY A 126 2.42 16.39 -3.90
CA GLY A 126 1.87 16.80 -5.16
C GLY A 126 2.21 15.81 -6.25
N GLU A 127 1.22 15.44 -7.04
CA GLU A 127 1.40 14.46 -8.10
C GLU A 127 2.37 14.95 -9.17
N THR A 128 2.89 16.16 -9.00
CA THR A 128 3.90 16.70 -9.88
C THR A 128 5.20 15.94 -9.66
N ALA A 129 5.30 15.31 -8.50
CA ALA A 129 6.49 14.59 -8.11
C ALA A 129 6.29 13.09 -8.26
N SER A 130 5.48 12.52 -7.39
CA SER A 130 5.25 11.08 -7.38
C SER A 130 3.89 10.77 -6.77
N GLU A 131 3.48 9.51 -6.89
CA GLU A 131 2.22 9.05 -6.32
C GLU A 131 2.39 7.70 -5.63
N ALA A 132 2.94 6.70 -6.33
CA ALA A 132 3.20 5.39 -5.73
C ALA A 132 1.95 4.85 -5.04
N ASP A 133 0.82 4.96 -5.70
CA ASP A 133 -0.45 4.53 -5.14
C ASP A 133 -1.24 3.70 -6.16
N SER A 134 -0.52 2.84 -6.86
CA SER A 134 -1.14 2.02 -7.89
C SER A 134 -1.62 0.69 -7.31
N SER A 135 -1.45 0.56 -5.98
CA SER A 135 -1.84 -0.66 -5.27
C SER A 135 -1.03 -1.87 -5.76
N GLU A 136 -1.54 -3.06 -5.50
CA GLU A 136 -0.89 -4.32 -5.89
C GLU A 136 0.41 -4.52 -5.12
N THR A 137 1.03 -5.67 -5.29
CA THR A 137 2.21 -6.00 -4.52
C THR A 137 3.27 -6.66 -5.39
N SER A 138 2.83 -7.20 -6.52
CA SER A 138 3.74 -7.92 -7.41
C SER A 138 4.53 -6.93 -8.26
N VAL A 139 3.81 -6.08 -8.99
CA VAL A 139 4.42 -4.98 -9.70
C VAL A 139 3.78 -3.69 -9.18
N SER A 140 4.05 -2.55 -9.78
CA SER A 140 3.60 -1.28 -9.24
C SER A 140 2.12 -1.04 -9.57
N GLU A 141 1.80 -1.00 -10.85
CA GLU A 141 0.44 -0.73 -11.27
C GLU A 141 -0.46 -1.96 -11.15
N LYS A 142 0.07 -3.12 -11.50
CA LYS A 142 -0.75 -4.33 -11.52
C LYS A 142 0.03 -5.55 -11.06
N GLU A 143 -0.63 -6.70 -11.12
CA GLU A 143 -0.01 -7.96 -10.74
C GLU A 143 1.05 -8.36 -11.76
N SER A 144 0.64 -8.46 -13.01
CA SER A 144 1.52 -8.74 -14.13
C SER A 144 2.33 -10.03 -13.90
N GLY A 145 1.65 -11.16 -13.99
CA GLY A 145 2.32 -12.43 -13.89
C GLY A 145 2.91 -12.86 -15.21
N HIS A 146 2.43 -13.97 -15.71
CA HIS A 146 2.86 -14.47 -17.01
C HIS A 146 1.71 -14.40 -18.00
N GLU A 147 0.59 -15.01 -17.65
CA GLU A 147 -0.57 -15.10 -18.52
C GLU A 147 -1.79 -15.52 -17.72
N LYS A 148 -2.93 -15.63 -18.40
CA LYS A 148 -4.15 -16.07 -17.76
C LYS A 148 -4.80 -17.16 -18.60
N ASP A 149 -4.05 -18.24 -18.79
CA ASP A 149 -4.56 -19.40 -19.51
C ASP A 149 -4.94 -20.46 -18.50
N ASP A 150 -4.64 -20.13 -17.27
CA ASP A 150 -4.96 -20.94 -16.12
C ASP A 150 -5.60 -20.05 -15.08
N ASP A 151 -6.01 -20.65 -13.96
CA ASP A 151 -6.72 -19.93 -12.90
C ASP A 151 -7.86 -19.08 -13.45
N VAL A 152 -8.47 -19.54 -14.54
CA VAL A 152 -9.56 -18.82 -15.18
C VAL A 152 -10.91 -19.34 -14.73
N ILE A 153 -11.76 -18.43 -14.32
CA ILE A 153 -13.09 -18.76 -13.85
C ILE A 153 -14.04 -18.99 -15.03
N ARG A 154 -14.95 -19.93 -14.87
CA ARG A 154 -16.05 -20.12 -15.81
C ARG A 154 -17.19 -20.91 -15.19
N CYS A 155 -17.99 -20.22 -14.41
CA CYS A 155 -19.19 -20.79 -13.86
C CYS A 155 -20.40 -20.15 -14.53
N ILE A 156 -21.57 -20.77 -14.37
CA ILE A 156 -22.81 -20.22 -14.92
C ILE A 156 -23.20 -18.96 -14.16
N CYS A 157 -22.42 -18.64 -13.13
CA CYS A 157 -22.56 -17.41 -12.39
C CYS A 157 -22.35 -16.19 -13.29
N GLY A 158 -21.22 -16.20 -14.01
CA GLY A 158 -20.91 -15.11 -14.92
C GLY A 158 -20.01 -14.06 -14.31
N LEU A 159 -19.78 -14.15 -13.00
CA LEU A 159 -18.99 -13.15 -12.29
C LEU A 159 -17.50 -13.26 -12.62
N TYR A 160 -17.06 -14.47 -12.99
CA TYR A 160 -15.65 -14.72 -13.30
C TYR A 160 -14.77 -14.42 -12.07
N LYS A 161 -15.16 -14.96 -10.92
CA LYS A 161 -14.37 -14.80 -9.72
C LYS A 161 -14.59 -15.93 -8.71
N ASP A 162 -13.60 -16.12 -7.85
CA ASP A 162 -13.50 -17.27 -6.98
C ASP A 162 -14.06 -17.03 -5.59
N GLU A 163 -15.37 -17.15 -5.47
CA GLU A 163 -16.00 -17.24 -4.16
C GLU A 163 -16.45 -18.66 -3.89
N GLY A 164 -16.47 -19.03 -2.61
CA GLY A 164 -16.89 -20.36 -2.23
C GLY A 164 -15.88 -21.43 -2.59
N LEU A 165 -16.35 -22.65 -2.71
CA LEU A 165 -15.51 -23.78 -3.05
C LEU A 165 -15.71 -24.14 -4.52
N MET A 166 -14.62 -24.27 -5.25
CA MET A 166 -14.66 -24.55 -6.67
C MET A 166 -13.66 -25.63 -7.03
N ILE A 167 -13.93 -26.39 -8.08
CA ILE A 167 -13.01 -27.41 -8.54
C ILE A 167 -12.36 -26.98 -9.86
N GLN A 168 -11.39 -27.76 -10.32
CA GLN A 168 -10.65 -27.46 -11.53
C GLN A 168 -11.06 -28.39 -12.67
N CYS A 169 -11.23 -27.82 -13.87
CA CYS A 169 -11.48 -28.61 -15.06
C CYS A 169 -10.22 -29.30 -15.53
N ASP A 170 -10.36 -30.58 -15.84
CA ASP A 170 -9.25 -31.44 -16.23
C ASP A 170 -8.61 -30.96 -17.52
N LYS A 171 -9.39 -30.36 -18.41
CA LYS A 171 -8.85 -30.01 -19.72
C LYS A 171 -8.67 -28.49 -19.86
N CYS A 172 -9.69 -27.70 -19.52
CA CYS A 172 -9.62 -26.24 -19.69
C CYS A 172 -8.70 -25.61 -18.65
N MET A 173 -8.46 -26.32 -17.55
CA MET A 173 -7.65 -25.82 -16.42
C MET A 173 -8.34 -24.62 -15.77
N VAL A 174 -9.67 -24.61 -15.84
CA VAL A 174 -10.47 -23.52 -15.32
C VAL A 174 -11.05 -23.85 -13.96
N TRP A 175 -11.70 -22.87 -13.35
CA TRP A 175 -12.33 -23.04 -12.05
C TRP A 175 -13.84 -22.89 -12.16
N GLN A 176 -14.57 -23.84 -11.58
CA GLN A 176 -16.02 -23.79 -11.57
C GLN A 176 -16.52 -24.10 -10.16
N HIS A 177 -17.44 -23.28 -9.66
CA HIS A 177 -17.92 -23.42 -8.27
C HIS A 177 -18.61 -24.76 -8.06
N CYS A 178 -18.26 -25.42 -6.96
CA CYS A 178 -18.73 -26.78 -6.67
C CYS A 178 -20.19 -26.80 -6.26
N ASP A 179 -20.60 -25.89 -5.37
CA ASP A 179 -21.99 -25.88 -4.90
C ASP A 179 -22.93 -25.47 -6.02
N CYS A 180 -22.40 -24.73 -6.99
CA CYS A 180 -23.15 -24.33 -8.16
C CYS A 180 -23.44 -25.53 -9.06
N MET A 181 -22.38 -26.13 -9.57
CA MET A 181 -22.50 -27.28 -10.47
C MET A 181 -23.00 -28.53 -9.75
N GLY A 182 -22.97 -28.48 -8.42
CA GLY A 182 -23.44 -29.60 -7.63
C GLY A 182 -22.42 -30.70 -7.55
N VAL A 183 -21.16 -30.32 -7.50
CA VAL A 183 -20.06 -31.27 -7.51
C VAL A 183 -19.87 -31.81 -6.09
N ASN A 184 -19.06 -32.84 -5.95
CA ASN A 184 -18.85 -33.47 -4.65
C ASN A 184 -17.38 -33.39 -4.26
N THR A 185 -16.65 -32.53 -4.95
CA THR A 185 -15.21 -32.34 -4.74
C THR A 185 -14.42 -33.65 -4.74
N ASP A 186 -15.01 -34.70 -5.32
CA ASP A 186 -14.38 -36.00 -5.39
C ASP A 186 -13.86 -36.29 -6.79
N VAL A 187 -14.39 -35.55 -7.76
CA VAL A 187 -14.04 -35.71 -9.18
C VAL A 187 -12.55 -35.87 -9.42
N GLU A 188 -12.20 -36.89 -10.17
CA GLU A 188 -10.82 -37.15 -10.55
C GLU A 188 -10.48 -36.43 -11.85
N HIS A 189 -11.49 -36.28 -12.70
CA HIS A 189 -11.35 -35.63 -14.00
C HIS A 189 -12.61 -34.84 -14.30
N TYR A 190 -12.79 -33.74 -13.58
CA TYR A 190 -13.98 -32.94 -13.72
C TYR A 190 -13.90 -32.07 -14.96
N LEU A 191 -15.02 -31.88 -15.63
CA LEU A 191 -15.06 -31.07 -16.82
C LEU A 191 -16.26 -30.13 -16.81
N CYS A 192 -16.13 -29.00 -17.51
CA CYS A 192 -17.17 -27.97 -17.57
C CYS A 192 -18.34 -28.41 -18.43
N GLU A 193 -19.42 -27.65 -18.32
CA GLU A 193 -20.62 -27.81 -19.14
C GLU A 193 -20.38 -27.30 -20.56
N GLN A 194 -19.12 -27.26 -20.97
CA GLN A 194 -18.74 -26.73 -22.27
C GLN A 194 -17.87 -27.73 -23.01
N CYS A 195 -16.65 -27.94 -22.50
CA CYS A 195 -15.75 -28.95 -23.01
C CYS A 195 -16.45 -30.28 -23.16
N ASP A 196 -16.87 -30.79 -22.02
CA ASP A 196 -17.52 -32.08 -21.93
C ASP A 196 -18.49 -32.09 -20.76
N PRO A 197 -19.70 -31.54 -20.98
CA PRO A 197 -20.75 -31.47 -19.94
C PRO A 197 -20.92 -32.79 -19.20
N ARG A 198 -21.08 -32.71 -17.89
CA ARG A 198 -21.20 -33.92 -17.08
C ARG A 198 -22.50 -34.66 -17.41
N PRO A 199 -22.42 -35.92 -17.85
CA PRO A 199 -23.61 -36.69 -18.15
C PRO A 199 -24.21 -37.33 -16.91
N VAL A 200 -25.44 -36.96 -16.61
CA VAL A 200 -26.18 -37.57 -15.52
C VAL A 200 -26.93 -38.80 -16.03
N ASP A 201 -26.31 -39.96 -15.87
CA ASP A 201 -26.84 -41.20 -16.42
C ASP A 201 -27.96 -41.74 -15.56
N ARG A 202 -29.18 -41.58 -16.05
CA ARG A 202 -30.35 -42.11 -15.38
C ARG A 202 -30.55 -43.59 -15.74
N GLU A 203 -31.46 -44.25 -15.02
CA GLU A 203 -31.80 -45.65 -15.28
C GLU A 203 -32.59 -45.79 -16.59
N VAL A 204 -31.98 -45.35 -17.67
CA VAL A 204 -32.57 -45.40 -18.99
C VAL A 204 -32.00 -46.57 -19.78
N PRO A 205 -32.76 -47.67 -19.90
CA PRO A 205 -32.34 -48.83 -20.68
C PRO A 205 -32.32 -48.55 -22.18
N ALA B 1 -8.84 -33.87 -9.32
CA ALA B 1 -9.11 -32.46 -9.66
C ALA B 1 -8.90 -31.56 -8.44
N ARG B 2 -8.07 -30.54 -8.63
CA ARG B 2 -7.77 -29.60 -7.56
C ARG B 2 -9.00 -28.78 -7.18
N THR B 3 -9.15 -28.49 -5.90
CA THR B 3 -10.25 -27.70 -5.41
C THR B 3 -9.74 -26.46 -4.67
N GLN B 5 -11.12 -23.03 -2.12
CA GLN B 5 -12.14 -22.29 -1.42
C GLN B 5 -11.56 -20.97 -0.90
N THR B 6 -11.88 -19.89 -1.60
CA THR B 6 -11.33 -18.59 -1.27
C THR B 6 -12.17 -17.89 -0.20
N ALA B 7 -13.29 -17.30 -0.63
CA ALA B 7 -14.17 -16.60 0.29
C ALA B 7 -15.23 -17.53 0.82
N ARG B 8 -15.27 -17.67 2.14
CA ARG B 8 -16.18 -18.59 2.79
C ARG B 8 -17.47 -17.89 3.20
N LYS B 9 -18.59 -18.50 2.84
CA LYS B 9 -19.90 -18.00 3.21
C LYS B 9 -20.87 -19.15 3.36
N SER B 10 -21.64 -19.15 4.43
CA SER B 10 -22.58 -20.23 4.70
C SER B 10 -24.00 -19.81 4.32
N THR B 11 -24.36 -18.58 4.65
CA THR B 11 -25.68 -18.06 4.32
C THR B 11 -25.62 -17.23 3.05
N GLY B 12 -24.49 -16.56 2.83
CA GLY B 12 -24.31 -15.79 1.61
C GLY B 12 -24.18 -14.32 1.88
N SER A 1 14.14 32.00 3.44
CA SER A 1 14.96 30.77 3.37
C SER A 1 14.10 29.53 3.57
N MET A 2 13.93 28.76 2.51
CA MET A 2 13.14 27.53 2.57
C MET A 2 13.49 26.62 1.40
N ASN A 3 13.55 25.33 1.67
CA ASN A 3 13.74 24.34 0.62
C ASN A 3 12.56 23.39 0.64
N ILE A 4 11.73 23.47 -0.39
CA ILE A 4 10.56 22.61 -0.50
C ILE A 4 10.94 21.14 -0.41
N GLU A 5 12.07 20.78 -0.98
CA GLU A 5 12.51 19.40 -0.95
C GLU A 5 12.82 18.95 0.48
N VAL A 6 13.48 19.82 1.24
CA VAL A 6 13.85 19.47 2.61
C VAL A 6 12.61 19.48 3.50
N ALA A 7 11.66 20.36 3.17
CA ALA A 7 10.43 20.47 3.91
C ALA A 7 9.54 19.26 3.64
N ARG A 8 9.50 18.87 2.37
CA ARG A 8 8.73 17.70 1.95
C ARG A 8 9.32 16.42 2.54
N ALA A 9 10.64 16.28 2.45
CA ALA A 9 11.31 15.09 2.97
C ALA A 9 11.09 14.96 4.47
N ALA A 10 11.20 16.07 5.18
CA ALA A 10 11.00 16.08 6.63
C ALA A 10 9.54 15.87 6.99
N ARG A 11 8.65 16.43 6.16
CA ARG A 11 7.22 16.31 6.40
C ARG A 11 6.77 14.85 6.36
N LEU A 12 7.08 14.17 5.26
CA LEU A 12 6.70 12.78 5.13
C LEU A 12 7.38 11.94 6.19
N ALA A 13 8.60 12.29 6.56
CA ALA A 13 9.36 11.50 7.54
C ALA A 13 8.60 11.38 8.86
N GLN A 14 8.15 12.50 9.39
CA GLN A 14 7.41 12.49 10.66
C GLN A 14 6.04 11.85 10.47
N ILE A 15 5.54 11.93 9.25
CA ILE A 15 4.24 11.39 8.91
C ILE A 15 4.30 9.88 8.67
N PHE A 16 5.34 9.41 8.00
CA PHE A 16 5.56 7.99 7.85
C PHE A 16 5.70 7.37 9.22
N LYS A 17 6.37 8.12 10.10
CA LYS A 17 6.52 7.74 11.49
C LYS A 17 5.16 7.41 12.10
N GLU A 18 4.19 8.30 11.87
CA GLU A 18 2.82 8.07 12.31
C GLU A 18 2.31 6.73 11.75
N ILE A 19 2.35 6.60 10.43
CA ILE A 19 1.81 5.42 9.75
C ILE A 19 2.50 4.14 10.20
N CYS A 20 3.83 4.10 10.04
CA CYS A 20 4.59 2.88 10.30
C CYS A 20 4.46 2.43 11.74
N ASP A 21 4.39 3.38 12.67
CA ASP A 21 4.23 3.04 14.08
C ASP A 21 2.94 2.24 14.28
N GLY A 22 1.88 2.69 13.62
CA GLY A 22 0.61 2.01 13.71
C GLY A 22 0.61 0.65 13.04
N ILE A 23 1.49 0.46 12.06
CA ILE A 23 1.57 -0.82 11.35
C ILE A 23 2.53 -1.78 12.03
N ILE A 24 3.72 -1.30 12.37
CA ILE A 24 4.73 -2.10 13.04
C ILE A 24 4.15 -2.79 14.26
N SER A 25 3.55 -2.00 15.13
CA SER A 25 2.95 -2.53 16.33
C SER A 25 1.44 -2.67 16.16
N TYR A 26 1.02 -2.98 14.95
CA TYR A 26 -0.38 -3.26 14.68
C TYR A 26 -0.82 -4.48 15.47
N ARG A 27 -1.82 -4.29 16.31
CA ARG A 27 -2.30 -5.37 17.16
C ARG A 27 -3.63 -5.90 16.67
N ASP A 28 -3.87 -7.16 16.95
CA ASP A 28 -5.14 -7.81 16.65
C ASP A 28 -6.04 -7.72 17.88
N SER A 29 -7.30 -8.13 17.79
CA SER A 29 -8.19 -8.14 18.95
C SER A 29 -7.64 -9.08 20.02
N SER A 30 -6.83 -10.04 19.58
CA SER A 30 -6.13 -10.95 20.48
C SER A 30 -4.87 -10.30 21.08
N GLN A 31 -4.83 -8.96 21.04
CA GLN A 31 -3.71 -8.13 21.52
C GLN A 31 -2.36 -8.69 21.06
N GLN A 32 -2.31 -9.18 19.83
CA GLN A 32 -1.08 -9.74 19.28
C GLN A 32 -0.44 -8.75 18.32
N THR A 33 0.87 -8.66 18.40
CA THR A 33 1.64 -7.86 17.46
C THR A 33 2.00 -8.71 16.25
N LEU A 34 1.29 -8.48 15.16
CA LEU A 34 1.38 -9.34 14.00
C LEU A 34 2.73 -9.23 13.29
N ALA A 35 3.21 -8.01 13.11
CA ALA A 35 4.34 -7.75 12.21
C ALA A 35 5.70 -8.11 12.81
N ALA A 36 5.72 -8.80 13.94
CA ALA A 36 6.97 -9.20 14.59
C ALA A 36 7.88 -10.04 13.68
N PRO A 37 7.36 -11.09 13.01
CA PRO A 37 8.17 -11.93 12.11
C PRO A 37 8.76 -11.15 10.94
N LEU A 38 8.17 -9.99 10.69
CA LEU A 38 8.58 -9.13 9.59
C LEU A 38 9.34 -7.93 10.15
N LEU A 39 9.30 -7.81 11.47
CA LEU A 39 9.85 -6.65 12.16
C LEU A 39 11.35 -6.80 12.36
N ASN A 40 11.75 -8.03 12.64
CA ASN A 40 13.14 -8.36 12.92
C ASN A 40 13.81 -9.03 11.72
N LEU A 41 15.12 -8.89 11.65
CA LEU A 41 15.90 -9.34 10.52
C LEU A 41 16.62 -10.65 10.84
N PRO A 42 16.39 -11.70 10.04
CA PRO A 42 17.04 -13.01 10.20
C PRO A 42 18.57 -12.90 10.18
N PRO A 43 19.23 -13.36 11.26
CA PRO A 43 20.70 -13.35 11.40
C PRO A 43 21.44 -13.77 10.12
N LYS A 44 22.51 -13.02 9.83
CA LYS A 44 23.32 -13.22 8.61
C LYS A 44 23.91 -14.62 8.57
N LYS A 45 24.09 -15.20 9.74
CA LYS A 45 24.93 -16.37 9.91
C LYS A 45 24.35 -17.64 9.30
N LYS A 46 23.04 -17.86 9.45
CA LYS A 46 22.45 -19.12 9.04
C LYS A 46 21.37 -18.93 7.97
N ASN A 47 21.58 -18.01 7.04
CA ASN A 47 20.58 -17.73 6.02
C ASN A 47 21.25 -17.41 4.69
N ALA A 48 21.76 -18.43 4.03
CA ALA A 48 22.38 -18.25 2.73
C ALA A 48 21.36 -18.41 1.60
N ASP A 49 20.63 -19.53 1.60
CA ASP A 49 19.60 -19.79 0.59
C ASP A 49 18.51 -18.75 0.70
N TYR A 50 18.16 -18.45 1.95
CA TYR A 50 17.22 -17.36 2.27
C TYR A 50 17.57 -16.09 1.51
N TYR A 51 18.86 -15.74 1.52
CA TYR A 51 19.34 -14.49 0.96
C TYR A 51 19.71 -14.66 -0.51
N GLU A 52 19.68 -15.88 -0.99
CA GLU A 52 19.94 -16.14 -2.40
C GLU A 52 18.72 -15.73 -3.22
N LYS A 53 17.57 -16.30 -2.89
CA LYS A 53 16.34 -16.01 -3.63
C LYS A 53 15.80 -14.63 -3.26
N ILE A 54 15.84 -14.29 -1.97
CA ILE A 54 15.35 -13.01 -1.49
C ILE A 54 16.49 -11.99 -1.47
N SER A 55 16.53 -11.14 -2.48
CA SER A 55 17.58 -10.15 -2.61
C SER A 55 17.29 -8.91 -1.76
N ASP A 56 16.03 -8.77 -1.35
CA ASP A 56 15.61 -7.63 -0.53
C ASP A 56 14.76 -8.12 0.64
N PRO A 57 15.38 -8.78 1.64
CA PRO A 57 14.66 -9.28 2.82
C PRO A 57 14.06 -8.14 3.63
N LEU A 58 14.95 -7.32 4.19
CA LEU A 58 14.57 -6.08 4.88
C LEU A 58 13.95 -6.32 6.25
N ASP A 59 14.19 -5.35 7.12
CA ASP A 59 13.73 -5.39 8.50
C ASP A 59 12.88 -4.15 8.79
N LEU A 60 11.63 -4.38 9.18
CA LEU A 60 10.66 -3.30 9.36
C LEU A 60 11.06 -2.31 10.45
N SER A 61 11.62 -2.80 11.54
CA SER A 61 12.03 -1.91 12.62
C SER A 61 13.13 -0.96 12.14
N THR A 62 13.94 -1.45 11.21
CA THR A 62 14.97 -0.63 10.60
C THR A 62 14.34 0.39 9.66
N ILE A 63 13.32 -0.04 8.91
CA ILE A 63 12.59 0.84 7.99
C ILE A 63 12.09 2.08 8.75
N GLU A 64 11.58 1.86 9.95
CA GLU A 64 11.11 2.93 10.83
C GLU A 64 12.25 3.93 11.12
N LYS A 65 13.33 3.41 11.68
CA LYS A 65 14.51 4.23 11.97
C LYS A 65 15.03 4.96 10.72
N GLN A 66 14.93 4.31 9.56
CA GLN A 66 15.38 4.91 8.30
C GLN A 66 14.40 5.99 7.84
N ILE A 67 13.19 5.94 8.37
CA ILE A 67 12.19 6.96 8.10
C ILE A 67 12.57 8.27 8.79
N LEU A 68 12.94 8.18 10.07
CA LEU A 68 13.30 9.36 10.85
C LEU A 68 14.54 10.05 10.30
N ILE A 69 15.44 9.28 9.68
CA ILE A 69 16.66 9.85 9.11
C ILE A 69 16.39 10.47 7.75
N GLY A 70 15.16 10.30 7.26
CA GLY A 70 14.77 10.88 5.99
C GLY A 70 15.49 10.27 4.81
N TYR A 71 15.73 8.96 4.87
CA TYR A 71 16.50 8.26 3.85
C TYR A 71 15.65 8.04 2.59
N TYR A 72 14.35 7.91 2.78
CA TYR A 72 13.46 7.58 1.67
C TYR A 72 13.09 8.80 0.85
N LYS A 73 13.11 9.97 1.50
CA LYS A 73 12.81 11.26 0.85
C LYS A 73 11.33 11.39 0.49
N THR A 74 10.81 10.43 -0.25
CA THR A 74 9.41 10.43 -0.63
C THR A 74 8.77 9.08 -0.28
N VAL A 75 7.61 8.79 -0.86
CA VAL A 75 6.89 7.57 -0.52
C VAL A 75 7.27 6.42 -1.43
N GLU A 76 7.70 6.75 -2.64
CA GLU A 76 8.09 5.76 -3.66
C GLU A 76 8.87 4.58 -3.05
N ALA A 77 10.00 4.88 -2.42
CA ALA A 77 10.84 3.84 -1.82
C ALA A 77 10.22 3.30 -0.53
N PHE A 78 9.59 4.20 0.24
CA PHE A 78 8.94 3.82 1.49
C PHE A 78 7.83 2.78 1.25
N ASP A 79 6.88 3.14 0.40
CA ASP A 79 5.76 2.28 0.05
C ASP A 79 6.26 0.95 -0.50
N ALA A 80 7.33 1.02 -1.31
CA ALA A 80 7.94 -0.16 -1.86
C ALA A 80 8.42 -1.11 -0.77
N ASP A 81 9.09 -0.56 0.25
CA ASP A 81 9.67 -1.36 1.32
C ASP A 81 8.63 -2.15 2.10
N MET A 82 7.54 -1.49 2.47
CA MET A 82 6.51 -2.13 3.28
C MET A 82 5.78 -3.24 2.50
N LEU A 83 5.38 -2.93 1.28
CA LEU A 83 4.76 -3.93 0.41
C LEU A 83 5.72 -5.12 0.21
N LYS A 84 7.00 -4.81 0.20
CA LYS A 84 8.04 -5.78 -0.08
C LYS A 84 8.26 -6.76 1.08
N VAL A 85 8.44 -6.25 2.29
CA VAL A 85 8.66 -7.11 3.45
C VAL A 85 7.52 -8.12 3.62
N PHE A 86 6.29 -7.66 3.42
CA PHE A 86 5.13 -8.55 3.53
C PHE A 86 5.07 -9.52 2.33
N ARG A 87 5.59 -9.09 1.18
CA ARG A 87 5.56 -9.92 -0.01
C ARG A 87 6.58 -11.04 0.12
N ASN A 88 7.64 -10.79 0.86
CA ASN A 88 8.63 -11.81 1.16
C ASN A 88 8.02 -12.84 2.10
N ALA A 89 7.12 -12.38 2.97
CA ALA A 89 6.38 -13.27 3.84
C ALA A 89 5.65 -14.34 3.03
N GLU A 90 4.76 -13.88 2.13
CA GLU A 90 4.06 -14.77 1.20
C GLU A 90 5.04 -15.66 0.44
N LYS A 91 6.13 -15.06 0.00
CA LYS A 91 7.06 -15.70 -0.90
C LYS A 91 7.76 -16.90 -0.25
N TYR A 92 8.50 -16.64 0.82
CA TYR A 92 9.40 -17.64 1.34
C TYR A 92 8.78 -18.50 2.44
N TYR A 93 8.11 -17.85 3.40
CA TYR A 93 7.74 -18.53 4.65
C TYR A 93 7.06 -19.88 4.42
N GLY A 94 5.86 -19.88 3.85
CA GLY A 94 5.19 -21.15 3.50
C GLY A 94 5.03 -22.10 4.67
N ARG A 95 5.98 -23.04 4.80
CA ARG A 95 6.00 -23.98 5.93
C ARG A 95 5.96 -23.24 7.26
N LYS A 96 6.53 -22.05 7.25
CA LYS A 96 6.33 -21.03 8.28
C LYS A 96 4.87 -20.58 8.29
N SER A 97 4.03 -21.55 8.61
CA SER A 97 2.57 -21.47 8.64
C SER A 97 1.98 -20.12 9.13
N PRO A 98 0.63 -19.97 9.05
CA PRO A 98 -0.20 -18.74 8.97
C PRO A 98 0.37 -17.31 9.18
N ILE A 99 1.67 -17.06 9.41
CA ILE A 99 2.14 -15.65 9.48
C ILE A 99 1.56 -14.83 8.32
N GLY A 100 1.47 -15.43 7.14
CA GLY A 100 0.79 -14.78 6.01
C GLY A 100 -0.48 -14.02 6.38
N ARG A 101 -1.35 -14.60 7.22
CA ARG A 101 -2.57 -13.94 7.67
C ARG A 101 -2.27 -12.64 8.41
N ASP A 102 -1.13 -12.58 9.08
CA ASP A 102 -0.80 -11.39 9.86
C ASP A 102 -0.43 -10.27 8.91
N VAL A 103 0.36 -10.62 7.91
CA VAL A 103 0.90 -9.65 6.99
C VAL A 103 -0.15 -9.18 5.99
N CYS A 104 -1.18 -10.00 5.75
CA CYS A 104 -2.25 -9.62 4.84
C CYS A 104 -3.21 -8.66 5.56
N ARG A 105 -3.33 -8.82 6.87
CA ARG A 105 -4.12 -7.89 7.65
C ARG A 105 -3.37 -6.57 7.75
N LEU A 106 -2.04 -6.66 7.90
CA LEU A 106 -1.17 -5.49 7.84
C LEU A 106 -1.31 -4.82 6.47
N ARG A 107 -1.32 -5.66 5.44
CA ARG A 107 -1.52 -5.25 4.07
C ARG A 107 -2.72 -4.30 3.96
N LYS A 108 -3.86 -4.74 4.48
CA LYS A 108 -5.09 -3.97 4.40
C LYS A 108 -5.02 -2.71 5.27
N ALA A 109 -4.52 -2.86 6.48
CA ALA A 109 -4.45 -1.74 7.42
C ALA A 109 -3.46 -0.68 6.94
N TYR A 110 -2.49 -1.10 6.15
CA TYR A 110 -1.51 -0.19 5.58
C TYR A 110 -2.10 0.55 4.39
N TYR A 111 -2.85 -0.15 3.55
CA TYR A 111 -3.51 0.51 2.44
C TYR A 111 -4.55 1.49 2.97
N SER A 112 -5.13 1.15 4.11
CA SER A 112 -5.99 2.06 4.83
C SER A 112 -5.17 3.28 5.25
N ALA A 113 -4.06 3.01 5.94
CA ALA A 113 -3.13 4.04 6.39
C ALA A 113 -2.66 4.93 5.23
N ARG A 114 -2.27 4.29 4.14
CA ARG A 114 -1.84 4.99 2.94
C ARG A 114 -2.94 5.92 2.45
N HIS A 115 -4.15 5.40 2.31
CA HIS A 115 -5.28 6.20 1.87
C HIS A 115 -5.50 7.39 2.80
N GLU A 116 -5.37 7.14 4.10
CA GLU A 116 -5.56 8.20 5.09
C GLU A 116 -4.48 9.26 4.95
N ALA A 117 -3.23 8.82 4.79
CA ALA A 117 -2.11 9.73 4.74
C ALA A 117 -1.91 10.37 3.36
N SER A 118 -2.49 9.77 2.33
CA SER A 118 -2.37 10.31 0.96
C SER A 118 -2.82 11.76 0.88
N ALA A 119 -3.64 12.20 1.84
CA ALA A 119 -4.01 13.60 1.94
C ALA A 119 -2.78 14.48 1.99
N GLN A 120 -1.98 14.33 3.04
CA GLN A 120 -0.77 15.10 3.17
C GLN A 120 0.22 14.80 2.05
N ILE A 121 0.37 13.53 1.67
CA ILE A 121 1.31 13.17 0.62
C ILE A 121 0.98 13.93 -0.66
N ASP A 122 -0.30 14.05 -0.96
CA ASP A 122 -0.77 14.72 -2.16
C ASP A 122 -0.42 16.20 -2.16
N GLU A 123 -0.65 16.87 -1.04
CA GLU A 123 -0.41 18.31 -0.98
C GLU A 123 1.07 18.62 -0.84
N ILE A 124 1.83 17.62 -0.43
CA ILE A 124 3.27 17.77 -0.26
C ILE A 124 4.03 17.22 -1.46
N VAL A 125 4.06 15.90 -1.63
CA VAL A 125 4.78 15.29 -2.75
C VAL A 125 3.96 15.34 -4.01
N GLY A 126 2.73 14.84 -3.90
CA GLY A 126 1.92 14.55 -5.06
C GLY A 126 1.28 15.77 -5.65
N GLU A 127 2.00 16.84 -5.59
CA GLU A 127 1.62 18.05 -6.26
C GLU A 127 2.43 18.23 -7.52
N THR A 128 3.73 18.08 -7.40
CA THR A 128 4.61 18.33 -8.50
C THR A 128 4.85 17.02 -9.24
N ALA A 129 4.63 15.93 -8.52
CA ALA A 129 4.78 14.62 -9.10
C ALA A 129 3.48 13.83 -9.06
N SER A 130 2.45 14.39 -8.41
CA SER A 130 1.22 13.65 -8.12
C SER A 130 1.55 12.36 -7.34
N GLU A 131 0.54 11.56 -7.00
CA GLU A 131 0.80 10.23 -6.46
C GLU A 131 -0.08 9.17 -7.10
N ALA A 132 -1.40 9.32 -7.02
CA ALA A 132 -2.31 8.40 -7.68
C ALA A 132 -2.12 6.97 -7.16
N ASP A 133 -1.82 6.87 -5.88
CA ASP A 133 -1.61 5.59 -5.22
C ASP A 133 -2.27 5.62 -3.86
N SER A 134 -3.46 6.19 -3.81
CA SER A 134 -4.18 6.31 -2.55
C SER A 134 -4.58 4.92 -2.04
N SER A 135 -4.46 3.92 -2.90
CA SER A 135 -4.73 2.55 -2.51
C SER A 135 -4.31 1.57 -3.60
N GLU A 136 -4.20 0.29 -3.23
CA GLU A 136 -3.62 -0.77 -4.08
C GLU A 136 -2.23 -0.41 -4.62
N THR A 137 -1.56 -1.40 -5.18
CA THR A 137 -0.25 -1.20 -5.80
C THR A 137 -0.15 -2.00 -7.10
N SER A 138 -1.01 -3.00 -7.23
CA SER A 138 -0.98 -3.86 -8.41
C SER A 138 -2.39 -4.14 -8.91
N VAL A 139 -2.92 -5.33 -8.60
CA VAL A 139 -4.25 -5.76 -9.03
C VAL A 139 -4.45 -5.47 -10.52
N SER A 140 -5.66 -5.10 -10.92
CA SER A 140 -5.92 -4.70 -12.30
C SER A 140 -6.39 -3.24 -12.34
N GLU A 141 -7.54 -2.99 -11.73
CA GLU A 141 -8.15 -1.68 -11.74
C GLU A 141 -7.51 -0.77 -10.69
N LYS A 142 -7.04 -1.41 -9.61
CA LYS A 142 -6.48 -0.71 -8.45
C LYS A 142 -7.53 0.18 -7.79
N GLU A 143 -7.75 1.34 -8.38
CA GLU A 143 -8.63 2.34 -7.83
C GLU A 143 -9.88 2.51 -8.68
N SER A 144 -9.71 2.41 -10.00
CA SER A 144 -10.79 2.65 -10.94
C SER A 144 -12.03 1.85 -10.60
N GLY A 145 -13.01 2.54 -10.05
CA GLY A 145 -14.22 1.91 -9.58
C GLY A 145 -15.40 2.87 -9.57
N HIS A 146 -15.84 3.22 -8.37
CA HIS A 146 -16.91 4.18 -8.20
C HIS A 146 -16.40 5.60 -8.37
N GLU A 147 -15.20 5.83 -7.85
CA GLU A 147 -14.54 7.13 -7.95
C GLU A 147 -14.59 7.67 -9.39
N LYS A 148 -13.85 7.03 -10.28
CA LYS A 148 -13.89 7.38 -11.69
C LYS A 148 -13.43 6.19 -12.52
N ASP A 149 -14.32 5.72 -13.38
CA ASP A 149 -14.02 4.59 -14.25
C ASP A 149 -14.67 4.83 -15.61
N ASP A 150 -14.28 4.07 -16.61
CA ASP A 150 -14.88 4.18 -17.95
C ASP A 150 -16.40 4.00 -17.88
N ASP A 151 -16.83 3.11 -16.99
CA ASP A 151 -18.24 2.71 -16.92
C ASP A 151 -18.92 3.25 -15.66
N VAL A 152 -18.79 4.55 -15.41
CA VAL A 152 -19.51 5.18 -14.32
C VAL A 152 -20.74 5.95 -14.81
N ILE A 153 -21.88 5.65 -14.19
CA ILE A 153 -23.15 6.29 -14.51
C ILE A 153 -23.33 7.60 -13.76
N ARG A 154 -24.08 8.53 -14.34
CA ARG A 154 -24.55 9.71 -13.61
C ARG A 154 -25.69 10.39 -14.37
N CYS A 155 -26.87 9.84 -14.24
CA CYS A 155 -28.06 10.46 -14.78
C CYS A 155 -28.93 10.99 -13.65
N ILE A 156 -29.85 11.88 -14.00
CA ILE A 156 -30.81 12.44 -13.04
C ILE A 156 -31.82 11.37 -12.61
N CYS A 157 -31.69 10.20 -13.23
CA CYS A 157 -32.48 9.04 -12.86
C CYS A 157 -32.25 8.65 -11.40
N GLY A 158 -30.98 8.46 -11.06
CA GLY A 158 -30.63 8.04 -9.71
C GLY A 158 -30.37 6.55 -9.63
N LEU A 159 -30.77 5.81 -10.66
CA LEU A 159 -30.56 4.37 -10.68
C LEU A 159 -29.09 4.02 -10.80
N TYR A 160 -28.32 4.82 -11.54
CA TYR A 160 -26.89 4.58 -11.67
C TYR A 160 -26.65 3.20 -12.30
N LYS A 161 -27.25 2.98 -13.47
CA LYS A 161 -27.10 1.71 -14.17
C LYS A 161 -26.93 1.92 -15.66
N ASP A 162 -26.22 0.98 -16.22
CA ASP A 162 -26.01 0.90 -17.66
C ASP A 162 -27.21 0.24 -18.32
N GLU A 163 -28.26 1.02 -18.47
CA GLU A 163 -29.40 0.60 -19.27
C GLU A 163 -29.80 1.69 -20.24
N GLY A 164 -30.33 1.29 -21.37
CA GLY A 164 -30.86 2.22 -22.33
C GLY A 164 -29.81 2.84 -23.24
N LEU A 165 -30.15 3.99 -23.79
CA LEU A 165 -29.26 4.72 -24.67
C LEU A 165 -28.64 5.89 -23.90
N MET A 166 -27.32 6.00 -23.94
CA MET A 166 -26.62 7.01 -23.15
C MET A 166 -25.37 7.52 -23.86
N ILE A 167 -24.99 8.77 -23.58
CA ILE A 167 -23.76 9.34 -24.11
C ILE A 167 -22.74 9.53 -23.00
N GLN A 168 -21.55 10.00 -23.36
CA GLN A 168 -20.44 10.15 -22.42
C GLN A 168 -20.06 11.63 -22.25
N CYS A 169 -19.92 12.07 -20.99
CA CYS A 169 -19.43 13.42 -20.72
C CYS A 169 -17.93 13.51 -21.07
N ASP A 170 -17.59 14.43 -21.97
CA ASP A 170 -16.22 14.61 -22.44
C ASP A 170 -15.25 14.88 -21.29
N LYS A 171 -15.76 15.40 -20.18
CA LYS A 171 -14.91 15.73 -19.04
C LYS A 171 -14.94 14.63 -17.97
N CYS A 172 -16.12 14.06 -17.75
CA CYS A 172 -16.29 13.06 -16.71
C CYS A 172 -15.95 11.66 -17.19
N MET A 173 -16.10 11.44 -18.49
CA MET A 173 -16.06 10.09 -19.06
C MET A 173 -17.13 9.20 -18.43
N VAL A 174 -18.25 9.84 -18.05
CA VAL A 174 -19.38 9.15 -17.43
C VAL A 174 -20.47 8.86 -18.47
N TRP A 175 -21.51 8.16 -18.02
CA TRP A 175 -22.61 7.82 -18.89
C TRP A 175 -23.90 8.47 -18.42
N GLN A 176 -24.58 9.14 -19.33
CA GLN A 176 -25.83 9.79 -19.04
C GLN A 176 -26.85 9.45 -20.12
N HIS A 177 -28.05 9.04 -19.72
CA HIS A 177 -29.04 8.56 -20.70
C HIS A 177 -29.51 9.67 -21.62
N CYS A 178 -29.54 9.35 -22.91
CA CYS A 178 -29.89 10.32 -23.94
C CYS A 178 -31.35 10.75 -23.87
N ASP A 179 -32.23 9.81 -23.57
CA ASP A 179 -33.67 10.09 -23.53
C ASP A 179 -34.02 11.02 -22.38
N CYS A 180 -33.30 10.89 -21.28
CA CYS A 180 -33.54 11.73 -20.11
C CYS A 180 -33.00 13.14 -20.31
N MET A 181 -31.88 13.26 -21.00
CA MET A 181 -31.26 14.57 -21.22
C MET A 181 -31.78 15.21 -22.50
N GLY A 182 -32.44 14.41 -23.33
CA GLY A 182 -32.97 14.91 -24.58
C GLY A 182 -31.89 15.09 -25.62
N VAL A 183 -30.98 14.13 -25.68
CA VAL A 183 -29.84 14.21 -26.59
C VAL A 183 -30.20 13.56 -27.92
N ASN A 184 -29.51 13.95 -28.97
CA ASN A 184 -29.86 13.51 -30.33
C ASN A 184 -28.91 12.42 -30.80
N THR A 185 -28.00 12.03 -29.91
CA THR A 185 -26.99 11.00 -30.16
C THR A 185 -26.15 11.27 -31.42
N ASP A 186 -26.03 12.54 -31.79
CA ASP A 186 -25.17 12.93 -32.88
C ASP A 186 -24.26 14.07 -32.43
N VAL A 187 -24.08 14.14 -31.13
CA VAL A 187 -23.28 15.19 -30.50
C VAL A 187 -21.79 14.97 -30.71
N GLU A 188 -21.12 15.99 -31.22
CA GLU A 188 -19.68 15.96 -31.38
C GLU A 188 -19.00 16.24 -30.05
N HIS A 189 -19.63 17.08 -29.25
CA HIS A 189 -19.07 17.48 -27.97
C HIS A 189 -20.17 17.73 -26.95
N TYR A 190 -20.39 16.73 -26.10
CA TYR A 190 -21.44 16.82 -25.09
C TYR A 190 -20.84 16.83 -23.70
N LEU A 191 -21.47 17.59 -22.82
CA LEU A 191 -21.05 17.65 -21.44
C LEU A 191 -22.23 17.49 -20.51
N CYS A 192 -21.96 17.01 -19.30
CA CYS A 192 -23.01 16.63 -18.36
C CYS A 192 -23.55 17.89 -17.67
N GLU A 193 -24.68 17.73 -16.99
CA GLU A 193 -25.40 18.85 -16.39
C GLU A 193 -24.72 19.35 -15.12
N GLN A 194 -23.48 18.94 -14.91
CA GLN A 194 -22.72 19.38 -13.76
C GLN A 194 -21.47 20.12 -14.21
N CYS A 195 -20.78 19.59 -15.22
CA CYS A 195 -19.63 20.26 -15.81
C CYS A 195 -20.03 21.58 -16.44
N ASP A 196 -20.84 21.46 -17.47
CA ASP A 196 -21.27 22.60 -18.24
C ASP A 196 -22.76 22.43 -18.58
N PRO A 197 -23.62 22.75 -17.62
CA PRO A 197 -25.07 22.59 -17.79
C PRO A 197 -25.64 23.64 -18.73
N ARG A 198 -26.74 23.30 -19.39
CA ARG A 198 -27.47 24.24 -20.24
C ARG A 198 -27.92 25.45 -19.43
N PRO A 199 -27.37 26.64 -19.71
CA PRO A 199 -27.79 27.85 -19.01
C PRO A 199 -29.22 28.22 -19.39
N VAL A 200 -30.11 28.21 -18.40
CA VAL A 200 -31.51 28.55 -18.63
C VAL A 200 -31.81 29.94 -18.08
N ASP A 201 -32.42 30.77 -18.91
CA ASP A 201 -32.73 32.14 -18.52
C ASP A 201 -34.22 32.27 -18.18
N ARG A 202 -34.53 32.21 -16.90
CA ARG A 202 -35.90 32.36 -16.44
C ARG A 202 -36.00 33.42 -15.36
N GLU A 203 -37.03 34.26 -15.45
CA GLU A 203 -37.36 35.24 -14.42
C GLU A 203 -36.16 36.13 -14.05
N VAL A 204 -35.65 36.83 -15.04
CA VAL A 204 -34.59 37.82 -14.78
C VAL A 204 -35.22 39.17 -14.45
N PRO A 205 -35.01 39.66 -13.22
CA PRO A 205 -35.55 40.95 -12.77
C PRO A 205 -35.19 42.10 -13.71
N ALA B 1 -18.90 12.95 -29.16
CA ALA B 1 -19.23 12.23 -27.90
C ALA B 1 -19.59 10.78 -28.19
N ARG B 2 -19.13 9.88 -27.34
CA ARG B 2 -19.39 8.47 -27.51
C ARG B 2 -20.79 8.11 -27.04
N THR B 3 -21.51 7.36 -27.86
CA THR B 3 -22.86 6.93 -27.53
C THR B 3 -22.88 5.42 -27.33
N GLN B 5 -25.58 1.95 -26.06
CA GLN B 5 -26.94 1.49 -25.85
C GLN B 5 -26.95 0.04 -25.35
N THR B 6 -27.63 -0.19 -24.25
CA THR B 6 -27.70 -1.52 -23.67
C THR B 6 -29.14 -1.88 -23.29
N ALA B 7 -29.48 -3.18 -23.43
CA ALA B 7 -30.78 -3.70 -23.05
C ALA B 7 -31.92 -2.92 -23.72
N ARG B 8 -31.85 -2.80 -25.04
CA ARG B 8 -32.86 -2.06 -25.79
C ARG B 8 -34.19 -2.80 -25.79
N LYS B 9 -35.16 -2.25 -25.07
CA LYS B 9 -36.50 -2.81 -25.05
C LYS B 9 -37.23 -2.47 -26.35
N SER B 10 -37.34 -1.18 -26.63
CA SER B 10 -37.90 -0.70 -27.88
C SER B 10 -36.91 0.26 -28.54
N THR B 11 -36.60 1.34 -27.83
CA THR B 11 -35.60 2.29 -28.28
C THR B 11 -34.40 2.27 -27.33
N GLY B 12 -34.63 1.71 -26.14
CA GLY B 12 -33.57 1.58 -25.16
C GLY B 12 -34.14 1.31 -23.79
N SER A 1 16.42 28.10 -4.09
CA SER A 1 16.63 28.70 -2.76
C SER A 1 16.29 27.68 -1.67
N MET A 2 15.06 27.19 -1.70
CA MET A 2 14.63 26.16 -0.76
C MET A 2 14.39 24.87 -1.52
N ASN A 3 14.79 23.75 -0.92
CA ASN A 3 14.59 22.47 -1.57
C ASN A 3 13.23 21.92 -1.23
N ILE A 4 12.36 21.89 -2.22
CA ILE A 4 11.04 21.32 -2.06
C ILE A 4 11.12 19.88 -1.61
N GLU A 5 12.07 19.15 -2.16
CA GLU A 5 12.21 17.74 -1.86
C GLU A 5 12.58 17.53 -0.40
N VAL A 6 13.40 18.42 0.17
CA VAL A 6 13.79 18.30 1.57
C VAL A 6 12.61 18.68 2.47
N ALA A 7 11.76 19.56 1.96
CA ALA A 7 10.55 19.96 2.68
C ALA A 7 9.56 18.81 2.69
N ARG A 8 9.52 18.07 1.58
CA ARG A 8 8.65 16.91 1.47
C ARG A 8 9.20 15.79 2.33
N ALA A 9 10.50 15.60 2.21
CA ALA A 9 11.19 14.52 2.88
C ALA A 9 11.01 14.60 4.39
N ALA A 10 11.17 15.80 4.95
CA ALA A 10 11.00 15.99 6.38
C ALA A 10 9.53 15.85 6.78
N ARG A 11 8.65 16.39 5.95
CA ARG A 11 7.21 16.38 6.23
C ARG A 11 6.70 14.94 6.31
N LEU A 12 6.87 14.23 5.21
CA LEU A 12 6.42 12.86 5.10
C LEU A 12 7.17 11.97 6.08
N ALA A 13 8.42 12.28 6.39
CA ALA A 13 9.22 11.44 7.30
C ALA A 13 8.54 11.30 8.65
N GLN A 14 8.22 12.42 9.28
CA GLN A 14 7.57 12.39 10.59
C GLN A 14 6.20 11.71 10.47
N ILE A 15 5.57 11.90 9.33
CA ILE A 15 4.26 11.33 9.08
C ILE A 15 4.32 9.83 8.79
N PHE A 16 5.29 9.40 7.99
CA PHE A 16 5.47 7.98 7.74
C PHE A 16 5.67 7.26 9.05
N LYS A 17 6.36 7.94 9.97
CA LYS A 17 6.60 7.40 11.29
C LYS A 17 5.28 7.13 12.00
N GLU A 18 4.36 8.10 11.91
CA GLU A 18 3.03 7.93 12.46
C GLU A 18 2.37 6.68 11.85
N ILE A 19 2.40 6.60 10.53
CA ILE A 19 1.82 5.47 9.80
C ILE A 19 2.48 4.15 10.21
N CYS A 20 3.78 4.06 10.02
CA CYS A 20 4.54 2.83 10.22
C CYS A 20 4.46 2.35 11.66
N ASP A 21 4.50 3.27 12.61
CA ASP A 21 4.44 2.90 14.02
C ASP A 21 3.12 2.20 14.32
N GLY A 22 2.05 2.73 13.73
CA GLY A 22 0.74 2.12 13.89
C GLY A 22 0.67 0.75 13.23
N ILE A 23 1.50 0.54 12.22
CA ILE A 23 1.56 -0.75 11.54
C ILE A 23 2.38 -1.76 12.34
N ILE A 24 3.56 -1.34 12.78
CA ILE A 24 4.43 -2.20 13.58
C ILE A 24 3.69 -2.69 14.81
N SER A 25 3.04 -1.77 15.50
CA SER A 25 2.29 -2.10 16.69
C SER A 25 0.82 -2.34 16.37
N TYR A 26 0.52 -2.75 15.14
CA TYR A 26 -0.84 -3.13 14.78
C TYR A 26 -1.21 -4.41 15.51
N ARG A 27 -2.29 -4.36 16.26
CA ARG A 27 -2.64 -5.46 17.15
C ARG A 27 -4.04 -6.00 16.89
N ASP A 28 -4.15 -7.32 16.87
CA ASP A 28 -5.45 -7.99 16.83
C ASP A 28 -6.10 -7.90 18.23
N SER A 29 -7.36 -8.32 18.37
CA SER A 29 -8.02 -8.32 19.67
C SER A 29 -7.19 -9.09 20.70
N SER A 30 -6.45 -10.09 20.23
CA SER A 30 -5.57 -10.87 21.09
C SER A 30 -4.23 -10.16 21.30
N GLN A 31 -4.30 -8.82 21.33
CA GLN A 31 -3.16 -7.93 21.61
C GLN A 31 -1.85 -8.42 20.97
N GLN A 32 -1.96 -8.89 19.73
CA GLN A 32 -0.81 -9.45 19.03
C GLN A 32 -0.32 -8.53 17.91
N THR A 33 0.98 -8.33 17.88
CA THR A 33 1.61 -7.54 16.84
C THR A 33 1.96 -8.42 15.64
N LEU A 34 1.18 -8.25 14.59
CA LEU A 34 1.27 -9.15 13.44
C LEU A 34 2.49 -8.83 12.57
N ALA A 35 3.11 -7.68 12.80
CA ALA A 35 4.26 -7.25 12.01
C ALA A 35 5.56 -7.73 12.63
N ALA A 36 5.44 -8.43 13.75
CA ALA A 36 6.60 -8.94 14.48
C ALA A 36 7.56 -9.77 13.60
N PRO A 37 7.05 -10.76 12.81
CA PRO A 37 7.92 -11.62 12.01
C PRO A 37 8.75 -10.85 10.99
N LEU A 38 8.28 -9.66 10.64
CA LEU A 38 8.93 -8.85 9.62
C LEU A 38 9.73 -7.73 10.27
N LEU A 39 9.44 -7.46 11.53
CA LEU A 39 10.03 -6.32 12.23
C LEU A 39 11.46 -6.64 12.67
N ASN A 40 11.78 -7.91 12.79
CA ASN A 40 13.13 -8.31 13.15
C ASN A 40 13.71 -9.25 12.09
N LEU A 41 14.79 -8.80 11.49
CA LEU A 41 15.54 -9.58 10.53
C LEU A 41 15.99 -10.91 11.17
N PRO A 42 15.61 -12.04 10.55
CA PRO A 42 15.97 -13.37 11.03
C PRO A 42 17.47 -13.51 11.28
N PRO A 43 17.85 -13.96 12.50
CA PRO A 43 19.24 -14.26 12.84
C PRO A 43 19.93 -15.03 11.72
N LYS A 44 21.05 -14.51 11.27
CA LYS A 44 21.61 -14.96 9.99
C LYS A 44 22.60 -16.08 10.18
N LYS A 45 23.07 -16.27 11.39
CA LYS A 45 24.13 -17.20 11.64
C LYS A 45 23.69 -18.62 11.24
N LYS A 46 22.39 -18.85 11.28
CA LYS A 46 21.81 -20.11 10.81
C LYS A 46 20.66 -19.86 9.83
N ASN A 47 20.78 -18.81 9.02
CA ASN A 47 19.75 -18.52 8.01
C ASN A 47 20.38 -18.33 6.63
N ALA A 48 20.96 -19.39 6.09
CA ALA A 48 21.59 -19.35 4.78
C ALA A 48 20.54 -19.47 3.68
N ASP A 49 19.52 -20.28 3.96
CA ASP A 49 18.43 -20.52 3.02
C ASP A 49 17.77 -19.21 2.59
N TYR A 50 17.63 -18.27 3.52
CA TYR A 50 16.93 -17.02 3.24
C TYR A 50 17.55 -16.27 2.06
N TYR A 51 18.85 -16.01 2.10
CA TYR A 51 19.47 -15.25 1.00
C TYR A 51 19.55 -16.09 -0.28
N GLU A 52 19.53 -17.40 -0.12
CA GLU A 52 19.48 -18.30 -1.28
C GLU A 52 18.14 -18.12 -2.02
N LYS A 53 17.07 -18.10 -1.25
CA LYS A 53 15.71 -18.01 -1.79
C LYS A 53 15.30 -16.56 -2.08
N ILE A 54 15.69 -15.66 -1.19
CA ILE A 54 15.32 -14.26 -1.26
C ILE A 54 16.54 -13.41 -1.54
N SER A 55 16.48 -12.61 -2.59
CA SER A 55 17.63 -11.86 -3.04
C SER A 55 17.77 -10.52 -2.31
N ASP A 56 16.71 -10.04 -1.69
CA ASP A 56 16.74 -8.74 -1.02
C ASP A 56 15.81 -8.71 0.18
N PRO A 57 16.26 -9.24 1.35
CA PRO A 57 15.52 -9.14 2.61
C PRO A 57 15.37 -7.70 3.11
N LEU A 58 14.66 -7.53 4.23
CA LEU A 58 14.42 -6.22 4.78
C LEU A 58 13.84 -6.35 6.19
N ASP A 59 14.20 -5.41 7.05
CA ASP A 59 13.77 -5.42 8.45
C ASP A 59 12.85 -4.22 8.72
N LEU A 60 11.63 -4.52 9.17
CA LEU A 60 10.59 -3.51 9.33
C LEU A 60 10.96 -2.47 10.39
N SER A 61 11.59 -2.91 11.47
CA SER A 61 11.99 -1.99 12.53
C SER A 61 13.07 -1.04 12.03
N THR A 62 13.91 -1.53 11.15
CA THR A 62 14.94 -0.72 10.52
C THR A 62 14.29 0.31 9.61
N ILE A 63 13.30 -0.13 8.82
CA ILE A 63 12.57 0.76 7.92
C ILE A 63 12.01 1.96 8.69
N GLU A 64 11.41 1.67 9.84
CA GLU A 64 10.91 2.71 10.75
C GLU A 64 12.00 3.74 11.07
N LYS A 65 13.14 3.25 11.51
CA LYS A 65 14.27 4.10 11.86
C LYS A 65 14.83 4.80 10.61
N GLN A 66 14.80 4.11 9.47
CA GLN A 66 15.27 4.68 8.22
C GLN A 66 14.34 5.80 7.75
N ILE A 67 13.11 5.77 8.24
CA ILE A 67 12.17 6.84 7.97
C ILE A 67 12.61 8.12 8.68
N LEU A 68 12.91 8.00 9.97
CA LEU A 68 13.30 9.15 10.77
C LEU A 68 14.59 9.80 10.27
N ILE A 69 15.48 8.97 9.73
CA ILE A 69 16.76 9.47 9.22
C ILE A 69 16.59 10.14 7.86
N GLY A 70 15.40 10.05 7.31
CA GLY A 70 15.09 10.69 6.04
C GLY A 70 15.74 9.99 4.86
N TYR A 71 15.82 8.67 4.90
CA TYR A 71 16.44 7.91 3.82
C TYR A 71 15.45 7.72 2.67
N TYR A 72 14.16 7.73 2.99
CA TYR A 72 13.14 7.45 1.99
C TYR A 72 12.69 8.73 1.28
N LYS A 73 12.66 9.83 2.03
CA LYS A 73 12.27 11.14 1.49
C LYS A 73 10.78 11.19 1.15
N THR A 74 10.40 10.49 0.10
CA THR A 74 9.02 10.50 -0.37
C THR A 74 8.35 9.15 -0.15
N VAL A 75 7.12 9.00 -0.63
CA VAL A 75 6.39 7.75 -0.45
C VAL A 75 6.85 6.71 -1.46
N GLU A 76 7.59 7.16 -2.48
CA GLU A 76 8.07 6.26 -3.52
C GLU A 76 8.77 5.04 -2.92
N ALA A 77 9.92 5.28 -2.30
CA ALA A 77 10.68 4.22 -1.69
C ALA A 77 9.94 3.65 -0.49
N PHE A 78 9.31 4.52 0.29
CA PHE A 78 8.58 4.09 1.48
C PHE A 78 7.55 3.01 1.15
N ASP A 79 6.70 3.30 0.17
CA ASP A 79 5.66 2.36 -0.23
C ASP A 79 6.25 1.03 -0.66
N ALA A 80 7.35 1.11 -1.42
CA ALA A 80 8.02 -0.09 -1.89
C ALA A 80 8.55 -0.94 -0.74
N ASP A 81 9.28 -0.31 0.18
CA ASP A 81 9.92 -1.01 1.31
C ASP A 81 8.92 -1.83 2.13
N MET A 82 7.80 -1.21 2.47
CA MET A 82 6.80 -1.87 3.29
C MET A 82 6.18 -3.07 2.56
N LEU A 83 5.85 -2.88 1.30
CA LEU A 83 5.27 -3.97 0.53
C LEU A 83 6.30 -5.09 0.37
N LYS A 84 7.57 -4.72 0.38
CA LYS A 84 8.66 -5.68 0.18
C LYS A 84 8.73 -6.70 1.32
N VAL A 85 8.60 -6.23 2.55
CA VAL A 85 8.63 -7.13 3.69
C VAL A 85 7.42 -8.07 3.68
N PHE A 86 6.26 -7.53 3.34
CA PHE A 86 5.06 -8.36 3.21
C PHE A 86 5.22 -9.37 2.07
N ARG A 87 5.81 -8.91 0.97
CA ARG A 87 6.00 -9.72 -0.23
C ARG A 87 6.78 -10.99 0.05
N ASN A 88 7.99 -10.85 0.58
CA ASN A 88 8.85 -12.01 0.84
C ASN A 88 8.20 -12.93 1.87
N ALA A 89 7.45 -12.32 2.78
CA ALA A 89 6.72 -13.07 3.80
C ALA A 89 5.68 -13.98 3.16
N GLU A 90 4.70 -13.36 2.50
CA GLU A 90 3.59 -14.08 1.87
C GLU A 90 4.09 -15.00 0.74
N LYS A 91 5.35 -14.83 0.35
CA LYS A 91 5.94 -15.62 -0.71
C LYS A 91 6.42 -16.99 -0.23
N TYR A 92 7.56 -17.00 0.45
CA TYR A 92 8.28 -18.25 0.70
C TYR A 92 8.00 -18.82 2.08
N TYR A 93 7.49 -18.01 2.99
CA TYR A 93 7.32 -18.40 4.39
C TYR A 93 6.68 -19.80 4.56
N GLY A 94 5.74 -20.13 3.69
CA GLY A 94 5.07 -21.42 3.78
C GLY A 94 4.35 -21.76 2.50
N ARG A 95 3.10 -22.21 2.62
CA ARG A 95 2.29 -22.51 1.44
C ARG A 95 1.84 -21.21 0.81
N LYS A 96 0.91 -20.50 1.45
CA LYS A 96 0.66 -19.12 1.10
C LYS A 96 0.43 -18.28 2.35
N SER A 97 -0.28 -18.83 3.33
CA SER A 97 -0.42 -18.15 4.62
C SER A 97 0.26 -18.94 5.73
N PRO A 98 1.50 -18.62 6.05
CA PRO A 98 2.13 -18.96 7.33
C PRO A 98 1.86 -17.86 8.35
N ILE A 99 2.50 -16.72 8.09
CA ILE A 99 2.23 -15.48 8.77
C ILE A 99 1.20 -14.70 7.95
N GLY A 100 0.84 -15.29 6.82
CA GLY A 100 -0.07 -14.69 5.84
C GLY A 100 -1.18 -13.84 6.45
N ARG A 101 -2.08 -14.46 7.21
CA ARG A 101 -3.24 -13.76 7.77
C ARG A 101 -2.78 -12.53 8.56
N ASP A 102 -1.66 -12.67 9.25
CA ASP A 102 -1.11 -11.62 10.08
C ASP A 102 -0.67 -10.43 9.22
N VAL A 103 0.27 -10.70 8.31
CA VAL A 103 0.87 -9.64 7.53
C VAL A 103 -0.05 -9.16 6.41
N CYS A 104 -1.03 -9.97 6.02
CA CYS A 104 -2.00 -9.55 5.01
C CYS A 104 -2.98 -8.55 5.63
N ARG A 105 -3.19 -8.65 6.94
CA ARG A 105 -3.99 -7.65 7.64
C ARG A 105 -3.25 -6.34 7.64
N LEU A 106 -1.95 -6.40 7.94
CA LEU A 106 -1.09 -5.23 7.88
C LEU A 106 -1.08 -4.67 6.47
N ARG A 107 -0.94 -5.57 5.49
CA ARG A 107 -0.95 -5.24 4.07
C ARG A 107 -2.18 -4.38 3.73
N LYS A 108 -3.33 -4.71 4.33
CA LYS A 108 -4.57 -4.03 4.01
C LYS A 108 -4.67 -2.73 4.78
N ALA A 109 -4.30 -2.80 6.05
CA ALA A 109 -4.39 -1.68 6.94
C ALA A 109 -3.33 -0.64 6.60
N TYR A 110 -2.30 -1.09 5.92
CA TYR A 110 -1.24 -0.22 5.46
C TYR A 110 -1.72 0.61 4.26
N TYR A 111 -2.34 -0.03 3.27
CA TYR A 111 -2.91 0.73 2.16
C TYR A 111 -3.98 1.67 2.70
N SER A 112 -4.68 1.23 3.73
CA SER A 112 -5.66 2.07 4.39
C SER A 112 -5.01 3.34 4.91
N ALA A 113 -4.00 3.18 5.77
CA ALA A 113 -3.28 4.33 6.33
C ALA A 113 -2.60 5.15 5.25
N ARG A 114 -2.09 4.49 4.21
CA ARG A 114 -1.50 5.17 3.07
C ARG A 114 -2.53 6.07 2.39
N HIS A 115 -3.75 5.56 2.27
CA HIS A 115 -4.85 6.32 1.67
C HIS A 115 -5.35 7.39 2.64
N GLU A 116 -5.26 7.11 3.93
CA GLU A 116 -5.66 8.08 4.94
C GLU A 116 -4.67 9.24 4.98
N ALA A 117 -3.40 8.90 5.18
CA ALA A 117 -2.35 9.91 5.25
C ALA A 117 -2.09 10.53 3.90
N SER A 118 -2.63 9.94 2.84
CA SER A 118 -2.50 10.49 1.51
C SER A 118 -3.06 11.92 1.47
N ALA A 119 -3.86 12.26 2.48
CA ALA A 119 -4.33 13.64 2.66
C ALA A 119 -3.16 14.60 2.73
N GLN A 120 -2.31 14.44 3.75
CA GLN A 120 -1.14 15.29 3.89
C GLN A 120 -0.23 15.17 2.67
N ILE A 121 -0.05 13.95 2.16
CA ILE A 121 0.78 13.73 0.99
C ILE A 121 0.28 14.58 -0.17
N ASP A 122 -1.04 14.67 -0.29
CA ASP A 122 -1.67 15.46 -1.34
C ASP A 122 -1.37 16.96 -1.19
N GLU A 123 -1.25 17.43 0.06
CA GLU A 123 -0.93 18.84 0.30
C GLU A 123 0.55 19.10 0.03
N ILE A 124 1.36 18.06 0.22
CA ILE A 124 2.81 18.19 0.13
C ILE A 124 3.34 17.75 -1.23
N VAL A 125 3.20 16.47 -1.54
CA VAL A 125 3.70 15.93 -2.79
C VAL A 125 2.66 16.04 -3.92
N GLY A 126 1.45 15.57 -3.62
CA GLY A 126 0.43 15.40 -4.63
C GLY A 126 0.07 16.67 -5.37
N GLU A 127 0.44 16.71 -6.64
CA GLU A 127 0.09 17.81 -7.52
C GLU A 127 0.71 19.12 -7.04
N THR A 128 1.81 19.04 -6.31
CA THR A 128 2.49 20.23 -5.84
C THR A 128 3.18 20.90 -7.03
N ALA A 129 3.28 20.15 -8.12
CA ALA A 129 3.75 20.70 -9.39
C ALA A 129 2.71 21.68 -9.94
N SER A 130 1.51 21.57 -9.43
CA SER A 130 0.41 22.46 -9.78
C SER A 130 -0.06 23.19 -8.52
N GLU A 131 -1.33 23.57 -8.50
CA GLU A 131 -1.92 24.25 -7.36
C GLU A 131 -1.84 23.40 -6.09
N ALA A 132 -2.28 22.15 -6.17
CA ALA A 132 -2.33 21.28 -4.99
C ALA A 132 -3.11 21.98 -3.87
N ASP A 133 -4.31 22.43 -4.18
CA ASP A 133 -5.08 23.20 -3.22
C ASP A 133 -6.46 22.64 -2.99
N SER A 134 -6.79 21.63 -3.77
CA SER A 134 -8.04 20.92 -3.54
C SER A 134 -7.86 19.99 -2.36
N SER A 135 -6.59 19.63 -2.12
CA SER A 135 -6.17 18.78 -1.01
C SER A 135 -7.01 17.49 -0.91
N GLU A 136 -6.84 16.74 0.20
CA GLU A 136 -7.63 15.52 0.47
C GLU A 136 -7.37 14.43 -0.56
N THR A 137 -7.90 13.24 -0.29
CA THR A 137 -7.82 12.14 -1.24
C THR A 137 -8.97 11.16 -1.01
N SER A 138 -9.79 11.44 0.00
CA SER A 138 -10.87 10.54 0.37
C SER A 138 -12.20 11.31 0.48
N VAL A 139 -12.37 12.00 1.60
CA VAL A 139 -13.57 12.78 1.87
C VAL A 139 -13.16 14.02 2.66
N SER A 140 -14.15 14.79 3.14
CA SER A 140 -13.88 15.95 3.98
C SER A 140 -13.05 15.54 5.19
N GLU A 141 -13.42 14.41 5.77
CA GLU A 141 -12.68 13.80 6.87
C GLU A 141 -11.21 13.63 6.54
N LYS A 142 -10.93 13.39 5.25
CA LYS A 142 -9.58 13.12 4.72
C LYS A 142 -9.11 11.75 5.15
N GLU A 143 -9.01 11.56 6.46
CA GLU A 143 -8.68 10.27 7.04
C GLU A 143 -9.67 9.20 6.59
N SER A 144 -10.93 9.41 6.97
CA SER A 144 -12.00 8.47 6.65
C SER A 144 -11.76 7.16 7.41
N GLY A 145 -12.13 7.18 8.70
CA GLY A 145 -11.91 6.04 9.58
C GLY A 145 -12.21 4.71 8.93
N HIS A 146 -11.15 4.01 8.58
CA HIS A 146 -11.24 2.75 7.86
C HIS A 146 -11.41 1.58 8.82
N GLU A 147 -10.60 1.60 9.86
CA GLU A 147 -10.57 0.57 10.90
C GLU A 147 -10.24 -0.80 10.32
N LYS A 148 -11.22 -1.42 9.67
CA LYS A 148 -11.07 -2.73 9.05
C LYS A 148 -10.80 -3.80 10.11
N ASP A 149 -11.85 -4.10 10.85
CA ASP A 149 -11.82 -5.18 11.82
C ASP A 149 -12.14 -6.48 11.10
N ASP A 150 -11.76 -7.61 11.67
CA ASP A 150 -11.96 -8.88 10.97
C ASP A 150 -13.30 -9.48 11.34
N ASP A 151 -13.71 -10.46 10.56
CA ASP A 151 -15.03 -11.11 10.68
C ASP A 151 -16.16 -10.10 10.84
N VAL A 152 -16.12 -9.03 10.06
CA VAL A 152 -17.16 -8.02 10.11
C VAL A 152 -18.20 -8.23 9.02
N ILE A 153 -19.46 -8.19 9.42
CA ILE A 153 -20.57 -8.36 8.51
C ILE A 153 -20.93 -7.05 7.81
N ARG A 154 -21.37 -7.13 6.56
CA ARG A 154 -21.97 -5.98 5.88
C ARG A 154 -22.67 -6.42 4.61
N CYS A 155 -23.85 -6.95 4.78
CA CYS A 155 -24.70 -7.28 3.65
C CYS A 155 -25.74 -6.19 3.48
N ILE A 156 -26.40 -6.17 2.32
CA ILE A 156 -27.49 -5.24 2.08
C ILE A 156 -28.69 -5.59 2.95
N CYS A 157 -28.56 -6.67 3.73
CA CYS A 157 -29.52 -7.03 4.74
C CYS A 157 -29.65 -5.96 5.83
N GLY A 158 -28.51 -5.60 6.40
CA GLY A 158 -28.50 -4.62 7.47
C GLY A 158 -28.49 -5.26 8.84
N LEU A 159 -28.58 -6.59 8.88
CA LEU A 159 -28.65 -7.32 10.16
C LEU A 159 -27.32 -7.31 10.88
N TYR A 160 -26.24 -7.38 10.10
CA TYR A 160 -24.89 -7.55 10.65
C TYR A 160 -24.80 -8.90 11.36
N LYS A 161 -25.40 -9.94 10.76
CA LYS A 161 -25.39 -11.26 11.36
C LYS A 161 -24.85 -12.32 10.40
N ASP A 162 -24.05 -13.20 10.98
CA ASP A 162 -23.42 -14.31 10.27
C ASP A 162 -24.33 -15.52 10.18
N GLU A 163 -25.26 -15.50 9.23
CA GLU A 163 -25.94 -16.71 8.82
C GLU A 163 -25.91 -16.88 7.30
N GLY A 164 -26.25 -18.07 6.85
CA GLY A 164 -26.28 -18.37 5.43
C GLY A 164 -24.90 -18.55 4.83
N LEU A 165 -24.84 -18.56 3.51
CA LEU A 165 -23.58 -18.60 2.79
C LEU A 165 -23.13 -17.16 2.52
N MET A 166 -21.86 -16.87 2.73
CA MET A 166 -21.36 -15.51 2.57
C MET A 166 -19.93 -15.50 2.06
N ILE A 167 -19.58 -14.50 1.25
CA ILE A 167 -18.23 -14.38 0.71
C ILE A 167 -17.45 -13.29 1.46
N GLN A 168 -16.19 -13.12 1.07
CA GLN A 168 -15.27 -12.24 1.79
C GLN A 168 -14.64 -11.22 0.83
N CYS A 169 -14.91 -9.94 1.08
CA CYS A 169 -14.39 -8.84 0.25
C CYS A 169 -12.85 -8.77 0.27
N ASP A 170 -12.28 -8.52 -0.90
CA ASP A 170 -10.84 -8.42 -1.08
C ASP A 170 -10.27 -7.22 -0.33
N LYS A 171 -11.05 -6.14 -0.24
CA LYS A 171 -10.54 -4.90 0.34
C LYS A 171 -11.01 -4.70 1.78
N CYS A 172 -12.30 -4.89 2.01
CA CYS A 172 -12.87 -4.60 3.32
C CYS A 172 -12.80 -5.84 4.21
N MET A 173 -12.43 -6.98 3.59
CA MET A 173 -12.35 -8.29 4.25
C MET A 173 -13.61 -8.56 5.08
N VAL A 174 -14.73 -8.10 4.54
CA VAL A 174 -16.03 -8.20 5.19
C VAL A 174 -16.84 -9.37 4.64
N TRP A 175 -17.85 -9.80 5.40
CA TRP A 175 -18.67 -10.94 5.04
C TRP A 175 -20.00 -10.47 4.46
N GLN A 176 -20.36 -10.99 3.30
CA GLN A 176 -21.62 -10.65 2.67
C GLN A 176 -22.34 -11.91 2.18
N HIS A 177 -23.65 -12.00 2.40
CA HIS A 177 -24.40 -13.23 2.10
C HIS A 177 -24.57 -13.44 0.60
N CYS A 178 -24.10 -14.58 0.11
CA CYS A 178 -24.13 -14.90 -1.30
C CYS A 178 -25.54 -14.97 -1.86
N ASP A 179 -26.46 -15.48 -1.05
CA ASP A 179 -27.84 -15.69 -1.52
C ASP A 179 -28.55 -14.36 -1.77
N CYS A 180 -28.17 -13.34 -1.03
CA CYS A 180 -28.78 -12.02 -1.19
C CYS A 180 -28.22 -11.31 -2.41
N MET A 181 -26.91 -11.43 -2.62
CA MET A 181 -26.25 -10.66 -3.65
C MET A 181 -26.19 -11.41 -4.98
N GLY A 182 -26.69 -12.65 -5.00
CA GLY A 182 -26.70 -13.42 -6.22
C GLY A 182 -25.35 -14.03 -6.54
N VAL A 183 -24.61 -14.36 -5.50
CA VAL A 183 -23.26 -14.90 -5.66
C VAL A 183 -23.33 -16.42 -5.70
N ASN A 184 -22.33 -17.03 -6.33
CA ASN A 184 -22.33 -18.47 -6.55
C ASN A 184 -21.23 -19.12 -5.73
N THR A 185 -20.76 -18.40 -4.73
CA THR A 185 -19.62 -18.82 -3.91
C THR A 185 -18.41 -19.24 -4.75
N ASP A 186 -18.31 -18.74 -5.97
CA ASP A 186 -17.20 -19.09 -6.85
C ASP A 186 -16.28 -17.91 -7.13
N VAL A 187 -16.61 -16.74 -6.59
CA VAL A 187 -15.76 -15.57 -6.76
C VAL A 187 -14.38 -15.80 -6.14
N GLU A 188 -13.37 -15.25 -6.78
CA GLU A 188 -12.00 -15.42 -6.31
C GLU A 188 -11.49 -14.13 -5.66
N HIS A 189 -12.04 -12.99 -6.07
CA HIS A 189 -11.68 -11.69 -5.50
C HIS A 189 -12.87 -10.76 -5.62
N TYR A 190 -13.76 -10.82 -4.65
CA TYR A 190 -15.02 -10.11 -4.70
C TYR A 190 -14.99 -8.81 -3.89
N LEU A 191 -15.78 -7.82 -4.32
CA LEU A 191 -15.85 -6.53 -3.62
C LEU A 191 -17.31 -6.10 -3.40
N CYS A 192 -17.52 -5.37 -2.29
CA CYS A 192 -18.84 -4.85 -1.88
C CYS A 192 -19.36 -3.78 -2.84
N GLU A 193 -20.61 -3.41 -2.62
CA GLU A 193 -21.30 -2.39 -3.40
C GLU A 193 -20.88 -0.99 -2.92
N GLN A 194 -19.75 -0.95 -2.21
CA GLN A 194 -19.23 0.27 -1.64
C GLN A 194 -17.82 0.55 -2.15
N CYS A 195 -16.88 -0.30 -1.72
CA CYS A 195 -15.48 -0.23 -2.18
C CYS A 195 -15.41 -0.14 -3.70
N ASP A 196 -16.07 -1.06 -4.35
CA ASP A 196 -16.13 -1.10 -5.80
C ASP A 196 -17.44 -1.74 -6.24
N PRO A 197 -18.51 -0.93 -6.31
CA PRO A 197 -19.84 -1.40 -6.74
C PRO A 197 -19.79 -2.16 -8.06
N ARG A 198 -20.42 -3.32 -8.09
CA ARG A 198 -20.43 -4.16 -9.27
C ARG A 198 -21.85 -4.48 -9.72
N PRO A 199 -22.29 -3.86 -10.83
CA PRO A 199 -23.61 -4.12 -11.39
C PRO A 199 -23.64 -5.44 -12.15
N VAL A 200 -24.50 -6.34 -11.71
CA VAL A 200 -24.71 -7.59 -12.41
C VAL A 200 -26.02 -7.53 -13.17
N ASP A 201 -25.93 -7.29 -14.47
CA ASP A 201 -27.11 -7.18 -15.30
C ASP A 201 -27.32 -8.46 -16.10
N ARG A 202 -28.15 -9.35 -15.57
CA ARG A 202 -28.43 -10.59 -16.24
C ARG A 202 -29.84 -10.57 -16.81
N GLU A 203 -29.96 -10.07 -18.04
CA GLU A 203 -31.22 -9.97 -18.75
C GLU A 203 -32.26 -9.23 -17.91
N VAL A 204 -32.06 -7.93 -17.74
CA VAL A 204 -32.96 -7.10 -16.97
C VAL A 204 -33.40 -5.90 -17.79
N PRO A 205 -34.34 -6.11 -18.73
CA PRO A 205 -34.83 -5.06 -19.62
C PRO A 205 -35.84 -4.15 -18.94
N ALA B 1 -12.06 -16.29 -3.13
CA ALA B 1 -12.65 -15.54 -2.00
C ALA B 1 -13.12 -16.51 -0.92
N ARG B 2 -12.92 -16.12 0.34
CA ARG B 2 -13.34 -16.95 1.46
C ARG B 2 -14.86 -16.98 1.51
N THR B 3 -15.42 -18.14 1.78
CA THR B 3 -16.87 -18.26 1.88
C THR B 3 -17.25 -19.39 2.82
N GLN B 5 -20.78 -21.24 5.16
CA GLN B 5 -22.22 -21.41 5.25
C GLN B 5 -22.63 -21.73 6.68
N THR B 6 -22.79 -20.67 7.47
CA THR B 6 -23.02 -20.79 8.90
C THR B 6 -24.43 -21.29 9.21
N ALA B 7 -25.31 -21.24 8.22
CA ALA B 7 -26.68 -21.71 8.39
C ALA B 7 -27.15 -22.45 7.16
N ARG B 8 -28.47 -22.49 6.96
CA ARG B 8 -29.07 -23.18 5.82
C ARG B 8 -28.83 -24.68 5.94
N LYS B 9 -28.90 -25.15 7.18
CA LYS B 9 -28.63 -26.54 7.50
C LYS B 9 -29.18 -26.85 8.90
N SER B 10 -28.96 -28.07 9.37
CA SER B 10 -29.41 -28.48 10.71
C SER B 10 -30.93 -28.46 10.78
N THR B 11 -31.57 -28.98 9.74
CA THR B 11 -33.02 -28.98 9.67
C THR B 11 -33.55 -30.42 9.67
N GLY B 12 -32.63 -31.38 9.54
CA GLY B 12 -32.99 -32.76 9.56
C GLY B 12 -32.08 -33.56 10.47
N SER A 1 14.99 31.04 3.14
CA SER A 1 15.95 30.03 3.62
C SER A 1 15.30 28.65 3.69
N MET A 2 14.33 28.42 2.82
CA MET A 2 13.57 27.18 2.83
C MET A 2 13.95 26.30 1.63
N ASN A 3 13.80 25.00 1.79
CA ASN A 3 14.02 24.06 0.72
C ASN A 3 12.87 23.05 0.69
N ILE A 4 11.99 23.21 -0.27
CA ILE A 4 10.79 22.39 -0.42
C ILE A 4 11.13 20.90 -0.42
N GLU A 5 12.26 20.54 -1.01
CA GLU A 5 12.63 19.14 -1.11
C GLU A 5 12.88 18.55 0.27
N VAL A 6 13.54 19.30 1.14
CA VAL A 6 13.83 18.81 2.49
C VAL A 6 12.60 18.95 3.38
N ALA A 7 11.78 19.97 3.10
CA ALA A 7 10.54 20.17 3.83
C ALA A 7 9.59 19.03 3.53
N ARG A 8 9.53 18.65 2.27
CA ARG A 8 8.75 17.50 1.83
C ARG A 8 9.29 16.21 2.45
N ALA A 9 10.61 16.04 2.37
CA ALA A 9 11.27 14.86 2.91
C ALA A 9 10.99 14.70 4.40
N ALA A 10 11.19 15.78 5.15
CA ALA A 10 10.96 15.77 6.58
C ALA A 10 9.48 15.59 6.90
N ARG A 11 8.62 16.29 6.14
CA ARG A 11 7.18 16.22 6.36
C ARG A 11 6.73 14.77 6.30
N LEU A 12 6.98 14.13 5.16
CA LEU A 12 6.59 12.75 4.97
C LEU A 12 7.32 11.83 5.92
N ALA A 13 8.54 12.19 6.32
CA ALA A 13 9.34 11.35 7.20
C ALA A 13 8.56 10.96 8.45
N GLN A 14 8.08 11.96 9.17
CA GLN A 14 7.34 11.73 10.40
C GLN A 14 5.87 11.44 10.10
N ILE A 15 5.48 11.69 8.87
CA ILE A 15 4.16 11.27 8.38
C ILE A 15 4.15 9.76 8.14
N PHE A 16 5.23 9.25 7.56
CA PHE A 16 5.41 7.82 7.43
C PHE A 16 5.38 7.19 8.81
N LYS A 17 6.03 7.88 9.75
CA LYS A 17 6.07 7.46 11.14
C LYS A 17 4.66 7.23 11.70
N GLU A 18 3.75 8.16 11.39
CA GLU A 18 2.33 7.99 11.72
C GLU A 18 1.82 6.64 11.24
N ILE A 19 1.89 6.43 9.94
CA ILE A 19 1.35 5.25 9.30
C ILE A 19 2.08 3.98 9.74
N CYS A 20 3.41 4.02 9.71
CA CYS A 20 4.22 2.84 10.02
C CYS A 20 4.07 2.44 11.49
N ASP A 21 3.89 3.41 12.38
CA ASP A 21 3.68 3.10 13.79
C ASP A 21 2.44 2.25 13.94
N GLY A 22 1.40 2.65 13.23
CA GLY A 22 0.14 1.92 13.26
C GLY A 22 0.28 0.52 12.65
N ILE A 23 1.29 0.34 11.82
CA ILE A 23 1.55 -0.97 11.21
C ILE A 23 2.48 -1.83 12.08
N ILE A 24 3.61 -1.25 12.51
CA ILE A 24 4.59 -1.99 13.30
C ILE A 24 3.96 -2.61 14.54
N SER A 25 3.30 -1.76 15.30
CA SER A 25 2.66 -2.18 16.52
C SER A 25 1.16 -2.38 16.30
N TYR A 26 0.80 -2.76 15.07
CA TYR A 26 -0.58 -3.14 14.79
C TYR A 26 -0.91 -4.42 15.54
N ARG A 27 -2.00 -4.40 16.29
CA ARG A 27 -2.33 -5.51 17.15
C ARG A 27 -3.70 -6.11 16.86
N ASP A 28 -3.87 -7.35 17.31
CA ASP A 28 -5.16 -8.01 17.27
C ASP A 28 -5.77 -7.97 18.67
N SER A 29 -6.87 -8.68 18.90
CA SER A 29 -7.59 -8.61 20.16
C SER A 29 -6.73 -9.09 21.33
N SER A 30 -5.98 -10.16 21.13
CA SER A 30 -5.09 -10.71 22.14
C SER A 30 -3.72 -10.02 22.06
N GLN A 31 -3.76 -8.70 21.83
CA GLN A 31 -2.57 -7.84 21.83
C GLN A 31 -1.40 -8.46 21.03
N GLN A 32 -1.72 -9.07 19.90
CA GLN A 32 -0.69 -9.71 19.09
C GLN A 32 -0.18 -8.74 18.03
N THR A 33 1.12 -8.66 17.90
CA THR A 33 1.71 -7.84 16.87
C THR A 33 2.00 -8.69 15.63
N LEU A 34 1.16 -8.55 14.62
CA LEU A 34 1.22 -9.40 13.43
C LEU A 34 2.50 -9.16 12.64
N ALA A 35 3.14 -8.01 12.89
CA ALA A 35 4.34 -7.64 12.16
C ALA A 35 5.60 -8.10 12.90
N ALA A 36 5.39 -8.83 13.99
CA ALA A 36 6.49 -9.37 14.81
C ALA A 36 7.49 -10.21 13.98
N PRO A 37 7.02 -11.10 13.07
CA PRO A 37 7.91 -11.90 12.23
C PRO A 37 8.51 -11.10 11.06
N LEU A 38 8.17 -9.81 10.97
CA LEU A 38 8.57 -9.01 9.82
C LEU A 38 9.65 -7.98 10.15
N LEU A 39 9.60 -7.40 11.35
CA LEU A 39 10.56 -6.37 11.67
C LEU A 39 11.96 -6.95 11.80
N ASN A 40 12.12 -7.93 12.66
CA ASN A 40 13.42 -8.57 12.84
C ASN A 40 13.76 -9.47 11.65
N LEU A 41 15.05 -9.49 11.29
CA LEU A 41 15.54 -10.46 10.31
C LEU A 41 15.38 -11.88 10.85
N PRO A 42 15.20 -12.86 9.96
CA PRO A 42 14.95 -14.24 10.33
C PRO A 42 16.25 -15.01 10.54
N PRO A 43 16.30 -15.92 11.53
CA PRO A 43 17.48 -16.75 11.80
C PRO A 43 18.00 -17.41 10.52
N LYS A 44 19.24 -17.07 10.18
CA LYS A 44 19.82 -17.42 8.88
C LYS A 44 20.11 -18.91 8.77
N LYS A 45 20.52 -19.55 9.87
CA LYS A 45 20.86 -20.98 9.85
C LYS A 45 19.67 -21.86 9.43
N LYS A 46 18.46 -21.31 9.40
CA LYS A 46 17.30 -22.06 8.94
C LYS A 46 16.68 -21.40 7.71
N ASN A 47 17.44 -20.50 7.09
CA ASN A 47 16.95 -19.76 5.93
C ASN A 47 18.05 -19.55 4.91
N ALA A 48 18.79 -20.59 4.61
CA ALA A 48 19.85 -20.48 3.62
C ALA A 48 19.27 -20.34 2.23
N ASP A 49 18.19 -21.08 1.97
CA ASP A 49 17.52 -21.02 0.67
C ASP A 49 16.86 -19.66 0.51
N TYR A 50 16.28 -19.14 1.61
CA TYR A 50 15.78 -17.77 1.65
C TYR A 50 16.81 -16.82 1.06
N TYR A 51 17.93 -16.74 1.73
CA TYR A 51 18.93 -15.74 1.44
C TYR A 51 19.60 -16.00 0.10
N GLU A 52 19.31 -17.16 -0.49
CA GLU A 52 19.72 -17.46 -1.85
C GLU A 52 18.70 -16.86 -2.84
N LYS A 53 17.43 -17.23 -2.68
CA LYS A 53 16.37 -16.78 -3.58
C LYS A 53 16.03 -15.29 -3.36
N ILE A 54 15.89 -14.92 -2.10
CA ILE A 54 15.54 -13.55 -1.73
C ILE A 54 16.82 -12.78 -1.46
N SER A 55 17.13 -11.81 -2.31
CA SER A 55 18.37 -11.06 -2.16
C SER A 55 18.22 -9.93 -1.15
N ASP A 56 16.97 -9.58 -0.83
CA ASP A 56 16.69 -8.53 0.14
C ASP A 56 15.63 -8.97 1.12
N PRO A 57 16.00 -9.72 2.19
CA PRO A 57 15.06 -10.08 3.25
C PRO A 57 14.46 -8.83 3.90
N LEU A 58 15.34 -7.90 4.25
CA LEU A 58 14.96 -6.59 4.80
C LEU A 58 14.36 -6.70 6.20
N ASP A 59 14.85 -5.86 7.08
CA ASP A 59 14.41 -5.77 8.45
C ASP A 59 13.46 -4.57 8.61
N LEU A 60 12.17 -4.86 8.80
CA LEU A 60 11.15 -3.81 8.86
C LEU A 60 11.43 -2.82 9.98
N SER A 61 12.06 -3.28 11.05
CA SER A 61 12.36 -2.40 12.18
C SER A 61 13.49 -1.42 11.79
N THR A 62 14.37 -1.86 10.91
CA THR A 62 15.41 -0.99 10.36
C THR A 62 14.79 0.08 9.46
N ILE A 63 13.75 -0.31 8.75
CA ILE A 63 13.01 0.60 7.88
C ILE A 63 12.47 1.79 8.69
N GLU A 64 11.82 1.45 9.80
CA GLU A 64 11.36 2.43 10.81
C GLU A 64 12.46 3.43 11.20
N LYS A 65 13.62 2.92 11.59
CA LYS A 65 14.73 3.78 11.97
C LYS A 65 15.14 4.72 10.83
N GLN A 66 15.03 4.24 9.59
CA GLN A 66 15.36 5.07 8.42
C GLN A 66 14.23 6.08 8.17
N ILE A 67 13.09 5.82 8.79
CA ILE A 67 11.94 6.70 8.73
C ILE A 67 12.15 7.94 9.60
N LEU A 68 12.64 7.74 10.82
CA LEU A 68 12.91 8.84 11.73
C LEU A 68 14.09 9.69 11.27
N ILE A 69 14.98 9.10 10.47
CA ILE A 69 16.13 9.85 9.96
C ILE A 69 15.77 10.60 8.68
N GLY A 70 14.54 10.36 8.19
CA GLY A 70 14.04 11.09 7.04
C GLY A 70 14.84 10.84 5.77
N TYR A 71 15.27 9.60 5.59
CA TYR A 71 16.15 9.24 4.47
C TYR A 71 15.36 8.96 3.20
N TYR A 72 14.11 8.56 3.35
CA TYR A 72 13.31 8.12 2.22
C TYR A 72 12.88 9.29 1.33
N LYS A 73 12.74 10.46 1.93
CA LYS A 73 12.34 11.69 1.23
C LYS A 73 10.89 11.62 0.74
N THR A 74 10.61 10.71 -0.18
CA THR A 74 9.28 10.59 -0.75
C THR A 74 8.70 9.19 -0.48
N VAL A 75 7.46 8.97 -0.90
CA VAL A 75 6.76 7.74 -0.57
C VAL A 75 7.13 6.61 -1.52
N GLU A 76 7.63 6.98 -2.69
CA GLU A 76 8.11 5.99 -3.68
C GLU A 76 8.88 4.85 -3.02
N ALA A 77 10.03 5.18 -2.44
CA ALA A 77 10.87 4.18 -1.78
C ALA A 77 10.13 3.54 -0.61
N PHE A 78 9.44 4.37 0.16
CA PHE A 78 8.70 3.91 1.33
C PHE A 78 7.66 2.84 0.98
N ASP A 79 6.88 3.09 -0.06
CA ASP A 79 5.85 2.14 -0.49
C ASP A 79 6.50 0.81 -0.88
N ALA A 80 7.66 0.90 -1.51
CA ALA A 80 8.38 -0.27 -1.98
C ALA A 80 8.90 -1.13 -0.82
N ASP A 81 9.35 -0.49 0.25
CA ASP A 81 10.00 -1.22 1.35
C ASP A 81 8.98 -1.94 2.24
N MET A 82 7.87 -1.28 2.53
CA MET A 82 6.78 -1.90 3.28
C MET A 82 6.24 -3.12 2.55
N LEU A 83 5.87 -2.94 1.30
CA LEU A 83 5.32 -4.02 0.51
C LEU A 83 6.35 -5.13 0.32
N LYS A 84 7.63 -4.76 0.38
CA LYS A 84 8.73 -5.70 0.21
C LYS A 84 8.69 -6.77 1.29
N VAL A 85 8.74 -6.34 2.54
CA VAL A 85 8.78 -7.26 3.66
C VAL A 85 7.53 -8.14 3.70
N PHE A 86 6.37 -7.56 3.41
CA PHE A 86 5.11 -8.32 3.38
C PHE A 86 5.12 -9.40 2.30
N ARG A 87 5.49 -9.03 1.07
CA ARG A 87 5.36 -9.94 -0.06
C ARG A 87 6.35 -11.09 0.02
N ASN A 88 7.59 -10.80 0.43
CA ASN A 88 8.61 -11.82 0.55
C ASN A 88 8.33 -12.72 1.74
N ALA A 89 7.69 -12.15 2.77
CA ALA A 89 7.25 -12.89 3.94
C ALA A 89 6.38 -14.08 3.53
N GLU A 90 5.20 -13.78 3.04
CA GLU A 90 4.23 -14.81 2.73
C GLU A 90 4.72 -15.73 1.60
N LYS A 91 5.55 -15.21 0.73
CA LYS A 91 5.98 -15.98 -0.45
C LYS A 91 6.92 -17.14 -0.08
N TYR A 92 7.83 -16.93 0.87
CA TYR A 92 8.81 -17.98 1.17
C TYR A 92 8.40 -18.86 2.35
N TYR A 93 7.82 -18.28 3.40
CA TYR A 93 7.50 -19.04 4.61
C TYR A 93 6.72 -20.33 4.32
N GLY A 94 5.81 -20.29 3.35
CA GLY A 94 5.01 -21.46 3.04
C GLY A 94 4.51 -21.46 1.61
N ARG A 95 3.30 -21.96 1.40
CA ARG A 95 2.72 -22.03 0.06
C ARG A 95 2.52 -20.62 -0.49
N LYS A 96 1.55 -19.89 0.05
CA LYS A 96 1.46 -18.46 -0.21
C LYS A 96 1.07 -17.68 1.04
N SER A 97 0.20 -18.23 1.88
CA SER A 97 -0.11 -17.62 3.15
C SER A 97 0.37 -18.50 4.30
N PRO A 98 1.56 -18.25 4.82
CA PRO A 98 2.01 -18.82 6.09
C PRO A 98 1.63 -17.92 7.25
N ILE A 99 2.36 -16.80 7.31
CA ILE A 99 2.03 -15.68 8.16
C ILE A 99 1.19 -14.69 7.36
N GLY A 100 1.00 -15.04 6.10
CA GLY A 100 0.23 -14.24 5.15
C GLY A 100 -0.98 -13.53 5.75
N ARG A 101 -1.89 -14.27 6.38
CA ARG A 101 -3.10 -13.68 6.97
C ARG A 101 -2.75 -12.49 7.87
N ASP A 102 -1.75 -12.70 8.71
CA ASP A 102 -1.31 -11.68 9.65
C ASP A 102 -0.75 -10.47 8.91
N VAL A 103 0.22 -10.72 8.04
CA VAL A 103 0.92 -9.64 7.37
C VAL A 103 0.05 -8.98 6.29
N CYS A 104 -0.94 -9.70 5.78
CA CYS A 104 -1.83 -9.15 4.77
C CYS A 104 -2.83 -8.21 5.42
N ARG A 105 -3.11 -8.43 6.71
CA ARG A 105 -3.95 -7.51 7.46
C ARG A 105 -3.20 -6.20 7.64
N LEU A 106 -1.92 -6.31 8.00
CA LEU A 106 -1.05 -5.15 8.12
C LEU A 106 -1.01 -4.42 6.79
N ARG A 107 -0.76 -5.18 5.73
CA ARG A 107 -0.70 -4.66 4.38
C ARG A 107 -2.00 -3.96 4.00
N LYS A 108 -3.12 -4.51 4.44
CA LYS A 108 -4.43 -3.94 4.14
C LYS A 108 -4.57 -2.62 4.86
N ALA A 109 -4.15 -2.62 6.11
CA ALA A 109 -4.28 -1.47 6.98
C ALA A 109 -3.27 -0.40 6.58
N TYR A 110 -2.21 -0.84 5.92
CA TYR A 110 -1.19 0.04 5.40
C TYR A 110 -1.74 0.84 4.22
N TYR A 111 -2.37 0.14 3.28
CA TYR A 111 -2.97 0.79 2.13
C TYR A 111 -4.07 1.75 2.58
N SER A 112 -4.78 1.37 3.63
CA SER A 112 -5.84 2.22 4.15
C SER A 112 -5.27 3.44 4.86
N ALA A 113 -4.26 3.23 5.70
CA ALA A 113 -3.60 4.34 6.37
C ALA A 113 -3.02 5.31 5.34
N ARG A 114 -2.60 4.76 4.20
CA ARG A 114 -2.17 5.56 3.07
C ARG A 114 -3.31 6.43 2.56
N HIS A 115 -4.50 5.84 2.38
CA HIS A 115 -5.64 6.60 1.88
C HIS A 115 -6.15 7.57 2.93
N GLU A 116 -5.87 7.26 4.19
CA GLU A 116 -6.19 8.18 5.29
C GLU A 116 -5.28 9.39 5.27
N ALA A 117 -3.97 9.13 5.33
CA ALA A 117 -2.98 10.19 5.43
C ALA A 117 -2.64 10.79 4.07
N SER A 118 -3.35 10.34 3.07
CA SER A 118 -3.23 10.87 1.70
C SER A 118 -3.36 12.40 1.70
N ALA A 119 -4.21 12.92 2.57
CA ALA A 119 -4.48 14.34 2.68
C ALA A 119 -3.19 15.16 2.72
N GLN A 120 -2.41 14.96 3.77
CA GLN A 120 -1.14 15.65 3.94
C GLN A 120 -0.19 15.36 2.78
N ILE A 121 -0.09 14.10 2.39
CA ILE A 121 0.83 13.73 1.32
C ILE A 121 0.48 14.48 0.05
N ASP A 122 -0.81 14.59 -0.22
CA ASP A 122 -1.31 15.30 -1.40
C ASP A 122 -0.91 16.78 -1.39
N GLU A 123 -1.13 17.45 -0.26
CA GLU A 123 -0.91 18.89 -0.17
C GLU A 123 0.59 19.22 -0.10
N ILE A 124 1.38 18.25 0.33
CA ILE A 124 2.82 18.46 0.50
C ILE A 124 3.60 17.97 -0.71
N VAL A 125 3.35 16.74 -1.13
CA VAL A 125 4.05 16.14 -2.25
C VAL A 125 3.54 16.68 -3.58
N GLY A 126 2.22 16.75 -3.71
CA GLY A 126 1.63 17.14 -4.96
C GLY A 126 0.95 15.95 -5.62
N GLU A 127 1.43 15.59 -6.81
CA GLU A 127 0.89 14.45 -7.51
C GLU A 127 2.01 13.53 -8.01
N THR A 128 3.23 13.80 -7.60
CA THR A 128 4.36 12.96 -7.99
C THR A 128 4.38 11.70 -7.13
N ALA A 129 3.49 11.66 -6.15
CA ALA A 129 3.33 10.49 -5.30
C ALA A 129 2.16 9.66 -5.79
N SER A 130 0.95 10.14 -5.49
CA SER A 130 -0.30 9.47 -5.85
C SER A 130 -0.28 7.97 -5.49
N GLU A 131 -1.16 7.17 -6.10
CA GLU A 131 -1.11 5.73 -5.92
C GLU A 131 -0.78 5.03 -7.24
N ALA A 132 -1.58 5.29 -8.26
CA ALA A 132 -1.33 4.73 -9.59
C ALA A 132 -1.19 3.21 -9.52
N ASP A 133 -2.07 2.58 -8.75
CA ASP A 133 -2.05 1.13 -8.60
C ASP A 133 -3.44 0.58 -8.71
N SER A 134 -4.36 1.44 -9.15
CA SER A 134 -5.80 1.18 -9.13
C SER A 134 -6.27 0.94 -7.70
N SER A 135 -5.31 1.09 -6.78
CA SER A 135 -5.55 0.95 -5.35
C SER A 135 -5.85 -0.50 -5.00
N GLU A 136 -6.03 -0.79 -3.70
CA GLU A 136 -6.18 -2.15 -3.24
C GLU A 136 -4.96 -2.98 -3.68
N THR A 137 -5.03 -4.30 -3.60
CA THR A 137 -3.88 -5.12 -3.98
C THR A 137 -4.30 -6.40 -4.68
N SER A 138 -5.56 -6.78 -4.48
CA SER A 138 -6.08 -8.05 -4.96
C SER A 138 -7.54 -8.19 -4.55
N VAL A 139 -7.97 -9.44 -4.37
CA VAL A 139 -9.35 -9.77 -4.00
C VAL A 139 -10.31 -9.35 -5.12
N SER A 140 -11.60 -9.57 -4.91
CA SER A 140 -12.59 -9.19 -5.89
C SER A 140 -13.47 -8.08 -5.33
N GLU A 141 -14.18 -8.39 -4.24
CA GLU A 141 -14.99 -7.40 -3.54
C GLU A 141 -14.12 -6.27 -3.03
N LYS A 142 -12.87 -6.64 -2.70
CA LYS A 142 -11.88 -5.73 -2.11
C LYS A 142 -12.54 -4.77 -1.11
N GLU A 143 -12.30 -3.48 -1.29
CA GLU A 143 -12.95 -2.47 -0.47
C GLU A 143 -13.31 -1.26 -1.32
N SER A 144 -12.29 -0.54 -1.79
CA SER A 144 -12.48 0.65 -2.61
C SER A 144 -13.39 1.64 -1.88
N GLY A 145 -12.98 2.02 -0.69
CA GLY A 145 -13.83 2.82 0.16
C GLY A 145 -14.84 1.94 0.87
N HIS A 146 -16.03 1.90 0.32
CA HIS A 146 -17.07 1.04 0.84
C HIS A 146 -17.35 -0.11 -0.13
N GLU A 147 -17.60 0.22 -1.38
CA GLU A 147 -17.91 -0.79 -2.38
C GLU A 147 -17.54 -0.29 -3.77
N LYS A 148 -17.41 -1.22 -4.70
CA LYS A 148 -17.08 -0.94 -6.09
C LYS A 148 -16.92 -2.24 -6.86
N ASP A 149 -16.79 -2.13 -8.18
CA ASP A 149 -16.55 -3.25 -9.07
C ASP A 149 -17.66 -4.29 -8.96
N ASP A 150 -18.84 -3.83 -8.58
CA ASP A 150 -20.01 -4.70 -8.49
C ASP A 150 -21.21 -4.00 -9.13
N ASP A 151 -22.36 -4.67 -9.10
CA ASP A 151 -23.59 -4.17 -9.72
C ASP A 151 -23.35 -3.74 -11.17
N VAL A 152 -22.36 -4.36 -11.80
CA VAL A 152 -21.98 -3.97 -13.14
C VAL A 152 -22.58 -4.89 -14.19
N ILE A 153 -23.50 -4.33 -14.95
CA ILE A 153 -24.07 -4.97 -16.11
C ILE A 153 -23.08 -4.97 -17.27
N ARG A 154 -23.14 -5.98 -18.11
CA ARG A 154 -22.40 -5.99 -19.39
C ARG A 154 -23.01 -7.01 -20.33
N CYS A 155 -24.10 -6.61 -20.93
CA CYS A 155 -24.80 -7.45 -21.88
C CYS A 155 -24.91 -6.77 -23.23
N ILE A 156 -25.03 -7.59 -24.28
CA ILE A 156 -24.89 -7.12 -25.66
C ILE A 156 -26.01 -6.18 -26.09
N CYS A 157 -27.11 -6.16 -25.35
CA CYS A 157 -28.25 -5.30 -25.67
C CYS A 157 -27.92 -3.83 -25.39
N GLY A 158 -26.95 -3.60 -24.49
CA GLY A 158 -26.42 -2.26 -24.29
C GLY A 158 -27.27 -1.37 -23.40
N LEU A 159 -28.12 -1.96 -22.56
CA LEU A 159 -28.92 -1.16 -21.64
C LEU A 159 -28.11 -0.82 -20.39
N TYR A 160 -27.36 -1.80 -19.91
CA TYR A 160 -26.65 -1.69 -18.63
C TYR A 160 -27.68 -1.52 -17.50
N LYS A 161 -28.84 -2.14 -17.65
CA LYS A 161 -29.87 -2.05 -16.62
C LYS A 161 -30.24 -3.44 -16.11
N ASP A 162 -30.28 -3.54 -14.79
CA ASP A 162 -30.67 -4.74 -14.07
C ASP A 162 -32.16 -5.02 -14.23
N GLU A 163 -32.52 -5.53 -15.39
CA GLU A 163 -33.85 -6.02 -15.65
C GLU A 163 -33.81 -7.44 -16.21
N GLY A 164 -34.97 -8.06 -16.26
CA GLY A 164 -35.09 -9.41 -16.79
C GLY A 164 -34.39 -10.44 -15.92
N LEU A 165 -34.04 -11.57 -16.52
CA LEU A 165 -33.28 -12.60 -15.85
C LEU A 165 -31.83 -12.50 -16.29
N MET A 166 -30.90 -12.77 -15.40
CA MET A 166 -29.49 -12.65 -15.73
C MET A 166 -28.63 -13.58 -14.88
N ILE A 167 -27.51 -14.01 -15.44
CA ILE A 167 -26.54 -14.82 -14.71
C ILE A 167 -25.27 -14.01 -14.50
N GLN A 168 -24.30 -14.60 -13.79
CA GLN A 168 -23.10 -13.88 -13.41
C GLN A 168 -21.84 -14.53 -13.99
N CYS A 169 -20.93 -13.70 -14.49
CA CYS A 169 -19.65 -14.18 -15.02
C CYS A 169 -18.74 -14.62 -13.87
N ASP A 170 -18.28 -15.87 -13.95
CA ASP A 170 -17.42 -16.44 -12.91
C ASP A 170 -16.15 -15.62 -12.71
N LYS A 171 -15.74 -14.87 -13.73
CA LYS A 171 -14.51 -14.10 -13.65
C LYS A 171 -14.78 -12.63 -13.34
N CYS A 172 -15.81 -12.06 -13.97
CA CYS A 172 -16.16 -10.65 -13.76
C CYS A 172 -16.92 -10.45 -12.48
N MET A 173 -17.82 -11.40 -12.21
CA MET A 173 -18.92 -11.19 -11.28
C MET A 173 -19.85 -10.08 -11.80
N VAL A 174 -19.94 -9.98 -13.13
CA VAL A 174 -20.86 -9.06 -13.79
C VAL A 174 -22.20 -9.72 -14.05
N TRP A 175 -23.13 -8.95 -14.60
CA TRP A 175 -24.46 -9.45 -14.90
C TRP A 175 -24.73 -9.42 -16.40
N GLN A 176 -25.10 -10.58 -16.94
CA GLN A 176 -25.47 -10.68 -18.33
C GLN A 176 -26.83 -11.39 -18.43
N HIS A 177 -27.74 -10.85 -19.23
CA HIS A 177 -29.13 -11.32 -19.24
C HIS A 177 -29.24 -12.71 -19.82
N CYS A 178 -29.99 -13.54 -19.11
CA CYS A 178 -30.27 -14.91 -19.51
C CYS A 178 -31.19 -14.94 -20.73
N ASP A 179 -32.16 -14.02 -20.77
CA ASP A 179 -33.08 -13.92 -21.90
C ASP A 179 -32.31 -13.62 -23.18
N CYS A 180 -31.42 -12.65 -23.07
CA CYS A 180 -30.60 -12.22 -24.19
C CYS A 180 -29.68 -13.33 -24.67
N MET A 181 -28.79 -13.78 -23.77
CA MET A 181 -27.77 -14.78 -24.12
C MET A 181 -28.39 -16.14 -24.43
N GLY A 182 -29.63 -16.35 -23.99
CA GLY A 182 -30.30 -17.61 -24.23
C GLY A 182 -29.86 -18.68 -23.26
N VAL A 183 -29.84 -18.34 -21.98
CA VAL A 183 -29.39 -19.25 -20.93
C VAL A 183 -30.61 -19.90 -20.27
N ASN A 184 -30.38 -20.63 -19.19
CA ASN A 184 -31.46 -21.33 -18.48
C ASN A 184 -31.44 -20.95 -17.01
N THR A 185 -30.55 -20.04 -16.67
CA THR A 185 -30.31 -19.59 -15.30
C THR A 185 -30.04 -20.76 -14.34
N ASP A 186 -29.41 -21.82 -14.85
CA ASP A 186 -29.01 -22.93 -13.99
C ASP A 186 -27.53 -23.23 -14.17
N VAL A 187 -26.89 -22.52 -15.10
CA VAL A 187 -25.47 -22.70 -15.37
C VAL A 187 -24.62 -22.44 -14.12
N GLU A 188 -23.76 -23.39 -13.82
CA GLU A 188 -22.88 -23.28 -12.67
C GLU A 188 -21.57 -22.62 -13.08
N HIS A 189 -21.24 -22.72 -14.36
CA HIS A 189 -20.03 -22.14 -14.90
C HIS A 189 -20.34 -21.41 -16.19
N TYR A 190 -20.50 -20.11 -16.09
CA TYR A 190 -20.78 -19.28 -17.25
C TYR A 190 -19.83 -18.10 -17.30
N LEU A 191 -19.46 -17.70 -18.50
CA LEU A 191 -18.55 -16.59 -18.70
C LEU A 191 -19.03 -15.69 -19.84
N CYS A 192 -18.46 -14.50 -19.92
CA CYS A 192 -18.84 -13.54 -20.95
C CYS A 192 -18.48 -14.06 -22.33
N GLU A 193 -19.15 -13.53 -23.34
CA GLU A 193 -18.82 -13.79 -24.73
C GLU A 193 -17.46 -13.19 -25.07
N GLN A 194 -16.99 -12.32 -24.20
CA GLN A 194 -15.68 -11.69 -24.34
C GLN A 194 -14.63 -12.42 -23.52
N CYS A 195 -14.97 -12.74 -22.28
CA CYS A 195 -14.02 -13.36 -21.35
C CYS A 195 -13.52 -14.70 -21.87
N ASP A 196 -14.45 -15.60 -22.10
CA ASP A 196 -14.10 -16.93 -22.57
C ASP A 196 -15.18 -17.44 -23.51
N PRO A 197 -15.20 -16.90 -24.74
CA PRO A 197 -16.20 -17.26 -25.75
C PRO A 197 -16.12 -18.74 -26.10
N ARG A 198 -17.20 -19.45 -25.88
CA ARG A 198 -17.24 -20.88 -26.17
C ARG A 198 -18.04 -21.17 -27.44
N PRO A 199 -17.34 -21.44 -28.55
CA PRO A 199 -17.95 -21.81 -29.81
C PRO A 199 -18.11 -23.32 -29.93
N VAL A 200 -19.32 -23.78 -30.19
CA VAL A 200 -19.58 -25.20 -30.33
C VAL A 200 -19.63 -25.58 -31.80
N ASP A 201 -18.51 -26.04 -32.34
CA ASP A 201 -18.46 -26.45 -33.74
C ASP A 201 -18.77 -27.94 -33.86
N ARG A 202 -20.03 -28.29 -33.67
CA ARG A 202 -20.44 -29.68 -33.78
C ARG A 202 -21.59 -29.82 -34.78
N GLU A 203 -21.50 -30.85 -35.61
CA GLU A 203 -22.46 -31.12 -36.66
C GLU A 203 -22.79 -29.86 -37.46
N VAL A 204 -21.82 -29.41 -38.25
CA VAL A 204 -21.98 -28.22 -39.06
C VAL A 204 -21.88 -28.59 -40.54
N PRO A 205 -23.03 -28.79 -41.20
CA PRO A 205 -23.08 -29.14 -42.63
C PRO A 205 -22.56 -28.02 -43.51
N ALA B 1 -22.67 -20.28 -10.94
CA ALA B 1 -22.93 -18.88 -11.36
C ALA B 1 -24.20 -18.37 -10.71
N ARG B 2 -24.15 -17.15 -10.20
CA ARG B 2 -25.31 -16.53 -9.57
C ARG B 2 -26.36 -16.18 -10.62
N THR B 3 -27.62 -16.21 -10.22
CA THR B 3 -28.72 -16.02 -11.14
C THR B 3 -29.81 -15.17 -10.48
N GLN B 5 -33.68 -12.87 -11.22
CA GLN B 5 -34.82 -12.56 -12.07
C GLN B 5 -35.50 -11.29 -11.56
N THR B 6 -35.03 -10.16 -12.06
CA THR B 6 -35.44 -8.86 -11.55
C THR B 6 -36.80 -8.42 -12.12
N ALA B 7 -36.98 -8.59 -13.42
CA ALA B 7 -38.22 -8.14 -14.06
C ALA B 7 -39.37 -9.08 -13.78
N ARG B 8 -40.34 -8.60 -13.01
CA ARG B 8 -41.53 -9.38 -12.71
C ARG B 8 -42.78 -8.58 -13.08
N LYS B 9 -42.69 -7.26 -12.97
CA LYS B 9 -43.81 -6.38 -13.26
C LYS B 9 -44.11 -6.39 -14.77
N SER B 10 -43.07 -6.42 -15.58
CA SER B 10 -43.21 -6.46 -17.03
C SER B 10 -43.95 -5.23 -17.54
N THR B 11 -43.18 -4.20 -17.90
CA THR B 11 -43.73 -2.96 -18.42
C THR B 11 -44.47 -3.19 -19.73
N GLY B 12 -43.99 -4.15 -20.52
CA GLY B 12 -44.59 -4.44 -21.80
C GLY B 12 -45.62 -5.54 -21.71
N SER A 1 15.79 31.60 3.02
CA SER A 1 15.91 30.59 1.96
C SER A 1 15.69 29.19 2.53
N MET A 2 14.75 28.46 1.93
CA MET A 2 14.40 27.14 2.39
C MET A 2 14.20 26.21 1.19
N ASN A 3 14.76 25.02 1.27
CA ASN A 3 14.65 24.06 0.18
C ASN A 3 13.43 23.18 0.39
N ILE A 4 12.37 23.47 -0.35
CA ILE A 4 11.07 22.81 -0.18
C ILE A 4 11.18 21.29 -0.30
N GLU A 5 12.09 20.82 -1.15
CA GLU A 5 12.28 19.40 -1.36
C GLU A 5 12.70 18.69 -0.07
N VAL A 6 13.50 19.36 0.75
CA VAL A 6 13.99 18.75 1.99
C VAL A 6 12.96 18.95 3.10
N ALA A 7 12.14 19.99 2.97
CA ALA A 7 11.06 20.22 3.90
C ALA A 7 10.00 19.14 3.73
N ARG A 8 9.66 18.88 2.47
CA ARG A 8 8.75 17.79 2.11
C ARG A 8 9.27 16.46 2.65
N ALA A 9 10.58 16.25 2.49
CA ALA A 9 11.22 15.01 2.93
C ALA A 9 11.06 14.82 4.44
N ALA A 10 11.31 15.87 5.19
CA ALA A 10 11.18 15.82 6.65
C ALA A 10 9.71 15.71 7.05
N ARG A 11 8.85 16.34 6.26
CA ARG A 11 7.42 16.28 6.48
C ARG A 11 6.94 14.83 6.31
N LEU A 12 7.21 14.24 5.16
CA LEU A 12 6.83 12.85 4.95
C LEU A 12 7.54 11.96 5.96
N ALA A 13 8.74 12.35 6.38
CA ALA A 13 9.55 11.56 7.30
C ALA A 13 8.80 11.19 8.58
N GLN A 14 8.49 12.16 9.42
CA GLN A 14 7.80 11.87 10.67
C GLN A 14 6.33 11.53 10.42
N ILE A 15 5.85 11.80 9.22
CA ILE A 15 4.51 11.37 8.84
C ILE A 15 4.49 9.89 8.43
N PHE A 16 5.54 9.43 7.77
CA PHE A 16 5.72 8.00 7.55
C PHE A 16 5.77 7.30 8.90
N LYS A 17 6.46 7.93 9.83
CA LYS A 17 6.55 7.49 11.20
C LYS A 17 5.16 7.20 11.77
N GLU A 18 4.26 8.15 11.58
CA GLU A 18 2.85 7.99 11.97
C GLU A 18 2.27 6.67 11.46
N ILE A 19 2.29 6.50 10.15
CA ILE A 19 1.69 5.32 9.52
C ILE A 19 2.43 4.05 9.94
N CYS A 20 3.75 4.05 9.85
CA CYS A 20 4.53 2.87 10.16
C CYS A 20 4.44 2.48 11.62
N ASP A 21 4.32 3.45 12.52
CA ASP A 21 4.16 3.15 13.93
C ASP A 21 2.89 2.33 14.15
N GLY A 22 1.83 2.75 13.47
CA GLY A 22 0.56 2.06 13.56
C GLY A 22 0.56 0.73 12.85
N ILE A 23 1.56 0.50 11.98
CA ILE A 23 1.70 -0.78 11.29
C ILE A 23 2.65 -1.72 12.04
N ILE A 24 3.83 -1.22 12.37
CA ILE A 24 4.84 -2.00 13.09
C ILE A 24 4.24 -2.66 14.32
N SER A 25 3.58 -1.85 15.11
CA SER A 25 2.93 -2.35 16.31
C SER A 25 1.42 -2.35 16.13
N TYR A 26 0.98 -2.72 14.92
CA TYR A 26 -0.44 -2.84 14.63
C TYR A 26 -1.05 -3.97 15.45
N ARG A 27 -2.14 -3.68 16.12
CA ARG A 27 -2.82 -4.68 16.91
C ARG A 27 -4.23 -4.96 16.37
N ASP A 28 -4.52 -6.25 16.17
CA ASP A 28 -5.84 -6.73 15.73
C ASP A 28 -6.77 -6.79 16.96
N SER A 29 -7.73 -7.71 16.98
CA SER A 29 -8.63 -7.85 18.13
C SER A 29 -7.98 -8.63 19.29
N SER A 30 -7.41 -9.79 18.98
CA SER A 30 -6.90 -10.74 19.99
C SER A 30 -5.47 -10.45 20.45
N GLN A 31 -5.21 -9.17 20.82
CA GLN A 31 -3.93 -8.72 21.38
C GLN A 31 -2.72 -9.42 20.72
N GLN A 32 -2.81 -9.54 19.41
CA GLN A 32 -1.79 -10.16 18.57
C GLN A 32 -1.16 -9.13 17.66
N THR A 33 0.15 -9.07 17.71
CA THR A 33 0.92 -8.16 16.89
C THR A 33 1.31 -8.85 15.61
N LEU A 34 0.51 -8.62 14.59
CA LEU A 34 0.61 -9.36 13.34
C LEU A 34 1.98 -9.20 12.69
N ALA A 35 2.59 -8.03 12.88
CA ALA A 35 3.84 -7.70 12.20
C ALA A 35 5.07 -8.21 12.94
N ALA A 36 4.86 -8.85 14.10
CA ALA A 36 5.96 -9.31 14.97
C ALA A 36 7.11 -10.00 14.19
N PRO A 37 6.82 -10.92 13.24
CA PRO A 37 7.87 -11.59 12.45
C PRO A 37 8.57 -10.65 11.46
N LEU A 38 8.01 -9.47 11.24
CA LEU A 38 8.50 -8.57 10.21
C LEU A 38 9.36 -7.44 10.79
N LEU A 39 8.93 -6.83 11.90
CA LEU A 39 9.69 -5.71 12.47
C LEU A 39 10.90 -6.19 13.23
N ASN A 40 10.96 -7.49 13.44
CA ASN A 40 12.14 -8.14 14.01
C ASN A 40 12.67 -9.18 13.04
N LEU A 41 13.72 -8.82 12.32
CA LEU A 41 14.34 -9.69 11.34
C LEU A 41 15.01 -10.88 12.04
N PRO A 42 14.60 -12.10 11.67
CA PRO A 42 15.13 -13.35 12.23
C PRO A 42 16.66 -13.39 12.25
N PRO A 43 17.24 -13.67 13.43
CA PRO A 43 18.70 -13.71 13.64
C PRO A 43 19.42 -14.67 12.70
N LYS A 44 20.60 -14.24 12.26
CA LYS A 44 21.36 -14.91 11.21
C LYS A 44 21.87 -16.28 11.65
N LYS A 45 22.16 -16.42 12.94
CA LYS A 45 22.78 -17.65 13.46
C LYS A 45 21.97 -18.89 13.09
N LYS A 46 20.66 -18.79 13.17
CA LYS A 46 19.79 -19.92 12.89
C LYS A 46 18.90 -19.66 11.68
N ASN A 47 19.37 -18.81 10.78
CA ASN A 47 18.60 -18.44 9.60
C ASN A 47 19.49 -18.24 8.38
N ALA A 48 20.18 -19.30 7.99
CA ALA A 48 21.08 -19.25 6.85
C ALA A 48 20.28 -19.27 5.54
N ASP A 49 19.27 -20.12 5.50
CA ASP A 49 18.46 -20.31 4.31
C ASP A 49 17.64 -19.06 4.00
N TYR A 50 17.41 -18.25 5.02
CA TYR A 50 16.65 -17.01 4.86
C TYR A 50 17.29 -16.10 3.82
N TYR A 51 18.56 -15.74 4.01
CA TYR A 51 19.26 -14.90 3.03
C TYR A 51 19.64 -15.70 1.79
N GLU A 52 19.61 -17.02 1.90
CA GLU A 52 19.88 -17.87 0.74
C GLU A 52 18.78 -17.65 -0.29
N LYS A 53 17.55 -17.81 0.13
CA LYS A 53 16.42 -17.69 -0.77
C LYS A 53 15.98 -16.23 -0.93
N ILE A 54 16.03 -15.49 0.17
CA ILE A 54 15.62 -14.09 0.17
C ILE A 54 16.84 -13.18 0.24
N SER A 55 17.23 -12.61 -0.90
CA SER A 55 18.38 -11.72 -0.95
C SER A 55 17.97 -10.30 -0.54
N ASP A 56 16.66 -10.06 -0.47
CA ASP A 56 16.14 -8.77 -0.05
C ASP A 56 15.09 -8.93 1.05
N PRO A 57 15.47 -9.33 2.27
CA PRO A 57 14.55 -9.39 3.38
C PRO A 57 14.30 -8.00 3.95
N LEU A 58 13.61 -7.88 5.07
CA LEU A 58 13.39 -6.58 5.66
C LEU A 58 12.97 -6.68 7.12
N ASP A 59 13.67 -5.95 7.96
CA ASP A 59 13.21 -5.70 9.32
C ASP A 59 12.51 -4.35 9.40
N LEU A 60 11.22 -4.38 9.74
CA LEU A 60 10.40 -3.17 9.78
C LEU A 60 10.90 -2.13 10.78
N SER A 61 11.42 -2.59 11.91
CA SER A 61 11.99 -1.70 12.91
C SER A 61 13.16 -0.92 12.32
N THR A 62 13.80 -1.53 11.33
CA THR A 62 14.89 -0.90 10.61
C THR A 62 14.36 0.19 9.68
N ILE A 63 13.23 -0.08 9.01
CA ILE A 63 12.58 0.95 8.19
C ILE A 63 12.29 2.18 9.04
N GLU A 64 11.66 1.95 10.19
CA GLU A 64 11.33 3.02 11.14
C GLU A 64 12.52 3.95 11.33
N LYS A 65 13.62 3.38 11.76
CA LYS A 65 14.87 4.12 11.91
C LYS A 65 15.24 4.88 10.63
N GLN A 66 15.13 4.22 9.47
CA GLN A 66 15.52 4.82 8.20
C GLN A 66 14.53 5.90 7.77
N ILE A 67 13.34 5.85 8.35
CA ILE A 67 12.33 6.87 8.13
C ILE A 67 12.74 8.19 8.79
N LEU A 68 13.19 8.10 10.04
CA LEU A 68 13.58 9.29 10.79
C LEU A 68 14.79 9.98 10.18
N ILE A 69 15.68 9.19 9.59
CA ILE A 69 16.90 9.74 8.98
C ILE A 69 16.59 10.36 7.62
N GLY A 70 15.35 10.20 7.17
CA GLY A 70 14.91 10.81 5.93
C GLY A 70 15.59 10.23 4.71
N TYR A 71 15.80 8.92 4.71
CA TYR A 71 16.52 8.25 3.64
C TYR A 71 15.60 7.98 2.46
N TYR A 72 14.36 7.64 2.75
CA TYR A 72 13.38 7.33 1.71
C TYR A 72 12.87 8.62 1.08
N LYS A 73 12.77 9.66 1.90
CA LYS A 73 12.28 10.98 1.49
C LYS A 73 10.80 10.98 1.12
N THR A 74 10.48 10.37 -0.01
CA THR A 74 9.12 10.40 -0.52
C THR A 74 8.47 9.00 -0.45
N VAL A 75 7.20 8.92 -0.83
CA VAL A 75 6.41 7.70 -0.66
C VAL A 75 6.77 6.64 -1.71
N GLU A 76 7.39 7.06 -2.81
CA GLU A 76 7.74 6.14 -3.88
C GLU A 76 8.50 4.91 -3.35
N ALA A 77 9.73 5.15 -2.89
CA ALA A 77 10.56 4.08 -2.37
C ALA A 77 9.99 3.52 -1.08
N PHE A 78 9.38 4.40 -0.29
CA PHE A 78 8.72 4.00 0.95
C PHE A 78 7.70 2.88 0.71
N ASP A 79 6.82 3.09 -0.27
CA ASP A 79 5.80 2.11 -0.63
C ASP A 79 6.45 0.78 -1.02
N ALA A 80 7.52 0.88 -1.80
CA ALA A 80 8.23 -0.31 -2.29
C ALA A 80 8.78 -1.15 -1.14
N ASP A 81 9.31 -0.49 -0.12
CA ASP A 81 9.96 -1.20 0.99
C ASP A 81 8.95 -1.94 1.87
N MET A 82 7.86 -1.28 2.25
CA MET A 82 6.88 -1.91 3.11
C MET A 82 6.29 -3.15 2.44
N LEU A 83 5.92 -3.02 1.18
CA LEU A 83 5.38 -4.14 0.44
C LEU A 83 6.43 -5.23 0.27
N LYS A 84 7.70 -4.84 0.30
CA LYS A 84 8.82 -5.78 0.18
C LYS A 84 8.78 -6.80 1.32
N VAL A 85 8.60 -6.30 2.55
CA VAL A 85 8.56 -7.17 3.72
C VAL A 85 7.39 -8.14 3.62
N PHE A 86 6.22 -7.60 3.31
CA PHE A 86 5.01 -8.41 3.22
C PHE A 86 5.11 -9.44 2.09
N ARG A 87 5.79 -9.07 1.00
CA ARG A 87 5.89 -9.95 -0.15
C ARG A 87 6.80 -11.15 0.12
N ASN A 88 7.97 -10.92 0.71
CA ASN A 88 8.88 -12.02 0.99
C ASN A 88 8.31 -12.90 2.10
N ALA A 89 7.46 -12.31 2.93
CA ALA A 89 6.72 -13.07 3.93
C ALA A 89 5.75 -14.03 3.25
N GLU A 90 4.94 -13.49 2.37
CA GLU A 90 4.03 -14.28 1.52
C GLU A 90 4.79 -15.32 0.70
N LYS A 91 5.92 -14.92 0.15
CA LYS A 91 6.73 -15.80 -0.68
C LYS A 91 7.27 -16.97 0.13
N TYR A 92 7.99 -16.66 1.21
CA TYR A 92 8.62 -17.67 2.04
C TYR A 92 7.59 -18.46 2.82
N TYR A 93 6.82 -17.76 3.65
CA TYR A 93 5.84 -18.40 4.52
C TYR A 93 4.55 -18.75 3.77
N GLY A 94 3.79 -17.74 3.34
CA GLY A 94 2.54 -18.00 2.65
C GLY A 94 1.35 -17.77 3.54
N ARG A 95 0.18 -17.57 2.96
CA ARG A 95 -1.04 -17.28 3.72
C ARG A 95 -1.52 -18.47 4.55
N LYS A 96 -0.93 -19.64 4.32
CA LYS A 96 -1.31 -20.82 5.08
C LYS A 96 -0.25 -21.11 6.16
N SER A 97 0.58 -20.12 6.44
CA SER A 97 1.61 -20.25 7.46
C SER A 97 1.16 -19.51 8.72
N PRO A 98 1.88 -19.64 9.84
CA PRO A 98 1.58 -18.90 11.06
C PRO A 98 1.41 -17.40 10.82
N ILE A 99 2.29 -16.82 10.00
CA ILE A 99 2.31 -15.37 9.81
C ILE A 99 1.46 -14.91 8.62
N GLY A 100 1.05 -15.87 7.79
CA GLY A 100 0.36 -15.58 6.54
C GLY A 100 -0.76 -14.53 6.65
N ARG A 101 -1.85 -14.89 7.31
CA ARG A 101 -3.01 -14.01 7.42
C ARG A 101 -2.62 -12.68 8.07
N ASP A 102 -1.72 -12.76 9.04
CA ASP A 102 -1.31 -11.59 9.81
C ASP A 102 -0.74 -10.50 8.92
N VAL A 103 0.25 -10.84 8.11
CA VAL A 103 0.95 -9.82 7.35
C VAL A 103 0.12 -9.30 6.20
N CYS A 104 -0.82 -10.12 5.69
CA CYS A 104 -1.64 -9.67 4.57
C CYS A 104 -2.69 -8.67 5.03
N ARG A 105 -3.15 -8.79 6.28
CA ARG A 105 -4.08 -7.80 6.81
C ARG A 105 -3.33 -6.53 7.21
N LEU A 106 -2.05 -6.69 7.58
CA LEU A 106 -1.17 -5.55 7.81
C LEU A 106 -0.99 -4.78 6.54
N ARG A 107 -0.67 -5.51 5.47
CA ARG A 107 -0.49 -4.94 4.15
C ARG A 107 -1.77 -4.24 3.70
N LYS A 108 -2.90 -4.76 4.16
CA LYS A 108 -4.20 -4.16 3.81
C LYS A 108 -4.41 -2.90 4.63
N ALA A 109 -4.05 -2.98 5.90
CA ALA A 109 -4.20 -1.88 6.81
C ALA A 109 -3.18 -0.78 6.51
N TYR A 110 -2.12 -1.17 5.81
CA TYR A 110 -1.13 -0.24 5.33
C TYR A 110 -1.72 0.63 4.23
N TYR A 111 -2.32 -0.01 3.22
CA TYR A 111 -2.97 0.74 2.15
C TYR A 111 -4.10 1.58 2.74
N SER A 112 -4.73 1.05 3.78
CA SER A 112 -5.75 1.78 4.50
C SER A 112 -5.17 3.07 5.08
N ALA A 113 -4.12 2.94 5.91
CA ALA A 113 -3.47 4.11 6.51
C ALA A 113 -2.91 5.04 5.44
N ARG A 114 -2.33 4.45 4.40
CA ARG A 114 -1.84 5.21 3.26
C ARG A 114 -2.95 6.06 2.67
N HIS A 115 -4.10 5.44 2.45
CA HIS A 115 -5.26 6.12 1.90
C HIS A 115 -5.76 7.19 2.86
N GLU A 116 -5.69 6.90 4.15
CA GLU A 116 -6.12 7.85 5.18
C GLU A 116 -5.19 9.05 5.22
N ALA A 117 -3.88 8.80 5.21
CA ALA A 117 -2.90 9.85 5.36
C ALA A 117 -2.53 10.49 4.03
N SER A 118 -3.20 10.05 2.98
CA SER A 118 -3.06 10.68 1.67
C SER A 118 -3.34 12.17 1.74
N ALA A 119 -4.18 12.58 2.70
CA ALA A 119 -4.51 13.98 2.91
C ALA A 119 -3.26 14.86 3.02
N GLN A 120 -2.50 14.65 4.10
CA GLN A 120 -1.28 15.42 4.33
C GLN A 120 -0.32 15.29 3.16
N ILE A 121 -0.13 14.06 2.69
CA ILE A 121 0.78 13.83 1.59
C ILE A 121 0.36 14.61 0.35
N ASP A 122 -0.93 14.57 0.03
CA ASP A 122 -1.43 15.19 -1.20
C ASP A 122 -1.24 16.69 -1.21
N GLU A 123 -1.59 17.36 -0.12
CA GLU A 123 -1.51 18.82 -0.05
C GLU A 123 -0.07 19.30 -0.11
N ILE A 124 0.85 18.45 0.31
CA ILE A 124 2.27 18.80 0.34
C ILE A 124 3.00 18.29 -0.90
N VAL A 125 2.90 17.00 -1.14
CA VAL A 125 3.60 16.39 -2.27
C VAL A 125 2.98 16.85 -3.59
N GLY A 126 1.69 17.17 -3.53
CA GLY A 126 1.00 17.72 -4.69
C GLY A 126 0.68 16.68 -5.71
N GLU A 127 0.67 15.43 -5.28
CA GLU A 127 0.56 14.27 -6.16
C GLU A 127 1.55 14.36 -7.31
N THR A 128 2.74 14.87 -7.01
CA THR A 128 3.79 14.99 -8.01
C THR A 128 4.43 13.64 -8.25
N ALA A 129 4.13 12.70 -7.36
CA ALA A 129 4.61 11.33 -7.49
C ALA A 129 3.53 10.48 -8.12
N SER A 130 2.55 11.15 -8.73
CA SER A 130 1.39 10.51 -9.32
C SER A 130 0.54 9.84 -8.25
N GLU A 131 -0.46 9.06 -8.66
CA GLU A 131 -1.36 8.40 -7.72
C GLU A 131 -0.61 7.42 -6.82
N ALA A 132 0.34 6.70 -7.40
CA ALA A 132 1.03 5.60 -6.70
C ALA A 132 0.03 4.50 -6.37
N ASP A 133 -0.83 4.21 -7.34
CA ASP A 133 -1.93 3.29 -7.16
C ASP A 133 -1.64 2.00 -7.91
N SER A 134 -0.57 1.36 -7.50
CA SER A 134 -0.18 0.06 -8.01
C SER A 134 -0.28 -0.95 -6.87
N SER A 135 -1.30 -0.72 -6.06
CA SER A 135 -1.50 -1.45 -4.83
C SER A 135 -1.97 -2.89 -5.07
N GLU A 136 -2.09 -3.63 -3.97
CA GLU A 136 -2.57 -5.00 -3.98
C GLU A 136 -1.71 -5.95 -4.81
N THR A 137 -2.06 -7.22 -4.77
CA THR A 137 -1.35 -8.24 -5.51
C THR A 137 -2.33 -9.32 -5.98
N SER A 138 -3.54 -9.28 -5.46
CA SER A 138 -4.56 -10.26 -5.79
C SER A 138 -5.74 -9.63 -6.51
N VAL A 139 -6.29 -8.58 -5.92
CA VAL A 139 -7.52 -7.97 -6.43
C VAL A 139 -7.26 -6.54 -6.89
N SER A 140 -8.29 -5.92 -7.45
CA SER A 140 -8.21 -4.54 -7.88
C SER A 140 -9.06 -3.66 -6.97
N GLU A 141 -10.35 -3.94 -6.92
CA GLU A 141 -11.28 -3.16 -6.14
C GLU A 141 -11.21 -3.56 -4.67
N LYS A 142 -10.83 -4.81 -4.44
CA LYS A 142 -10.69 -5.41 -3.11
C LYS A 142 -11.79 -4.97 -2.15
N GLU A 143 -11.44 -4.15 -1.17
CA GLU A 143 -12.40 -3.67 -0.20
C GLU A 143 -12.65 -2.18 -0.37
N SER A 144 -11.61 -1.38 -0.18
CA SER A 144 -11.69 0.07 -0.34
C SER A 144 -12.69 0.67 0.66
N GLY A 145 -12.32 0.62 1.93
CA GLY A 145 -13.19 1.09 2.97
C GLY A 145 -14.09 -0.01 3.47
N HIS A 146 -15.37 0.12 3.19
CA HIS A 146 -16.35 -0.86 3.58
C HIS A 146 -17.17 -1.33 2.38
N GLU A 147 -17.72 -0.37 1.64
CA GLU A 147 -18.64 -0.69 0.56
C GLU A 147 -17.96 -0.47 -0.79
N LYS A 148 -18.67 -0.80 -1.86
CA LYS A 148 -18.14 -0.70 -3.20
C LYS A 148 -19.24 -0.25 -4.15
N ASP A 149 -19.97 0.76 -3.68
CA ASP A 149 -21.09 1.37 -4.40
C ASP A 149 -21.96 0.35 -5.14
N ASP A 150 -22.18 -0.80 -4.51
CA ASP A 150 -23.17 -1.75 -4.99
C ASP A 150 -24.18 -1.98 -3.90
N ASP A 151 -25.22 -2.75 -4.22
CA ASP A 151 -26.32 -3.00 -3.29
C ASP A 151 -26.85 -1.68 -2.71
N VAL A 152 -26.69 -0.61 -3.48
CA VAL A 152 -27.03 0.72 -3.02
C VAL A 152 -28.53 0.97 -3.04
N ILE A 153 -29.10 1.11 -1.85
CA ILE A 153 -30.51 1.43 -1.70
C ILE A 153 -30.73 2.91 -1.95
N ARG A 154 -31.75 3.26 -2.71
CA ARG A 154 -32.05 4.66 -2.93
C ARG A 154 -33.55 4.85 -3.11
N CYS A 155 -34.31 4.86 -2.01
CA CYS A 155 -35.72 5.09 -2.11
C CYS A 155 -36.26 5.98 -0.98
N ILE A 156 -37.19 6.88 -1.32
CA ILE A 156 -37.78 7.85 -0.40
C ILE A 156 -38.41 7.24 0.86
N CYS A 157 -38.59 5.92 0.94
CA CYS A 157 -39.09 5.34 2.20
C CYS A 157 -38.04 5.53 3.29
N GLY A 158 -36.80 5.72 2.85
CA GLY A 158 -35.76 6.27 3.72
C GLY A 158 -35.27 5.30 4.78
N LEU A 159 -35.09 4.05 4.42
CA LEU A 159 -34.48 3.08 5.32
C LEU A 159 -33.03 2.83 4.91
N TYR A 160 -32.80 2.77 3.61
CA TYR A 160 -31.52 2.36 3.04
C TYR A 160 -31.18 0.94 3.51
N LYS A 161 -32.18 0.06 3.50
CA LYS A 161 -31.92 -1.33 3.85
C LYS A 161 -32.65 -2.25 2.87
N ASP A 162 -31.91 -3.24 2.42
CA ASP A 162 -32.36 -4.19 1.46
C ASP A 162 -33.26 -5.26 2.06
N GLU A 163 -34.48 -4.88 2.38
CA GLU A 163 -35.49 -5.84 2.81
C GLU A 163 -36.79 -5.64 2.04
N GLY A 164 -37.57 -6.70 1.95
CA GLY A 164 -38.86 -6.64 1.28
C GLY A 164 -38.76 -6.86 -0.22
N LEU A 165 -39.76 -6.37 -0.93
CA LEU A 165 -39.84 -6.50 -2.38
C LEU A 165 -39.39 -5.19 -3.03
N MET A 166 -38.53 -5.29 -4.04
CA MET A 166 -37.98 -4.10 -4.67
C MET A 166 -37.58 -4.36 -6.12
N ILE A 167 -37.49 -3.28 -6.90
CA ILE A 167 -37.03 -3.37 -8.27
C ILE A 167 -35.74 -2.55 -8.45
N GLN A 168 -35.21 -2.55 -9.66
CA GLN A 168 -33.91 -1.93 -9.94
C GLN A 168 -34.06 -0.83 -11.01
N CYS A 169 -33.41 0.32 -10.81
CA CYS A 169 -33.39 1.34 -11.84
C CYS A 169 -32.60 0.83 -13.04
N ASP A 170 -33.27 0.77 -14.21
CA ASP A 170 -32.67 0.27 -15.44
C ASP A 170 -31.37 0.98 -15.76
N LYS A 171 -31.23 2.22 -15.29
CA LYS A 171 -30.05 3.01 -15.59
C LYS A 171 -29.04 2.98 -14.44
N CYS A 172 -29.53 3.18 -13.21
CA CYS A 172 -28.65 3.28 -12.05
C CYS A 172 -28.17 1.93 -11.57
N MET A 173 -29.04 0.94 -11.75
CA MET A 173 -28.87 -0.37 -11.10
C MET A 173 -29.06 -0.24 -9.57
N VAL A 174 -29.67 0.88 -9.14
CA VAL A 174 -29.98 1.09 -7.72
C VAL A 174 -31.23 0.31 -7.33
N TRP A 175 -31.47 0.22 -6.03
CA TRP A 175 -32.59 -0.56 -5.53
C TRP A 175 -33.66 0.33 -4.92
N GLN A 176 -34.89 0.06 -5.29
CA GLN A 176 -36.03 0.80 -4.78
C GLN A 176 -37.17 -0.17 -4.54
N HIS A 177 -37.80 -0.07 -3.37
CA HIS A 177 -38.79 -1.06 -2.97
C HIS A 177 -40.13 -0.83 -3.64
N CYS A 178 -40.92 -1.89 -3.65
CA CYS A 178 -42.31 -1.82 -4.07
C CYS A 178 -43.15 -1.01 -3.09
N ASP A 179 -42.85 -1.16 -1.79
CA ASP A 179 -43.58 -0.44 -0.75
C ASP A 179 -43.52 1.07 -0.95
N CYS A 180 -42.32 1.60 -1.05
CA CYS A 180 -42.12 3.04 -1.20
C CYS A 180 -42.63 3.56 -2.53
N MET A 181 -42.18 2.98 -3.63
CA MET A 181 -42.47 3.55 -4.95
C MET A 181 -43.88 3.20 -5.42
N GLY A 182 -44.48 2.19 -4.82
CA GLY A 182 -45.81 1.77 -5.21
C GLY A 182 -45.78 0.97 -6.50
N VAL A 183 -44.83 0.05 -6.58
CA VAL A 183 -44.63 -0.73 -7.79
C VAL A 183 -45.46 -2.00 -7.74
N ASN A 184 -45.74 -2.58 -8.88
CA ASN A 184 -46.56 -3.80 -8.96
C ASN A 184 -45.69 -4.96 -9.45
N THR A 185 -44.41 -4.66 -9.57
CA THR A 185 -43.41 -5.57 -10.13
C THR A 185 -43.85 -6.14 -11.48
N ASP A 186 -44.62 -5.37 -12.21
CA ASP A 186 -45.03 -5.74 -13.55
C ASP A 186 -44.30 -4.87 -14.56
N VAL A 187 -43.47 -3.97 -14.04
CA VAL A 187 -42.72 -3.05 -14.88
C VAL A 187 -41.74 -3.78 -15.78
N GLU A 188 -41.88 -3.57 -17.08
CA GLU A 188 -40.96 -4.14 -18.05
C GLU A 188 -39.67 -3.34 -18.08
N HIS A 189 -39.79 -2.05 -17.81
CA HIS A 189 -38.65 -1.16 -17.70
C HIS A 189 -38.94 -0.09 -16.67
N TYR A 190 -38.14 -0.06 -15.63
CA TYR A 190 -38.38 0.84 -14.52
C TYR A 190 -37.22 1.80 -14.33
N LEU A 191 -37.54 3.05 -14.05
CA LEU A 191 -36.52 4.05 -13.80
C LEU A 191 -36.82 4.84 -12.54
N CYS A 192 -35.76 5.36 -11.94
CA CYS A 192 -35.84 5.98 -10.63
C CYS A 192 -36.26 7.44 -10.77
N GLU A 193 -36.62 8.04 -9.64
CA GLU A 193 -37.19 9.39 -9.61
C GLU A 193 -36.19 10.45 -10.03
N GLN A 194 -34.93 10.07 -10.16
CA GLN A 194 -33.89 11.00 -10.59
C GLN A 194 -33.63 10.91 -12.09
N CYS A 195 -33.54 9.68 -12.60
CA CYS A 195 -33.33 9.47 -14.03
C CYS A 195 -34.50 10.00 -14.84
N ASP A 196 -35.63 9.39 -14.59
CA ASP A 196 -36.84 9.68 -15.33
C ASP A 196 -38.03 9.62 -14.37
N PRO A 197 -38.29 10.73 -13.67
CA PRO A 197 -39.34 10.81 -12.66
C PRO A 197 -40.73 10.61 -13.23
N ARG A 198 -41.63 10.15 -12.38
CA ARG A 198 -43.01 9.96 -12.79
C ARG A 198 -43.97 10.70 -11.87
N PRO A 199 -44.57 11.81 -12.34
CA PRO A 199 -45.62 12.49 -11.60
C PRO A 199 -46.92 11.72 -11.74
N VAL A 200 -47.46 11.26 -10.62
CA VAL A 200 -48.62 10.39 -10.65
C VAL A 200 -49.85 11.09 -10.10
N ASP A 201 -50.88 11.17 -10.92
CA ASP A 201 -52.17 11.67 -10.49
C ASP A 201 -53.13 10.50 -10.33
N ARG A 202 -52.71 9.36 -10.87
CA ARG A 202 -53.53 8.15 -10.88
C ARG A 202 -53.51 7.45 -9.52
N GLU A 203 -54.69 7.34 -8.92
CA GLU A 203 -54.90 6.57 -7.69
C GLU A 203 -53.87 6.90 -6.61
N VAL A 204 -53.95 8.11 -6.08
CA VAL A 204 -53.04 8.54 -5.02
C VAL A 204 -53.75 8.45 -3.67
N PRO A 205 -53.37 7.47 -2.84
CA PRO A 205 -53.97 7.25 -1.53
C PRO A 205 -53.74 8.42 -0.59
N ALA B 1 -37.79 -5.21 -16.00
CA ALA B 1 -37.07 -4.62 -14.86
C ALA B 1 -36.52 -5.71 -13.95
N ARG B 2 -35.38 -5.44 -13.34
CA ARG B 2 -34.79 -6.39 -12.40
C ARG B 2 -35.46 -6.24 -11.05
N THR B 3 -35.76 -7.36 -10.41
CA THR B 3 -36.44 -7.33 -9.13
C THR B 3 -35.66 -8.12 -8.09
N GLN B 5 -36.35 -9.92 -4.04
CA GLN B 5 -37.28 -10.23 -2.96
C GLN B 5 -36.52 -10.73 -1.74
N THR B 6 -36.31 -9.84 -0.77
CA THR B 6 -35.60 -10.18 0.47
C THR B 6 -34.10 -10.40 0.21
N ALA B 7 -33.28 -9.94 1.13
CA ALA B 7 -31.84 -10.09 1.01
C ALA B 7 -31.36 -11.35 1.71
N ARG B 8 -30.46 -12.07 1.06
CA ARG B 8 -29.91 -13.29 1.61
C ARG B 8 -28.42 -13.38 1.33
N LYS B 9 -27.63 -13.36 2.39
CA LYS B 9 -26.17 -13.43 2.26
C LYS B 9 -25.67 -14.82 2.60
N SER B 10 -26.13 -15.81 1.86
CA SER B 10 -25.73 -17.19 2.09
C SER B 10 -24.40 -17.48 1.39
N THR B 11 -23.35 -16.88 1.91
CA THR B 11 -22.02 -17.06 1.37
C THR B 11 -21.01 -17.08 2.52
N GLY B 12 -19.73 -17.18 2.20
CA GLY B 12 -18.72 -17.25 3.23
C GLY B 12 -18.17 -18.66 3.35
N SER A 1 12.76 31.45 -1.47
CA SER A 1 13.88 30.84 -0.71
C SER A 1 13.39 29.69 0.15
N MET A 2 13.35 28.49 -0.43
CA MET A 2 12.90 27.31 0.26
C MET A 2 13.24 26.07 -0.55
N ASN A 3 13.79 25.06 0.10
CA ASN A 3 14.13 23.82 -0.57
C ASN A 3 13.02 22.80 -0.34
N ILE A 4 12.19 22.63 -1.36
CA ILE A 4 11.00 21.78 -1.26
C ILE A 4 11.35 20.37 -0.84
N GLU A 5 12.44 19.84 -1.37
CA GLU A 5 12.79 18.46 -1.13
C GLU A 5 13.06 18.21 0.36
N VAL A 6 13.68 19.18 1.02
CA VAL A 6 14.01 19.03 2.44
C VAL A 6 12.76 19.23 3.30
N ALA A 7 11.83 20.05 2.81
CA ALA A 7 10.59 20.30 3.52
C ALA A 7 9.68 19.09 3.39
N ARG A 8 9.55 18.60 2.17
CA ARG A 8 8.75 17.42 1.88
C ARG A 8 9.30 16.19 2.60
N ALA A 9 10.60 15.99 2.52
CA ALA A 9 11.23 14.82 3.12
C ALA A 9 11.01 14.79 4.63
N ALA A 10 11.21 15.94 5.27
CA ALA A 10 11.05 16.03 6.71
C ALA A 10 9.57 15.92 7.10
N ARG A 11 8.70 16.45 6.26
CA ARG A 11 7.26 16.42 6.53
C ARG A 11 6.78 14.96 6.57
N LEU A 12 6.95 14.27 5.45
CA LEU A 12 6.54 12.88 5.33
C LEU A 12 7.31 12.01 6.30
N ALA A 13 8.53 12.40 6.67
CA ALA A 13 9.35 11.60 7.58
C ALA A 13 8.65 11.42 8.93
N GLN A 14 8.22 12.53 9.53
CA GLN A 14 7.51 12.49 10.81
C GLN A 14 6.19 11.76 10.64
N ILE A 15 5.62 11.89 9.46
CA ILE A 15 4.33 11.30 9.14
C ILE A 15 4.44 9.80 8.86
N PHE A 16 5.45 9.39 8.11
CA PHE A 16 5.69 7.98 7.88
C PHE A 16 5.90 7.29 9.22
N LYS A 17 6.54 8.02 10.12
CA LYS A 17 6.76 7.54 11.47
C LYS A 17 5.41 7.22 12.13
N GLU A 18 4.46 8.12 11.96
CA GLU A 18 3.10 7.91 12.44
C GLU A 18 2.50 6.67 11.75
N ILE A 19 2.64 6.63 10.44
CA ILE A 19 2.07 5.54 9.63
C ILE A 19 2.67 4.18 9.99
N CYS A 20 3.99 4.08 9.92
CA CYS A 20 4.67 2.81 10.17
C CYS A 20 4.47 2.36 11.61
N ASP A 21 4.44 3.32 12.53
CA ASP A 21 4.17 3.02 13.94
C ASP A 21 2.82 2.36 14.07
N GLY A 22 1.89 2.80 13.23
CA GLY A 22 0.59 2.16 13.17
C GLY A 22 0.69 0.76 12.61
N ILE A 23 1.33 0.62 11.46
CA ILE A 23 1.48 -0.67 10.78
C ILE A 23 2.13 -1.69 11.70
N ILE A 24 3.21 -1.29 12.33
CA ILE A 24 3.92 -2.15 13.28
C ILE A 24 3.04 -2.49 14.47
N SER A 25 2.45 -1.46 15.06
CA SER A 25 1.78 -1.62 16.33
C SER A 25 0.25 -1.50 16.26
N TYR A 26 -0.37 -1.88 15.14
CA TYR A 26 -1.80 -2.15 15.20
C TYR A 26 -1.99 -3.63 15.40
N ARG A 27 -3.17 -4.01 15.82
CA ARG A 27 -3.36 -5.28 16.49
C ARG A 27 -4.65 -5.96 16.08
N ASP A 28 -4.67 -7.27 16.27
CA ASP A 28 -5.89 -8.05 16.15
C ASP A 28 -6.67 -7.95 17.47
N SER A 29 -7.86 -8.54 17.55
CA SER A 29 -8.66 -8.49 18.77
C SER A 29 -7.84 -8.98 19.97
N SER A 30 -6.97 -9.95 19.73
CA SER A 30 -6.13 -10.53 20.79
C SER A 30 -4.97 -9.60 21.18
N GLN A 31 -4.99 -8.38 20.62
CA GLN A 31 -3.98 -7.36 20.93
C GLN A 31 -2.58 -7.81 20.49
N GLN A 32 -2.54 -8.58 19.43
CA GLN A 32 -1.28 -9.08 18.88
C GLN A 32 -0.77 -8.17 17.77
N THR A 33 0.53 -7.88 17.83
CA THR A 33 1.21 -7.11 16.79
C THR A 33 1.75 -8.06 15.73
N LEU A 34 1.25 -7.92 14.52
CA LEU A 34 1.47 -8.90 13.48
C LEU A 34 2.68 -8.57 12.61
N ALA A 35 3.21 -7.36 12.79
CA ALA A 35 4.33 -6.91 11.96
C ALA A 35 5.67 -7.30 12.58
N ALA A 36 5.60 -7.97 13.72
CA ALA A 36 6.79 -8.39 14.47
C ALA A 36 7.73 -9.28 13.65
N PRO A 37 7.22 -10.34 12.97
CA PRO A 37 8.07 -11.23 12.16
C PRO A 37 8.84 -10.49 11.08
N LEU A 38 8.27 -9.39 10.61
CA LEU A 38 8.89 -8.59 9.55
C LEU A 38 9.69 -7.45 10.16
N LEU A 39 9.48 -7.23 11.45
CA LEU A 39 10.10 -6.12 12.15
C LEU A 39 11.51 -6.47 12.62
N ASN A 40 11.77 -7.76 12.79
CA ASN A 40 13.11 -8.26 13.14
C ASN A 40 13.74 -9.01 11.97
N LEU A 41 15.07 -8.98 11.87
CA LEU A 41 15.79 -9.95 11.07
C LEU A 41 16.32 -11.04 11.98
N PRO A 42 15.63 -12.19 11.98
CA PRO A 42 15.80 -13.29 12.91
C PRO A 42 16.40 -14.56 12.33
N PRO A 43 17.18 -15.32 13.12
CA PRO A 43 17.32 -16.73 12.81
C PRO A 43 15.99 -17.42 13.04
N LYS A 44 15.35 -17.76 11.93
CA LYS A 44 14.15 -18.57 11.96
C LYS A 44 14.44 -19.88 12.70
N LYS A 45 15.18 -20.78 12.07
CA LYS A 45 15.90 -21.80 12.79
C LYS A 45 17.36 -21.38 12.99
N LYS A 46 18.12 -21.32 11.90
CA LYS A 46 19.51 -20.82 11.97
C LYS A 46 19.70 -19.52 11.18
N ASN A 47 18.67 -19.14 10.41
CA ASN A 47 18.65 -17.88 9.66
C ASN A 47 19.29 -18.00 8.28
N ALA A 48 19.50 -19.22 7.82
CA ALA A 48 20.12 -19.46 6.53
C ALA A 48 19.08 -19.57 5.39
N ASP A 49 18.30 -20.65 5.40
CA ASP A 49 17.57 -21.13 4.21
C ASP A 49 16.60 -20.09 3.60
N TYR A 50 15.59 -19.68 4.39
CA TYR A 50 14.58 -18.71 3.94
C TYR A 50 15.21 -17.54 3.19
N TYR A 51 16.29 -17.01 3.73
CA TYR A 51 16.87 -15.78 3.22
C TYR A 51 18.02 -16.08 2.26
N GLU A 52 18.29 -17.36 2.08
CA GLU A 52 19.24 -17.79 1.07
C GLU A 52 18.62 -17.66 -0.32
N LYS A 53 17.38 -18.13 -0.46
CA LYS A 53 16.64 -17.93 -1.71
C LYS A 53 16.20 -16.47 -1.86
N ILE A 54 15.64 -15.90 -0.80
CA ILE A 54 15.31 -14.49 -0.80
C ILE A 54 16.42 -13.73 -0.08
N SER A 55 17.51 -13.49 -0.79
CA SER A 55 18.70 -12.89 -0.20
C SER A 55 18.49 -11.43 0.18
N ASP A 56 17.35 -10.89 -0.22
CA ASP A 56 16.98 -9.54 0.16
C ASP A 56 15.62 -9.52 0.86
N PRO A 57 15.54 -9.94 2.13
CA PRO A 57 14.35 -9.73 2.94
C PRO A 57 14.32 -8.29 3.44
N LEU A 58 13.71 -8.05 4.59
CA LEU A 58 13.69 -6.72 5.15
C LEU A 58 13.27 -6.72 6.62
N ASP A 59 13.65 -5.65 7.31
CA ASP A 59 13.40 -5.49 8.73
C ASP A 59 12.69 -4.15 8.97
N LEU A 60 11.43 -4.23 9.39
CA LEU A 60 10.59 -3.06 9.56
C LEU A 60 11.15 -2.07 10.57
N SER A 61 11.75 -2.58 11.64
CA SER A 61 12.33 -1.73 12.66
C SER A 61 13.42 -0.85 12.08
N THR A 62 14.15 -1.39 11.11
CA THR A 62 15.17 -0.64 10.41
C THR A 62 14.52 0.41 9.51
N ILE A 63 13.47 0.00 8.81
CA ILE A 63 12.73 0.90 7.92
C ILE A 63 12.19 2.10 8.70
N GLU A 64 11.60 1.81 9.86
CA GLU A 64 11.11 2.85 10.78
C GLU A 64 12.22 3.85 11.11
N LYS A 65 13.31 3.33 11.64
CA LYS A 65 14.49 4.14 11.94
C LYS A 65 15.02 4.89 10.69
N GLN A 66 14.97 4.24 9.52
CA GLN A 66 15.41 4.88 8.28
C GLN A 66 14.42 5.96 7.83
N ILE A 67 13.21 5.88 8.35
CA ILE A 67 12.20 6.90 8.10
C ILE A 67 12.55 8.19 8.84
N LEU A 68 12.96 8.06 10.11
CA LEU A 68 13.33 9.21 10.92
C LEU A 68 14.53 9.94 10.32
N ILE A 69 15.45 9.19 9.74
CA ILE A 69 16.64 9.77 9.14
C ILE A 69 16.33 10.35 7.75
N GLY A 70 15.09 10.15 7.30
CA GLY A 70 14.63 10.71 6.04
C GLY A 70 15.34 10.12 4.84
N TYR A 71 15.58 8.82 4.87
CA TYR A 71 16.29 8.15 3.78
C TYR A 71 15.40 7.97 2.56
N TYR A 72 14.11 7.78 2.81
CA TYR A 72 13.16 7.50 1.73
C TYR A 72 12.66 8.77 1.07
N LYS A 73 12.52 9.83 1.89
CA LYS A 73 12.05 11.14 1.43
C LYS A 73 10.56 11.11 1.08
N THR A 74 10.23 10.40 0.00
CA THR A 74 8.84 10.33 -0.46
C THR A 74 8.24 8.96 -0.18
N VAL A 75 6.98 8.78 -0.55
CA VAL A 75 6.30 7.50 -0.35
C VAL A 75 6.72 6.47 -1.39
N GLU A 76 7.45 6.93 -2.40
CA GLU A 76 7.91 6.06 -3.49
C GLU A 76 8.62 4.81 -2.94
N ALA A 77 9.80 5.03 -2.36
CA ALA A 77 10.58 3.94 -1.80
C ALA A 77 9.93 3.39 -0.55
N PHE A 78 9.23 4.26 0.17
CA PHE A 78 8.47 3.84 1.35
C PHE A 78 7.49 2.72 1.01
N ASP A 79 6.70 2.92 -0.06
CA ASP A 79 5.75 1.92 -0.52
C ASP A 79 6.46 0.63 -0.88
N ALA A 80 7.61 0.79 -1.53
CA ALA A 80 8.43 -0.35 -1.92
C ALA A 80 8.78 -1.19 -0.70
N ASP A 81 9.45 -0.57 0.28
CA ASP A 81 9.91 -1.27 1.48
C ASP A 81 8.78 -1.98 2.21
N MET A 82 7.63 -1.34 2.28
CA MET A 82 6.46 -1.91 2.96
C MET A 82 5.96 -3.17 2.25
N LEU A 83 5.68 -3.05 0.96
CA LEU A 83 5.21 -4.18 0.19
C LEU A 83 6.25 -5.28 0.14
N LYS A 84 7.50 -4.90 0.28
CA LYS A 84 8.62 -5.83 0.25
C LYS A 84 8.56 -6.83 1.41
N VAL A 85 8.42 -6.32 2.63
CA VAL A 85 8.35 -7.20 3.80
C VAL A 85 7.14 -8.13 3.71
N PHE A 86 6.01 -7.60 3.27
CA PHE A 86 4.79 -8.40 3.16
C PHE A 86 4.92 -9.48 2.08
N ARG A 87 5.47 -9.11 0.91
CA ARG A 87 5.49 -10.03 -0.23
C ARG A 87 6.44 -11.19 0.00
N ASN A 88 7.57 -10.95 0.67
CA ASN A 88 8.49 -12.04 0.97
C ASN A 88 7.85 -12.97 1.98
N ALA A 89 7.17 -12.36 2.95
CA ALA A 89 6.41 -13.09 3.97
C ALA A 89 5.34 -13.97 3.31
N GLU A 90 4.42 -13.33 2.59
CA GLU A 90 3.32 -14.01 1.91
C GLU A 90 3.81 -15.05 0.91
N LYS A 91 5.01 -14.86 0.38
CA LYS A 91 5.55 -15.75 -0.61
C LYS A 91 5.92 -17.11 0.01
N TYR A 92 7.01 -17.14 0.74
CA TYR A 92 7.63 -18.39 1.15
C TYR A 92 7.20 -18.83 2.55
N TYR A 93 6.86 -17.88 3.43
CA TYR A 93 6.31 -18.24 4.75
C TYR A 93 5.00 -19.03 4.58
N GLY A 94 4.02 -18.38 3.94
CA GLY A 94 2.68 -18.96 3.76
C GLY A 94 2.64 -20.47 3.54
N ARG A 95 3.51 -21.00 2.68
CA ARG A 95 3.55 -22.44 2.39
C ARG A 95 3.51 -23.32 3.65
N LYS A 96 4.14 -22.88 4.74
CA LYS A 96 4.14 -23.67 5.97
C LYS A 96 3.92 -22.85 7.24
N SER A 97 4.16 -21.55 7.17
CA SER A 97 4.02 -20.66 8.31
C SER A 97 2.71 -19.88 8.22
N PRO A 98 2.04 -19.71 9.37
CA PRO A 98 0.74 -19.01 9.43
C PRO A 98 0.86 -17.49 9.33
N ILE A 99 2.09 -16.98 9.35
CA ILE A 99 2.32 -15.52 9.33
C ILE A 99 1.72 -14.89 8.08
N GLY A 100 1.63 -15.66 7.00
CA GLY A 100 0.91 -15.22 5.81
C GLY A 100 -0.39 -14.47 6.12
N ARG A 101 -1.26 -15.06 6.94
CA ARG A 101 -2.53 -14.45 7.30
C ARG A 101 -2.35 -13.09 7.99
N ASP A 102 -1.45 -13.04 8.96
CA ASP A 102 -1.31 -11.86 9.79
C ASP A 102 -0.64 -10.71 9.04
N VAL A 103 0.34 -11.01 8.20
CA VAL A 103 1.05 -9.95 7.48
C VAL A 103 0.23 -9.42 6.31
N CYS A 104 -0.57 -10.26 5.66
CA CYS A 104 -1.40 -9.80 4.56
C CYS A 104 -2.51 -8.89 5.09
N ARG A 105 -2.90 -9.14 6.34
CA ARG A 105 -3.81 -8.25 7.04
C ARG A 105 -3.20 -6.87 7.20
N LEU A 106 -1.93 -6.83 7.62
CA LEU A 106 -1.19 -5.57 7.71
C LEU A 106 -1.19 -4.89 6.35
N ARG A 107 -0.87 -5.67 5.33
CA ARG A 107 -0.85 -5.21 3.94
C ARG A 107 -2.14 -4.46 3.60
N LYS A 108 -3.27 -5.00 4.04
CA LYS A 108 -4.57 -4.38 3.80
C LYS A 108 -4.73 -3.08 4.58
N ALA A 109 -4.38 -3.09 5.87
CA ALA A 109 -4.56 -1.92 6.73
C ALA A 109 -3.57 -0.82 6.33
N TYR A 110 -2.49 -1.22 5.68
CA TYR A 110 -1.49 -0.28 5.19
C TYR A 110 -2.02 0.53 4.02
N TYR A 111 -2.70 -0.12 3.08
CA TYR A 111 -3.30 0.61 1.96
C TYR A 111 -4.30 1.63 2.47
N SER A 112 -5.06 1.25 3.49
CA SER A 112 -5.97 2.20 4.10
C SER A 112 -5.20 3.28 4.83
N ALA A 113 -4.12 2.89 5.50
CA ALA A 113 -3.22 3.85 6.16
C ALA A 113 -2.73 4.88 5.15
N ARG A 114 -2.41 4.41 3.96
CA ARG A 114 -2.04 5.29 2.86
C ARG A 114 -3.16 6.27 2.54
N HIS A 115 -4.41 5.78 2.45
CA HIS A 115 -5.52 6.67 2.12
C HIS A 115 -5.87 7.56 3.32
N GLU A 116 -5.50 7.12 4.51
CA GLU A 116 -5.62 7.96 5.70
C GLU A 116 -4.65 9.15 5.60
N ALA A 117 -3.42 8.84 5.22
CA ALA A 117 -2.37 9.85 5.15
C ALA A 117 -2.36 10.59 3.82
N SER A 118 -3.23 10.18 2.90
CA SER A 118 -3.30 10.81 1.58
C SER A 118 -3.55 12.30 1.68
N ALA A 119 -4.16 12.73 2.79
CA ALA A 119 -4.42 14.15 3.02
C ALA A 119 -3.12 14.94 3.01
N GLN A 120 -2.25 14.64 3.97
CA GLN A 120 -1.00 15.38 4.08
C GLN A 120 -0.11 15.19 2.86
N ILE A 121 -0.01 13.97 2.33
CA ILE A 121 0.85 13.73 1.18
C ILE A 121 0.43 14.61 0.02
N ASP A 122 -0.88 14.79 -0.10
CA ASP A 122 -1.47 15.63 -1.15
C ASP A 122 -0.98 17.08 -1.05
N GLU A 123 -0.99 17.64 0.17
CA GLU A 123 -0.63 19.05 0.34
C GLU A 123 0.89 19.26 0.27
N ILE A 124 1.63 18.21 0.61
CA ILE A 124 3.08 18.29 0.66
C ILE A 124 3.70 17.85 -0.67
N VAL A 125 3.49 16.59 -1.03
CA VAL A 125 4.04 16.05 -2.25
C VAL A 125 3.25 16.51 -3.44
N GLY A 126 1.94 16.33 -3.37
CA GLY A 126 1.09 16.66 -4.49
C GLY A 126 1.04 15.54 -5.50
N GLU A 127 1.00 14.30 -5.00
CA GLU A 127 0.88 13.12 -5.84
C GLU A 127 2.07 13.02 -6.81
N THR A 128 3.20 13.65 -6.43
CA THR A 128 4.42 13.69 -7.24
C THR A 128 4.10 14.20 -8.64
N ALA A 129 3.02 14.97 -8.70
CA ALA A 129 2.43 15.43 -9.94
C ALA A 129 2.46 14.36 -11.03
N SER A 130 2.26 13.10 -10.64
CA SER A 130 2.34 11.97 -11.54
C SER A 130 1.28 10.94 -11.16
N GLU A 131 1.45 9.70 -11.61
CA GLU A 131 0.46 8.65 -11.35
C GLU A 131 0.29 8.37 -9.86
N ALA A 132 1.39 8.13 -9.16
CA ALA A 132 1.34 7.78 -7.74
C ALA A 132 0.26 6.72 -7.46
N ASP A 133 0.28 5.65 -8.24
CA ASP A 133 -0.64 4.55 -8.04
C ASP A 133 -0.22 3.75 -6.84
N SER A 134 0.87 3.06 -7.03
CA SER A 134 1.44 2.19 -6.01
C SER A 134 0.40 1.20 -5.48
N SER A 135 -0.67 1.03 -6.23
CA SER A 135 -1.71 0.11 -5.82
C SER A 135 -1.38 -1.31 -6.25
N GLU A 136 -2.04 -2.26 -5.57
CA GLU A 136 -1.75 -3.68 -5.71
C GLU A 136 -0.27 -4.00 -5.51
N THR A 137 0.04 -5.29 -5.55
CA THR A 137 1.43 -5.73 -5.46
C THR A 137 1.66 -6.94 -6.36
N SER A 138 0.58 -7.57 -6.77
CA SER A 138 0.69 -8.80 -7.56
C SER A 138 -0.37 -8.88 -8.65
N VAL A 139 -1.29 -9.85 -8.52
CA VAL A 139 -2.26 -10.17 -9.58
C VAL A 139 -1.55 -10.67 -10.83
N SER A 140 -0.93 -9.76 -11.56
CA SER A 140 -0.12 -10.07 -12.73
C SER A 140 0.32 -8.76 -13.35
N GLU A 141 -0.64 -8.05 -13.91
CA GLU A 141 -0.38 -6.80 -14.59
C GLU A 141 -0.67 -5.62 -13.68
N LYS A 142 -1.68 -5.80 -12.81
CA LYS A 142 -2.20 -4.77 -11.90
C LYS A 142 -2.27 -3.39 -12.54
N GLU A 143 -1.23 -2.59 -12.38
CA GLU A 143 -1.16 -1.28 -13.00
C GLU A 143 -1.19 -1.37 -14.51
N SER A 144 -0.18 -2.01 -15.08
CA SER A 144 -0.11 -2.24 -16.52
C SER A 144 -0.05 -0.92 -17.28
N GLY A 145 1.06 -0.21 -17.12
CA GLY A 145 1.18 1.09 -17.72
C GLY A 145 0.47 2.14 -16.91
N HIS A 146 -0.55 2.75 -17.50
CA HIS A 146 -1.36 3.71 -16.80
C HIS A 146 -2.83 3.30 -16.84
N GLU A 147 -3.38 3.21 -18.05
CA GLU A 147 -4.81 3.00 -18.26
C GLU A 147 -5.07 3.07 -19.76
N LYS A 148 -6.31 3.35 -20.13
CA LYS A 148 -6.66 3.61 -21.53
C LYS A 148 -6.28 2.42 -22.41
N ASP A 149 -6.86 1.28 -22.07
CA ASP A 149 -6.56 0.04 -22.75
C ASP A 149 -7.68 -0.27 -23.76
N ASP A 150 -7.80 -1.51 -24.20
CA ASP A 150 -8.82 -1.85 -25.18
C ASP A 150 -9.97 -2.63 -24.56
N ASP A 151 -9.66 -3.71 -23.87
CA ASP A 151 -10.69 -4.60 -23.34
C ASP A 151 -10.77 -4.54 -21.82
N VAL A 152 -10.32 -3.42 -21.24
CA VAL A 152 -10.40 -3.25 -19.81
C VAL A 152 -11.83 -3.06 -19.34
N ILE A 153 -12.38 -4.11 -18.78
CA ILE A 153 -13.70 -4.09 -18.21
C ILE A 153 -13.64 -3.50 -16.82
N ARG A 154 -14.59 -2.66 -16.48
CA ARG A 154 -14.67 -2.14 -15.14
C ARG A 154 -16.09 -1.74 -14.81
N CYS A 155 -16.92 -2.71 -14.50
CA CYS A 155 -18.27 -2.44 -14.04
C CYS A 155 -18.35 -2.72 -12.55
N ILE A 156 -19.44 -2.25 -11.94
CA ILE A 156 -19.67 -2.53 -10.52
C ILE A 156 -20.03 -4.00 -10.31
N CYS A 157 -20.10 -4.73 -11.43
CA CYS A 157 -20.29 -6.18 -11.41
C CYS A 157 -19.10 -6.88 -10.78
N GLY A 158 -17.90 -6.55 -11.27
CA GLY A 158 -16.70 -7.18 -10.77
C GLY A 158 -16.24 -8.35 -11.62
N LEU A 159 -17.02 -8.70 -12.65
CA LEU A 159 -16.70 -9.84 -13.51
C LEU A 159 -15.43 -9.57 -14.31
N TYR A 160 -15.29 -8.34 -14.78
CA TYR A 160 -14.23 -7.98 -15.72
C TYR A 160 -14.39 -8.77 -17.02
N LYS A 161 -15.61 -8.85 -17.53
CA LYS A 161 -15.84 -9.52 -18.80
C LYS A 161 -16.90 -8.82 -19.64
N ASP A 162 -16.74 -8.95 -20.95
CA ASP A 162 -17.60 -8.32 -21.95
C ASP A 162 -18.89 -9.13 -22.13
N GLU A 163 -19.87 -8.81 -21.29
CA GLU A 163 -21.20 -9.38 -21.40
C GLU A 163 -22.23 -8.28 -21.57
N GLY A 164 -23.40 -8.65 -22.08
CA GLY A 164 -24.46 -7.69 -22.32
C GLY A 164 -24.03 -6.55 -23.21
N LEU A 165 -24.80 -5.47 -23.19
CA LEU A 165 -24.42 -4.25 -23.89
C LEU A 165 -23.69 -3.34 -22.92
N MET A 166 -22.63 -2.72 -23.38
CA MET A 166 -21.81 -1.87 -22.51
C MET A 166 -21.16 -0.76 -23.30
N ILE A 167 -20.92 0.36 -22.63
CA ILE A 167 -20.32 1.51 -23.29
C ILE A 167 -18.91 1.75 -22.75
N GLN A 168 -18.20 2.68 -23.36
CA GLN A 168 -16.80 2.91 -23.07
C GLN A 168 -16.57 4.28 -22.43
N CYS A 169 -15.75 4.32 -21.38
CA CYS A 169 -15.39 5.57 -20.72
C CYS A 169 -14.44 6.38 -21.59
N ASP A 170 -14.79 7.63 -21.84
CA ASP A 170 -14.03 8.52 -22.70
C ASP A 170 -12.62 8.76 -22.17
N LYS A 171 -12.44 8.70 -20.86
CA LYS A 171 -11.14 9.02 -20.29
C LYS A 171 -10.24 7.79 -20.16
N CYS A 172 -10.68 6.78 -19.41
CA CYS A 172 -9.83 5.63 -19.14
C CYS A 172 -10.11 4.49 -20.12
N MET A 173 -11.15 4.67 -20.94
CA MET A 173 -11.52 3.69 -21.95
C MET A 173 -11.89 2.33 -21.36
N VAL A 174 -12.47 2.33 -20.17
CA VAL A 174 -13.00 1.10 -19.59
C VAL A 174 -14.38 0.81 -20.15
N TRP A 175 -14.89 -0.35 -19.82
CA TRP A 175 -16.18 -0.79 -20.30
C TRP A 175 -17.15 -1.02 -19.15
N GLN A 176 -18.33 -0.41 -19.24
CA GLN A 176 -19.34 -0.57 -18.21
C GLN A 176 -20.68 -0.94 -18.84
N HIS A 177 -21.32 -1.96 -18.29
CA HIS A 177 -22.55 -2.51 -18.87
C HIS A 177 -23.68 -1.49 -18.81
N CYS A 178 -24.42 -1.40 -19.91
CA CYS A 178 -25.45 -0.39 -20.09
C CYS A 178 -26.65 -0.62 -19.18
N ASP A 179 -27.07 -1.87 -19.03
CA ASP A 179 -28.20 -2.20 -18.17
C ASP A 179 -27.83 -1.99 -16.70
N CYS A 180 -26.54 -1.96 -16.43
CA CYS A 180 -26.04 -1.76 -15.08
C CYS A 180 -26.06 -0.29 -14.71
N MET A 181 -25.32 0.50 -15.46
CA MET A 181 -25.23 1.94 -15.22
C MET A 181 -26.53 2.66 -15.59
N GLY A 182 -27.34 2.02 -16.42
CA GLY A 182 -28.59 2.61 -16.86
C GLY A 182 -28.40 3.56 -18.02
N VAL A 183 -27.70 3.09 -19.04
CA VAL A 183 -27.33 3.91 -20.18
C VAL A 183 -28.34 3.72 -21.31
N ASN A 184 -28.20 4.49 -22.40
CA ASN A 184 -29.12 4.41 -23.52
C ASN A 184 -28.42 3.88 -24.77
N THR A 185 -27.20 3.40 -24.59
CA THR A 185 -26.37 2.86 -25.68
C THR A 185 -26.26 3.77 -26.91
N ASP A 186 -26.46 5.08 -26.73
CA ASP A 186 -26.29 6.02 -27.82
C ASP A 186 -25.54 7.26 -27.34
N VAL A 187 -24.76 7.07 -26.30
CA VAL A 187 -24.03 8.17 -25.68
C VAL A 187 -22.75 8.48 -26.46
N GLU A 188 -22.58 9.76 -26.78
CA GLU A 188 -21.38 10.21 -27.47
C GLU A 188 -20.29 10.55 -26.47
N HIS A 189 -20.70 10.88 -25.26
CA HIS A 189 -19.77 11.20 -24.18
C HIS A 189 -20.20 10.54 -22.89
N TYR A 190 -19.47 9.52 -22.48
CA TYR A 190 -19.74 8.82 -21.24
C TYR A 190 -18.47 8.68 -20.40
N LEU A 191 -18.63 8.81 -19.09
CA LEU A 191 -17.52 8.65 -18.16
C LEU A 191 -17.91 7.71 -17.01
N CYS A 192 -16.92 6.98 -16.51
CA CYS A 192 -17.16 5.95 -15.52
C CYS A 192 -17.17 6.55 -14.13
N GLU A 193 -17.59 5.74 -13.16
CA GLU A 193 -17.88 6.20 -11.80
C GLU A 193 -16.61 6.55 -11.02
N GLN A 194 -15.45 6.29 -11.61
CA GLN A 194 -14.19 6.62 -10.98
C GLN A 194 -13.63 7.93 -11.53
N CYS A 195 -13.55 8.02 -12.86
CA CYS A 195 -13.06 9.23 -13.52
C CYS A 195 -13.88 10.44 -13.10
N ASP A 196 -15.15 10.39 -13.43
CA ASP A 196 -16.07 11.48 -13.19
C ASP A 196 -17.45 10.92 -12.87
N PRO A 197 -17.66 10.52 -11.61
CA PRO A 197 -18.93 9.92 -11.17
C PRO A 197 -20.10 10.86 -11.37
N ARG A 198 -21.16 10.35 -11.98
CA ARG A 198 -22.38 11.12 -12.18
C ARG A 198 -23.03 11.45 -10.84
N PRO A 199 -23.18 12.75 -10.52
CA PRO A 199 -23.70 13.15 -9.23
C PRO A 199 -25.21 12.97 -9.14
N VAL A 200 -25.63 12.14 -8.20
CA VAL A 200 -27.05 11.93 -7.96
C VAL A 200 -27.63 13.14 -7.24
N ASP A 201 -28.58 13.80 -7.89
CA ASP A 201 -29.12 15.05 -7.37
C ASP A 201 -30.17 14.77 -6.29
N ARG A 202 -29.70 14.40 -5.11
CA ARG A 202 -30.55 14.06 -3.99
C ARG A 202 -30.41 15.10 -2.88
N GLU A 203 -31.45 15.21 -2.05
CA GLU A 203 -31.45 16.14 -0.92
C GLU A 203 -31.05 17.55 -1.33
N VAL A 204 -31.73 18.08 -2.34
CA VAL A 204 -31.50 19.44 -2.78
C VAL A 204 -32.53 20.39 -2.16
N PRO A 205 -32.09 21.23 -1.21
CA PRO A 205 -32.97 22.19 -0.53
C PRO A 205 -33.44 23.30 -1.46
N ALA B 1 -18.99 7.50 -27.10
CA ALA B 1 -18.69 6.24 -26.37
C ALA B 1 -19.04 5.03 -27.22
N ARG B 2 -18.05 4.17 -27.44
CA ARG B 2 -18.25 2.95 -28.18
C ARG B 2 -19.13 1.99 -27.38
N THR B 3 -19.99 1.26 -28.07
CA THR B 3 -20.87 0.29 -27.42
C THR B 3 -20.56 -1.13 -27.88
N GLN B 5 -22.01 -4.80 -28.09
CA GLN B 5 -23.38 -5.31 -28.15
C GLN B 5 -23.46 -6.80 -27.86
N THR B 6 -23.80 -7.09 -26.61
CA THR B 6 -24.09 -8.46 -26.16
C THR B 6 -22.91 -9.39 -26.38
N ALA B 7 -21.74 -8.99 -25.88
CA ALA B 7 -20.52 -9.80 -25.95
C ALA B 7 -20.04 -9.99 -27.39
N ARG B 8 -18.88 -9.45 -27.69
CA ARG B 8 -18.28 -9.63 -29.00
C ARG B 8 -17.52 -10.95 -29.03
N LYS B 9 -17.41 -11.53 -30.23
CA LYS B 9 -16.83 -12.87 -30.39
C LYS B 9 -17.56 -13.87 -29.50
N SER B 10 -18.87 -13.92 -29.67
CA SER B 10 -19.73 -14.76 -28.86
C SER B 10 -19.78 -16.19 -29.41
N THR B 11 -18.78 -16.54 -30.20
CA THR B 11 -18.63 -17.90 -30.70
C THR B 11 -18.09 -18.80 -29.59
N GLY B 12 -17.44 -18.17 -28.61
CA GLY B 12 -16.87 -18.92 -27.51
C GLY B 12 -15.41 -19.22 -27.73
N SER A 1 14.26 31.22 -0.80
CA SER A 1 15.35 30.67 0.03
C SER A 1 14.89 29.43 0.78
N MET A 2 14.04 28.63 0.14
CA MET A 2 13.52 27.43 0.75
C MET A 2 13.30 26.36 -0.31
N ASN A 3 13.65 25.12 -0.01
CA ASN A 3 13.45 24.03 -0.93
C ASN A 3 12.29 23.16 -0.48
N ILE A 4 11.19 23.24 -1.23
CA ILE A 4 9.98 22.53 -0.91
C ILE A 4 10.20 21.02 -0.86
N GLU A 5 11.12 20.52 -1.67
CA GLU A 5 11.43 19.09 -1.69
C GLU A 5 12.01 18.64 -0.36
N VAL A 6 12.93 19.40 0.21
CA VAL A 6 13.54 19.00 1.48
C VAL A 6 12.57 19.24 2.62
N ALA A 7 11.72 20.25 2.46
CA ALA A 7 10.68 20.53 3.43
C ALA A 7 9.64 19.42 3.40
N ARG A 8 9.34 18.94 2.19
CA ARG A 8 8.39 17.87 2.00
C ARG A 8 8.99 16.55 2.45
N ALA A 9 10.32 16.45 2.46
CA ALA A 9 10.99 15.23 2.87
C ALA A 9 10.90 15.05 4.37
N ALA A 10 11.19 16.13 5.10
CA ALA A 10 11.13 16.11 6.55
C ALA A 10 9.70 15.96 7.04
N ARG A 11 8.75 16.52 6.29
CA ARG A 11 7.34 16.44 6.65
C ARG A 11 6.89 14.99 6.64
N LEU A 12 7.09 14.33 5.51
CA LEU A 12 6.72 12.94 5.36
C LEU A 12 7.50 12.07 6.32
N ALA A 13 8.74 12.44 6.62
CA ALA A 13 9.58 11.64 7.52
C ALA A 13 8.91 11.44 8.87
N GLN A 14 8.40 12.52 9.44
CA GLN A 14 7.73 12.45 10.74
C GLN A 14 6.39 11.72 10.60
N ILE A 15 5.76 11.90 9.44
CA ILE A 15 4.47 11.29 9.18
C ILE A 15 4.60 9.80 8.86
N PHE A 16 5.64 9.43 8.14
CA PHE A 16 5.90 8.02 7.87
C PHE A 16 6.07 7.29 9.19
N LYS A 17 6.74 7.97 10.12
CA LYS A 17 6.95 7.46 11.47
C LYS A 17 5.61 7.12 12.11
N GLU A 18 4.64 8.03 11.96
CA GLU A 18 3.28 7.77 12.42
C GLU A 18 2.74 6.50 11.77
N ILE A 19 2.90 6.45 10.46
CA ILE A 19 2.40 5.36 9.63
C ILE A 19 2.96 4.00 10.04
N CYS A 20 4.27 3.84 9.96
CA CYS A 20 4.90 2.57 10.26
C CYS A 20 4.75 2.20 11.71
N ASP A 21 4.65 3.20 12.59
CA ASP A 21 4.41 2.93 14.01
C ASP A 21 3.14 2.10 14.18
N GLY A 22 2.10 2.47 13.43
CA GLY A 22 0.83 1.76 13.51
C GLY A 22 0.86 0.42 12.79
N ILE A 23 1.80 0.26 11.88
CA ILE A 23 1.96 -1.02 11.18
C ILE A 23 2.88 -1.98 11.94
N ILE A 24 4.05 -1.49 12.34
CA ILE A 24 5.02 -2.30 13.09
C ILE A 24 4.36 -2.88 14.34
N SER A 25 3.76 -2.01 15.12
CA SER A 25 3.07 -2.43 16.32
C SER A 25 1.56 -2.52 16.06
N TYR A 26 1.22 -2.97 14.85
CA TYR A 26 -0.17 -3.23 14.50
C TYR A 26 -0.76 -4.26 15.46
N ARG A 27 -1.94 -3.97 15.96
CA ARG A 27 -2.59 -4.85 16.92
C ARG A 27 -3.99 -5.24 16.47
N ASP A 28 -4.36 -6.48 16.75
CA ASP A 28 -5.73 -6.94 16.59
C ASP A 28 -6.54 -6.50 17.82
N SER A 29 -7.83 -6.79 17.88
CA SER A 29 -8.63 -6.43 19.04
C SER A 29 -8.10 -7.16 20.29
N SER A 30 -7.42 -8.28 20.08
CA SER A 30 -6.80 -9.02 21.17
C SER A 30 -5.46 -8.39 21.56
N GLN A 31 -5.15 -7.25 20.94
CA GLN A 31 -3.93 -6.48 21.21
C GLN A 31 -2.67 -7.24 20.78
N GLN A 32 -2.84 -8.28 19.97
CA GLN A 32 -1.70 -9.03 19.47
C GLN A 32 -0.99 -8.26 18.37
N THR A 33 0.32 -8.20 18.48
CA THR A 33 1.14 -7.53 17.49
C THR A 33 1.54 -8.50 16.38
N LEU A 34 0.96 -8.30 15.21
CA LEU A 34 1.06 -9.26 14.14
C LEU A 34 2.34 -9.10 13.32
N ALA A 35 2.72 -7.86 13.02
CA ALA A 35 3.86 -7.59 12.12
C ALA A 35 5.21 -7.95 12.74
N ALA A 36 5.17 -8.61 13.89
CA ALA A 36 6.38 -8.95 14.64
C ALA A 36 7.41 -9.75 13.81
N PRO A 37 6.99 -10.76 13.01
CA PRO A 37 7.92 -11.51 12.16
C PRO A 37 8.50 -10.64 11.06
N LEU A 38 7.96 -9.45 10.89
CA LEU A 38 8.36 -8.57 9.81
C LEU A 38 9.34 -7.49 10.28
N LEU A 39 9.26 -7.04 11.54
CA LEU A 39 10.20 -6.00 11.98
C LEU A 39 11.53 -6.57 12.41
N ASN A 40 11.55 -7.83 12.84
CA ASN A 40 12.76 -8.46 13.34
C ASN A 40 13.35 -9.44 12.34
N LEU A 41 14.50 -9.10 11.76
CA LEU A 41 15.21 -10.04 10.90
C LEU A 41 15.64 -11.26 11.70
N PRO A 42 15.40 -12.47 11.14
CA PRO A 42 15.81 -13.73 11.76
C PRO A 42 17.29 -13.75 12.10
N PRO A 43 17.65 -14.39 13.23
CA PRO A 43 19.05 -14.53 13.66
C PRO A 43 19.86 -15.28 12.61
N LYS A 44 21.09 -14.81 12.38
CA LYS A 44 21.85 -15.16 11.17
C LYS A 44 22.12 -16.67 11.09
N LYS A 45 22.29 -17.31 12.23
CA LYS A 45 22.73 -18.70 12.26
C LYS A 45 21.56 -19.67 12.18
N LYS A 46 20.33 -19.17 12.34
CA LYS A 46 19.17 -20.05 12.40
C LYS A 46 18.38 -20.01 11.11
N ASN A 47 19.07 -19.88 9.98
CA ASN A 47 18.42 -19.88 8.67
C ASN A 47 19.44 -19.83 7.54
N ALA A 48 19.73 -20.98 6.96
CA ALA A 48 20.56 -21.03 5.77
C ALA A 48 19.69 -20.90 4.53
N ASP A 49 18.56 -21.60 4.54
CA ASP A 49 17.64 -21.61 3.40
C ASP A 49 17.05 -20.23 3.17
N TYR A 50 16.77 -19.51 4.25
CA TYR A 50 16.29 -18.11 4.15
C TYR A 50 17.19 -17.29 3.24
N TYR A 51 18.44 -17.09 3.64
CA TYR A 51 19.36 -16.26 2.86
C TYR A 51 19.82 -16.97 1.58
N GLU A 52 19.39 -18.20 1.39
CA GLU A 52 19.63 -18.89 0.13
C GLU A 52 18.55 -18.50 -0.88
N LYS A 53 17.29 -18.80 -0.56
CA LYS A 53 16.19 -18.49 -1.46
C LYS A 53 15.85 -16.99 -1.42
N ILE A 54 15.73 -16.45 -0.22
CA ILE A 54 15.45 -15.04 -0.01
C ILE A 54 16.73 -14.23 -0.11
N SER A 55 16.99 -13.70 -1.30
CA SER A 55 18.22 -12.97 -1.55
C SER A 55 18.05 -11.47 -1.31
N ASP A 56 16.82 -11.06 -1.02
CA ASP A 56 16.53 -9.66 -0.72
C ASP A 56 15.66 -9.51 0.53
N PRO A 57 16.19 -9.90 1.71
CA PRO A 57 15.44 -9.75 2.98
C PRO A 57 15.29 -8.29 3.39
N LEU A 58 14.46 -8.06 4.41
CA LEU A 58 14.22 -6.73 4.93
C LEU A 58 13.36 -6.82 6.17
N ASP A 59 13.63 -5.96 7.14
CA ASP A 59 12.83 -5.93 8.36
C ASP A 59 12.32 -4.51 8.63
N LEU A 60 11.06 -4.46 9.05
CA LEU A 60 10.32 -3.21 9.24
C LEU A 60 10.96 -2.30 10.27
N SER A 61 11.54 -2.86 11.32
CA SER A 61 12.10 -2.03 12.39
C SER A 61 13.29 -1.22 11.86
N THR A 62 13.99 -1.78 10.87
CA THR A 62 15.07 -1.06 10.21
C THR A 62 14.51 0.03 9.32
N ILE A 63 13.41 -0.30 8.63
CA ILE A 63 12.74 0.65 7.74
C ILE A 63 12.29 1.89 8.52
N GLU A 64 11.67 1.67 9.67
CA GLU A 64 11.26 2.76 10.57
C GLU A 64 12.44 3.67 10.91
N LYS A 65 13.55 3.07 11.35
CA LYS A 65 14.74 3.82 11.69
C LYS A 65 15.28 4.59 10.48
N GLN A 66 15.18 3.99 9.29
CA GLN A 66 15.62 4.66 8.07
C GLN A 66 14.66 5.78 7.67
N ILE A 67 13.45 5.75 8.24
CA ILE A 67 12.48 6.81 8.04
C ILE A 67 12.90 8.07 8.79
N LEU A 68 13.28 7.90 10.06
CA LEU A 68 13.70 9.02 10.90
C LEU A 68 14.96 9.69 10.34
N ILE A 69 15.86 8.88 9.81
CA ILE A 69 17.10 9.40 9.24
C ILE A 69 16.84 10.06 7.87
N GLY A 70 15.59 9.95 7.42
CA GLY A 70 15.19 10.59 6.18
C GLY A 70 15.83 9.97 4.95
N TYR A 71 15.92 8.65 4.93
CA TYR A 71 16.55 7.94 3.81
C TYR A 71 15.57 7.76 2.66
N TYR A 72 14.30 7.62 2.99
CA TYR A 72 13.28 7.35 1.97
C TYR A 72 12.79 8.65 1.33
N LYS A 73 12.68 9.70 2.14
CA LYS A 73 12.27 11.03 1.70
C LYS A 73 10.80 11.04 1.25
N THR A 74 10.52 10.40 0.13
CA THR A 74 9.17 10.37 -0.42
C THR A 74 8.54 8.99 -0.21
N VAL A 75 7.25 8.86 -0.52
CA VAL A 75 6.51 7.63 -0.25
C VAL A 75 6.81 6.57 -1.28
N GLU A 76 7.28 7.00 -2.45
CA GLU A 76 7.69 6.08 -3.51
C GLU A 76 8.53 4.94 -2.96
N ALA A 77 9.70 5.28 -2.42
CA ALA A 77 10.61 4.29 -1.86
C ALA A 77 9.99 3.62 -0.64
N PHE A 78 9.29 4.42 0.16
CA PHE A 78 8.60 3.92 1.34
C PHE A 78 7.67 2.75 1.01
N ASP A 79 6.83 2.96 -0.01
CA ASP A 79 5.89 1.95 -0.47
C ASP A 79 6.60 0.66 -0.85
N ALA A 80 7.71 0.79 -1.55
CA ALA A 80 8.49 -0.37 -1.98
C ALA A 80 8.91 -1.22 -0.79
N ASP A 81 9.57 -0.59 0.17
CA ASP A 81 10.14 -1.30 1.33
C ASP A 81 9.08 -2.08 2.11
N MET A 82 7.94 -1.46 2.37
CA MET A 82 6.89 -2.10 3.15
C MET A 82 6.30 -3.30 2.42
N LEU A 83 5.97 -3.12 1.16
CA LEU A 83 5.41 -4.21 0.39
C LEU A 83 6.46 -5.33 0.25
N LYS A 84 7.74 -4.94 0.29
CA LYS A 84 8.84 -5.90 0.17
C LYS A 84 8.86 -6.89 1.33
N VAL A 85 8.68 -6.41 2.54
CA VAL A 85 8.71 -7.28 3.71
C VAL A 85 7.53 -8.24 3.69
N PHE A 86 6.36 -7.75 3.30
CA PHE A 86 5.19 -8.60 3.10
C PHE A 86 5.49 -9.65 2.03
N ARG A 87 6.22 -9.25 0.99
CA ARG A 87 6.53 -10.14 -0.12
C ARG A 87 7.39 -11.32 0.33
N ASN A 88 8.49 -11.05 1.03
CA ASN A 88 9.38 -12.13 1.47
C ASN A 88 8.71 -12.95 2.56
N ALA A 89 7.79 -12.32 3.29
CA ALA A 89 7.02 -13.03 4.31
C ALA A 89 6.22 -14.17 3.70
N GLU A 90 5.34 -13.83 2.75
CA GLU A 90 4.49 -14.82 2.12
C GLU A 90 5.26 -15.65 1.08
N LYS A 91 6.47 -15.21 0.75
CA LYS A 91 7.31 -15.95 -0.19
C LYS A 91 8.04 -17.08 0.52
N TYR A 92 8.39 -16.86 1.78
CA TYR A 92 9.02 -17.90 2.58
C TYR A 92 7.95 -18.73 3.26
N TYR A 93 7.21 -18.09 4.15
CA TYR A 93 6.18 -18.76 4.94
C TYR A 93 5.10 -19.36 4.03
N GLY A 94 4.51 -18.53 3.18
CA GLY A 94 3.51 -19.03 2.25
C GLY A 94 2.24 -18.19 2.28
N ARG A 95 1.33 -18.48 1.35
CA ARG A 95 0.07 -17.76 1.28
C ARG A 95 -0.88 -18.23 2.37
N LYS A 96 -0.83 -19.52 2.66
CA LYS A 96 -1.66 -20.11 3.70
C LYS A 96 -0.79 -20.52 4.89
N SER A 97 0.13 -19.64 5.23
CA SER A 97 1.12 -19.91 6.26
C SER A 97 0.63 -19.46 7.63
N PRO A 98 1.35 -19.82 8.71
CA PRO A 98 1.01 -19.36 10.07
C PRO A 98 0.81 -17.85 10.13
N ILE A 99 1.73 -17.09 9.52
CA ILE A 99 1.68 -15.64 9.58
C ILE A 99 0.77 -15.07 8.49
N GLY A 100 0.27 -15.94 7.62
CA GLY A 100 -0.60 -15.55 6.51
C GLY A 100 -1.59 -14.42 6.85
N ARG A 101 -2.49 -14.66 7.81
CA ARG A 101 -3.52 -13.68 8.18
C ARG A 101 -2.90 -12.35 8.62
N ASP A 102 -1.66 -12.41 9.08
CA ASP A 102 -1.01 -11.21 9.66
C ASP A 102 -0.57 -10.26 8.56
N VAL A 103 0.34 -10.70 7.70
CA VAL A 103 0.94 -9.78 6.73
C VAL A 103 -0.07 -9.38 5.66
N CYS A 104 -1.10 -10.20 5.45
CA CYS A 104 -2.14 -9.85 4.49
C CYS A 104 -3.10 -8.82 5.09
N ARG A 105 -3.29 -8.90 6.40
CA ARG A 105 -4.05 -7.89 7.13
C ARG A 105 -3.32 -6.55 7.03
N LEU A 106 -2.02 -6.60 7.32
CA LEU A 106 -1.15 -5.44 7.20
C LEU A 106 -1.22 -4.87 5.80
N ARG A 107 -1.09 -5.78 4.84
CA ARG A 107 -1.19 -5.48 3.42
C ARG A 107 -2.35 -4.53 3.11
N LYS A 108 -3.56 -4.89 3.52
CA LYS A 108 -4.73 -4.10 3.20
C LYS A 108 -4.84 -2.88 4.09
N ALA A 109 -4.49 -3.04 5.37
CA ALA A 109 -4.53 -1.94 6.31
C ALA A 109 -3.60 -0.82 5.88
N TYR A 110 -2.57 -1.20 5.15
CA TYR A 110 -1.59 -0.27 4.65
C TYR A 110 -2.17 0.51 3.47
N TYR A 111 -2.64 -0.21 2.44
CA TYR A 111 -3.23 0.44 1.27
C TYR A 111 -4.42 1.32 1.66
N SER A 112 -5.24 0.82 2.58
CA SER A 112 -6.43 1.54 3.01
C SER A 112 -6.05 2.89 3.61
N ALA A 113 -5.08 2.86 4.52
CA ALA A 113 -4.64 4.08 5.16
C ALA A 113 -3.98 5.03 4.17
N ARG A 114 -3.32 4.49 3.14
CA ARG A 114 -2.76 5.31 2.07
C ARG A 114 -3.83 6.29 1.58
N HIS A 115 -5.00 5.74 1.29
CA HIS A 115 -6.16 6.52 0.87
C HIS A 115 -6.52 7.57 1.92
N GLU A 116 -6.28 7.27 3.18
CA GLU A 116 -6.61 8.21 4.27
C GLU A 116 -5.57 9.35 4.43
N ALA A 117 -4.27 9.05 4.32
CA ALA A 117 -3.24 10.10 4.45
C ALA A 117 -3.16 10.97 3.22
N SER A 118 -4.05 10.69 2.27
CA SER A 118 -4.28 11.56 1.13
C SER A 118 -4.25 13.03 1.56
N ALA A 119 -4.74 13.32 2.76
CA ALA A 119 -4.76 14.68 3.26
C ALA A 119 -3.38 15.31 3.33
N GLN A 120 -2.54 14.88 4.29
CA GLN A 120 -1.29 15.59 4.53
C GLN A 120 -0.36 15.54 3.33
N ILE A 121 -0.13 14.36 2.76
CA ILE A 121 0.82 14.26 1.68
C ILE A 121 0.35 15.06 0.47
N ASP A 122 -0.95 15.18 0.28
CA ASP A 122 -1.49 16.04 -0.79
C ASP A 122 -0.99 17.47 -0.64
N GLU A 123 -0.96 17.96 0.58
CA GLU A 123 -0.54 19.33 0.85
C GLU A 123 0.98 19.46 0.70
N ILE A 124 1.66 18.35 0.92
CA ILE A 124 3.12 18.33 0.97
C ILE A 124 3.72 17.88 -0.36
N VAL A 125 3.37 16.68 -0.77
CA VAL A 125 3.85 16.09 -2.02
C VAL A 125 2.87 16.34 -3.16
N GLY A 126 1.67 15.80 -3.00
CA GLY A 126 0.73 15.71 -4.08
C GLY A 126 -0.14 14.50 -3.88
N GLU A 127 -0.56 13.86 -4.95
CA GLU A 127 -1.51 12.76 -4.84
C GLU A 127 -0.81 11.41 -4.71
N THR A 128 0.43 11.42 -4.22
CA THR A 128 1.07 10.18 -3.83
C THR A 128 0.67 9.90 -2.37
N ALA A 129 0.07 10.93 -1.80
CA ALA A 129 -0.51 10.96 -0.45
C ALA A 129 -0.99 9.62 0.06
N SER A 130 -0.39 9.19 1.18
CA SER A 130 -0.61 7.85 1.70
C SER A 130 -0.06 7.63 3.13
N GLU A 131 -0.57 6.58 3.81
CA GLU A 131 -0.15 6.17 5.16
C GLU A 131 -0.55 4.70 5.40
N ALA A 132 -0.59 4.24 6.66
CA ALA A 132 -0.94 2.87 6.98
C ALA A 132 -1.29 2.68 8.46
N ASP A 133 -1.98 3.65 9.06
CA ASP A 133 -2.36 3.50 10.48
C ASP A 133 -3.86 3.33 10.67
N SER A 134 -4.60 3.40 9.60
CA SER A 134 -6.06 3.26 9.66
C SER A 134 -6.44 1.85 10.12
N SER A 135 -5.51 0.93 9.93
CA SER A 135 -5.66 -0.48 10.29
C SER A 135 -6.80 -1.18 9.55
N GLU A 136 -6.77 -2.50 9.64
CA GLU A 136 -7.80 -3.38 9.07
C GLU A 136 -8.11 -3.17 7.59
N THR A 137 -8.89 -4.10 7.06
CA THR A 137 -9.43 -3.99 5.71
C THR A 137 -10.89 -4.42 5.71
N SER A 138 -11.21 -5.28 6.65
CA SER A 138 -12.53 -5.87 6.71
C SER A 138 -13.47 -4.97 7.50
N VAL A 139 -13.03 -4.57 8.69
CA VAL A 139 -13.80 -3.66 9.51
C VAL A 139 -12.93 -2.89 10.46
N SER A 140 -13.34 -1.66 10.71
CA SER A 140 -12.66 -0.76 11.62
C SER A 140 -13.05 -1.10 13.04
N GLU A 141 -14.29 -1.54 13.16
CA GLU A 141 -14.84 -2.07 14.40
C GLU A 141 -14.01 -3.26 14.89
N LYS A 142 -13.39 -3.96 13.93
CA LYS A 142 -12.51 -5.11 14.21
C LYS A 142 -13.31 -6.28 14.72
N GLU A 143 -13.68 -6.22 15.99
CA GLU A 143 -14.44 -7.27 16.62
C GLU A 143 -15.75 -6.70 17.15
N SER A 144 -15.70 -5.40 17.46
CA SER A 144 -16.84 -4.68 17.97
C SER A 144 -18.08 -4.95 17.15
N GLY A 145 -18.99 -5.74 17.71
CA GLY A 145 -20.24 -6.03 17.05
C GLY A 145 -21.16 -4.83 16.98
N HIS A 146 -22.43 -5.11 16.95
CA HIS A 146 -23.43 -4.07 16.84
C HIS A 146 -24.52 -4.27 17.87
N GLU A 147 -24.94 -5.51 18.00
CA GLU A 147 -25.96 -5.89 18.96
C GLU A 147 -25.35 -6.22 20.33
N LYS A 148 -24.58 -7.30 20.40
CA LYS A 148 -23.99 -7.72 21.65
C LYS A 148 -22.57 -7.17 21.81
N ASP A 149 -22.50 -5.95 22.31
CA ASP A 149 -21.23 -5.30 22.59
C ASP A 149 -21.43 -4.29 23.72
N ASP A 150 -20.35 -3.96 24.42
CA ASP A 150 -20.44 -3.11 25.61
C ASP A 150 -20.42 -1.63 25.26
N ASP A 151 -19.56 -1.27 24.30
CA ASP A 151 -19.40 0.14 23.93
C ASP A 151 -20.15 0.45 22.64
N VAL A 152 -21.34 -0.11 22.51
CA VAL A 152 -22.16 0.13 21.34
C VAL A 152 -22.70 1.55 21.31
N ILE A 153 -22.11 2.36 20.45
CA ILE A 153 -22.56 3.71 20.23
C ILE A 153 -23.73 3.74 19.27
N ARG A 154 -24.82 4.34 19.67
CA ARG A 154 -25.96 4.42 18.79
C ARG A 154 -26.78 5.67 19.06
N CYS A 155 -26.30 6.77 18.53
CA CYS A 155 -27.02 8.03 18.58
C CYS A 155 -27.67 8.30 17.22
N ILE A 156 -28.52 9.31 17.14
CA ILE A 156 -29.10 9.69 15.84
C ILE A 156 -28.00 10.24 14.95
N CYS A 157 -26.87 10.62 15.58
CA CYS A 157 -25.65 10.96 14.86
C CYS A 157 -25.28 9.88 13.84
N GLY A 158 -25.19 8.64 14.32
CA GLY A 158 -24.84 7.52 13.46
C GLY A 158 -23.35 7.22 13.44
N LEU A 159 -22.55 8.11 14.04
CA LEU A 159 -21.08 8.01 14.00
C LEU A 159 -20.60 6.67 14.53
N TYR A 160 -21.25 6.20 15.59
CA TYR A 160 -20.78 5.03 16.33
C TYR A 160 -19.41 5.33 16.93
N LYS A 161 -19.30 6.46 17.65
CA LYS A 161 -18.06 6.77 18.33
C LYS A 161 -18.30 7.59 19.60
N ASP A 162 -17.50 7.25 20.60
CA ASP A 162 -17.59 7.78 21.96
C ASP A 162 -16.93 9.16 22.07
N GLU A 163 -17.70 10.18 21.71
CA GLU A 163 -17.31 11.56 22.00
C GLU A 163 -18.40 12.30 22.76
N GLY A 164 -17.99 13.28 23.56
CA GLY A 164 -18.92 14.12 24.25
C GLY A 164 -19.55 13.47 25.46
N LEU A 165 -20.64 14.05 25.94
CA LEU A 165 -21.40 13.46 27.03
C LEU A 165 -22.46 12.55 26.46
N MET A 166 -22.70 11.43 27.11
CA MET A 166 -23.66 10.45 26.62
C MET A 166 -24.15 9.55 27.73
N ILE A 167 -25.36 9.03 27.59
CA ILE A 167 -25.95 8.16 28.61
C ILE A 167 -26.26 6.78 28.02
N GLN A 168 -26.65 5.84 28.88
CA GLN A 168 -26.92 4.47 28.47
C GLN A 168 -28.41 4.18 28.45
N CYS A 169 -28.84 3.48 27.42
CA CYS A 169 -30.22 3.02 27.31
C CYS A 169 -30.43 1.76 28.15
N ASP A 170 -31.43 1.81 29.02
CA ASP A 170 -31.71 0.72 29.96
C ASP A 170 -32.01 -0.60 29.25
N LYS A 171 -32.45 -0.54 28.00
CA LYS A 171 -32.85 -1.77 27.30
C LYS A 171 -31.72 -2.35 26.46
N CYS A 172 -31.17 -1.57 25.54
CA CYS A 172 -30.18 -2.12 24.62
C CYS A 172 -28.75 -1.76 25.05
N MET A 173 -28.64 -0.98 26.13
CA MET A 173 -27.35 -0.59 26.69
C MET A 173 -26.46 0.12 25.68
N VAL A 174 -27.06 0.85 24.75
CA VAL A 174 -26.28 1.65 23.83
C VAL A 174 -25.94 2.98 24.47
N TRP A 175 -25.12 3.74 23.77
CA TRP A 175 -24.69 5.03 24.24
C TRP A 175 -25.18 6.12 23.33
N GLN A 176 -25.89 7.07 23.90
CA GLN A 176 -26.44 8.16 23.13
C GLN A 176 -26.02 9.49 23.74
N HIS A 177 -25.59 10.41 22.89
CA HIS A 177 -25.02 11.68 23.35
C HIS A 177 -26.08 12.53 24.03
N CYS A 178 -25.68 13.09 25.16
CA CYS A 178 -26.57 13.85 26.04
C CYS A 178 -26.98 15.17 25.41
N ASP A 179 -26.03 15.89 24.83
CA ASP A 179 -26.29 17.18 24.21
C ASP A 179 -27.06 17.01 22.90
N CYS A 180 -27.19 15.76 22.45
CA CYS A 180 -27.94 15.45 21.26
C CYS A 180 -29.42 15.26 21.57
N MET A 181 -29.71 14.29 22.40
CA MET A 181 -31.08 13.93 22.71
C MET A 181 -31.74 14.94 23.63
N GLY A 182 -30.94 15.83 24.21
CA GLY A 182 -31.47 16.85 25.09
C GLY A 182 -31.54 16.38 26.52
N VAL A 183 -30.52 15.65 26.94
CA VAL A 183 -30.46 15.10 28.28
C VAL A 183 -29.68 16.06 29.19
N ASN A 184 -29.55 15.73 30.47
CA ASN A 184 -28.84 16.59 31.42
C ASN A 184 -27.86 15.75 32.24
N THR A 185 -27.64 14.53 31.79
CA THR A 185 -26.78 13.55 32.45
C THR A 185 -27.18 13.32 33.92
N ASP A 186 -28.42 13.63 34.26
CA ASP A 186 -28.90 13.41 35.62
C ASP A 186 -30.16 12.54 35.61
N VAL A 187 -30.54 12.09 34.42
CA VAL A 187 -31.71 11.25 34.26
C VAL A 187 -31.60 9.94 35.03
N GLU A 188 -32.73 9.51 35.59
CA GLU A 188 -32.78 8.29 36.38
C GLU A 188 -32.97 7.08 35.48
N HIS A 189 -33.73 7.24 34.41
CA HIS A 189 -33.96 6.19 33.44
C HIS A 189 -34.22 6.79 32.07
N TYR A 190 -33.40 6.42 31.09
CA TYR A 190 -33.56 6.92 29.74
C TYR A 190 -33.50 5.77 28.74
N LEU A 191 -34.34 5.86 27.71
CA LEU A 191 -34.38 4.87 26.66
C LEU A 191 -34.27 5.54 25.30
N CYS A 192 -34.01 4.74 24.27
CA CYS A 192 -33.88 5.25 22.91
C CYS A 192 -35.17 5.85 22.40
N GLU A 193 -35.02 6.67 21.36
CA GLU A 193 -36.11 7.21 20.59
C GLU A 193 -36.66 6.13 19.66
N GLN A 194 -36.18 4.92 19.86
CA GLN A 194 -36.60 3.77 19.08
C GLN A 194 -37.02 2.62 19.98
N CYS A 195 -36.19 2.29 20.98
CA CYS A 195 -36.52 1.26 21.96
C CYS A 195 -37.89 1.50 22.56
N ASP A 196 -38.03 2.64 23.20
CA ASP A 196 -39.28 3.05 23.81
C ASP A 196 -39.33 4.57 23.90
N PRO A 197 -39.74 5.24 22.82
CA PRO A 197 -39.85 6.69 22.80
C PRO A 197 -40.76 7.17 23.92
N ARG A 198 -40.22 7.96 24.83
CA ARG A 198 -40.98 8.38 26.00
C ARG A 198 -42.08 9.38 25.63
N PRO A 199 -43.34 9.01 25.92
CA PRO A 199 -44.47 9.91 25.71
C PRO A 199 -44.48 11.02 26.74
N VAL A 200 -44.39 12.25 26.28
CA VAL A 200 -44.36 13.38 27.19
C VAL A 200 -45.69 14.12 27.14
N ASP A 201 -46.55 13.84 28.11
CA ASP A 201 -47.85 14.50 28.18
C ASP A 201 -47.69 15.93 28.68
N ARG A 202 -46.61 16.13 29.42
CA ARG A 202 -46.23 17.45 29.90
C ARG A 202 -45.51 18.21 28.79
N GLU A 203 -45.59 19.54 28.84
CA GLU A 203 -44.94 20.43 27.88
C GLU A 203 -44.96 19.89 26.44
N VAL A 204 -46.16 19.74 25.90
CA VAL A 204 -46.31 19.26 24.53
C VAL A 204 -46.03 20.38 23.54
N PRO A 205 -44.94 20.26 22.75
CA PRO A 205 -44.59 21.26 21.75
C PRO A 205 -45.55 21.27 20.57
N ALA B 1 -29.60 6.46 35.26
CA ALA B 1 -29.01 6.25 33.92
C ALA B 1 -27.50 6.46 33.96
N ARG B 2 -26.76 5.47 33.47
CA ARG B 2 -25.31 5.55 33.40
C ARG B 2 -24.91 6.56 32.34
N THR B 3 -23.96 7.42 32.66
CA THR B 3 -23.54 8.43 31.72
C THR B 3 -22.01 8.50 31.63
N GLN B 5 -18.81 11.00 30.50
CA GLN B 5 -18.41 12.37 30.27
C GLN B 5 -16.94 12.41 29.84
N THR B 6 -16.71 12.45 28.54
CA THR B 6 -15.36 12.35 28.01
C THR B 6 -15.26 13.00 26.63
N ALA B 7 -14.13 13.65 26.38
CA ALA B 7 -13.85 14.27 25.08
C ALA B 7 -15.02 15.14 24.61
N ARG B 8 -15.29 16.20 25.37
CA ARG B 8 -16.43 17.08 25.10
C ARG B 8 -16.29 17.79 23.76
N LYS B 9 -15.04 17.97 23.33
CA LYS B 9 -14.73 18.64 22.06
C LYS B 9 -15.22 20.08 22.10
N SER B 10 -16.41 20.31 21.54
CA SER B 10 -17.05 21.63 21.53
C SER B 10 -16.16 22.68 20.85
N THR B 11 -16.51 23.94 21.00
CA THR B 11 -15.69 25.02 20.49
C THR B 11 -14.60 25.35 21.51
N GLY B 12 -14.94 25.20 22.78
CA GLY B 12 -14.02 25.46 23.85
C GLY B 12 -14.74 25.75 25.15
N SER A 1 17.87 30.59 1.47
CA SER A 1 18.20 29.22 1.03
C SER A 1 17.14 28.23 1.52
N MET A 2 16.43 27.62 0.59
CA MET A 2 15.40 26.65 0.93
C MET A 2 15.29 25.58 -0.15
N ASN A 3 15.18 24.34 0.28
CA ASN A 3 14.99 23.22 -0.65
C ASN A 3 13.70 22.49 -0.31
N ILE A 4 12.72 22.64 -1.19
CA ILE A 4 11.41 22.03 -1.02
C ILE A 4 11.52 20.53 -0.84
N GLU A 5 12.45 19.91 -1.55
CA GLU A 5 12.57 18.47 -1.51
C GLU A 5 12.93 17.99 -0.10
N VAL A 6 13.84 18.69 0.57
CA VAL A 6 14.26 18.28 1.90
C VAL A 6 13.18 18.61 2.92
N ALA A 7 12.36 19.62 2.61
CA ALA A 7 11.26 19.98 3.46
C ALA A 7 10.15 18.93 3.36
N ARG A 8 9.83 18.60 2.12
CA ARG A 8 8.84 17.56 1.83
C ARG A 8 9.29 16.21 2.39
N ALA A 9 10.56 15.89 2.16
CA ALA A 9 11.13 14.64 2.66
C ALA A 9 11.00 14.55 4.17
N ALA A 10 11.22 15.67 4.84
CA ALA A 10 11.11 15.73 6.28
C ALA A 10 9.65 15.60 6.72
N ARG A 11 8.77 16.32 6.03
CA ARG A 11 7.35 16.32 6.40
C ARG A 11 6.80 14.89 6.39
N LEU A 12 6.90 14.25 5.24
CA LEU A 12 6.44 12.88 5.10
C LEU A 12 7.20 11.96 6.04
N ALA A 13 8.43 12.33 6.41
CA ALA A 13 9.24 11.53 7.33
C ALA A 13 8.52 11.26 8.66
N GLN A 14 8.13 12.33 9.35
CA GLN A 14 7.43 12.19 10.64
C GLN A 14 6.09 11.49 10.42
N ILE A 15 5.54 11.71 9.26
CA ILE A 15 4.25 11.16 8.92
C ILE A 15 4.33 9.67 8.56
N PHE A 16 5.37 9.29 7.84
CA PHE A 16 5.63 7.89 7.57
C PHE A 16 5.79 7.15 8.89
N LYS A 17 6.38 7.85 9.85
CA LYS A 17 6.53 7.32 11.20
C LYS A 17 5.18 7.01 11.80
N GLU A 18 4.24 7.95 11.68
CA GLU A 18 2.88 7.74 12.16
C GLU A 18 2.27 6.51 11.50
N ILE A 19 2.37 6.46 10.17
CA ILE A 19 1.85 5.35 9.38
C ILE A 19 2.46 4.02 9.82
N CYS A 20 3.79 3.93 9.79
CA CYS A 20 4.47 2.68 10.11
C CYS A 20 4.28 2.30 11.57
N ASP A 21 4.20 3.29 12.45
CA ASP A 21 4.02 3.04 13.88
C ASP A 21 2.74 2.24 14.11
N GLY A 22 1.68 2.64 13.43
CA GLY A 22 0.41 1.97 13.56
C GLY A 22 0.40 0.60 12.92
N ILE A 23 1.30 0.38 11.96
CA ILE A 23 1.43 -0.91 11.32
C ILE A 23 2.35 -1.84 12.12
N ILE A 24 3.52 -1.34 12.48
CA ILE A 24 4.49 -2.08 13.28
C ILE A 24 3.82 -2.68 14.50
N SER A 25 3.15 -1.83 15.25
CA SER A 25 2.43 -2.27 16.43
C SER A 25 0.94 -2.37 16.14
N TYR A 26 0.61 -2.83 14.94
CA TYR A 26 -0.77 -3.16 14.62
C TYR A 26 -1.19 -4.36 15.44
N ARG A 27 -2.24 -4.19 16.22
CA ARG A 27 -2.64 -5.20 17.17
C ARG A 27 -4.01 -5.78 16.86
N ASP A 28 -4.18 -7.04 17.23
CA ASP A 28 -5.47 -7.72 17.14
C ASP A 28 -6.26 -7.44 18.42
N SER A 29 -7.52 -7.88 18.51
CA SER A 29 -8.31 -7.67 19.72
C SER A 29 -7.60 -8.28 20.94
N SER A 30 -6.93 -9.39 20.72
CA SER A 30 -6.17 -10.05 21.78
C SER A 30 -4.76 -9.47 21.89
N GLN A 31 -4.65 -8.17 21.66
CA GLN A 31 -3.42 -7.39 21.87
C GLN A 31 -2.18 -8.07 21.29
N GLN A 32 -2.35 -8.76 20.16
CA GLN A 32 -1.22 -9.42 19.51
C GLN A 32 -0.53 -8.45 18.56
N THR A 33 0.79 -8.47 18.58
CA THR A 33 1.57 -7.69 17.64
C THR A 33 1.88 -8.53 16.42
N LEU A 34 1.14 -8.27 15.35
CA LEU A 34 1.17 -9.09 14.15
C LEU A 34 2.52 -9.05 13.44
N ALA A 35 3.01 -7.85 13.16
CA ALA A 35 4.20 -7.66 12.30
C ALA A 35 5.50 -8.06 13.01
N ALA A 36 5.37 -8.85 14.07
CA ALA A 36 6.49 -9.33 14.87
C ALA A 36 7.58 -10.02 14.01
N PRO A 37 7.23 -10.97 13.11
CA PRO A 37 8.23 -11.72 12.35
C PRO A 37 8.75 -10.96 11.13
N LEU A 38 8.29 -9.73 10.96
CA LEU A 38 8.66 -8.94 9.78
C LEU A 38 9.67 -7.84 10.12
N LEU A 39 9.54 -7.24 11.30
CA LEU A 39 10.41 -6.12 11.66
C LEU A 39 11.72 -6.59 12.26
N ASN A 40 11.90 -7.89 12.31
CA ASN A 40 13.14 -8.48 12.76
C ASN A 40 13.84 -9.19 11.62
N LEU A 41 15.16 -9.25 11.69
CA LEU A 41 15.96 -9.84 10.62
C LEU A 41 16.70 -11.07 11.13
N PRO A 42 16.50 -12.21 10.45
CA PRO A 42 17.18 -13.48 10.78
C PRO A 42 18.70 -13.36 10.68
N PRO A 43 19.43 -14.21 11.42
CA PRO A 43 20.91 -14.20 11.41
C PRO A 43 21.46 -14.58 10.06
N LYS A 44 22.55 -13.92 9.67
CA LYS A 44 23.17 -14.09 8.36
C LYS A 44 23.24 -15.55 7.95
N LYS A 45 23.94 -16.30 8.78
CA LYS A 45 24.47 -17.58 8.39
C LYS A 45 23.43 -18.68 8.45
N LYS A 46 22.46 -18.55 9.34
CA LYS A 46 21.44 -19.59 9.52
C LYS A 46 20.34 -19.48 8.49
N ASN A 47 20.49 -18.54 7.57
CA ASN A 47 19.50 -18.31 6.53
C ASN A 47 20.17 -18.22 5.16
N ALA A 48 21.02 -19.19 4.87
CA ALA A 48 21.83 -19.16 3.66
C ALA A 48 20.96 -19.22 2.40
N ASP A 49 20.02 -20.17 2.35
CA ASP A 49 19.17 -20.32 1.17
C ASP A 49 18.14 -19.19 1.12
N TYR A 50 17.67 -18.81 2.31
CA TYR A 50 16.82 -17.63 2.48
C TYR A 50 17.48 -16.43 1.79
N TYR A 51 18.71 -16.14 2.18
CA TYR A 51 19.48 -15.01 1.65
C TYR A 51 19.91 -15.23 0.21
N GLU A 52 19.85 -16.47 -0.26
CA GLU A 52 20.29 -16.79 -1.61
C GLU A 52 19.29 -16.24 -2.62
N LYS A 53 18.03 -16.65 -2.49
CA LYS A 53 17.00 -16.19 -3.41
C LYS A 53 16.50 -14.80 -3.01
N ILE A 54 16.35 -14.58 -1.72
CA ILE A 54 15.92 -13.29 -1.19
C ILE A 54 17.13 -12.43 -0.88
N SER A 55 17.51 -11.58 -1.82
CA SER A 55 18.63 -10.67 -1.62
C SER A 55 18.15 -9.37 -0.98
N ASP A 56 16.83 -9.21 -0.92
CA ASP A 56 16.23 -8.05 -0.28
C ASP A 56 15.20 -8.49 0.77
N PRO A 57 15.63 -9.05 1.90
CA PRO A 57 14.73 -9.42 2.99
C PRO A 57 14.20 -8.19 3.70
N LEU A 58 15.13 -7.36 4.19
CA LEU A 58 14.80 -6.06 4.79
C LEU A 58 14.14 -6.20 6.15
N ASP A 59 14.72 -5.51 7.13
CA ASP A 59 14.18 -5.47 8.49
C ASP A 59 13.24 -4.28 8.63
N LEU A 60 11.97 -4.58 8.88
CA LEU A 60 10.92 -3.56 8.94
C LEU A 60 11.18 -2.53 10.04
N SER A 61 11.74 -2.98 11.16
CA SER A 61 12.03 -2.07 12.26
C SER A 61 13.17 -1.10 11.86
N THR A 62 14.04 -1.57 10.97
CA THR A 62 15.09 -0.73 10.41
C THR A 62 14.46 0.34 9.50
N ILE A 63 13.40 -0.05 8.79
CA ILE A 63 12.69 0.86 7.89
C ILE A 63 12.10 2.03 8.68
N GLU A 64 11.67 1.75 9.90
CA GLU A 64 11.17 2.79 10.82
C GLU A 64 12.27 3.78 11.17
N LYS A 65 13.38 3.26 11.65
CA LYS A 65 14.54 4.10 11.93
C LYS A 65 15.01 4.86 10.68
N GLN A 66 14.96 4.22 9.51
CA GLN A 66 15.33 4.89 8.26
C GLN A 66 14.29 5.95 7.89
N ILE A 67 13.10 5.79 8.42
CA ILE A 67 12.01 6.72 8.21
C ILE A 67 12.31 8.06 8.91
N LEU A 68 12.79 7.99 10.15
CA LEU A 68 13.11 9.17 10.91
C LEU A 68 14.32 9.93 10.34
N ILE A 69 15.26 9.19 9.76
CA ILE A 69 16.46 9.80 9.21
C ILE A 69 16.18 10.45 7.86
N GLY A 70 14.96 10.25 7.36
CA GLY A 70 14.54 10.86 6.11
C GLY A 70 15.26 10.31 4.90
N TYR A 71 15.49 9.01 4.89
CA TYR A 71 16.21 8.36 3.80
C TYR A 71 15.29 8.17 2.60
N TYR A 72 14.00 8.04 2.86
CA TYR A 72 13.04 7.69 1.81
C TYR A 72 12.57 8.90 1.02
N LYS A 73 12.52 10.06 1.70
CA LYS A 73 12.08 11.31 1.09
C LYS A 73 10.59 11.28 0.74
N THR A 74 10.24 10.50 -0.27
CA THR A 74 8.86 10.41 -0.72
C THR A 74 8.27 9.03 -0.42
N VAL A 75 6.96 8.90 -0.64
CA VAL A 75 6.27 7.65 -0.35
C VAL A 75 6.70 6.53 -1.27
N GLU A 76 7.08 6.90 -2.48
CA GLU A 76 7.57 5.97 -3.50
C GLU A 76 8.44 4.85 -2.92
N ALA A 77 9.55 5.24 -2.27
CA ALA A 77 10.48 4.27 -1.73
C ALA A 77 9.96 3.61 -0.46
N PHE A 78 9.34 4.43 0.41
CA PHE A 78 8.72 3.90 1.63
C PHE A 78 7.72 2.78 1.33
N ASP A 79 6.81 3.04 0.39
CA ASP A 79 5.78 2.09 0.02
C ASP A 79 6.40 0.79 -0.46
N ALA A 80 7.33 0.90 -1.41
CA ALA A 80 7.99 -0.26 -1.99
C ALA A 80 8.65 -1.11 -0.91
N ASP A 81 9.25 -0.44 0.08
CA ASP A 81 9.96 -1.13 1.15
C ASP A 81 9.03 -1.92 2.06
N MET A 82 7.93 -1.31 2.46
CA MET A 82 7.01 -1.96 3.40
C MET A 82 6.31 -3.16 2.76
N LEU A 83 5.81 -2.98 1.54
CA LEU A 83 5.17 -4.06 0.83
C LEU A 83 6.17 -5.18 0.57
N LYS A 84 7.42 -4.80 0.41
CA LYS A 84 8.50 -5.73 0.10
C LYS A 84 8.79 -6.69 1.26
N VAL A 85 8.72 -6.20 2.50
CA VAL A 85 8.89 -7.06 3.66
C VAL A 85 7.78 -8.11 3.69
N PHE A 86 6.55 -7.63 3.53
CA PHE A 86 5.38 -8.51 3.47
C PHE A 86 5.53 -9.53 2.33
N ARG A 87 6.02 -9.05 1.19
CA ARG A 87 6.22 -9.90 0.01
C ARG A 87 7.13 -11.09 0.32
N ASN A 88 8.37 -10.81 0.70
CA ASN A 88 9.35 -11.86 0.91
C ASN A 88 9.00 -12.68 2.15
N ALA A 89 8.22 -12.07 3.06
CA ALA A 89 7.74 -12.79 4.24
C ALA A 89 6.96 -14.02 3.82
N GLU A 90 5.73 -13.80 3.34
CA GLU A 90 4.81 -14.90 3.05
C GLU A 90 5.35 -15.79 1.94
N LYS A 91 6.27 -15.23 1.17
CA LYS A 91 6.86 -15.95 0.07
C LYS A 91 7.72 -17.11 0.57
N TYR A 92 8.85 -16.79 1.17
CA TYR A 92 9.83 -17.82 1.48
C TYR A 92 9.76 -18.36 2.91
N TYR A 93 9.20 -17.61 3.87
CA TYR A 93 9.38 -17.98 5.29
C TYR A 93 9.06 -19.46 5.56
N GLY A 94 8.18 -20.06 4.73
CA GLY A 94 8.09 -21.54 4.65
C GLY A 94 7.40 -22.20 5.83
N ARG A 95 7.75 -21.74 7.01
CA ARG A 95 7.13 -22.11 8.27
C ARG A 95 5.62 -21.91 8.30
N LYS A 96 5.00 -21.55 7.16
CA LYS A 96 3.82 -20.66 7.05
C LYS A 96 2.79 -20.77 8.17
N SER A 97 3.28 -20.44 9.34
CA SER A 97 2.48 -20.29 10.54
C SER A 97 1.88 -18.86 10.55
N PRO A 98 1.01 -18.54 11.54
CA PRO A 98 0.32 -17.25 11.71
C PRO A 98 0.91 -15.98 11.05
N ILE A 99 2.23 -15.88 10.82
CA ILE A 99 2.79 -14.65 10.23
C ILE A 99 2.10 -14.32 8.90
N GLY A 100 1.85 -15.33 8.06
CA GLY A 100 1.13 -15.12 6.81
C GLY A 100 -0.10 -14.22 6.95
N ARG A 101 -1.03 -14.60 7.84
CA ARG A 101 -2.22 -13.81 8.07
C ARG A 101 -1.93 -12.44 8.66
N ASP A 102 -0.76 -12.27 9.29
CA ASP A 102 -0.46 -10.97 9.88
C ASP A 102 -0.09 -9.99 8.78
N VAL A 103 0.82 -10.39 7.92
CA VAL A 103 1.38 -9.48 6.94
C VAL A 103 0.32 -9.06 5.91
N CYS A 104 -0.61 -9.97 5.60
CA CYS A 104 -1.67 -9.65 4.65
C CYS A 104 -2.71 -8.74 5.30
N ARG A 105 -2.96 -8.96 6.59
CA ARG A 105 -3.84 -8.08 7.35
C ARG A 105 -3.23 -6.68 7.43
N LEU A 106 -1.93 -6.63 7.72
CA LEU A 106 -1.19 -5.38 7.75
C LEU A 106 -1.32 -4.66 6.42
N ARG A 107 -1.11 -5.44 5.36
CA ARG A 107 -1.15 -4.93 3.98
C ARG A 107 -2.45 -4.21 3.69
N LYS A 108 -3.58 -4.80 4.09
CA LYS A 108 -4.89 -4.21 3.82
C LYS A 108 -5.03 -2.91 4.60
N ALA A 109 -4.56 -2.96 5.84
CA ALA A 109 -4.71 -1.87 6.77
C ALA A 109 -3.74 -0.73 6.43
N TYR A 110 -2.66 -1.08 5.74
CA TYR A 110 -1.67 -0.11 5.33
C TYR A 110 -2.15 0.66 4.11
N TYR A 111 -2.84 -0.02 3.19
CA TYR A 111 -3.38 0.69 2.03
C TYR A 111 -4.46 1.67 2.48
N SER A 112 -5.17 1.32 3.54
CA SER A 112 -6.10 2.25 4.16
C SER A 112 -5.31 3.41 4.77
N ALA A 113 -4.28 3.07 5.55
CA ALA A 113 -3.40 4.05 6.17
C ALA A 113 -2.81 5.00 5.13
N ARG A 114 -2.44 4.45 3.98
CA ARG A 114 -2.00 5.24 2.83
C ARG A 114 -3.03 6.30 2.49
N HIS A 115 -4.26 5.85 2.24
CA HIS A 115 -5.36 6.74 1.89
C HIS A 115 -5.60 7.77 2.98
N GLU A 116 -5.58 7.32 4.23
CA GLU A 116 -5.69 8.18 5.39
C GLU A 116 -4.65 9.31 5.36
N ALA A 117 -3.42 8.97 4.99
CA ALA A 117 -2.33 9.94 4.99
C ALA A 117 -2.26 10.75 3.70
N SER A 118 -3.07 10.38 2.71
CA SER A 118 -3.09 11.11 1.44
C SER A 118 -3.34 12.60 1.65
N ALA A 119 -4.09 12.93 2.70
CA ALA A 119 -4.40 14.32 3.03
C ALA A 119 -3.15 15.18 3.10
N GLN A 120 -2.27 14.86 4.04
CA GLN A 120 -1.03 15.61 4.20
C GLN A 120 -0.19 15.57 2.93
N ILE A 121 -0.13 14.40 2.28
CA ILE A 121 0.68 14.28 1.07
C ILE A 121 0.21 15.29 0.04
N ASP A 122 -1.09 15.46 -0.05
CA ASP A 122 -1.69 16.44 -0.97
C ASP A 122 -1.28 17.88 -0.63
N GLU A 123 -1.15 18.19 0.66
CA GLU A 123 -0.79 19.55 1.09
C GLU A 123 0.70 19.81 0.86
N ILE A 124 1.49 18.75 0.91
CA ILE A 124 2.94 18.86 0.82
C ILE A 124 3.43 18.58 -0.58
N VAL A 125 3.16 17.36 -1.04
CA VAL A 125 3.65 16.88 -2.31
C VAL A 125 2.66 17.25 -3.41
N GLY A 126 1.40 16.86 -3.24
CA GLY A 126 0.37 17.20 -4.21
C GLY A 126 0.69 16.67 -5.60
N GLU A 127 1.31 15.50 -5.63
CA GLU A 127 1.70 14.82 -6.86
C GLU A 127 2.43 15.75 -7.85
N THR A 128 3.09 16.78 -7.34
CA THR A 128 3.83 17.69 -8.20
C THR A 128 5.18 17.06 -8.55
N ALA A 129 5.54 16.02 -7.81
CA ALA A 129 6.81 15.36 -8.01
C ALA A 129 6.62 14.15 -8.93
N SER A 130 6.04 13.10 -8.39
CA SER A 130 5.73 11.92 -9.16
C SER A 130 4.33 11.43 -8.81
N GLU A 131 3.85 10.41 -9.49
CA GLU A 131 2.49 9.92 -9.27
C GLU A 131 2.32 9.32 -7.88
N ALA A 132 3.36 8.63 -7.39
CA ALA A 132 3.33 7.99 -6.09
C ALA A 132 2.31 6.85 -6.07
N ASP A 133 2.25 6.14 -7.18
CA ASP A 133 1.29 5.06 -7.37
C ASP A 133 2.03 3.73 -7.40
N SER A 134 3.02 3.64 -6.53
CA SER A 134 3.88 2.47 -6.46
C SER A 134 3.19 1.35 -5.69
N SER A 135 2.05 1.67 -5.08
CA SER A 135 1.33 0.74 -4.22
C SER A 135 0.69 -0.39 -5.04
N GLU A 136 -0.08 -1.24 -4.36
CA GLU A 136 -0.74 -2.39 -4.97
C GLU A 136 0.25 -3.42 -5.50
N THR A 137 -0.25 -4.61 -5.80
CA THR A 137 0.60 -5.71 -6.25
C THR A 137 -0.10 -6.51 -7.35
N SER A 138 -1.39 -6.25 -7.53
CA SER A 138 -2.17 -6.95 -8.53
C SER A 138 -2.88 -5.95 -9.45
N VAL A 139 -3.82 -5.21 -8.89
CA VAL A 139 -4.56 -4.20 -9.64
C VAL A 139 -4.47 -2.86 -8.95
N SER A 140 -4.69 -1.81 -9.71
CA SER A 140 -4.58 -0.45 -9.21
C SER A 140 -5.95 0.14 -8.96
N GLU A 141 -6.82 -0.02 -9.95
CA GLU A 141 -8.20 0.43 -9.83
C GLU A 141 -8.91 -0.32 -8.71
N LYS A 142 -8.50 -1.59 -8.53
CA LYS A 142 -9.04 -2.51 -7.52
C LYS A 142 -10.55 -2.37 -7.32
N GLU A 143 -10.97 -1.50 -6.41
CA GLU A 143 -12.38 -1.28 -6.17
C GLU A 143 -12.95 -0.22 -7.11
N SER A 144 -12.76 1.05 -6.76
CA SER A 144 -13.28 2.17 -7.56
C SER A 144 -14.76 1.99 -7.85
N GLY A 145 -15.55 1.88 -6.79
CA GLY A 145 -16.97 1.63 -6.92
C GLY A 145 -17.49 0.85 -5.74
N HIS A 146 -18.67 1.23 -5.28
CA HIS A 146 -19.29 0.58 -4.13
C HIS A 146 -19.94 -0.72 -4.54
N GLU A 147 -20.67 -0.67 -5.65
CA GLU A 147 -21.27 -1.86 -6.23
C GLU A 147 -20.30 -2.48 -7.23
N LYS A 148 -19.92 -1.69 -8.23
CA LYS A 148 -19.00 -2.12 -9.28
C LYS A 148 -19.58 -3.30 -10.04
N ASP A 149 -20.58 -3.01 -10.86
CA ASP A 149 -21.25 -4.02 -11.66
C ASP A 149 -21.55 -3.44 -13.04
N ASP A 150 -21.73 -4.32 -14.01
CA ASP A 150 -21.99 -3.90 -15.39
C ASP A 150 -23.47 -3.63 -15.60
N ASP A 151 -24.30 -4.40 -14.93
CA ASP A 151 -25.74 -4.33 -15.10
C ASP A 151 -26.42 -3.57 -13.97
N VAL A 152 -25.69 -2.65 -13.34
CA VAL A 152 -26.25 -1.87 -12.23
C VAL A 152 -27.42 -1.00 -12.66
N ILE A 153 -28.60 -1.46 -12.31
CA ILE A 153 -29.82 -0.72 -12.49
C ILE A 153 -29.92 0.39 -11.46
N ARG A 154 -30.36 1.58 -11.87
CA ARG A 154 -30.61 2.64 -10.93
C ARG A 154 -31.73 3.55 -11.43
N CYS A 155 -32.96 3.12 -11.24
CA CYS A 155 -34.08 3.93 -11.62
C CYS A 155 -35.23 3.86 -10.60
N ILE A 156 -35.88 5.00 -10.36
CA ILE A 156 -36.94 5.13 -9.36
C ILE A 156 -38.09 4.11 -9.48
N CYS A 157 -38.24 3.45 -10.64
CA CYS A 157 -39.28 2.42 -10.74
C CYS A 157 -39.02 1.34 -9.68
N GLY A 158 -37.74 1.02 -9.51
CA GLY A 158 -37.29 0.30 -8.33
C GLY A 158 -37.38 -1.21 -8.39
N LEU A 159 -37.07 -1.82 -9.53
CA LEU A 159 -36.97 -3.27 -9.58
C LEU A 159 -35.51 -3.72 -9.50
N TYR A 160 -34.60 -2.89 -10.02
CA TYR A 160 -33.18 -3.22 -10.11
C TYR A 160 -32.97 -4.45 -11.00
N LYS A 161 -33.73 -4.54 -12.09
CA LYS A 161 -33.55 -5.63 -13.04
C LYS A 161 -33.57 -5.09 -14.46
N ASP A 162 -32.65 -5.57 -15.27
CA ASP A 162 -32.53 -5.16 -16.64
C ASP A 162 -33.55 -5.86 -17.55
N GLU A 163 -34.79 -5.44 -17.42
CA GLU A 163 -35.84 -5.87 -18.34
C GLU A 163 -36.45 -4.67 -19.05
N GLY A 164 -37.18 -4.94 -20.11
CA GLY A 164 -37.83 -3.87 -20.86
C GLY A 164 -36.85 -3.01 -21.63
N LEU A 165 -37.25 -1.76 -21.88
CA LEU A 165 -36.41 -0.81 -22.58
C LEU A 165 -35.66 0.04 -21.57
N MET A 166 -34.42 0.39 -21.87
CA MET A 166 -33.60 1.16 -20.93
C MET A 166 -32.42 1.82 -21.64
N ILE A 167 -31.96 2.93 -21.08
CA ILE A 167 -30.81 3.63 -21.62
C ILE A 167 -29.66 3.63 -20.61
N GLN A 168 -28.53 4.18 -21.02
CA GLN A 168 -27.30 4.14 -20.21
C GLN A 168 -26.79 5.55 -19.92
N CYS A 169 -26.67 5.89 -18.63
CA CYS A 169 -26.14 7.19 -18.22
C CYS A 169 -24.71 7.37 -18.68
N ASP A 170 -24.44 8.55 -19.26
CA ASP A 170 -23.12 8.86 -19.79
C ASP A 170 -22.08 8.98 -18.67
N LYS A 171 -22.50 9.39 -17.48
CA LYS A 171 -21.53 9.57 -16.40
C LYS A 171 -21.52 8.41 -15.41
N CYS A 172 -22.66 8.12 -14.77
CA CYS A 172 -22.71 7.05 -13.78
C CYS A 172 -22.64 5.68 -14.47
N MET A 173 -22.89 5.69 -15.78
CA MET A 173 -22.94 4.49 -16.61
C MET A 173 -23.89 3.45 -16.03
N VAL A 174 -24.93 3.96 -15.37
CA VAL A 174 -25.97 3.12 -14.77
C VAL A 174 -27.16 3.00 -15.72
N TRP A 175 -28.00 1.99 -15.50
CA TRP A 175 -29.10 1.69 -16.41
C TRP A 175 -30.42 2.23 -15.86
N GLN A 176 -31.20 2.83 -16.74
CA GLN A 176 -32.51 3.35 -16.38
C GLN A 176 -33.50 3.03 -17.49
N HIS A 177 -34.70 2.63 -17.14
CA HIS A 177 -35.65 2.13 -18.14
C HIS A 177 -36.42 3.25 -18.79
N CYS A 178 -36.96 2.94 -19.95
CA CYS A 178 -37.89 3.82 -20.63
C CYS A 178 -39.19 3.97 -19.84
N ASP A 179 -39.63 2.88 -19.21
CA ASP A 179 -40.87 2.90 -18.42
C ASP A 179 -40.83 3.91 -17.29
N CYS A 180 -39.79 3.86 -16.48
CA CYS A 180 -39.68 4.72 -15.31
C CYS A 180 -39.43 6.18 -15.67
N MET A 181 -38.45 6.44 -16.52
CA MET A 181 -38.07 7.83 -16.81
C MET A 181 -38.92 8.43 -17.93
N GLY A 182 -39.57 7.58 -18.72
CA GLY A 182 -40.34 8.04 -19.85
C GLY A 182 -39.45 8.46 -21.00
N VAL A 183 -38.44 7.65 -21.29
CA VAL A 183 -37.45 7.98 -22.30
C VAL A 183 -37.91 7.51 -23.67
N ASN A 184 -37.38 8.11 -24.71
CA ASN A 184 -37.74 7.74 -26.08
C ASN A 184 -36.71 6.77 -26.64
N THR A 185 -35.73 6.43 -25.79
CA THR A 185 -34.61 5.58 -26.16
C THR A 185 -33.93 6.03 -27.46
N ASP A 186 -34.03 7.32 -27.77
CA ASP A 186 -33.38 7.86 -28.96
C ASP A 186 -32.32 8.89 -28.56
N VAL A 187 -32.26 9.19 -27.26
CA VAL A 187 -31.33 10.17 -26.73
C VAL A 187 -29.89 9.85 -27.12
N GLU A 188 -29.19 10.89 -27.55
CA GLU A 188 -27.78 10.75 -27.91
C GLU A 188 -26.92 10.73 -26.65
N HIS A 189 -27.30 11.52 -25.65
CA HIS A 189 -26.64 11.51 -24.37
C HIS A 189 -27.63 11.78 -23.24
N TYR A 190 -27.75 10.82 -22.35
CA TYR A 190 -28.73 10.91 -21.27
C TYR A 190 -28.08 10.78 -19.91
N LEU A 191 -28.70 11.38 -18.89
CA LEU A 191 -28.18 11.36 -17.53
C LEU A 191 -29.31 11.18 -16.52
N CYS A 192 -28.95 10.65 -15.34
CA CYS A 192 -29.92 10.36 -14.27
C CYS A 192 -30.35 11.64 -13.56
N GLU A 193 -31.37 11.48 -12.73
CA GLU A 193 -31.90 12.54 -11.87
C GLU A 193 -30.95 12.86 -10.71
N GLN A 194 -29.68 12.53 -10.89
CA GLN A 194 -28.67 12.78 -9.86
C GLN A 194 -27.53 13.58 -10.43
N CYS A 195 -26.73 12.88 -11.22
CA CYS A 195 -25.61 13.45 -11.94
C CYS A 195 -25.97 14.80 -12.55
N ASP A 196 -26.99 14.79 -13.38
CA ASP A 196 -27.49 16.00 -14.02
C ASP A 196 -28.98 15.90 -14.26
N PRO A 197 -29.79 16.12 -13.22
CA PRO A 197 -31.25 16.04 -13.33
C PRO A 197 -31.82 17.22 -14.12
N ARG A 198 -32.61 16.92 -15.15
CA ARG A 198 -33.24 17.97 -15.92
C ARG A 198 -34.55 18.39 -15.28
N PRO A 199 -34.68 19.67 -14.90
CA PRO A 199 -35.87 20.15 -14.21
C PRO A 199 -37.01 20.41 -15.18
N VAL A 200 -38.10 19.70 -14.97
CA VAL A 200 -39.28 19.82 -15.82
C VAL A 200 -40.23 20.86 -15.22
N ASP A 201 -40.56 21.86 -16.01
CA ASP A 201 -41.44 22.94 -15.56
C ASP A 201 -42.79 22.85 -16.26
N ARG A 202 -42.85 22.03 -17.31
CA ARG A 202 -44.07 21.86 -18.07
C ARG A 202 -45.14 21.16 -17.24
N GLU A 203 -46.07 21.95 -16.69
CA GLU A 203 -47.19 21.47 -15.88
C GLU A 203 -46.76 20.40 -14.86
N VAL A 204 -45.80 20.76 -14.02
CA VAL A 204 -45.28 19.84 -13.01
C VAL A 204 -45.47 20.42 -11.61
N PRO A 205 -46.36 19.81 -10.80
CA PRO A 205 -46.57 20.22 -9.42
C PRO A 205 -45.36 19.90 -8.54
N ALA B 1 -26.81 7.36 -26.93
CA ALA B 1 -26.84 6.62 -25.65
C ALA B 1 -27.06 5.13 -25.89
N ARG B 2 -26.41 4.32 -25.07
CA ARG B 2 -26.55 2.86 -25.15
C ARG B 2 -27.96 2.47 -24.73
N THR B 3 -28.69 1.83 -25.63
CA THR B 3 -30.05 1.42 -25.34
C THR B 3 -30.19 -0.09 -25.37
N GLN B 5 -33.09 -3.35 -24.84
CA GLN B 5 -34.52 -3.63 -24.86
C GLN B 5 -34.76 -5.14 -24.77
N THR B 6 -34.96 -5.62 -23.56
CA THR B 6 -35.17 -7.04 -23.33
C THR B 6 -36.68 -7.35 -23.27
N ALA B 7 -37.17 -7.71 -22.08
CA ALA B 7 -38.60 -7.97 -21.87
C ALA B 7 -39.14 -8.99 -22.87
N ARG B 8 -38.68 -10.22 -22.77
CA ARG B 8 -39.16 -11.28 -23.63
C ARG B 8 -40.57 -11.67 -23.26
N LYS B 9 -41.53 -11.22 -24.04
CA LYS B 9 -42.93 -11.55 -23.81
C LYS B 9 -43.24 -12.87 -24.47
N SER B 10 -42.80 -13.95 -23.85
CA SER B 10 -42.98 -15.28 -24.39
C SER B 10 -44.21 -15.94 -23.79
N THR B 11 -44.91 -16.72 -24.61
CA THR B 11 -46.09 -17.43 -24.14
C THR B 11 -45.76 -18.88 -23.83
N GLY B 12 -44.61 -19.34 -24.29
CA GLY B 12 -44.19 -20.70 -24.04
C GLY B 12 -42.68 -20.82 -23.99
N SER A 1 14.23 30.83 1.10
CA SER A 1 15.06 30.13 2.10
C SER A 1 14.42 28.80 2.48
N MET A 2 13.93 28.07 1.48
CA MET A 2 13.29 26.79 1.71
C MET A 2 13.26 25.98 0.42
N ASN A 3 13.68 24.73 0.51
CA ASN A 3 13.60 23.82 -0.62
C ASN A 3 12.42 22.88 -0.43
N ILE A 4 11.41 23.05 -1.27
CA ILE A 4 10.14 22.34 -1.16
C ILE A 4 10.33 20.82 -1.13
N GLU A 5 11.26 20.32 -1.92
CA GLU A 5 11.47 18.88 -1.99
C GLU A 5 11.99 18.34 -0.67
N VAL A 6 12.90 19.06 -0.02
CA VAL A 6 13.44 18.61 1.26
C VAL A 6 12.44 18.90 2.38
N ALA A 7 11.63 19.93 2.19
CA ALA A 7 10.58 20.25 3.14
C ALA A 7 9.47 19.22 3.04
N ARG A 8 9.28 18.70 1.84
CA ARG A 8 8.30 17.66 1.60
C ARG A 8 8.85 16.32 2.08
N ALA A 9 10.15 16.11 1.93
CA ALA A 9 10.80 14.88 2.38
C ALA A 9 10.68 14.72 3.88
N ALA A 10 10.98 15.79 4.61
CA ALA A 10 10.89 15.78 6.06
C ALA A 10 9.44 15.65 6.52
N ARG A 11 8.54 16.29 5.76
CA ARG A 11 7.11 16.26 6.08
C ARG A 11 6.58 14.84 6.01
N LEU A 12 6.84 14.17 4.89
CA LEU A 12 6.46 12.78 4.76
C LEU A 12 7.23 11.93 5.76
N ALA A 13 8.46 12.33 6.07
CA ALA A 13 9.37 11.55 6.92
C ALA A 13 8.73 11.14 8.24
N GLN A 14 8.46 12.10 9.12
CA GLN A 14 7.87 11.73 10.41
C GLN A 14 6.38 11.45 10.29
N ILE A 15 5.77 11.81 9.17
CA ILE A 15 4.42 11.39 8.90
C ILE A 15 4.37 9.90 8.53
N PHE A 16 5.36 9.44 7.77
CA PHE A 16 5.50 8.01 7.51
C PHE A 16 5.60 7.26 8.83
N LYS A 17 6.37 7.85 9.73
CA LYS A 17 6.54 7.32 11.07
C LYS A 17 5.18 7.07 11.72
N GLU A 18 4.28 8.05 11.58
CA GLU A 18 2.92 7.93 12.10
C GLU A 18 2.26 6.67 11.53
N ILE A 19 2.37 6.49 10.23
CA ILE A 19 1.80 5.33 9.53
C ILE A 19 2.45 4.04 10.02
N CYS A 20 3.78 3.98 9.94
CA CYS A 20 4.51 2.76 10.25
C CYS A 20 4.43 2.41 11.73
N ASP A 21 4.34 3.41 12.57
CA ASP A 21 4.15 3.18 14.00
C ASP A 21 2.86 2.39 14.23
N GLY A 22 1.82 2.79 13.51
CA GLY A 22 0.55 2.11 13.60
C GLY A 22 0.59 0.71 13.01
N ILE A 23 1.51 0.48 12.08
CA ILE A 23 1.64 -0.83 11.45
C ILE A 23 2.54 -1.76 12.27
N ILE A 24 3.70 -1.26 12.66
CA ILE A 24 4.64 -2.02 13.49
C ILE A 24 3.94 -2.55 14.73
N SER A 25 3.29 -1.64 15.42
CA SER A 25 2.57 -1.99 16.63
C SER A 25 1.08 -2.17 16.33
N TYR A 26 0.77 -2.61 15.11
CA TYR A 26 -0.60 -2.95 14.75
C TYR A 26 -1.01 -4.20 15.48
N ARG A 27 -2.23 -4.22 15.98
CA ARG A 27 -2.71 -5.37 16.74
C ARG A 27 -4.21 -5.50 16.72
N ASP A 28 -4.64 -6.72 16.93
CA ASP A 28 -6.06 -7.08 16.96
C ASP A 28 -6.60 -6.91 18.39
N SER A 29 -7.89 -7.09 18.61
CA SER A 29 -8.46 -6.98 19.94
C SER A 29 -7.75 -7.93 20.92
N SER A 30 -7.27 -9.06 20.39
CA SER A 30 -6.55 -10.04 21.20
C SER A 30 -5.10 -9.63 21.47
N GLN A 31 -4.80 -8.35 21.22
CA GLN A 31 -3.48 -7.78 21.52
C GLN A 31 -2.37 -8.47 20.75
N GLN A 32 -2.69 -9.02 19.59
CA GLN A 32 -1.69 -9.69 18.77
C GLN A 32 -1.02 -8.73 17.81
N THR A 33 0.28 -8.58 18.01
CA THR A 33 1.12 -7.76 17.15
C THR A 33 1.68 -8.61 16.01
N LEU A 34 1.05 -8.46 14.85
CA LEU A 34 1.27 -9.35 13.73
C LEU A 34 2.66 -9.17 13.11
N ALA A 35 3.08 -7.92 12.92
CA ALA A 35 4.28 -7.60 12.14
C ALA A 35 5.57 -7.95 12.88
N ALA A 36 5.48 -8.77 13.91
CA ALA A 36 6.63 -9.15 14.72
C ALA A 36 7.74 -9.84 13.90
N PRO A 37 7.44 -10.84 13.04
CA PRO A 37 8.48 -11.53 12.30
C PRO A 37 9.12 -10.63 11.26
N LEU A 38 8.31 -9.73 10.72
CA LEU A 38 8.78 -8.80 9.70
C LEU A 38 9.56 -7.66 10.37
N LEU A 39 9.40 -7.52 11.68
CA LEU A 39 9.99 -6.40 12.41
C LEU A 39 11.34 -6.74 13.05
N ASN A 40 11.51 -8.01 13.44
CA ASN A 40 12.77 -8.50 14.03
C ASN A 40 13.62 -9.21 12.98
N LEU A 41 14.85 -8.77 12.78
CA LEU A 41 15.70 -9.31 11.73
C LEU A 41 16.25 -10.68 12.11
N PRO A 42 16.01 -11.69 11.26
CA PRO A 42 16.54 -13.05 11.43
C PRO A 42 18.06 -13.10 11.40
N PRO A 43 18.67 -13.85 12.35
CA PRO A 43 20.12 -14.04 12.39
C PRO A 43 20.70 -14.43 11.04
N LYS A 44 21.71 -13.69 10.62
CA LYS A 44 22.30 -13.80 9.29
C LYS A 44 22.95 -15.16 9.05
N LYS A 45 23.40 -15.80 10.12
CA LYS A 45 24.23 -17.01 10.02
C LYS A 45 23.49 -18.15 9.31
N LYS A 46 22.27 -18.45 9.74
CA LYS A 46 21.53 -19.57 9.17
C LYS A 46 20.35 -19.08 8.34
N ASN A 47 20.53 -18.01 7.59
CA ASN A 47 19.46 -17.47 6.76
C ASN A 47 20.02 -16.99 5.41
N ALA A 48 20.25 -17.96 4.52
CA ALA A 48 20.83 -17.68 3.20
C ALA A 48 19.78 -17.21 2.21
N ASP A 49 18.57 -17.75 2.37
CA ASP A 49 17.46 -17.58 1.44
C ASP A 49 17.25 -16.14 0.98
N TYR A 50 17.09 -15.22 1.91
CA TYR A 50 16.77 -13.83 1.57
C TYR A 50 17.86 -13.16 0.74
N TYR A 51 19.10 -13.23 1.21
CA TYR A 51 20.18 -12.60 0.48
C TYR A 51 20.53 -13.42 -0.76
N GLU A 52 19.79 -14.49 -0.98
CA GLU A 52 19.80 -15.19 -2.25
C GLU A 52 18.75 -14.52 -3.13
N LYS A 53 17.49 -14.72 -2.79
CA LYS A 53 16.40 -13.99 -3.41
C LYS A 53 15.69 -13.09 -2.37
N ILE A 54 15.13 -13.74 -1.33
CA ILE A 54 14.45 -13.09 -0.17
C ILE A 54 13.87 -14.20 0.72
N SER A 55 13.39 -13.83 1.92
CA SER A 55 12.79 -14.79 2.85
C SER A 55 12.15 -14.11 4.07
N ASP A 56 12.86 -13.21 4.80
CA ASP A 56 12.29 -12.61 6.02
C ASP A 56 13.02 -11.33 6.53
N PRO A 57 14.34 -11.07 6.22
CA PRO A 57 15.02 -9.76 6.33
C PRO A 57 14.21 -8.47 6.02
N LEU A 58 14.98 -7.38 5.94
CA LEU A 58 14.47 -6.02 5.76
C LEU A 58 13.50 -5.70 6.89
N ASP A 59 13.95 -5.91 8.10
CA ASP A 59 13.07 -5.82 9.24
C ASP A 59 12.48 -4.42 9.39
N LEU A 60 11.17 -4.40 9.65
CA LEU A 60 10.41 -3.18 9.78
C LEU A 60 11.01 -2.25 10.82
N SER A 61 11.60 -2.80 11.87
CA SER A 61 12.21 -1.97 12.90
C SER A 61 13.36 -1.13 12.33
N THR A 62 14.06 -1.67 11.32
CA THR A 62 15.11 -0.91 10.65
C THR A 62 14.49 0.08 9.67
N ILE A 63 13.44 -0.35 8.98
CA ILE A 63 12.73 0.52 8.05
C ILE A 63 12.24 1.77 8.78
N GLU A 64 11.58 1.55 9.92
CA GLU A 64 11.10 2.63 10.80
C GLU A 64 12.24 3.60 11.15
N LYS A 65 13.36 3.06 11.63
CA LYS A 65 14.48 3.88 12.04
C LYS A 65 15.05 4.68 10.85
N GLN A 66 15.00 4.10 9.65
CA GLN A 66 15.49 4.78 8.46
C GLN A 66 14.46 5.79 7.95
N ILE A 67 13.25 5.70 8.47
CA ILE A 67 12.20 6.66 8.16
C ILE A 67 12.40 7.94 8.97
N LEU A 68 12.69 7.77 10.27
CA LEU A 68 12.95 8.90 11.15
C LEU A 68 14.12 9.74 10.65
N ILE A 69 15.13 9.07 10.10
CA ILE A 69 16.32 9.76 9.61
C ILE A 69 16.05 10.43 8.27
N GLY A 70 14.88 10.14 7.71
CA GLY A 70 14.47 10.75 6.44
C GLY A 70 15.30 10.29 5.26
N TYR A 71 15.61 9.00 5.21
CA TYR A 71 16.43 8.46 4.13
C TYR A 71 15.58 8.18 2.90
N TYR A 72 14.32 7.83 3.12
CA TYR A 72 13.43 7.45 2.03
C TYR A 72 12.93 8.67 1.27
N LYS A 73 12.88 9.82 1.96
CA LYS A 73 12.45 11.10 1.39
C LYS A 73 10.96 11.08 1.00
N THR A 74 10.66 10.43 -0.10
CA THR A 74 9.30 10.41 -0.61
C THR A 74 8.66 9.03 -0.43
N VAL A 75 7.45 8.85 -0.94
CA VAL A 75 6.71 7.62 -0.69
C VAL A 75 7.19 6.50 -1.59
N GLU A 76 7.71 6.85 -2.76
CA GLU A 76 8.21 5.87 -3.74
C GLU A 76 9.02 4.75 -3.06
N ALA A 77 10.14 5.13 -2.45
CA ALA A 77 11.00 4.15 -1.79
C ALA A 77 10.33 3.61 -0.55
N PHE A 78 9.54 4.45 0.11
CA PHE A 78 8.82 4.05 1.31
C PHE A 78 7.90 2.86 1.04
N ASP A 79 6.97 3.03 0.10
CA ASP A 79 6.00 2.00 -0.23
C ASP A 79 6.71 0.71 -0.60
N ALA A 80 7.71 0.84 -1.46
CA ALA A 80 8.44 -0.31 -1.96
C ALA A 80 9.01 -1.17 -0.84
N ASP A 81 9.49 -0.53 0.24
CA ASP A 81 10.12 -1.26 1.33
C ASP A 81 9.13 -1.99 2.23
N MET A 82 8.01 -1.34 2.55
CA MET A 82 7.04 -1.95 3.44
C MET A 82 6.26 -3.04 2.71
N LEU A 83 5.86 -2.75 1.49
CA LEU A 83 5.17 -3.73 0.68
C LEU A 83 6.13 -4.87 0.31
N LYS A 84 7.42 -4.56 0.33
CA LYS A 84 8.47 -5.54 0.04
C LYS A 84 8.45 -6.69 1.03
N VAL A 85 8.63 -6.37 2.31
CA VAL A 85 8.66 -7.39 3.36
C VAL A 85 7.39 -8.22 3.37
N PHE A 86 6.24 -7.57 3.18
CA PHE A 86 4.98 -8.29 3.07
C PHE A 86 5.03 -9.28 1.91
N ARG A 87 5.59 -8.85 0.79
CA ARG A 87 5.74 -9.71 -0.38
C ARG A 87 6.66 -10.88 -0.06
N ASN A 88 7.86 -10.57 0.43
CA ASN A 88 8.86 -11.58 0.74
C ASN A 88 8.29 -12.58 1.76
N ALA A 89 7.37 -12.10 2.61
CA ALA A 89 6.67 -12.94 3.57
C ALA A 89 5.80 -13.99 2.87
N GLU A 90 4.70 -13.55 2.27
CA GLU A 90 3.72 -14.49 1.75
C GLU A 90 4.13 -15.07 0.39
N LYS A 91 5.17 -14.51 -0.22
CA LYS A 91 5.74 -15.09 -1.42
C LYS A 91 6.63 -16.28 -1.08
N TYR A 92 7.71 -16.02 -0.37
CA TYR A 92 8.71 -17.07 -0.14
C TYR A 92 8.49 -17.78 1.20
N TYR A 93 8.26 -17.02 2.27
CA TYR A 93 8.01 -17.64 3.58
C TYR A 93 6.79 -18.58 3.49
N GLY A 94 5.66 -18.07 3.01
CA GLY A 94 4.48 -18.90 2.88
C GLY A 94 3.23 -18.09 2.57
N ARG A 95 2.53 -18.48 1.52
CA ARG A 95 1.32 -17.77 1.08
C ARG A 95 0.22 -17.80 2.13
N LYS A 96 0.04 -18.95 2.76
CA LYS A 96 -1.07 -19.13 3.70
C LYS A 96 -0.55 -19.55 5.09
N SER A 97 0.64 -19.11 5.41
CA SER A 97 1.27 -19.51 6.66
C SER A 97 1.04 -18.45 7.73
N PRO A 98 1.33 -18.77 9.01
CA PRO A 98 1.14 -17.86 10.16
C PRO A 98 1.47 -16.39 9.88
N ILE A 99 2.71 -16.07 9.49
CA ILE A 99 3.05 -14.67 9.22
C ILE A 99 2.37 -14.21 7.94
N GLY A 100 2.32 -15.09 6.93
CA GLY A 100 1.58 -14.80 5.70
C GLY A 100 0.23 -14.12 5.94
N ARG A 101 -0.59 -14.70 6.81
CA ARG A 101 -1.90 -14.11 7.14
C ARG A 101 -1.76 -12.76 7.84
N ASP A 102 -0.70 -12.59 8.61
CA ASP A 102 -0.54 -11.35 9.38
C ASP A 102 -0.16 -10.22 8.44
N VAL A 103 0.75 -10.52 7.53
CA VAL A 103 1.33 -9.48 6.71
C VAL A 103 0.34 -8.97 5.67
N CYS A 104 -0.58 -9.82 5.22
CA CYS A 104 -1.59 -9.41 4.27
C CYS A 104 -2.66 -8.56 4.96
N ARG A 105 -2.91 -8.88 6.23
CA ARG A 105 -3.78 -8.06 7.07
C ARG A 105 -3.13 -6.69 7.25
N LEU A 106 -1.83 -6.70 7.56
CA LEU A 106 -1.06 -5.46 7.69
C LEU A 106 -1.14 -4.64 6.42
N ARG A 107 -0.88 -5.31 5.30
CA ARG A 107 -0.88 -4.69 3.99
C ARG A 107 -2.20 -3.95 3.74
N LYS A 108 -3.30 -4.53 4.20
CA LYS A 108 -4.62 -3.94 4.00
C LYS A 108 -4.74 -2.69 4.84
N ALA A 109 -4.28 -2.80 6.08
CA ALA A 109 -4.42 -1.74 7.06
C ALA A 109 -3.43 -0.61 6.77
N TYR A 110 -2.41 -0.97 6.01
CA TYR A 110 -1.40 -0.04 5.58
C TYR A 110 -1.94 0.85 4.47
N TYR A 111 -2.67 0.27 3.52
CA TYR A 111 -3.31 1.05 2.48
C TYR A 111 -4.40 1.92 3.09
N SER A 112 -5.03 1.43 4.15
CA SER A 112 -5.98 2.22 4.91
C SER A 112 -5.27 3.45 5.50
N ALA A 113 -4.18 3.21 6.23
CA ALA A 113 -3.40 4.29 6.82
C ALA A 113 -2.83 5.22 5.75
N ARG A 114 -2.42 4.64 4.63
CA ARG A 114 -1.97 5.41 3.48
C ARG A 114 -3.07 6.35 2.99
N HIS A 115 -4.28 5.82 2.91
CA HIS A 115 -5.43 6.62 2.50
C HIS A 115 -5.70 7.72 3.52
N GLU A 116 -5.51 7.38 4.80
CA GLU A 116 -5.68 8.34 5.88
C GLU A 116 -4.65 9.46 5.76
N ALA A 117 -3.42 9.08 5.44
CA ALA A 117 -2.32 10.03 5.33
C ALA A 117 -2.27 10.68 3.95
N SER A 118 -3.09 10.19 3.03
CA SER A 118 -3.10 10.70 1.66
C SER A 118 -3.39 12.21 1.66
N ALA A 119 -4.10 12.68 2.69
CA ALA A 119 -4.41 14.09 2.83
C ALA A 119 -3.14 14.94 2.77
N GLN A 120 -2.27 14.74 3.76
CA GLN A 120 -1.04 15.52 3.82
C GLN A 120 -0.15 15.27 2.60
N ILE A 121 0.02 14.02 2.19
CA ILE A 121 0.84 13.70 1.02
C ILE A 121 0.38 14.49 -0.19
N ASP A 122 -0.93 14.58 -0.34
CA ASP A 122 -1.53 15.29 -1.47
C ASP A 122 -1.11 16.76 -1.50
N GLU A 123 -1.17 17.44 -0.35
CA GLU A 123 -0.86 18.87 -0.30
C GLU A 123 0.65 19.11 -0.30
N ILE A 124 1.40 18.16 0.20
CA ILE A 124 2.83 18.31 0.38
C ILE A 124 3.60 17.89 -0.86
N VAL A 125 3.32 16.70 -1.37
CA VAL A 125 4.02 16.21 -2.53
C VAL A 125 3.40 16.78 -3.81
N GLY A 126 2.07 16.88 -3.83
CA GLY A 126 1.40 17.48 -4.95
C GLY A 126 0.66 16.46 -5.76
N GLU A 127 1.15 16.17 -6.94
CA GLU A 127 0.62 15.08 -7.74
C GLU A 127 1.20 13.76 -7.23
N THR A 128 2.25 13.90 -6.41
CA THR A 128 2.91 12.79 -5.73
C THR A 128 3.46 11.80 -6.72
N ALA A 129 3.69 12.31 -7.93
CA ALA A 129 4.08 11.51 -9.08
C ALA A 129 3.29 10.22 -9.20
N SER A 130 2.08 10.24 -8.63
CA SER A 130 1.17 9.10 -8.65
C SER A 130 1.78 7.85 -8.03
N GLU A 131 1.09 6.72 -8.16
CA GLU A 131 1.60 5.46 -7.66
C GLU A 131 2.18 4.63 -8.80
N ALA A 132 1.33 4.23 -9.74
CA ALA A 132 1.77 3.48 -10.91
C ALA A 132 2.52 2.22 -10.49
N ASP A 133 1.92 1.49 -9.56
CA ASP A 133 2.53 0.29 -9.02
C ASP A 133 1.88 -0.92 -9.62
N SER A 134 1.52 -0.78 -10.90
CA SER A 134 0.68 -1.74 -11.60
C SER A 134 -0.72 -1.70 -11.01
N SER A 135 -0.87 -0.82 -10.00
CA SER A 135 -2.12 -0.61 -9.25
C SER A 135 -2.59 -1.91 -8.59
N GLU A 136 -3.58 -1.80 -7.71
CA GLU A 136 -4.04 -2.95 -6.93
C GLU A 136 -2.92 -3.54 -6.07
N THR A 137 -3.24 -4.59 -5.34
CA THR A 137 -2.27 -5.19 -4.46
C THR A 137 -2.59 -6.66 -4.19
N SER A 138 -3.82 -7.07 -4.47
CA SER A 138 -4.26 -8.43 -4.14
C SER A 138 -3.47 -9.46 -4.93
N VAL A 139 -3.35 -9.23 -6.23
CA VAL A 139 -2.58 -10.11 -7.10
C VAL A 139 -1.10 -9.75 -7.06
N SER A 140 -0.26 -10.64 -7.56
CA SER A 140 1.17 -10.38 -7.62
C SER A 140 1.48 -9.55 -8.87
N GLU A 141 1.05 -10.05 -10.02
CA GLU A 141 1.24 -9.35 -11.28
C GLU A 141 0.36 -8.11 -11.35
N LYS A 142 -0.81 -8.23 -10.73
CA LYS A 142 -1.83 -7.15 -10.70
C LYS A 142 -2.37 -6.87 -12.10
N GLU A 143 -1.55 -6.21 -12.90
CA GLU A 143 -1.91 -5.86 -14.26
C GLU A 143 -1.96 -7.09 -15.15
N SER A 144 -0.83 -7.79 -15.24
CA SER A 144 -0.69 -9.01 -16.04
C SER A 144 -1.20 -8.80 -17.47
N GLY A 145 -0.55 -7.90 -18.19
CA GLY A 145 -0.91 -7.63 -19.56
C GLY A 145 -0.24 -6.38 -20.07
N HIS A 146 -0.77 -5.85 -21.15
CA HIS A 146 -0.22 -4.65 -21.77
C HIS A 146 -1.33 -3.73 -22.25
N GLU A 147 -2.27 -4.29 -23.00
CA GLU A 147 -3.40 -3.53 -23.52
C GLU A 147 -4.61 -4.44 -23.61
N LYS A 148 -5.66 -3.99 -24.29
CA LYS A 148 -6.89 -4.77 -24.44
C LYS A 148 -7.50 -5.02 -23.07
N ASP A 149 -7.84 -3.92 -22.40
CA ASP A 149 -8.41 -3.97 -21.08
C ASP A 149 -9.44 -2.86 -20.94
N ASP A 150 -10.30 -2.96 -19.94
CA ASP A 150 -11.40 -2.00 -19.77
C ASP A 150 -11.00 -0.84 -18.89
N ASP A 151 -10.12 -1.09 -17.94
CA ASP A 151 -9.75 -0.09 -16.94
C ASP A 151 -8.33 0.44 -17.13
N VAL A 152 -7.71 0.16 -18.27
CA VAL A 152 -6.35 0.61 -18.51
C VAL A 152 -6.29 2.08 -18.85
N ILE A 153 -5.84 2.85 -17.89
CA ILE A 153 -5.59 4.26 -18.06
C ILE A 153 -4.27 4.48 -18.77
N ARG A 154 -4.26 5.33 -19.77
CA ARG A 154 -3.02 5.67 -20.43
C ARG A 154 -3.03 7.13 -20.85
N CYS A 155 -2.60 7.98 -19.94
CA CYS A 155 -2.34 9.36 -20.28
C CYS A 155 -0.92 9.73 -19.94
N ILE A 156 -0.42 10.80 -20.57
CA ILE A 156 0.95 11.28 -20.33
C ILE A 156 1.11 11.76 -18.90
N CYS A 157 0.01 11.78 -18.16
CA CYS A 157 -0.01 12.06 -16.74
C CYS A 157 0.87 11.07 -15.96
N GLY A 158 0.60 9.79 -16.17
CA GLY A 158 1.31 8.74 -15.44
C GLY A 158 0.55 8.29 -14.21
N LEU A 159 -0.60 8.91 -13.94
CA LEU A 159 -1.39 8.58 -12.75
C LEU A 159 -1.96 7.17 -12.84
N TYR A 160 -2.45 6.82 -14.03
CA TYR A 160 -3.20 5.59 -14.25
C TYR A 160 -4.48 5.61 -13.41
N LYS A 161 -5.12 6.78 -13.32
CA LYS A 161 -6.36 6.89 -12.58
C LYS A 161 -7.45 7.58 -13.39
N ASP A 162 -8.66 7.08 -13.22
CA ASP A 162 -9.87 7.58 -13.87
C ASP A 162 -10.31 8.89 -13.23
N GLU A 163 -9.62 9.96 -13.60
CA GLU A 163 -9.95 11.29 -13.13
C GLU A 163 -10.23 12.23 -14.28
N GLY A 164 -11.03 13.26 -14.02
CA GLY A 164 -11.42 14.20 -15.05
C GLY A 164 -12.28 13.56 -16.13
N LEU A 165 -12.24 14.13 -17.34
CA LEU A 165 -12.90 13.55 -18.49
C LEU A 165 -11.85 12.85 -19.36
N MET A 166 -12.23 11.78 -20.04
CA MET A 166 -11.25 11.01 -20.81
C MET A 166 -11.92 10.23 -21.94
N ILE A 167 -11.21 10.12 -23.07
CA ILE A 167 -11.72 9.37 -24.21
C ILE A 167 -11.04 8.00 -24.30
N GLN A 168 -11.49 7.18 -25.24
CA GLN A 168 -10.96 5.83 -25.40
C GLN A 168 -10.28 5.67 -26.76
N CYS A 169 -9.12 5.02 -26.75
CA CYS A 169 -8.41 4.72 -27.99
C CYS A 169 -9.15 3.67 -28.80
N ASP A 170 -9.21 3.89 -30.11
CA ASP A 170 -9.93 3.02 -31.01
C ASP A 170 -9.28 1.64 -31.10
N LYS A 171 -7.97 1.55 -30.93
CA LYS A 171 -7.30 0.27 -31.12
C LYS A 171 -6.87 -0.35 -29.79
N CYS A 172 -6.32 0.46 -28.88
CA CYS A 172 -5.84 -0.07 -27.59
C CYS A 172 -6.96 -0.13 -26.55
N MET A 173 -8.02 0.64 -26.80
CA MET A 173 -9.12 0.81 -25.84
C MET A 173 -8.64 1.32 -24.49
N VAL A 174 -7.59 2.14 -24.51
CA VAL A 174 -7.08 2.78 -23.31
C VAL A 174 -7.86 4.06 -23.02
N TRP A 175 -7.63 4.64 -21.85
CA TRP A 175 -8.31 5.85 -21.45
C TRP A 175 -7.36 7.02 -21.30
N GLN A 176 -7.71 8.12 -21.94
CA GLN A 176 -6.84 9.29 -21.95
C GLN A 176 -7.65 10.55 -21.65
N HIS A 177 -7.15 11.36 -20.71
CA HIS A 177 -7.88 12.54 -20.26
C HIS A 177 -8.01 13.57 -21.36
N CYS A 178 -9.23 14.08 -21.52
CA CYS A 178 -9.57 15.01 -22.58
C CYS A 178 -8.88 16.37 -22.40
N ASP A 179 -8.83 16.85 -21.15
CA ASP A 179 -8.22 18.16 -20.87
C ASP A 179 -6.71 18.11 -21.09
N CYS A 180 -6.17 16.90 -21.08
CA CYS A 180 -4.76 16.69 -21.25
C CYS A 180 -4.36 16.75 -22.72
N MET A 181 -4.94 15.87 -23.50
CA MET A 181 -4.65 15.82 -24.93
C MET A 181 -5.39 16.93 -25.69
N GLY A 182 -6.24 17.66 -24.98
CA GLY A 182 -6.99 18.73 -25.61
C GLY A 182 -8.09 18.19 -26.50
N VAL A 183 -8.70 17.11 -26.06
CA VAL A 183 -9.70 16.42 -26.86
C VAL A 183 -11.05 17.11 -26.72
N ASN A 184 -11.86 16.98 -27.74
CA ASN A 184 -13.10 17.76 -27.86
C ASN A 184 -14.28 17.05 -27.19
N THR A 185 -14.00 15.90 -26.58
CA THR A 185 -15.01 15.04 -25.95
C THR A 185 -16.16 14.70 -26.89
N ASP A 186 -15.87 14.78 -28.19
CA ASP A 186 -16.88 14.52 -29.22
C ASP A 186 -16.23 13.75 -30.36
N VAL A 187 -15.00 13.28 -30.11
CA VAL A 187 -14.22 12.63 -31.14
C VAL A 187 -14.73 11.22 -31.41
N GLU A 188 -14.77 10.87 -32.68
CA GLU A 188 -15.27 9.58 -33.11
C GLU A 188 -14.12 8.60 -33.27
N HIS A 189 -12.95 9.13 -33.58
CA HIS A 189 -11.79 8.29 -33.83
C HIS A 189 -10.53 8.94 -33.28
N TYR A 190 -10.07 8.46 -32.14
CA TYR A 190 -8.84 8.97 -31.55
C TYR A 190 -7.93 7.82 -31.14
N LEU A 191 -6.63 8.02 -31.29
CA LEU A 191 -5.63 7.02 -30.95
C LEU A 191 -4.54 7.64 -30.07
N CYS A 192 -3.83 6.79 -29.33
CA CYS A 192 -2.77 7.25 -28.40
C CYS A 192 -1.57 7.78 -29.16
N GLU A 193 -0.69 8.41 -28.40
CA GLU A 193 0.53 9.00 -28.91
C GLU A 193 1.60 7.92 -29.09
N GLN A 194 1.14 6.72 -29.41
CA GLN A 194 2.01 5.56 -29.55
C GLN A 194 1.56 4.72 -30.73
N CYS A 195 0.40 4.06 -30.60
CA CYS A 195 -0.23 3.36 -31.72
C CYS A 195 -0.18 4.20 -32.98
N ASP A 196 -0.86 5.33 -32.93
CA ASP A 196 -0.94 6.27 -34.04
C ASP A 196 -1.02 7.68 -33.52
N PRO A 197 0.12 8.27 -33.13
CA PRO A 197 0.17 9.62 -32.56
C PRO A 197 -0.18 10.70 -33.59
N ARG A 198 -0.80 11.77 -33.12
CA ARG A 198 -1.11 12.90 -33.99
C ARG A 198 -0.17 14.07 -33.74
N PRO A 199 0.87 14.21 -34.57
CA PRO A 199 1.80 15.32 -34.46
C PRO A 199 1.22 16.60 -35.06
N VAL A 200 1.16 17.65 -34.25
CA VAL A 200 0.61 18.91 -34.71
C VAL A 200 1.73 19.90 -35.00
N ASP A 201 2.01 20.08 -36.29
CA ASP A 201 2.99 21.05 -36.74
C ASP A 201 2.57 22.46 -36.36
N ARG A 202 1.27 22.70 -36.36
CA ARG A 202 0.75 24.02 -36.05
C ARG A 202 0.62 24.24 -34.55
N GLU A 203 1.76 24.24 -33.87
CA GLU A 203 1.84 24.57 -32.44
C GLU A 203 3.09 25.38 -32.20
N VAL A 204 3.24 26.45 -32.97
CA VAL A 204 4.45 27.28 -32.92
C VAL A 204 4.10 28.67 -32.42
N PRO A 205 4.12 28.88 -31.08
CA PRO A 205 3.82 30.16 -30.47
C PRO A 205 5.04 31.07 -30.43
N ALA B 1 -15.04 7.54 -30.34
CA ALA B 1 -14.33 7.41 -29.06
C ALA B 1 -15.27 7.71 -27.90
N ARG B 2 -15.55 6.68 -27.10
CA ARG B 2 -16.40 6.84 -25.93
C ARG B 2 -15.69 7.68 -24.87
N THR B 3 -16.42 8.60 -24.28
CA THR B 3 -15.85 9.47 -23.25
C THR B 3 -16.38 9.09 -21.88
N GLN B 5 -16.31 9.74 -17.50
CA GLN B 5 -16.24 10.81 -16.52
C GLN B 5 -15.70 10.27 -15.21
N THR B 6 -14.81 11.04 -14.58
CA THR B 6 -14.14 10.66 -13.33
C THR B 6 -15.04 9.90 -12.37
N ALA B 7 -14.43 8.93 -11.69
CA ALA B 7 -15.11 8.07 -10.73
C ALA B 7 -15.47 8.81 -9.43
N ARG B 8 -15.70 10.11 -9.56
CA ARG B 8 -16.21 10.98 -8.47
C ARG B 8 -15.64 10.60 -7.11
N LYS B 9 -14.36 10.91 -6.90
CA LYS B 9 -13.68 10.57 -5.66
C LYS B 9 -14.25 11.38 -4.50
N SER B 10 -14.54 12.64 -4.74
CA SER B 10 -15.10 13.50 -3.71
C SER B 10 -16.33 14.24 -4.23
N THR B 11 -16.14 15.01 -5.30
CA THR B 11 -17.22 15.77 -5.91
C THR B 11 -17.71 16.88 -4.97
N GLY B 12 -17.09 18.05 -5.10
CA GLY B 12 -17.46 19.17 -4.27
C GLY B 12 -17.47 20.47 -5.06
N SER A 1 15.94 31.08 1.68
CA SER A 1 16.80 29.93 1.36
C SER A 1 16.29 28.67 2.06
N MET A 2 15.66 27.79 1.29
CA MET A 2 15.10 26.56 1.83
C MET A 2 15.04 25.49 0.76
N ASN A 3 15.40 24.26 1.12
CA ASN A 3 15.36 23.17 0.18
C ASN A 3 14.04 22.42 0.31
N ILE A 4 13.22 22.53 -0.74
CA ILE A 4 11.89 21.94 -0.76
C ILE A 4 11.95 20.43 -0.55
N GLU A 5 12.91 19.79 -1.18
CA GLU A 5 13.01 18.34 -1.11
C GLU A 5 13.18 17.86 0.33
N VAL A 6 13.95 18.59 1.12
CA VAL A 6 14.20 18.19 2.51
C VAL A 6 13.04 18.60 3.41
N ALA A 7 12.33 19.64 3.03
CA ALA A 7 11.15 20.06 3.78
C ALA A 7 10.04 19.03 3.59
N ARG A 8 9.84 18.67 2.32
CA ARG A 8 8.93 17.60 1.96
C ARG A 8 9.34 16.29 2.62
N ALA A 9 10.63 15.98 2.56
CA ALA A 9 11.17 14.76 3.16
C ALA A 9 10.87 14.71 4.65
N ALA A 10 11.13 15.81 5.34
CA ALA A 10 10.89 15.91 6.77
C ALA A 10 9.41 15.75 7.10
N ARG A 11 8.57 16.44 6.34
CA ARG A 11 7.12 16.38 6.54
C ARG A 11 6.65 14.94 6.53
N LEU A 12 6.85 14.28 5.40
CA LEU A 12 6.45 12.89 5.25
C LEU A 12 7.19 12.00 6.24
N ALA A 13 8.41 12.38 6.61
CA ALA A 13 9.24 11.57 7.50
C ALA A 13 8.52 11.20 8.78
N GLN A 14 8.22 12.21 9.58
CA GLN A 14 7.58 11.99 10.88
C GLN A 14 6.14 11.55 10.69
N ILE A 15 5.59 11.79 9.51
CA ILE A 15 4.27 11.29 9.18
C ILE A 15 4.30 9.80 8.84
N PHE A 16 5.28 9.38 8.04
CA PHE A 16 5.48 7.97 7.76
C PHE A 16 5.66 7.24 9.08
N LYS A 17 6.39 7.89 9.97
CA LYS A 17 6.63 7.37 11.30
C LYS A 17 5.31 7.09 12.02
N GLU A 18 4.37 8.02 11.89
CA GLU A 18 3.04 7.84 12.44
C GLU A 18 2.41 6.56 11.89
N ILE A 19 2.48 6.40 10.57
CA ILE A 19 1.87 5.26 9.91
C ILE A 19 2.58 3.96 10.30
N CYS A 20 3.89 3.90 10.13
CA CYS A 20 4.63 2.67 10.35
C CYS A 20 4.68 2.28 11.82
N ASP A 21 4.64 3.26 12.73
CA ASP A 21 4.56 2.94 14.15
C ASP A 21 3.24 2.25 14.44
N GLY A 22 2.21 2.70 13.74
CA GLY A 22 0.89 2.11 13.88
C GLY A 22 0.76 0.80 13.12
N ILE A 23 1.70 0.56 12.20
CA ILE A 23 1.71 -0.68 11.43
C ILE A 23 2.60 -1.74 12.08
N ILE A 24 3.80 -1.34 12.49
CA ILE A 24 4.69 -2.22 13.23
C ILE A 24 3.98 -2.80 14.44
N SER A 25 3.41 -1.90 15.22
CA SER A 25 2.69 -2.29 16.42
C SER A 25 1.18 -2.26 16.16
N TYR A 26 0.79 -2.58 14.93
CA TYR A 26 -0.63 -2.70 14.59
C TYR A 26 -1.21 -3.84 15.41
N ARG A 27 -2.25 -3.55 16.18
CA ARG A 27 -2.72 -4.53 17.14
C ARG A 27 -4.14 -5.00 16.92
N ASP A 28 -4.37 -6.17 17.51
CA ASP A 28 -5.67 -6.82 17.58
C ASP A 28 -6.02 -6.96 19.07
N SER A 29 -7.01 -7.77 19.43
CA SER A 29 -7.41 -7.89 20.83
C SER A 29 -6.34 -8.62 21.69
N SER A 30 -5.62 -9.58 21.11
CA SER A 30 -4.72 -10.42 21.89
C SER A 30 -3.32 -9.81 22.07
N GLN A 31 -3.26 -8.47 21.96
CA GLN A 31 -2.00 -7.70 22.08
C GLN A 31 -0.78 -8.43 21.47
N GLN A 32 -1.00 -8.97 20.28
CA GLN A 32 0.04 -9.70 19.54
C GLN A 32 0.91 -8.67 18.82
N THR A 33 1.40 -9.01 17.63
CA THR A 33 1.78 -8.01 16.64
C THR A 33 1.79 -8.65 15.25
N LEU A 34 1.00 -8.09 14.32
CA LEU A 34 0.78 -8.73 13.02
C LEU A 34 1.96 -8.53 12.08
N ALA A 35 2.77 -7.52 12.35
CA ALA A 35 3.91 -7.23 11.49
C ALA A 35 5.24 -7.52 12.21
N ALA A 36 5.14 -8.31 13.29
CA ALA A 36 6.30 -8.67 14.11
C ALA A 36 7.33 -9.54 13.37
N PRO A 37 6.91 -10.60 12.63
CA PRO A 37 7.87 -11.51 11.97
C PRO A 37 8.66 -10.80 10.88
N LEU A 38 8.26 -9.58 10.59
CA LEU A 38 8.87 -8.76 9.55
C LEU A 38 9.55 -7.57 10.20
N LEU A 39 9.16 -7.31 11.44
CA LEU A 39 9.70 -6.21 12.22
C LEU A 39 11.18 -6.44 12.48
N ASN A 40 11.50 -7.65 12.90
CA ASN A 40 12.87 -8.07 13.10
C ASN A 40 13.36 -8.99 11.98
N LEU A 41 14.55 -8.71 11.48
CA LEU A 41 15.26 -9.63 10.61
C LEU A 41 15.56 -10.93 11.37
N PRO A 42 15.37 -12.06 10.69
CA PRO A 42 15.54 -13.38 11.29
C PRO A 42 17.01 -13.81 11.37
N PRO A 43 17.31 -14.86 12.18
CA PRO A 43 18.65 -15.46 12.26
C PRO A 43 19.34 -15.63 10.91
N LYS A 44 20.64 -15.38 10.92
CA LYS A 44 21.47 -15.39 9.72
C LYS A 44 21.58 -16.81 9.16
N LYS A 45 22.05 -17.72 10.00
CA LYS A 45 22.47 -19.04 9.56
C LYS A 45 21.31 -19.98 9.26
N LYS A 46 20.25 -19.89 10.05
CA LYS A 46 19.15 -20.86 9.94
C LYS A 46 18.27 -20.58 8.72
N ASN A 47 18.67 -19.63 7.89
CA ASN A 47 17.87 -19.27 6.72
C ASN A 47 18.78 -19.02 5.52
N ALA A 48 19.74 -19.91 5.32
CA ALA A 48 20.71 -19.76 4.24
C ALA A 48 20.03 -19.72 2.88
N ASP A 49 19.14 -20.68 2.63
CA ASP A 49 18.41 -20.75 1.35
C ASP A 49 17.48 -19.56 1.18
N TYR A 50 16.79 -19.22 2.27
CA TYR A 50 15.93 -18.03 2.33
C TYR A 50 16.68 -16.80 1.79
N TYR A 51 17.87 -16.58 2.33
CA TYR A 51 18.67 -15.39 2.02
C TYR A 51 19.44 -15.56 0.72
N GLU A 52 19.44 -16.78 0.19
CA GLU A 52 20.14 -17.07 -1.05
C GLU A 52 19.35 -16.56 -2.26
N LYS A 53 18.08 -16.92 -2.34
CA LYS A 53 17.25 -16.52 -3.46
C LYS A 53 16.69 -15.10 -3.30
N ILE A 54 16.26 -14.75 -2.09
CA ILE A 54 15.68 -13.44 -1.87
C ILE A 54 16.75 -12.35 -1.86
N SER A 55 16.58 -11.38 -2.75
CA SER A 55 17.53 -10.29 -2.89
C SER A 55 17.26 -9.20 -1.85
N ASP A 56 16.04 -9.20 -1.32
CA ASP A 56 15.59 -8.11 -0.49
C ASP A 56 14.83 -8.60 0.74
N PRO A 57 15.53 -8.99 1.81
CA PRO A 57 14.91 -9.19 3.09
C PRO A 57 14.88 -7.87 3.86
N LEU A 58 13.77 -7.56 4.51
CA LEU A 58 13.62 -6.25 5.12
C LEU A 58 13.25 -6.33 6.58
N ASP A 59 13.62 -5.29 7.31
CA ASP A 59 13.39 -5.20 8.74
C ASP A 59 12.60 -3.94 9.04
N LEU A 60 11.36 -4.11 9.46
CA LEU A 60 10.44 -2.99 9.67
C LEU A 60 10.95 -2.02 10.72
N SER A 61 11.59 -2.54 11.77
CA SER A 61 12.14 -1.70 12.80
C SER A 61 13.24 -0.79 12.22
N THR A 62 14.03 -1.33 11.31
CA THR A 62 15.03 -0.55 10.61
C THR A 62 14.36 0.45 9.67
N ILE A 63 13.29 0.02 9.01
CA ILE A 63 12.51 0.89 8.13
C ILE A 63 12.03 2.12 8.88
N GLU A 64 11.35 1.88 10.00
CA GLU A 64 10.88 2.95 10.88
C GLU A 64 11.99 3.96 11.20
N LYS A 65 13.15 3.44 11.58
CA LYS A 65 14.29 4.27 11.91
C LYS A 65 14.84 4.99 10.68
N GLN A 66 14.81 4.32 9.51
CA GLN A 66 15.25 4.95 8.27
C GLN A 66 14.27 6.03 7.84
N ILE A 67 13.05 5.92 8.34
CA ILE A 67 12.03 6.91 8.10
C ILE A 67 12.38 8.23 8.82
N LEU A 68 12.75 8.13 10.09
CA LEU A 68 13.10 9.32 10.87
C LEU A 68 14.33 10.03 10.32
N ILE A 69 15.26 9.27 9.76
CA ILE A 69 16.49 9.85 9.22
C ILE A 69 16.25 10.53 7.87
N GLY A 70 15.03 10.37 7.35
CA GLY A 70 14.64 11.02 6.12
C GLY A 70 15.39 10.49 4.90
N TYR A 71 15.64 9.18 4.87
CA TYR A 71 16.39 8.58 3.78
C TYR A 71 15.51 8.40 2.55
N TYR A 72 14.26 8.04 2.77
CA TYR A 72 13.34 7.77 1.68
C TYR A 72 12.98 9.05 0.92
N LYS A 73 12.92 10.15 1.66
CA LYS A 73 12.56 11.48 1.11
C LYS A 73 11.09 11.55 0.73
N THR A 74 10.66 10.65 -0.13
CA THR A 74 9.28 10.63 -0.60
C THR A 74 8.64 9.27 -0.37
N VAL A 75 7.48 9.06 -0.98
CA VAL A 75 6.70 7.86 -0.72
C VAL A 75 7.04 6.73 -1.70
N GLU A 76 7.53 7.11 -2.88
CA GLU A 76 7.89 6.16 -3.93
C GLU A 76 8.65 4.95 -3.35
N ALA A 77 9.82 5.20 -2.78
CA ALA A 77 10.62 4.14 -2.20
C ALA A 77 9.96 3.58 -0.96
N PHE A 78 9.38 4.47 -0.16
CA PHE A 78 8.70 4.09 1.07
C PHE A 78 7.61 3.03 0.83
N ASP A 79 6.70 3.33 -0.07
CA ASP A 79 5.59 2.45 -0.41
C ASP A 79 6.11 1.10 -0.87
N ALA A 80 7.05 1.14 -1.80
CA ALA A 80 7.63 -0.06 -2.37
C ALA A 80 8.30 -0.93 -1.29
N ASP A 81 8.97 -0.28 -0.35
CA ASP A 81 9.67 -0.96 0.73
C ASP A 81 8.74 -1.82 1.58
N MET A 82 7.65 -1.23 2.06
CA MET A 82 6.73 -1.93 2.94
C MET A 82 6.11 -3.15 2.25
N LEU A 83 5.61 -2.93 1.03
CA LEU A 83 5.02 -3.99 0.22
C LEU A 83 6.00 -5.16 0.12
N LYS A 84 7.29 -4.84 0.02
CA LYS A 84 8.36 -5.84 -0.13
C LYS A 84 8.39 -6.80 1.06
N VAL A 85 8.54 -6.24 2.26
CA VAL A 85 8.70 -7.04 3.49
C VAL A 85 7.61 -8.09 3.60
N PHE A 86 6.38 -7.64 3.43
CA PHE A 86 5.23 -8.50 3.64
C PHE A 86 5.15 -9.57 2.56
N ARG A 87 5.60 -9.24 1.34
CA ARG A 87 5.52 -10.17 0.22
C ARG A 87 6.53 -11.32 0.35
N ASN A 88 7.78 -11.00 0.66
CA ASN A 88 8.80 -12.04 0.78
C ASN A 88 8.47 -12.92 1.98
N ALA A 89 7.73 -12.36 2.93
CA ALA A 89 7.23 -13.10 4.07
C ALA A 89 6.32 -14.24 3.62
N GLU A 90 5.22 -13.88 2.96
CA GLU A 90 4.22 -14.85 2.52
C GLU A 90 4.82 -15.87 1.56
N LYS A 91 5.84 -15.45 0.84
CA LYS A 91 6.34 -16.24 -0.29
C LYS A 91 7.22 -17.39 0.17
N TYR A 92 8.36 -17.12 0.79
CA TYR A 92 9.29 -18.18 1.10
C TYR A 92 9.20 -18.70 2.54
N TYR A 93 8.55 -17.95 3.45
CA TYR A 93 8.61 -18.26 4.89
C TYR A 93 8.50 -19.76 5.15
N GLY A 94 7.48 -20.40 4.55
CA GLY A 94 7.29 -21.85 4.69
C GLY A 94 6.88 -22.25 6.10
N ARG A 95 7.72 -21.89 7.04
CA ARG A 95 7.47 -22.01 8.48
C ARG A 95 6.30 -21.14 8.91
N LYS A 96 5.71 -20.44 7.93
CA LYS A 96 4.70 -19.38 8.10
C LYS A 96 3.48 -19.75 8.97
N SER A 97 3.72 -20.22 10.18
CA SER A 97 2.67 -20.29 11.17
C SER A 97 2.12 -18.87 11.34
N PRO A 98 0.83 -18.74 11.72
CA PRO A 98 -0.12 -17.63 11.41
C PRO A 98 0.35 -16.27 10.79
N ILE A 99 1.66 -16.02 10.57
CA ILE A 99 2.12 -14.77 9.95
C ILE A 99 1.29 -14.40 8.72
N GLY A 100 1.03 -15.40 7.88
CA GLY A 100 0.20 -15.21 6.68
C GLY A 100 -1.04 -14.36 6.93
N ARG A 101 -1.92 -14.79 7.85
CA ARG A 101 -3.16 -14.06 8.12
C ARG A 101 -2.86 -12.66 8.63
N ASP A 102 -1.85 -12.55 9.47
CA ASP A 102 -1.57 -11.30 10.17
C ASP A 102 -1.03 -10.25 9.22
N VAL A 103 0.06 -10.57 8.52
CA VAL A 103 0.73 -9.57 7.69
C VAL A 103 -0.06 -9.25 6.43
N CYS A 104 -0.99 -10.12 6.03
CA CYS A 104 -1.84 -9.82 4.88
C CYS A 104 -2.93 -8.85 5.29
N ARG A 105 -3.42 -8.99 6.52
CA ARG A 105 -4.37 -8.04 7.09
C ARG A 105 -3.65 -6.72 7.36
N LEU A 106 -2.42 -6.84 7.82
CA LEU A 106 -1.57 -5.71 8.13
C LEU A 106 -1.00 -5.09 6.84
N ARG A 107 -1.00 -5.88 5.77
CA ARG A 107 -0.80 -5.37 4.42
C ARG A 107 -2.01 -4.53 4.01
N LYS A 108 -3.19 -4.96 4.46
CA LYS A 108 -4.45 -4.30 4.10
C LYS A 108 -4.57 -2.99 4.83
N ALA A 109 -4.20 -3.03 6.10
CA ALA A 109 -4.36 -1.89 6.98
C ALA A 109 -3.35 -0.81 6.63
N TYR A 110 -2.27 -1.21 5.97
CA TYR A 110 -1.32 -0.27 5.41
C TYR A 110 -1.93 0.47 4.23
N TYR A 111 -2.55 -0.26 3.30
CA TYR A 111 -3.16 0.38 2.14
C TYR A 111 -4.20 1.40 2.57
N SER A 112 -4.94 1.07 3.62
CA SER A 112 -5.89 2.01 4.20
C SER A 112 -5.15 3.20 4.82
N ALA A 113 -4.10 2.89 5.58
CA ALA A 113 -3.26 3.92 6.19
C ALA A 113 -2.69 4.88 5.15
N ARG A 114 -2.26 4.31 4.01
CA ARG A 114 -1.76 5.11 2.90
C ARG A 114 -2.80 6.10 2.43
N HIS A 115 -4.04 5.64 2.29
CA HIS A 115 -5.14 6.50 1.86
C HIS A 115 -5.44 7.55 2.91
N GLU A 116 -5.35 7.17 4.18
CA GLU A 116 -5.61 8.08 5.28
C GLU A 116 -4.60 9.21 5.30
N ALA A 117 -3.32 8.85 5.29
CA ALA A 117 -2.25 9.83 5.35
C ALA A 117 -2.04 10.52 4.01
N SER A 118 -2.70 10.01 2.96
CA SER A 118 -2.56 10.57 1.63
C SER A 118 -2.90 12.06 1.63
N ALA A 119 -3.76 12.47 2.57
CA ALA A 119 -4.14 13.87 2.71
C ALA A 119 -2.92 14.78 2.75
N GLN A 120 -2.06 14.56 3.75
CA GLN A 120 -0.84 15.35 3.88
C GLN A 120 0.11 15.11 2.70
N ILE A 121 0.20 13.89 2.19
CA ILE A 121 1.05 13.61 1.03
C ILE A 121 0.58 14.43 -0.16
N ASP A 122 -0.73 14.54 -0.30
CA ASP A 122 -1.34 15.31 -1.37
C ASP A 122 -1.04 16.81 -1.26
N GLU A 123 -1.16 17.38 -0.06
CA GLU A 123 -0.97 18.82 0.10
C GLU A 123 0.50 19.20 0.01
N ILE A 124 1.37 18.24 0.27
CA ILE A 124 2.80 18.44 0.17
C ILE A 124 3.30 18.05 -1.20
N VAL A 125 3.36 16.75 -1.42
CA VAL A 125 4.02 16.18 -2.57
C VAL A 125 3.11 16.22 -3.80
N GLY A 126 1.89 15.72 -3.62
CA GLY A 126 0.96 15.63 -4.72
C GLY A 126 1.32 14.51 -5.66
N GLU A 127 2.19 13.62 -5.19
CA GLU A 127 2.74 12.52 -5.97
C GLU A 127 3.34 13.03 -7.29
N THR A 128 3.86 14.24 -7.27
CA THR A 128 4.50 14.82 -8.43
C THR A 128 6.00 14.56 -8.39
N ALA A 129 6.45 13.99 -7.28
CA ALA A 129 7.87 13.74 -7.07
C ALA A 129 8.41 12.86 -8.19
N SER A 130 7.73 11.74 -8.40
CA SER A 130 8.01 10.86 -9.51
C SER A 130 6.76 10.04 -9.81
N GLU A 131 6.83 9.12 -10.74
CA GLU A 131 5.66 8.31 -11.11
C GLU A 131 5.30 7.32 -10.02
N ALA A 132 6.30 6.96 -9.23
CA ALA A 132 6.19 5.98 -8.14
C ALA A 132 6.11 4.59 -8.74
N ASP A 133 6.74 4.43 -9.88
CA ASP A 133 6.74 3.19 -10.62
C ASP A 133 8.01 3.06 -11.45
N SER A 134 9.15 3.13 -10.79
CA SER A 134 10.44 2.96 -11.45
C SER A 134 10.95 1.54 -11.24
N SER A 135 10.04 0.65 -10.87
CA SER A 135 10.38 -0.74 -10.53
C SER A 135 11.22 -0.79 -9.26
N GLU A 136 11.48 -1.99 -8.78
CA GLU A 136 12.24 -2.19 -7.54
C GLU A 136 11.57 -1.48 -6.35
N THR A 137 12.21 -1.46 -5.20
CA THR A 137 11.65 -0.78 -4.05
C THR A 137 12.58 0.31 -3.62
N SER A 138 13.85 0.01 -3.73
CA SER A 138 14.89 0.89 -3.24
C SER A 138 15.90 1.20 -4.34
N VAL A 139 16.74 0.22 -4.66
CA VAL A 139 17.72 0.39 -5.72
C VAL A 139 17.42 -0.60 -6.85
N SER A 140 17.97 -0.37 -8.02
CA SER A 140 17.65 -1.20 -9.17
C SER A 140 18.35 -2.55 -9.07
N GLU A 141 19.66 -2.51 -8.83
CA GLU A 141 20.44 -3.72 -8.61
C GLU A 141 20.04 -4.37 -7.29
N LYS A 142 19.52 -3.53 -6.39
CA LYS A 142 19.00 -3.94 -5.07
C LYS A 142 20.14 -4.38 -4.16
N GLU A 143 20.69 -5.54 -4.44
CA GLU A 143 21.79 -6.07 -3.66
C GLU A 143 23.11 -5.91 -4.40
N SER A 144 23.29 -6.68 -5.47
CA SER A 144 24.53 -6.69 -6.23
C SER A 144 25.70 -7.04 -5.33
N GLY A 145 25.72 -8.27 -4.86
CA GLY A 145 26.74 -8.70 -3.94
C GLY A 145 26.94 -10.19 -3.94
N HIS A 146 28.16 -10.60 -4.20
CA HIS A 146 28.52 -12.01 -4.22
C HIS A 146 29.29 -12.31 -2.96
N GLU A 147 30.14 -11.36 -2.63
CA GLU A 147 30.92 -11.41 -1.40
C GLU A 147 30.49 -10.27 -0.49
N LYS A 148 31.27 -10.00 0.55
CA LYS A 148 30.95 -8.97 1.54
C LYS A 148 29.63 -9.28 2.22
N ASP A 149 29.60 -10.42 2.89
CA ASP A 149 28.42 -10.84 3.64
C ASP A 149 28.65 -10.53 5.10
N ASP A 150 29.86 -10.11 5.36
CA ASP A 150 30.29 -9.69 6.68
C ASP A 150 30.96 -8.35 6.54
N ASP A 151 31.52 -7.82 7.63
CA ASP A 151 32.20 -6.53 7.62
C ASP A 151 31.30 -5.46 6.97
N VAL A 152 30.01 -5.54 7.27
CA VAL A 152 28.99 -4.76 6.57
C VAL A 152 28.58 -3.49 7.32
N ILE A 153 28.10 -2.52 6.57
CA ILE A 153 27.67 -1.25 7.10
C ILE A 153 26.16 -1.17 7.34
N ARG A 154 25.78 -0.48 8.40
CA ARG A 154 24.37 -0.12 8.63
C ARG A 154 24.25 1.02 9.66
N CYS A 155 24.50 2.23 9.20
CA CYS A 155 24.36 3.41 10.06
C CYS A 155 23.11 4.18 9.69
N ILE A 156 22.68 5.06 10.61
CA ILE A 156 21.58 5.98 10.37
C ILE A 156 21.92 6.97 9.26
N CYS A 157 23.18 6.95 8.82
CA CYS A 157 23.63 7.67 7.64
C CYS A 157 22.89 7.20 6.37
N GLY A 158 22.52 5.93 6.34
CA GLY A 158 21.91 5.34 5.16
C GLY A 158 22.87 5.23 3.99
N LEU A 159 24.16 5.17 4.29
CA LEU A 159 25.20 5.20 3.27
C LEU A 159 25.63 3.82 2.81
N TYR A 160 25.79 2.92 3.78
CA TYR A 160 26.42 1.63 3.56
C TYR A 160 27.86 1.81 3.05
N LYS A 161 28.63 2.74 3.66
CA LYS A 161 30.04 2.85 3.32
C LYS A 161 30.89 3.17 4.56
N ASP A 162 32.07 2.58 4.59
CA ASP A 162 33.00 2.67 5.69
C ASP A 162 33.86 3.92 5.63
N GLU A 163 33.29 5.02 6.09
CA GLU A 163 34.02 6.25 6.30
C GLU A 163 33.89 6.69 7.75
N GLY A 164 34.91 7.36 8.24
CA GLY A 164 34.90 7.83 9.62
C GLY A 164 35.19 6.73 10.63
N LEU A 165 34.80 6.96 11.88
CA LEU A 165 35.01 6.00 12.96
C LEU A 165 33.71 5.26 13.27
N MET A 166 33.81 3.95 13.49
CA MET A 166 32.62 3.14 13.74
C MET A 166 32.92 1.95 14.64
N ILE A 167 31.89 1.47 15.33
CA ILE A 167 32.02 0.30 16.19
C ILE A 167 31.33 -0.90 15.54
N GLN A 168 31.40 -2.06 16.19
CA GLN A 168 30.92 -3.30 15.60
C GLN A 168 29.79 -3.92 16.43
N CYS A 169 28.72 -4.36 15.78
CA CYS A 169 27.63 -5.06 16.45
C CYS A 169 28.12 -6.43 16.90
N ASP A 170 27.94 -6.72 18.20
CA ASP A 170 28.38 -7.97 18.79
C ASP A 170 27.75 -9.18 18.07
N LYS A 171 26.60 -8.97 17.44
CA LYS A 171 25.90 -10.07 16.78
C LYS A 171 26.08 -10.01 15.26
N CYS A 172 26.00 -8.82 14.67
CA CYS A 172 26.12 -8.66 13.21
C CYS A 172 27.56 -8.73 12.78
N MET A 173 28.43 -8.16 13.61
CA MET A 173 29.79 -7.82 13.21
C MET A 173 29.76 -6.77 12.10
N VAL A 174 28.69 -5.96 12.10
CA VAL A 174 28.58 -4.81 11.20
C VAL A 174 29.33 -3.62 11.77
N TRP A 175 29.35 -2.51 11.06
CA TRP A 175 29.95 -1.29 11.57
C TRP A 175 28.96 -0.15 11.52
N GLN A 176 28.88 0.55 12.64
CA GLN A 176 28.05 1.72 12.76
C GLN A 176 28.87 2.86 13.33
N HIS A 177 28.80 4.04 12.73
CA HIS A 177 29.69 5.13 13.11
C HIS A 177 29.46 5.57 14.55
N CYS A 178 30.56 5.74 15.26
CA CYS A 178 30.54 6.05 16.68
C CYS A 178 30.02 7.46 16.93
N ASP A 179 30.54 8.43 16.19
CA ASP A 179 30.16 9.83 16.37
C ASP A 179 28.69 10.04 16.02
N CYS A 180 28.17 9.14 15.21
CA CYS A 180 26.78 9.18 14.80
C CYS A 180 25.87 8.71 15.92
N MET A 181 26.03 7.45 16.29
CA MET A 181 25.12 6.81 17.22
C MET A 181 25.38 7.21 18.68
N GLY A 182 26.36 8.10 18.91
CA GLY A 182 26.62 8.56 20.25
C GLY A 182 27.37 7.53 21.07
N VAL A 183 28.20 6.77 20.38
CA VAL A 183 28.96 5.70 21.01
C VAL A 183 30.23 6.29 21.62
N ASN A 184 30.98 5.47 22.36
CA ASN A 184 32.16 5.97 23.07
C ASN A 184 33.39 5.15 22.69
N THR A 185 33.23 4.30 21.67
CA THR A 185 34.27 3.36 21.21
C THR A 185 34.87 2.52 22.34
N ASP A 186 34.15 2.38 23.44
CA ASP A 186 34.63 1.58 24.57
C ASP A 186 33.59 0.56 25.00
N VAL A 187 32.55 0.43 24.18
CA VAL A 187 31.50 -0.56 24.42
C VAL A 187 32.06 -1.96 24.36
N GLU A 188 31.86 -2.71 25.43
CA GLU A 188 32.33 -4.09 25.48
C GLU A 188 31.41 -5.01 24.68
N HIS A 189 30.14 -4.64 24.59
CA HIS A 189 29.17 -5.41 23.82
C HIS A 189 28.09 -4.49 23.27
N TYR A 190 28.39 -3.86 22.14
CA TYR A 190 27.45 -2.94 21.53
C TYR A 190 26.60 -3.68 20.50
N LEU A 191 25.34 -3.26 20.39
CA LEU A 191 24.44 -3.86 19.43
C LEU A 191 23.69 -2.80 18.63
N CYS A 192 23.05 -3.23 17.55
CA CYS A 192 22.34 -2.33 16.65
C CYS A 192 21.17 -1.64 17.31
N GLU A 193 20.67 -0.62 16.64
CA GLU A 193 19.41 0.03 16.96
C GLU A 193 18.25 -0.92 16.63
N GLN A 194 18.58 -1.93 15.84
CA GLN A 194 17.64 -2.96 15.43
C GLN A 194 17.73 -4.17 16.34
N CYS A 195 18.90 -4.81 16.30
CA CYS A 195 19.17 -6.04 17.04
C CYS A 195 18.68 -5.98 18.49
N ASP A 196 19.17 -5.01 19.22
CA ASP A 196 18.80 -4.85 20.61
C ASP A 196 18.79 -3.37 20.98
N PRO A 197 17.68 -2.69 20.68
CA PRO A 197 17.51 -1.27 21.00
C PRO A 197 17.67 -0.99 22.48
N ARG A 198 18.59 -0.10 22.81
CA ARG A 198 18.74 0.37 24.19
C ARG A 198 17.45 1.04 24.65
N PRO A 199 16.85 0.56 25.74
CA PRO A 199 15.59 1.12 26.24
C PRO A 199 15.75 2.58 26.61
N VAL A 200 15.00 3.43 25.93
CA VAL A 200 15.00 4.86 26.20
C VAL A 200 13.72 5.24 26.92
N ASP A 201 13.80 5.30 28.25
CA ASP A 201 12.63 5.62 29.07
C ASP A 201 12.32 7.11 29.03
N ARG A 202 11.94 7.59 27.86
CA ARG A 202 11.54 8.97 27.69
C ARG A 202 10.17 9.07 27.06
N GLU A 203 9.14 9.02 27.90
CA GLU A 203 7.75 9.14 27.45
C GLU A 203 7.42 8.08 26.41
N VAL A 204 7.42 6.83 26.83
CA VAL A 204 7.10 5.72 25.96
C VAL A 204 5.84 5.02 26.44
N PRO A 205 4.76 5.09 25.65
CA PRO A 205 3.49 4.41 25.96
C PRO A 205 3.67 2.91 26.12
N ALA B 1 33.18 -4.63 22.00
CA ALA B 1 32.90 -4.37 20.56
C ALA B 1 34.07 -3.64 19.93
N ARG B 2 34.65 -4.26 18.91
CA ARG B 2 35.80 -3.68 18.21
C ARG B 2 35.38 -2.45 17.43
N THR B 3 36.33 -1.59 17.15
CA THR B 3 36.05 -0.34 16.47
C THR B 3 37.14 -0.04 15.43
N GLN B 5 38.59 2.90 12.43
CA GLN B 5 38.56 4.28 12.00
C GLN B 5 39.16 4.45 10.61
N THR B 6 38.42 5.12 9.74
CA THR B 6 38.88 5.41 8.39
C THR B 6 38.60 6.86 8.05
N ALA B 7 39.18 7.34 6.95
CA ALA B 7 38.97 8.73 6.49
C ALA B 7 39.62 9.74 7.43
N ARG B 8 39.12 9.79 8.66
CA ARG B 8 39.66 10.66 9.69
C ARG B 8 40.99 10.10 10.20
N LYS B 9 42.04 10.36 9.43
CA LYS B 9 43.36 9.80 9.74
C LYS B 9 44.21 10.80 10.50
N SER B 10 44.59 11.87 9.82
CA SER B 10 45.48 12.86 10.40
C SER B 10 44.69 13.83 11.28
N THR B 11 45.07 13.94 12.54
CA THR B 11 44.40 14.79 13.49
C THR B 11 45.04 16.18 13.52
N GLY B 12 44.98 16.86 12.40
CA GLY B 12 45.55 18.18 12.30
C GLY B 12 45.04 18.92 11.09
#